data_1FJ7
#
_entry.id   1FJ7
#
_cell.length_a   1.000
_cell.length_b   1.000
_cell.length_c   1.000
_cell.angle_alpha   90.00
_cell.angle_beta   90.00
_cell.angle_gamma   90.00
#
_symmetry.space_group_name_H-M   'P 1'
#
_entity_poly.entity_id   1
_entity_poly.type   'polypeptide(L)'
_entity_poly.pdbx_seq_one_letter_code
;GSHMLEDPVEGSESTTPFNLFIGNLNPNKSVAELKVAISELFAKNDLAVVDVRTGTNRKFGYVDFESAEDLEKALELTGL
KVFGNEIKLEKPKGRDGTRGC
;
_entity_poly.pdbx_strand_id   A
#
# COMPACT_ATOMS: atom_id res chain seq x y z
N GLY A 1 -12.93 -16.07 -0.51
CA GLY A 1 -12.16 -15.64 -1.72
C GLY A 1 -12.06 -14.12 -1.74
N SER A 2 -13.09 -13.45 -2.19
CA SER A 2 -13.06 -11.95 -2.23
C SER A 2 -14.45 -11.39 -1.94
N HIS A 3 -14.95 -11.59 -0.75
CA HIS A 3 -16.29 -11.06 -0.40
C HIS A 3 -16.18 -9.92 0.60
N MET A 4 -15.81 -8.75 0.16
CA MET A 4 -15.67 -7.60 1.08
C MET A 4 -16.85 -7.56 2.06
N LEU A 5 -18.05 -7.64 1.56
CA LEU A 5 -19.24 -7.61 2.46
C LEU A 5 -19.29 -6.29 3.23
N GLU A 6 -19.15 -5.19 2.55
CA GLU A 6 -19.19 -3.87 3.23
C GLU A 6 -20.62 -3.33 3.25
N ASP A 7 -20.95 -2.51 4.21
CA ASP A 7 -22.33 -1.95 4.29
C ASP A 7 -22.47 -0.77 3.32
N PRO A 8 -23.68 -0.54 2.88
CA PRO A 8 -23.95 0.57 1.96
C PRO A 8 -23.84 1.92 2.67
N VAL A 9 -22.65 2.38 2.85
CA VAL A 9 -22.43 3.68 3.54
C VAL A 9 -21.05 4.23 3.21
N GLU A 10 -20.97 5.50 2.91
CA GLU A 10 -19.64 6.09 2.57
C GLU A 10 -18.91 6.51 3.84
N GLY A 11 -17.68 6.10 3.99
CA GLY A 11 -16.92 6.48 5.22
C GLY A 11 -15.52 6.97 4.82
N SER A 12 -15.42 8.16 4.29
CA SER A 12 -14.09 8.69 3.89
C SER A 12 -13.49 7.82 2.78
N GLU A 13 -14.26 6.93 2.23
CA GLU A 13 -13.73 6.06 1.14
C GLU A 13 -12.39 5.49 1.54
N SER A 14 -12.17 5.39 2.81
CA SER A 14 -10.89 4.84 3.33
C SER A 14 -11.16 3.72 4.33
N THR A 15 -10.19 2.88 4.58
CA THR A 15 -10.38 1.78 5.56
C THR A 15 -9.41 1.93 6.73
N THR A 16 -8.43 2.77 6.57
CA THR A 16 -7.43 2.98 7.66
C THR A 16 -6.90 4.41 7.66
N PRO A 17 -6.25 4.76 8.73
CA PRO A 17 -5.68 6.12 8.88
C PRO A 17 -4.37 6.25 8.08
N PHE A 18 -3.52 5.26 8.14
CA PHE A 18 -2.23 5.35 7.40
C PHE A 18 -2.34 4.62 6.05
N ASN A 19 -2.33 5.36 4.98
CA ASN A 19 -2.42 4.73 3.64
C ASN A 19 -1.43 5.39 2.68
N LEU A 20 -0.97 4.67 1.70
CA LEU A 20 0.00 5.25 0.74
C LEU A 20 0.04 4.41 -0.54
N PHE A 21 0.88 4.78 -1.47
CA PHE A 21 0.97 4.02 -2.75
C PHE A 21 2.32 3.31 -2.85
N ILE A 22 2.35 2.16 -3.46
CA ILE A 22 3.65 1.42 -3.59
C ILE A 22 3.84 0.97 -5.05
N GLY A 23 5.07 0.75 -5.45
CA GLY A 23 5.32 0.33 -6.85
C GLY A 23 6.36 -0.81 -6.87
N ASN A 24 6.92 -1.09 -8.02
CA ASN A 24 7.93 -2.18 -8.11
C ASN A 24 7.28 -3.53 -7.82
N LEU A 25 6.46 -4.00 -8.70
CA LEU A 25 5.79 -5.32 -8.47
C LEU A 25 6.18 -6.31 -9.57
N ASN A 26 6.59 -7.48 -9.19
CA ASN A 26 6.98 -8.51 -10.19
C ASN A 26 5.85 -8.72 -11.21
N PRO A 27 6.08 -8.25 -12.40
CA PRO A 27 5.07 -8.38 -13.48
C PRO A 27 5.05 -9.82 -14.01
N ASN A 28 5.98 -10.63 -13.59
CA ASN A 28 6.01 -12.04 -14.07
C ASN A 28 5.06 -12.90 -13.22
N LYS A 29 4.64 -12.39 -12.09
CA LYS A 29 3.73 -13.16 -11.22
C LYS A 29 2.39 -12.42 -11.07
N SER A 30 1.66 -12.70 -10.04
CA SER A 30 0.36 -12.00 -9.85
C SER A 30 0.50 -10.85 -8.85
N VAL A 31 -0.24 -9.80 -9.03
CA VAL A 31 -0.15 -8.67 -8.09
C VAL A 31 -0.75 -9.09 -6.75
N ALA A 32 -1.71 -9.97 -6.78
CA ALA A 32 -2.33 -10.44 -5.51
C ALA A 32 -1.27 -11.18 -4.69
N GLU A 33 -0.43 -11.93 -5.34
CA GLU A 33 0.65 -12.65 -4.62
C GLU A 33 1.65 -11.64 -4.07
N LEU A 34 1.91 -10.58 -4.79
CA LEU A 34 2.84 -9.55 -4.30
C LEU A 34 2.28 -8.94 -3.02
N LYS A 35 0.98 -8.86 -2.93
CA LYS A 35 0.34 -8.30 -1.70
C LYS A 35 0.62 -9.22 -0.51
N VAL A 36 0.36 -10.49 -0.69
CA VAL A 36 0.63 -11.46 0.42
C VAL A 36 2.10 -11.41 0.81
N ALA A 37 2.97 -11.22 -0.14
CA ALA A 37 4.42 -11.16 0.20
C ALA A 37 4.65 -9.96 1.11
N ILE A 38 3.95 -8.90 0.88
CA ILE A 38 4.11 -7.69 1.74
C ILE A 38 3.32 -7.90 3.03
N SER A 39 2.28 -8.69 2.99
CA SER A 39 1.49 -8.93 4.23
C SER A 39 2.22 -9.96 5.09
N GLU A 40 2.95 -10.84 4.46
CA GLU A 40 3.70 -11.87 5.22
C GLU A 40 4.99 -11.26 5.75
N LEU A 41 5.61 -10.42 4.97
CA LEU A 41 6.87 -9.78 5.42
C LEU A 41 6.56 -8.81 6.56
N PHE A 42 5.39 -8.23 6.53
CA PHE A 42 4.99 -7.30 7.61
C PHE A 42 4.47 -8.11 8.79
N ALA A 43 4.01 -9.30 8.53
CA ALA A 43 3.47 -10.15 9.63
C ALA A 43 4.64 -10.67 10.47
N LYS A 44 5.76 -10.91 9.85
CA LYS A 44 6.95 -11.42 10.60
C LYS A 44 7.77 -10.22 11.09
N ASN A 45 7.61 -9.08 10.47
CA ASN A 45 8.36 -7.88 10.90
C ASN A 45 7.69 -7.25 12.11
N ASP A 46 6.42 -7.55 12.32
CA ASP A 46 5.63 -6.99 13.46
C ASP A 46 4.95 -5.72 13.01
N LEU A 47 4.63 -5.66 11.75
CA LEU A 47 3.95 -4.46 11.20
C LEU A 47 2.44 -4.58 11.44
N ALA A 48 1.65 -4.20 10.49
CA ALA A 48 0.18 -4.31 10.66
C ALA A 48 -0.52 -3.87 9.38
N VAL A 49 -0.22 -4.52 8.29
CA VAL A 49 -0.84 -4.17 7.00
C VAL A 49 -2.35 -4.32 7.10
N VAL A 50 -3.05 -3.24 6.95
CA VAL A 50 -4.53 -3.27 7.02
C VAL A 50 -5.14 -3.41 5.64
N ASP A 51 -4.52 -2.83 4.64
CA ASP A 51 -5.08 -2.94 3.26
C ASP A 51 -3.96 -3.01 2.23
N VAL A 52 -4.23 -3.62 1.10
CA VAL A 52 -3.19 -3.74 0.03
C VAL A 52 -3.88 -3.91 -1.32
N ARG A 53 -3.99 -2.86 -2.08
CA ARG A 53 -4.68 -2.98 -3.41
C ARG A 53 -3.65 -3.03 -4.54
N THR A 54 -4.03 -3.58 -5.66
CA THR A 54 -3.10 -3.67 -6.80
C THR A 54 -3.23 -2.43 -7.70
N GLY A 55 -2.19 -2.10 -8.42
CA GLY A 55 -2.25 -0.91 -9.31
C GLY A 55 -1.82 -1.32 -10.72
N THR A 56 -2.64 -0.99 -11.70
CA THR A 56 -2.31 -1.36 -13.11
C THR A 56 -2.21 -2.89 -13.25
N ASN A 57 -2.11 -3.38 -14.44
CA ASN A 57 -2.02 -4.86 -14.65
C ASN A 57 -1.16 -5.49 -13.56
N ARG A 58 -0.06 -4.86 -13.23
CA ARG A 58 0.83 -5.42 -12.16
C ARG A 58 2.12 -4.61 -12.10
N LYS A 59 2.01 -3.31 -12.01
CA LYS A 59 3.24 -2.47 -11.95
C LYS A 59 3.40 -1.85 -10.55
N PHE A 60 2.31 -1.57 -9.88
CA PHE A 60 2.43 -0.97 -8.52
C PHE A 60 1.14 -1.20 -7.73
N GLY A 61 1.24 -1.31 -6.43
CA GLY A 61 0.02 -1.53 -5.61
C GLY A 61 0.01 -0.59 -4.41
N TYR A 62 -1.12 -0.44 -3.76
CA TYR A 62 -1.19 0.48 -2.59
C TYR A 62 -1.37 -0.33 -1.31
N VAL A 63 -1.10 0.27 -0.19
CA VAL A 63 -1.23 -0.48 1.09
C VAL A 63 -1.57 0.47 2.24
N ASP A 64 -2.41 0.04 3.13
CA ASP A 64 -2.77 0.89 4.30
C ASP A 64 -2.22 0.28 5.59
N PHE A 65 -1.86 1.09 6.54
CA PHE A 65 -1.30 0.54 7.80
C PHE A 65 -2.30 0.70 8.95
N GLU A 66 -1.94 0.25 10.13
CA GLU A 66 -2.87 0.35 11.28
C GLU A 66 -2.36 1.31 12.35
N SER A 67 -1.36 2.10 12.05
CA SER A 67 -0.84 3.05 13.07
C SER A 67 0.33 3.86 12.55
N ALA A 68 0.83 4.72 13.38
CA ALA A 68 1.99 5.55 13.02
C ALA A 68 3.22 4.68 13.12
N GLU A 69 3.10 3.63 13.89
CA GLU A 69 4.22 2.70 14.07
C GLU A 69 4.29 1.74 12.89
N ASP A 70 3.17 1.50 12.24
CA ASP A 70 3.18 0.60 11.06
C ASP A 70 3.59 1.45 9.86
N LEU A 71 3.34 2.72 9.94
CA LEU A 71 3.71 3.63 8.83
C LEU A 71 5.20 3.97 8.95
N GLU A 72 5.70 4.09 10.14
CA GLU A 72 7.14 4.40 10.34
C GLU A 72 7.99 3.17 9.99
N LYS A 73 7.49 2.01 10.30
CA LYS A 73 8.24 0.78 9.96
C LYS A 73 8.05 0.55 8.47
N ALA A 74 6.95 1.02 7.96
CA ALA A 74 6.68 0.87 6.52
C ALA A 74 7.68 1.73 5.75
N LEU A 75 8.11 2.81 6.35
CA LEU A 75 9.10 3.69 5.70
C LEU A 75 10.45 2.97 5.69
N GLU A 76 10.81 2.39 6.80
CA GLU A 76 12.08 1.64 6.86
C GLU A 76 11.91 0.29 6.16
N LEU A 77 10.71 0.00 5.74
CA LEU A 77 10.47 -1.30 5.04
C LEU A 77 10.96 -1.23 3.60
N THR A 78 11.71 -0.21 3.26
CA THR A 78 12.23 -0.11 1.86
C THR A 78 13.16 -1.28 1.56
N GLY A 79 13.50 -2.03 2.57
CA GLY A 79 14.39 -3.20 2.36
C GLY A 79 13.54 -4.43 2.00
N LEU A 80 12.45 -4.22 1.30
CA LEU A 80 11.57 -5.36 0.92
C LEU A 80 12.07 -6.02 -0.36
N LYS A 81 11.30 -6.90 -0.92
CA LYS A 81 11.71 -7.59 -2.18
C LYS A 81 10.62 -8.54 -2.63
N VAL A 82 9.44 -8.06 -2.64
CA VAL A 82 8.28 -8.89 -3.06
C VAL A 82 8.67 -9.75 -4.27
N PHE A 83 8.44 -11.03 -4.20
CA PHE A 83 8.80 -11.92 -5.34
C PHE A 83 10.19 -11.55 -5.87
N GLY A 84 11.02 -10.98 -5.05
CA GLY A 84 12.39 -10.60 -5.50
C GLY A 84 12.38 -9.16 -6.04
N ASN A 85 11.39 -8.38 -5.66
CA ASN A 85 11.33 -6.97 -6.15
C ASN A 85 11.07 -6.05 -4.96
N GLU A 86 12.09 -5.38 -4.49
CA GLU A 86 11.90 -4.46 -3.33
C GLU A 86 10.76 -3.48 -3.60
N ILE A 87 9.57 -3.82 -3.21
CA ILE A 87 8.42 -2.90 -3.45
C ILE A 87 8.79 -1.48 -3.04
N LYS A 88 8.34 -0.51 -3.78
CA LYS A 88 8.64 0.90 -3.45
C LYS A 88 7.37 1.57 -2.92
N LEU A 89 7.51 2.69 -2.28
CA LEU A 89 6.30 3.39 -1.74
C LEU A 89 6.11 4.72 -2.44
N GLU A 90 5.10 5.45 -2.04
CA GLU A 90 4.82 6.77 -2.67
C GLU A 90 3.71 7.49 -1.92
N LYS A 91 3.70 8.80 -1.98
CA LYS A 91 2.63 9.57 -1.27
C LYS A 91 1.56 10.04 -2.25
N PRO A 92 0.49 9.30 -2.31
CA PRO A 92 -0.63 9.64 -3.22
C PRO A 92 -1.39 10.87 -2.70
N LYS A 93 -2.47 11.22 -3.34
CA LYS A 93 -3.25 12.40 -2.88
C LYS A 93 -3.99 12.09 -1.58
N GLY A 94 -4.30 13.09 -0.80
CA GLY A 94 -5.01 12.85 0.48
C GLY A 94 -3.99 12.62 1.59
N ARG A 95 -2.80 13.13 1.45
CA ARG A 95 -1.77 12.94 2.50
C ARG A 95 -2.38 13.14 3.89
N ASP A 96 -3.16 14.17 4.06
CA ASP A 96 -3.79 14.42 5.39
C ASP A 96 -5.03 13.52 5.56
N GLY A 97 -5.85 13.80 6.54
CA GLY A 97 -7.06 12.96 6.75
C GLY A 97 -7.33 12.84 8.26
N THR A 98 -6.37 13.16 9.07
CA THR A 98 -6.58 13.06 10.55
C THR A 98 -7.26 14.32 11.07
N ARG A 99 -7.04 15.44 10.43
CA ARG A 99 -7.68 16.70 10.89
C ARG A 99 -8.33 17.43 9.71
N GLY A 100 -7.55 18.03 8.88
CA GLY A 100 -8.12 18.76 7.70
C GLY A 100 -7.60 20.20 7.68
N CYS A 101 -7.68 20.85 6.56
CA CYS A 101 -7.18 22.25 6.48
C CYS A 101 -8.36 23.24 6.47
N GLY A 1 -21.05 18.54 -9.94
CA GLY A 1 -21.77 19.20 -11.06
C GLY A 1 -22.60 18.16 -11.82
N SER A 2 -22.48 18.11 -13.12
CA SER A 2 -23.26 17.12 -13.90
C SER A 2 -22.78 15.70 -13.59
N HIS A 3 -23.48 14.71 -14.09
CA HIS A 3 -23.05 13.30 -13.82
C HIS A 3 -22.88 13.09 -12.32
N MET A 4 -23.80 13.58 -11.53
CA MET A 4 -23.69 13.39 -10.06
C MET A 4 -24.89 12.60 -9.53
N LEU A 5 -24.81 11.29 -9.57
CA LEU A 5 -25.95 10.47 -9.07
C LEU A 5 -25.44 9.41 -8.08
N GLU A 6 -25.05 9.82 -6.91
CA GLU A 6 -24.54 8.84 -5.90
C GLU A 6 -23.52 7.91 -6.55
N ASP A 7 -22.26 8.23 -6.46
CA ASP A 7 -21.22 7.35 -7.07
C ASP A 7 -19.83 7.95 -6.85
N PRO A 8 -19.65 9.15 -7.34
CA PRO A 8 -18.36 9.86 -7.20
C PRO A 8 -18.15 10.30 -5.75
N VAL A 9 -17.74 9.39 -4.92
CA VAL A 9 -17.52 9.73 -3.49
C VAL A 9 -16.10 9.31 -3.07
N GLU A 10 -15.10 9.98 -3.56
CA GLU A 10 -13.70 9.62 -3.18
C GLU A 10 -13.39 10.13 -1.77
N GLY A 11 -12.17 9.94 -1.32
CA GLY A 11 -11.80 10.41 0.04
C GLY A 11 -12.85 9.93 1.05
N SER A 12 -13.57 8.89 0.73
CA SER A 12 -14.61 8.39 1.67
C SER A 12 -14.70 6.86 1.57
N GLU A 13 -13.61 6.17 1.75
CA GLU A 13 -13.64 4.69 1.67
C GLU A 13 -12.33 4.11 2.19
N SER A 14 -11.71 4.80 3.08
CA SER A 14 -10.42 4.32 3.65
C SER A 14 -10.69 3.39 4.83
N THR A 15 -9.91 2.34 4.96
CA THR A 15 -10.11 1.40 6.09
C THR A 15 -9.15 1.70 7.24
N THR A 16 -8.23 2.60 7.01
CA THR A 16 -7.25 2.94 8.09
C THR A 16 -6.74 4.38 7.90
N PRO A 17 -6.19 4.91 8.95
CA PRO A 17 -5.65 6.29 8.92
C PRO A 17 -4.32 6.33 8.14
N PHE A 18 -3.63 5.22 8.06
CA PHE A 18 -2.34 5.22 7.33
C PHE A 18 -2.47 4.50 5.99
N ASN A 19 -2.36 5.22 4.91
CA ASN A 19 -2.49 4.59 3.57
C ASN A 19 -1.51 5.26 2.59
N LEU A 20 -1.09 4.55 1.59
CA LEU A 20 -0.15 5.16 0.60
C LEU A 20 -0.05 4.29 -0.66
N PHE A 21 0.78 4.68 -1.59
CA PHE A 21 0.92 3.88 -2.84
C PHE A 21 2.32 3.26 -2.92
N ILE A 22 2.45 2.14 -3.56
CA ILE A 22 3.78 1.48 -3.66
C ILE A 22 3.98 0.95 -5.09
N GLY A 23 5.21 0.76 -5.49
CA GLY A 23 5.47 0.24 -6.87
C GLY A 23 6.50 -0.88 -6.82
N ASN A 24 7.01 -1.28 -7.95
CA ASN A 24 8.02 -2.37 -7.97
C ASN A 24 7.37 -3.70 -7.60
N LEU A 25 6.29 -4.05 -8.24
CA LEU A 25 5.60 -5.34 -7.92
C LEU A 25 5.98 -6.39 -8.96
N ASN A 26 6.51 -7.50 -8.52
CA ASN A 26 6.90 -8.58 -9.46
C ASN A 26 5.80 -8.78 -10.52
N PRO A 27 6.05 -8.26 -11.68
CA PRO A 27 5.08 -8.39 -12.80
C PRO A 27 5.12 -9.81 -13.38
N ASN A 28 6.13 -10.57 -13.06
CA ASN A 28 6.22 -11.95 -13.60
C ASN A 28 5.32 -12.89 -12.79
N LYS A 29 4.96 -12.49 -11.61
CA LYS A 29 4.07 -13.35 -10.76
C LYS A 29 2.67 -12.75 -10.71
N SER A 30 1.92 -13.07 -9.70
CA SER A 30 0.54 -12.51 -9.59
C SER A 30 0.51 -11.38 -8.56
N VAL A 31 -0.25 -10.36 -8.81
CA VAL A 31 -0.31 -9.25 -7.83
C VAL A 31 -0.97 -9.75 -6.55
N ALA A 32 -1.68 -10.84 -6.63
CA ALA A 32 -2.32 -11.40 -5.40
C ALA A 32 -1.23 -11.99 -4.50
N GLU A 33 -0.29 -12.67 -5.08
CA GLU A 33 0.82 -13.26 -4.27
C GLU A 33 1.65 -12.14 -3.66
N LEU A 34 1.85 -11.07 -4.40
CA LEU A 34 2.62 -9.93 -3.85
C LEU A 34 1.89 -9.36 -2.65
N LYS A 35 0.59 -9.39 -2.69
CA LYS A 35 -0.21 -8.87 -1.54
C LYS A 35 0.13 -9.69 -0.30
N VAL A 36 -0.04 -10.98 -0.38
CA VAL A 36 0.30 -11.86 0.78
C VAL A 36 1.79 -11.72 1.09
N ALA A 37 2.60 -11.54 0.10
CA ALA A 37 4.05 -11.40 0.36
C ALA A 37 4.28 -10.14 1.19
N ILE A 38 3.48 -9.14 0.97
CA ILE A 38 3.61 -7.88 1.77
C ILE A 38 2.93 -8.06 3.12
N SER A 39 1.93 -8.90 3.19
CA SER A 39 1.24 -9.13 4.48
C SER A 39 2.08 -10.07 5.34
N GLU A 40 2.80 -10.95 4.69
CA GLU A 40 3.66 -11.91 5.43
C GLU A 40 4.96 -11.22 5.83
N LEU A 41 5.47 -10.37 4.99
CA LEU A 41 6.72 -9.64 5.32
C LEU A 41 6.43 -8.66 6.45
N PHE A 42 5.24 -8.14 6.49
CA PHE A 42 4.90 -7.18 7.58
C PHE A 42 4.38 -7.95 8.78
N ALA A 43 3.99 -9.18 8.60
CA ALA A 43 3.47 -9.97 9.75
C ALA A 43 4.63 -10.69 10.45
N LYS A 44 5.66 -11.02 9.72
CA LYS A 44 6.82 -11.71 10.34
C LYS A 44 7.85 -10.68 10.80
N ASN A 45 7.76 -9.49 10.27
CA ASN A 45 8.71 -8.42 10.67
C ASN A 45 8.26 -7.80 11.98
N ASP A 46 7.06 -7.26 11.98
CA ASP A 46 6.46 -6.61 13.20
C ASP A 46 5.54 -5.46 12.77
N LEU A 47 4.93 -5.57 11.62
CA LEU A 47 4.02 -4.50 11.15
C LEU A 47 2.58 -4.96 11.27
N ALA A 48 1.69 -4.36 10.54
CA ALA A 48 0.25 -4.77 10.61
C ALA A 48 -0.48 -4.30 9.36
N VAL A 49 -0.08 -4.77 8.22
CA VAL A 49 -0.74 -4.36 6.96
C VAL A 49 -2.24 -4.59 7.07
N VAL A 50 -2.99 -3.54 6.97
CA VAL A 50 -4.47 -3.64 7.08
C VAL A 50 -5.07 -3.94 5.71
N ASP A 51 -4.61 -3.27 4.69
CA ASP A 51 -5.17 -3.54 3.33
C ASP A 51 -4.09 -3.43 2.25
N VAL A 52 -4.32 -4.03 1.11
CA VAL A 52 -3.32 -3.98 0.02
C VAL A 52 -4.04 -4.04 -1.34
N ARG A 53 -3.42 -3.56 -2.38
CA ARG A 53 -4.08 -3.60 -3.71
C ARG A 53 -3.05 -3.32 -4.82
N THR A 54 -3.40 -3.59 -6.04
CA THR A 54 -2.45 -3.35 -7.16
C THR A 54 -2.46 -1.86 -7.54
N GLY A 55 -1.66 -1.49 -8.50
CA GLY A 55 -1.61 -0.06 -8.92
C GLY A 55 -1.47 0.04 -10.44
N THR A 56 -2.22 0.90 -11.06
CA THR A 56 -2.14 1.05 -12.55
C THR A 56 -2.46 -0.27 -13.24
N ASN A 57 -1.51 -1.16 -13.36
CA ASN A 57 -1.79 -2.45 -14.03
C ASN A 57 -0.71 -3.48 -13.68
N ARG A 58 -0.96 -4.33 -12.72
CA ARG A 58 0.04 -5.36 -12.33
C ARG A 58 1.44 -4.76 -12.30
N LYS A 59 1.55 -3.48 -12.05
CA LYS A 59 2.90 -2.85 -12.00
C LYS A 59 3.15 -2.25 -10.61
N PHE A 60 2.13 -1.75 -9.98
CA PHE A 60 2.32 -1.16 -8.62
C PHE A 60 1.30 -1.76 -7.66
N GLY A 61 1.35 -1.38 -6.41
CA GLY A 61 0.38 -1.94 -5.43
C GLY A 61 0.17 -0.97 -4.28
N TYR A 62 -1.06 -0.66 -3.96
CA TYR A 62 -1.33 0.27 -2.83
C TYR A 62 -1.53 -0.51 -1.55
N VAL A 63 -1.46 0.15 -0.43
CA VAL A 63 -1.63 -0.59 0.85
C VAL A 63 -2.04 0.36 1.97
N ASP A 64 -2.62 -0.17 3.01
CA ASP A 64 -3.06 0.67 4.15
C ASP A 64 -2.46 0.14 5.44
N PHE A 65 -2.00 1.01 6.30
CA PHE A 65 -1.40 0.56 7.58
C PHE A 65 -2.38 0.75 8.74
N GLU A 66 -2.03 0.32 9.90
CA GLU A 66 -2.96 0.45 11.06
C GLU A 66 -2.38 1.33 12.16
N SER A 67 -1.34 2.05 11.89
CA SER A 67 -0.75 2.92 12.94
C SER A 67 0.33 3.84 12.41
N ALA A 68 0.80 4.71 13.24
CA ALA A 68 1.89 5.63 12.85
C ALA A 68 3.19 4.86 12.94
N GLU A 69 3.18 3.84 13.74
CA GLU A 69 4.38 3.00 13.90
C GLU A 69 4.42 1.96 12.78
N ASP A 70 3.28 1.63 12.24
CA ASP A 70 3.23 0.67 11.12
C ASP A 70 3.55 1.44 9.85
N LEU A 71 3.28 2.71 9.86
CA LEU A 71 3.58 3.55 8.68
C LEU A 71 5.06 3.94 8.72
N GLU A 72 5.59 4.12 9.90
CA GLU A 72 7.03 4.49 10.03
C GLU A 72 7.89 3.28 9.66
N LYS A 73 7.44 2.10 9.97
CA LYS A 73 8.21 0.90 9.62
C LYS A 73 7.97 0.66 8.14
N ALA A 74 6.84 1.07 7.66
CA ALA A 74 6.53 0.91 6.22
C ALA A 74 7.47 1.81 5.43
N LEU A 75 7.91 2.88 6.04
CA LEU A 75 8.84 3.80 5.35
C LEU A 75 10.21 3.14 5.29
N GLU A 76 10.67 2.63 6.40
CA GLU A 76 11.98 1.94 6.40
C GLU A 76 11.84 0.58 5.73
N LEU A 77 10.63 0.23 5.34
CA LEU A 77 10.41 -1.08 4.67
C LEU A 77 10.87 -1.02 3.21
N THR A 78 11.54 0.03 2.82
CA THR A 78 12.02 0.12 1.41
C THR A 78 13.05 -0.96 1.13
N GLY A 79 13.47 -1.64 2.16
CA GLY A 79 14.46 -2.73 1.98
C GLY A 79 13.72 -4.04 1.69
N LEU A 80 12.47 -3.94 1.30
CA LEU A 80 11.68 -5.17 1.02
C LEU A 80 12.14 -5.82 -0.29
N LYS A 81 11.42 -6.80 -0.74
CA LYS A 81 11.80 -7.50 -2.00
C LYS A 81 10.69 -8.44 -2.43
N VAL A 82 9.52 -7.93 -2.44
CA VAL A 82 8.33 -8.75 -2.83
C VAL A 82 8.69 -9.67 -4.01
N PHE A 83 8.50 -10.95 -3.85
CA PHE A 83 8.84 -11.88 -4.96
C PHE A 83 10.18 -11.50 -5.58
N GLY A 84 11.05 -10.91 -4.82
CA GLY A 84 12.39 -10.51 -5.37
C GLY A 84 12.27 -9.12 -6.01
N ASN A 85 11.33 -8.34 -5.57
CA ASN A 85 11.16 -6.97 -6.16
C ASN A 85 10.97 -5.96 -5.02
N GLU A 86 12.04 -5.46 -4.48
CA GLU A 86 11.93 -4.48 -3.37
C GLU A 86 10.82 -3.48 -3.64
N ILE A 87 9.68 -3.68 -3.04
CA ILE A 87 8.53 -2.75 -3.26
C ILE A 87 8.92 -1.33 -2.82
N LYS A 88 8.50 -0.37 -3.58
CA LYS A 88 8.80 1.05 -3.22
C LYS A 88 7.51 1.75 -2.82
N LEU A 89 7.60 2.79 -2.06
CA LEU A 89 6.37 3.50 -1.63
C LEU A 89 6.39 4.96 -2.10
N GLU A 90 5.29 5.65 -1.98
CA GLU A 90 5.25 7.07 -2.41
C GLU A 90 3.96 7.73 -1.91
N LYS A 91 3.96 9.03 -1.77
CA LYS A 91 2.73 9.73 -1.28
C LYS A 91 1.79 10.02 -2.44
N PRO A 92 0.68 9.32 -2.44
CA PRO A 92 -0.33 9.50 -3.51
C PRO A 92 -1.07 10.83 -3.34
N LYS A 93 -2.12 11.04 -4.08
CA LYS A 93 -2.87 12.32 -3.96
C LYS A 93 -4.38 12.03 -3.90
N GLY A 94 -4.84 11.07 -4.65
CA GLY A 94 -6.30 10.75 -4.63
C GLY A 94 -6.98 11.42 -5.81
N ARG A 95 -6.26 11.63 -6.89
CA ARG A 95 -6.88 12.29 -8.08
C ARG A 95 -5.97 12.14 -9.30
N ASP A 96 -4.75 12.58 -9.20
CA ASP A 96 -3.81 12.47 -10.35
C ASP A 96 -2.39 12.87 -9.93
N GLY A 97 -1.55 13.19 -10.88
CA GLY A 97 -0.17 13.59 -10.53
C GLY A 97 0.71 13.54 -11.78
N THR A 98 2.00 13.43 -11.61
CA THR A 98 2.90 13.37 -12.79
C THR A 98 2.48 14.41 -13.84
N ARG A 99 2.95 14.28 -15.04
CA ARG A 99 2.57 15.26 -16.11
C ARG A 99 1.07 15.14 -16.43
N GLY A 100 0.49 16.19 -16.93
CA GLY A 100 -0.97 16.13 -17.26
C GLY A 100 -1.78 16.79 -16.13
N CYS A 101 -1.95 18.08 -16.20
CA CYS A 101 -2.72 18.78 -15.13
C CYS A 101 -4.04 19.32 -15.71
N GLY A 1 -32.42 22.56 16.03
CA GLY A 1 -33.07 22.81 17.36
C GLY A 1 -32.43 24.04 18.01
N SER A 2 -31.85 23.87 19.16
CA SER A 2 -31.22 25.03 19.85
C SER A 2 -29.73 25.11 19.49
N HIS A 3 -29.21 24.11 18.84
CA HIS A 3 -27.77 24.14 18.45
C HIS A 3 -27.61 24.61 17.01
N MET A 4 -26.59 24.14 16.33
CA MET A 4 -26.38 24.57 14.91
C MET A 4 -26.20 23.34 14.02
N LEU A 5 -25.27 22.50 14.35
CA LEU A 5 -25.04 21.27 13.50
C LEU A 5 -24.88 21.66 12.04
N GLU A 6 -23.83 22.35 11.71
CA GLU A 6 -23.61 22.77 10.29
C GLU A 6 -23.17 21.57 9.45
N ASP A 7 -21.89 21.27 9.45
CA ASP A 7 -21.40 20.12 8.65
C ASP A 7 -20.29 19.38 9.41
N PRO A 8 -20.07 18.16 9.03
CA PRO A 8 -19.03 17.33 9.68
C PRO A 8 -17.65 17.83 9.29
N VAL A 9 -16.68 16.98 9.38
CA VAL A 9 -15.29 17.36 9.03
C VAL A 9 -14.87 16.67 7.72
N GLU A 10 -13.59 16.53 7.50
CA GLU A 10 -13.12 15.88 6.25
C GLU A 10 -13.47 14.39 6.28
N GLY A 11 -13.28 13.70 5.18
CA GLY A 11 -13.60 12.24 5.15
C GLY A 11 -12.36 11.44 5.52
N SER A 12 -11.94 11.50 6.76
CA SER A 12 -10.74 10.74 7.18
C SER A 12 -11.15 9.39 7.79
N GLU A 13 -12.36 8.96 7.54
CA GLU A 13 -12.82 7.67 8.10
C GLU A 13 -12.54 6.53 7.12
N SER A 14 -11.53 6.70 6.33
CA SER A 14 -11.16 5.65 5.34
C SER A 14 -11.02 4.29 6.03
N THR A 15 -10.56 3.30 5.32
CA THR A 15 -10.40 1.95 5.94
C THR A 15 -9.18 1.95 6.87
N THR A 16 -8.44 3.02 6.90
CA THR A 16 -7.25 3.08 7.79
C THR A 16 -6.71 4.50 7.89
N PRO A 17 -5.98 4.75 8.94
CA PRO A 17 -5.40 6.09 9.18
C PRO A 17 -4.20 6.33 8.26
N PHE A 18 -3.44 5.30 7.99
CA PHE A 18 -2.24 5.48 7.10
C PHE A 18 -2.44 4.74 5.78
N ASN A 19 -2.53 5.47 4.69
CA ASN A 19 -2.71 4.82 3.37
C ASN A 19 -1.72 5.42 2.37
N LEU A 20 -1.29 4.67 1.42
CA LEU A 20 -0.32 5.22 0.42
C LEU A 20 -0.22 4.30 -0.79
N PHE A 21 0.64 4.62 -1.72
CA PHE A 21 0.79 3.79 -2.93
C PHE A 21 2.19 3.18 -2.97
N ILE A 22 2.33 2.02 -3.55
CA ILE A 22 3.68 1.38 -3.63
C ILE A 22 3.96 0.95 -5.07
N GLY A 23 5.20 0.77 -5.42
CA GLY A 23 5.53 0.36 -6.81
C GLY A 23 6.59 -0.74 -6.78
N ASN A 24 7.07 -1.13 -7.93
CA ASN A 24 8.11 -2.20 -8.00
C ASN A 24 7.49 -3.56 -7.70
N LEU A 25 6.71 -4.08 -8.61
CA LEU A 25 6.07 -5.41 -8.39
C LEU A 25 6.59 -6.42 -9.41
N ASN A 26 6.35 -7.68 -9.18
CA ASN A 26 6.83 -8.72 -10.13
C ASN A 26 5.71 -9.08 -11.12
N PRO A 27 5.88 -8.63 -12.33
CA PRO A 27 4.88 -8.91 -13.39
C PRO A 27 4.97 -10.37 -13.85
N ASN A 28 6.03 -11.04 -13.48
CA ASN A 28 6.18 -12.47 -13.89
C ASN A 28 5.32 -13.36 -12.99
N LYS A 29 4.93 -12.85 -11.86
CA LYS A 29 4.08 -13.65 -10.93
C LYS A 29 2.68 -13.04 -10.84
N SER A 30 2.00 -13.28 -9.76
CA SER A 30 0.62 -12.71 -9.62
C SER A 30 0.66 -11.47 -8.72
N VAL A 31 -0.13 -10.48 -9.04
CA VAL A 31 -0.15 -9.27 -8.20
C VAL A 31 -0.74 -9.60 -6.84
N ALA A 32 -1.66 -10.53 -6.80
CA ALA A 32 -2.27 -10.93 -5.50
C ALA A 32 -1.19 -11.57 -4.63
N GLU A 33 -0.32 -12.35 -5.23
CA GLU A 33 0.77 -12.98 -4.45
C GLU A 33 1.69 -11.90 -3.89
N LEU A 34 1.90 -10.86 -4.64
CA LEU A 34 2.76 -9.75 -4.15
C LEU A 34 2.14 -9.16 -2.89
N LYS A 35 0.84 -9.05 -2.88
CA LYS A 35 0.16 -8.50 -1.68
C LYS A 35 0.50 -9.38 -0.47
N VAL A 36 0.34 -10.66 -0.60
CA VAL A 36 0.67 -11.58 0.52
C VAL A 36 2.14 -11.45 0.87
N ALA A 37 2.99 -11.27 -0.10
CA ALA A 37 4.43 -11.12 0.22
C ALA A 37 4.62 -9.89 1.10
N ILE A 38 3.77 -8.92 0.97
CA ILE A 38 3.88 -7.71 1.81
C ILE A 38 3.12 -7.93 3.12
N SER A 39 2.11 -8.75 3.09
CA SER A 39 1.35 -9.03 4.34
C SER A 39 2.10 -10.05 5.17
N GLU A 40 2.91 -10.85 4.54
CA GLU A 40 3.69 -11.87 5.27
C GLU A 40 4.98 -11.23 5.79
N LEU A 41 5.56 -10.36 5.01
CA LEU A 41 6.79 -9.68 5.46
C LEU A 41 6.45 -8.77 6.63
N PHE A 42 5.28 -8.20 6.60
CA PHE A 42 4.86 -7.30 7.69
C PHE A 42 4.29 -8.16 8.82
N ALA A 43 3.85 -9.36 8.50
CA ALA A 43 3.29 -10.26 9.54
C ALA A 43 4.45 -10.82 10.38
N LYS A 44 5.58 -11.03 9.76
CA LYS A 44 6.75 -11.56 10.50
C LYS A 44 7.58 -10.40 11.03
N ASN A 45 7.38 -9.23 10.47
CA ASN A 45 8.14 -8.04 10.94
C ASN A 45 7.48 -7.45 12.19
N ASP A 46 6.23 -7.79 12.42
CA ASP A 46 5.46 -7.27 13.60
C ASP A 46 4.73 -6.00 13.19
N LEU A 47 4.40 -5.91 11.94
CA LEU A 47 3.67 -4.72 11.44
C LEU A 47 2.17 -4.93 11.63
N ALA A 48 1.38 -4.51 10.69
CA ALA A 48 -0.09 -4.70 10.79
C ALA A 48 -0.77 -4.15 9.54
N VAL A 49 -0.42 -4.70 8.41
CA VAL A 49 -1.02 -4.23 7.14
C VAL A 49 -2.54 -4.35 7.21
N VAL A 50 -3.18 -3.23 7.11
CA VAL A 50 -4.67 -3.21 7.17
C VAL A 50 -5.25 -3.39 5.77
N ASP A 51 -4.60 -2.83 4.78
CA ASP A 51 -5.13 -2.97 3.39
C ASP A 51 -3.99 -3.09 2.38
N VAL A 52 -4.20 -3.83 1.33
CA VAL A 52 -3.14 -4.00 0.28
C VAL A 52 -3.81 -4.31 -1.07
N ARG A 53 -3.31 -3.74 -2.13
CA ARG A 53 -3.92 -4.00 -3.46
C ARG A 53 -2.90 -3.70 -4.58
N THR A 54 -3.29 -3.87 -5.80
CA THR A 54 -2.36 -3.62 -6.93
C THR A 54 -2.37 -2.14 -7.31
N GLY A 55 -1.56 -1.75 -8.26
CA GLY A 55 -1.53 -0.32 -8.68
C GLY A 55 -1.47 -0.25 -10.20
N THR A 56 -2.28 0.58 -10.79
CA THR A 56 -2.29 0.71 -12.28
C THR A 56 -2.57 -0.65 -12.93
N ASN A 57 -1.55 -1.40 -13.24
CA ASN A 57 -1.77 -2.73 -13.88
C ASN A 57 -0.61 -3.68 -13.55
N ARG A 58 -0.79 -4.52 -12.56
CA ARG A 58 0.29 -5.48 -12.20
C ARG A 58 1.65 -4.78 -12.23
N LYS A 59 1.67 -3.50 -12.00
CA LYS A 59 2.97 -2.77 -12.01
C LYS A 59 3.25 -2.18 -10.62
N PHE A 60 2.22 -1.80 -9.91
CA PHE A 60 2.42 -1.22 -8.55
C PHE A 60 1.40 -1.83 -7.59
N GLY A 61 1.39 -1.37 -6.37
CA GLY A 61 0.41 -1.93 -5.39
C GLY A 61 0.09 -0.90 -4.31
N TYR A 62 -1.12 -0.89 -3.82
CA TYR A 62 -1.50 0.08 -2.76
C TYR A 62 -1.50 -0.62 -1.41
N VAL A 63 -1.44 0.12 -0.35
CA VAL A 63 -1.42 -0.52 0.99
C VAL A 63 -1.82 0.48 2.08
N ASP A 64 -2.23 -0.01 3.21
CA ASP A 64 -2.62 0.89 4.33
C ASP A 64 -2.14 0.29 5.64
N PHE A 65 -1.70 1.12 6.54
CA PHE A 65 -1.21 0.61 7.86
C PHE A 65 -2.21 0.93 8.97
N GLU A 66 -1.98 0.44 10.16
CA GLU A 66 -2.95 0.68 11.26
C GLU A 66 -2.36 1.55 12.37
N SER A 67 -1.24 2.18 12.13
CA SER A 67 -0.65 3.04 13.19
C SER A 67 0.51 3.89 12.67
N ALA A 68 1.03 4.69 13.54
CA ALA A 68 2.19 5.54 13.19
C ALA A 68 3.42 4.66 13.23
N GLU A 69 3.31 3.61 13.98
CA GLU A 69 4.44 2.66 14.12
C GLU A 69 4.51 1.77 12.88
N ASP A 70 3.39 1.54 12.24
CA ASP A 70 3.40 0.72 11.02
C ASP A 70 3.79 1.61 9.86
N LEU A 71 3.49 2.87 9.97
CA LEU A 71 3.85 3.83 8.91
C LEU A 71 5.37 4.07 8.94
N GLU A 72 5.93 4.16 10.11
CA GLU A 72 7.40 4.39 10.23
C GLU A 72 8.14 3.12 9.80
N LYS A 73 7.61 1.98 10.13
CA LYS A 73 8.26 0.72 9.72
C LYS A 73 7.91 0.49 8.25
N ALA A 74 6.86 1.12 7.82
CA ALA A 74 6.45 0.99 6.40
C ALA A 74 7.46 1.72 5.52
N LEU A 75 8.02 2.79 6.04
CA LEU A 75 9.02 3.56 5.25
C LEU A 75 10.35 2.81 5.27
N GLU A 76 10.74 2.31 6.42
CA GLU A 76 12.02 1.55 6.49
C GLU A 76 11.89 0.25 5.69
N LEU A 77 10.69 -0.23 5.53
CA LEU A 77 10.49 -1.49 4.75
C LEU A 77 10.84 -1.27 3.29
N THR A 78 11.09 -0.04 2.92
CA THR A 78 11.43 0.25 1.50
C THR A 78 12.51 -0.69 0.99
N GLY A 79 13.22 -1.29 1.89
CA GLY A 79 14.29 -2.24 1.50
C GLY A 79 13.69 -3.64 1.35
N LEU A 80 12.46 -3.73 0.90
CA LEU A 80 11.80 -5.05 0.73
C LEU A 80 12.22 -5.70 -0.58
N LYS A 81 11.50 -6.71 -0.99
CA LYS A 81 11.83 -7.40 -2.27
C LYS A 81 10.71 -8.36 -2.63
N VAL A 82 9.53 -7.86 -2.58
CA VAL A 82 8.33 -8.67 -2.90
C VAL A 82 8.63 -9.62 -4.07
N PHE A 83 8.42 -10.90 -3.89
CA PHE A 83 8.70 -11.86 -5.00
C PHE A 83 10.03 -11.51 -5.68
N GLY A 84 10.92 -10.87 -4.99
CA GLY A 84 12.23 -10.50 -5.59
C GLY A 84 12.12 -9.12 -6.25
N ASN A 85 11.21 -8.30 -5.80
CA ASN A 85 11.07 -6.93 -6.38
C ASN A 85 10.92 -5.92 -5.26
N GLU A 86 12.01 -5.38 -4.78
CA GLU A 86 11.92 -4.38 -3.68
C GLU A 86 10.76 -3.42 -3.89
N ILE A 87 9.72 -3.58 -3.14
CA ILE A 87 8.53 -2.68 -3.29
C ILE A 87 8.86 -1.29 -2.74
N LYS A 88 8.48 -0.27 -3.45
CA LYS A 88 8.75 1.11 -2.98
C LYS A 88 7.42 1.79 -2.65
N LEU A 89 7.44 2.83 -1.87
CA LEU A 89 6.17 3.51 -1.51
C LEU A 89 6.17 4.95 -2.03
N GLU A 90 5.05 5.62 -1.92
CA GLU A 90 4.96 7.03 -2.40
C GLU A 90 3.62 7.63 -2.02
N LYS A 91 3.63 8.75 -1.35
CA LYS A 91 2.34 9.39 -0.95
C LYS A 91 1.55 9.81 -2.20
N PRO A 92 0.45 9.13 -2.42
CA PRO A 92 -0.40 9.43 -3.59
C PRO A 92 -1.22 10.71 -3.34
N LYS A 93 -2.09 11.04 -4.25
CA LYS A 93 -2.91 12.27 -4.07
C LYS A 93 -4.39 11.91 -3.90
N GLY A 94 -4.68 10.64 -3.72
CA GLY A 94 -6.10 10.23 -3.56
C GLY A 94 -6.73 10.00 -4.93
N ARG A 95 -5.95 9.62 -5.90
CA ARG A 95 -6.51 9.39 -7.27
C ARG A 95 -7.56 8.27 -7.22
N ASP A 96 -8.70 8.49 -7.82
CA ASP A 96 -9.77 7.45 -7.80
C ASP A 96 -10.70 7.64 -9.01
N GLY A 97 -11.75 6.88 -9.06
CA GLY A 97 -12.70 7.01 -10.21
C GLY A 97 -12.53 5.80 -11.15
N THR A 98 -12.08 4.70 -10.63
CA THR A 98 -11.90 3.49 -11.49
C THR A 98 -12.54 2.27 -10.83
N ARG A 99 -13.62 1.80 -11.38
CA ARG A 99 -14.30 0.60 -10.79
C ARG A 99 -15.27 -0.01 -11.80
N GLY A 100 -15.78 -1.18 -11.50
CA GLY A 100 -16.73 -1.84 -12.44
C GLY A 100 -18.08 -1.12 -12.38
N CYS A 101 -19.03 -1.68 -11.70
CA CYS A 101 -20.38 -1.03 -11.60
C CYS A 101 -20.99 -1.31 -10.23
N GLY A 1 -19.88 24.58 -17.35
CA GLY A 1 -21.34 24.44 -17.59
C GLY A 1 -21.98 23.73 -16.39
N SER A 2 -23.27 23.53 -16.42
CA SER A 2 -23.95 22.86 -15.28
C SER A 2 -23.56 21.37 -15.24
N HIS A 3 -23.38 20.77 -16.39
CA HIS A 3 -23.02 19.33 -16.42
C HIS A 3 -21.50 19.17 -16.24
N MET A 4 -20.98 19.57 -15.12
CA MET A 4 -19.52 19.45 -14.88
C MET A 4 -19.18 18.07 -14.31
N LEU A 5 -20.12 17.15 -14.38
CA LEU A 5 -19.85 15.79 -13.84
C LEU A 5 -19.56 15.86 -12.34
N GLU A 6 -19.98 14.88 -11.59
CA GLU A 6 -19.73 14.89 -10.12
C GLU A 6 -19.89 13.48 -9.55
N ASP A 7 -19.17 13.17 -8.50
CA ASP A 7 -19.29 11.82 -7.90
C ASP A 7 -19.03 11.89 -6.38
N PRO A 8 -19.90 11.27 -5.63
CA PRO A 8 -19.76 11.25 -4.17
C PRO A 8 -18.59 10.37 -3.74
N VAL A 9 -18.63 9.90 -2.54
CA VAL A 9 -17.53 9.02 -2.04
C VAL A 9 -16.17 9.70 -2.25
N GLU A 10 -15.66 10.33 -1.23
CA GLU A 10 -14.34 11.01 -1.37
C GLU A 10 -13.25 10.20 -0.67
N GLY A 11 -12.06 10.73 -0.59
CA GLY A 11 -10.96 9.98 0.08
C GLY A 11 -10.68 10.60 1.45
N SER A 12 -11.67 10.64 2.30
CA SER A 12 -11.46 11.24 3.65
C SER A 12 -12.14 10.38 4.72
N GLU A 13 -12.08 9.08 4.58
CA GLU A 13 -12.73 8.20 5.58
C GLU A 13 -12.30 6.76 5.37
N SER A 14 -11.13 6.58 4.85
CA SER A 14 -10.61 5.21 4.59
C SER A 14 -10.79 4.33 5.83
N THR A 15 -10.37 3.10 5.76
CA THR A 15 -10.52 2.19 6.94
C THR A 15 -9.35 2.40 7.91
N THR A 16 -8.29 2.98 7.43
CA THR A 16 -7.11 3.21 8.31
C THR A 16 -6.57 4.62 8.13
N PRO A 17 -5.87 5.09 9.13
CA PRO A 17 -5.29 6.45 9.10
C PRO A 17 -4.01 6.47 8.27
N PHE A 18 -3.27 5.39 8.23
CA PHE A 18 -2.00 5.37 7.45
C PHE A 18 -2.18 4.61 6.13
N ASN A 19 -2.28 5.32 5.04
CA ASN A 19 -2.45 4.67 3.72
C ASN A 19 -1.57 5.37 2.68
N LEU A 20 -1.09 4.65 1.71
CA LEU A 20 -0.23 5.28 0.68
C LEU A 20 -0.11 4.38 -0.55
N PHE A 21 0.69 4.76 -1.51
CA PHE A 21 0.83 3.93 -2.74
C PHE A 21 2.20 3.26 -2.76
N ILE A 22 2.39 2.31 -3.63
CA ILE A 22 3.71 1.62 -3.71
C ILE A 22 4.00 1.21 -5.15
N GLY A 23 5.24 0.98 -5.48
CA GLY A 23 5.58 0.58 -6.88
C GLY A 23 6.61 -0.54 -6.86
N ASN A 24 7.01 -1.02 -8.00
CA ASN A 24 8.02 -2.13 -8.04
C ASN A 24 7.41 -3.43 -7.54
N LEU A 25 6.88 -4.23 -8.43
CA LEU A 25 6.27 -5.51 -8.01
C LEU A 25 6.52 -6.59 -9.08
N ASN A 26 6.98 -7.73 -8.66
CA ASN A 26 7.26 -8.83 -9.63
C ASN A 26 6.17 -8.87 -10.72
N PRO A 27 6.48 -8.31 -11.84
CA PRO A 27 5.53 -8.28 -12.98
C PRO A 27 5.43 -9.65 -13.64
N ASN A 28 6.40 -10.50 -13.42
CA ASN A 28 6.35 -11.86 -14.02
C ASN A 28 5.41 -12.76 -13.22
N LYS A 29 5.03 -12.32 -12.04
CA LYS A 29 4.11 -13.14 -11.20
C LYS A 29 2.75 -12.46 -11.12
N SER A 30 2.00 -12.73 -10.09
CA SER A 30 0.66 -12.09 -9.94
C SER A 30 0.72 -11.00 -8.87
N VAL A 31 -0.13 -10.01 -8.99
CA VAL A 31 -0.13 -8.93 -7.97
C VAL A 31 -0.66 -9.48 -6.64
N ALA A 32 -1.74 -10.21 -6.67
CA ALA A 32 -2.29 -10.78 -5.41
C ALA A 32 -1.15 -11.47 -4.65
N GLU A 33 -0.28 -12.15 -5.34
CA GLU A 33 0.85 -12.84 -4.67
C GLU A 33 1.80 -11.79 -4.10
N LEU A 34 2.04 -10.73 -4.81
CA LEU A 34 2.93 -9.66 -4.31
C LEU A 34 2.34 -9.10 -3.02
N LYS A 35 1.05 -9.01 -2.96
CA LYS A 35 0.39 -8.49 -1.73
C LYS A 35 0.71 -9.42 -0.56
N VAL A 36 0.37 -10.68 -0.68
CA VAL A 36 0.67 -11.65 0.39
C VAL A 36 2.15 -11.56 0.75
N ALA A 37 2.99 -11.32 -0.21
CA ALA A 37 4.44 -11.20 0.08
C ALA A 37 4.64 -10.00 0.98
N ILE A 38 3.86 -8.97 0.80
CA ILE A 38 3.99 -7.77 1.66
C ILE A 38 3.23 -8.01 2.97
N SER A 39 2.22 -8.83 2.92
CA SER A 39 1.45 -9.12 4.17
C SER A 39 2.24 -10.10 5.03
N GLU A 40 3.01 -10.94 4.40
CA GLU A 40 3.83 -11.92 5.15
C GLU A 40 5.10 -11.25 5.66
N LEU A 41 5.64 -10.37 4.88
CA LEU A 41 6.87 -9.66 5.31
C LEU A 41 6.52 -8.71 6.45
N PHE A 42 5.32 -8.21 6.47
CA PHE A 42 4.90 -7.31 7.56
C PHE A 42 4.43 -8.14 8.74
N ALA A 43 4.03 -9.36 8.48
CA ALA A 43 3.55 -10.24 9.58
C ALA A 43 4.76 -10.74 10.39
N LYS A 44 5.87 -10.92 9.74
CA LYS A 44 7.08 -11.40 10.45
C LYS A 44 7.93 -10.20 10.89
N ASN A 45 7.63 -9.03 10.36
CA ASN A 45 8.41 -7.83 10.74
C ASN A 45 7.75 -7.12 11.92
N ASP A 46 6.55 -7.52 12.26
CA ASP A 46 5.79 -6.89 13.40
C ASP A 46 5.07 -5.64 12.90
N LEU A 47 4.67 -5.68 11.66
CA LEU A 47 3.95 -4.52 11.07
C LEU A 47 2.46 -4.68 11.36
N ALA A 48 1.61 -4.53 10.38
CA ALA A 48 0.15 -4.67 10.61
C ALA A 48 -0.61 -4.18 9.38
N VAL A 49 -0.32 -4.74 8.25
CA VAL A 49 -1.00 -4.33 7.01
C VAL A 49 -2.50 -4.50 7.13
N VAL A 50 -3.22 -3.44 6.99
CA VAL A 50 -4.70 -3.48 7.11
C VAL A 50 -5.34 -3.75 5.75
N ASP A 51 -4.92 -3.06 4.73
CA ASP A 51 -5.52 -3.29 3.38
C ASP A 51 -4.51 -3.06 2.26
N VAL A 52 -4.23 -4.07 1.49
CA VAL A 52 -3.27 -3.93 0.37
C VAL A 52 -4.02 -3.78 -0.95
N ARG A 53 -3.33 -3.47 -2.01
CA ARG A 53 -4.03 -3.32 -3.32
C ARG A 53 -3.01 -3.27 -4.46
N THR A 54 -3.45 -3.46 -5.67
CA THR A 54 -2.52 -3.45 -6.83
C THR A 54 -2.42 -2.04 -7.41
N GLY A 55 -1.41 -1.78 -8.19
CA GLY A 55 -1.25 -0.43 -8.80
C GLY A 55 -1.30 -0.55 -10.33
N THR A 56 -2.23 0.14 -10.93
CA THR A 56 -2.37 0.07 -12.43
C THR A 56 -2.93 -1.29 -12.84
N ASN A 57 -2.29 -2.36 -12.46
CA ASN A 57 -2.79 -3.70 -12.84
C ASN A 57 -1.80 -4.78 -12.40
N ARG A 58 -0.51 -4.49 -12.48
CA ARG A 58 0.50 -5.49 -12.07
C ARG A 58 1.90 -4.87 -12.06
N LYS A 59 1.98 -3.58 -11.87
CA LYS A 59 3.32 -2.92 -11.85
C LYS A 59 3.55 -2.26 -10.49
N PHE A 60 2.50 -1.76 -9.88
CA PHE A 60 2.66 -1.11 -8.55
C PHE A 60 1.60 -1.66 -7.60
N GLY A 61 1.39 -1.01 -6.48
CA GLY A 61 0.37 -1.52 -5.52
C GLY A 61 0.15 -0.50 -4.40
N TYR A 62 -0.95 -0.62 -3.70
CA TYR A 62 -1.24 0.33 -2.59
C TYR A 62 -1.45 -0.46 -1.29
N VAL A 63 -1.22 0.17 -0.18
CA VAL A 63 -1.37 -0.56 1.10
C VAL A 63 -1.76 0.39 2.24
N ASP A 64 -2.56 -0.08 3.15
CA ASP A 64 -2.98 0.77 4.29
C ASP A 64 -2.49 0.15 5.60
N PHE A 65 -1.94 0.96 6.47
CA PHE A 65 -1.43 0.44 7.77
C PHE A 65 -2.43 0.77 8.89
N GLU A 66 -2.20 0.24 10.06
CA GLU A 66 -3.15 0.48 11.17
C GLU A 66 -2.49 1.28 12.30
N SER A 67 -1.36 1.87 12.06
CA SER A 67 -0.69 2.65 13.14
C SER A 67 0.41 3.54 12.61
N ALA A 68 0.95 4.33 13.49
CA ALA A 68 2.08 5.21 13.14
C ALA A 68 3.33 4.35 13.09
N GLU A 69 3.28 3.29 13.83
CA GLU A 69 4.41 2.35 13.89
C GLU A 69 4.46 1.52 12.60
N ASP A 70 3.33 1.33 11.98
CA ASP A 70 3.32 0.57 10.70
C ASP A 70 3.71 1.52 9.59
N LEU A 71 3.38 2.77 9.75
CA LEU A 71 3.73 3.77 8.72
C LEU A 71 5.23 4.05 8.76
N GLU A 72 5.81 4.07 9.94
CA GLU A 72 7.27 4.34 10.05
C GLU A 72 8.06 3.12 9.58
N LYS A 73 7.60 1.94 9.89
CA LYS A 73 8.32 0.73 9.43
C LYS A 73 7.97 0.53 7.98
N ALA A 74 6.79 0.94 7.60
CA ALA A 74 6.38 0.80 6.19
C ALA A 74 7.29 1.67 5.32
N LEU A 75 7.76 2.76 5.86
CA LEU A 75 8.69 3.63 5.08
C LEU A 75 10.03 2.92 5.00
N GLU A 76 10.50 2.39 6.10
CA GLU A 76 11.79 1.67 6.08
C GLU A 76 11.57 0.24 5.56
N LEU A 77 10.35 -0.09 5.25
CA LEU A 77 10.05 -1.46 4.74
C LEU A 77 10.44 -1.56 3.27
N THR A 78 11.09 -0.57 2.73
CA THR A 78 11.50 -0.63 1.30
C THR A 78 12.61 -1.65 1.10
N GLY A 79 13.05 -2.25 2.17
CA GLY A 79 14.12 -3.28 2.06
C GLY A 79 13.49 -4.62 1.67
N LEU A 80 12.21 -4.75 1.88
CA LEU A 80 11.52 -6.03 1.53
C LEU A 80 11.41 -6.19 0.02
N LYS A 81 11.81 -7.33 -0.47
CA LYS A 81 11.74 -7.56 -1.95
C LYS A 81 10.52 -8.39 -2.25
N VAL A 82 9.42 -7.74 -2.38
CA VAL A 82 8.16 -8.48 -2.70
C VAL A 82 8.45 -9.53 -3.79
N PHE A 83 8.26 -10.78 -3.48
CA PHE A 83 8.55 -11.83 -4.50
C PHE A 83 9.91 -11.57 -5.17
N GLY A 84 10.78 -10.84 -4.52
CA GLY A 84 12.11 -10.56 -5.15
C GLY A 84 12.12 -9.18 -5.79
N ASN A 85 11.14 -8.37 -5.53
CA ASN A 85 11.12 -7.00 -6.14
C ASN A 85 10.97 -5.94 -5.06
N GLU A 86 12.05 -5.45 -4.53
CA GLU A 86 11.97 -4.40 -3.47
C GLU A 86 10.88 -3.39 -3.79
N ILE A 87 9.77 -3.47 -3.10
CA ILE A 87 8.66 -2.51 -3.37
C ILE A 87 9.02 -1.11 -2.88
N LYS A 88 8.56 -0.12 -3.56
CA LYS A 88 8.84 1.28 -3.15
C LYS A 88 7.53 1.97 -2.77
N LEU A 89 7.58 3.02 -2.00
CA LEU A 89 6.33 3.70 -1.60
C LEU A 89 6.33 5.14 -2.10
N GLU A 90 5.21 5.80 -2.03
CA GLU A 90 5.14 7.21 -2.51
C GLU A 90 3.81 7.84 -2.09
N LYS A 91 3.75 9.14 -2.02
CA LYS A 91 2.48 9.82 -1.61
C LYS A 91 1.53 9.92 -2.82
N PRO A 92 0.45 9.20 -2.74
CA PRO A 92 -0.56 9.21 -3.83
C PRO A 92 -1.33 10.52 -3.84
N LYS A 93 -2.36 10.61 -4.62
CA LYS A 93 -3.17 11.88 -4.66
C LYS A 93 -3.51 12.33 -3.24
N GLY A 94 -2.95 13.43 -2.80
CA GLY A 94 -3.25 13.93 -1.44
C GLY A 94 -2.64 15.32 -1.25
N ARG A 95 -1.44 15.52 -1.74
CA ARG A 95 -0.79 16.85 -1.59
C ARG A 95 0.21 17.07 -2.73
N ASP A 96 -0.14 16.66 -3.92
CA ASP A 96 0.79 16.86 -5.07
C ASP A 96 0.11 17.69 -6.16
N GLY A 97 0.84 18.06 -7.18
CA GLY A 97 0.23 18.88 -8.27
C GLY A 97 0.99 18.63 -9.58
N THR A 98 1.60 17.49 -9.72
CA THR A 98 2.35 17.19 -10.97
C THR A 98 2.58 15.69 -11.11
N ARG A 99 2.54 15.17 -12.30
CA ARG A 99 2.76 13.71 -12.51
C ARG A 99 3.49 13.47 -13.83
N GLY A 100 4.69 13.95 -13.94
CA GLY A 100 5.46 13.74 -15.20
C GLY A 100 6.96 14.02 -14.96
N CYS A 101 7.41 13.77 -13.77
CA CYS A 101 8.85 14.02 -13.45
C CYS A 101 9.71 12.84 -13.94
N GLY A 1 -37.36 9.66 15.60
CA GLY A 1 -38.70 9.05 15.36
C GLY A 1 -38.83 7.75 16.16
N SER A 2 -38.08 7.63 17.22
CA SER A 2 -38.15 6.38 18.04
C SER A 2 -38.13 5.15 17.14
N HIS A 3 -37.50 5.25 15.99
CA HIS A 3 -37.44 4.08 15.07
C HIS A 3 -36.31 3.13 15.50
N MET A 4 -36.28 2.76 16.74
CA MET A 4 -35.20 1.84 17.21
C MET A 4 -33.84 2.51 17.10
N LEU A 5 -33.01 2.35 18.10
CA LEU A 5 -31.65 2.99 18.05
C LEU A 5 -31.79 4.50 17.88
N GLU A 6 -30.70 5.21 17.89
CA GLU A 6 -30.77 6.69 17.72
C GLU A 6 -29.47 7.22 17.11
N ASP A 7 -29.14 6.79 15.92
CA ASP A 7 -27.88 7.27 15.27
C ASP A 7 -28.14 7.55 13.78
N PRO A 8 -28.21 8.81 13.45
CA PRO A 8 -28.44 9.23 12.06
C PRO A 8 -27.20 8.96 11.21
N VAL A 9 -27.05 7.75 10.79
CA VAL A 9 -25.87 7.37 9.95
C VAL A 9 -24.57 7.65 10.71
N GLU A 10 -23.62 6.77 10.63
CA GLU A 10 -22.33 6.97 11.34
C GLU A 10 -21.20 7.21 10.34
N GLY A 11 -20.02 7.46 10.82
CA GLY A 11 -18.87 7.70 9.89
C GLY A 11 -17.75 6.70 10.18
N SER A 12 -17.67 5.64 9.41
CA SER A 12 -16.61 4.62 9.64
C SER A 12 -16.48 3.71 8.43
N GLU A 13 -15.54 3.99 7.56
CA GLU A 13 -15.37 3.14 6.35
C GLU A 13 -14.07 3.48 5.63
N SER A 14 -13.12 3.95 6.37
CA SER A 14 -11.81 4.32 5.77
C SER A 14 -10.81 3.17 5.90
N THR A 15 -9.79 3.17 5.10
CA THR A 15 -8.77 2.08 5.17
C THR A 15 -7.65 2.46 6.14
N THR A 16 -8.02 3.03 7.25
CA THR A 16 -7.03 3.47 8.29
C THR A 16 -6.36 4.78 7.87
N PRO A 17 -5.75 5.41 8.83
CA PRO A 17 -5.05 6.70 8.58
C PRO A 17 -3.69 6.47 7.90
N PHE A 18 -3.04 5.36 8.18
CA PHE A 18 -1.72 5.12 7.54
C PHE A 18 -1.89 4.44 6.19
N ASN A 19 -1.77 5.18 5.12
CA ASN A 19 -1.92 4.58 3.76
C ASN A 19 -0.86 5.17 2.82
N LEU A 20 -0.56 4.47 1.78
CA LEU A 20 0.47 4.99 0.82
C LEU A 20 0.43 4.19 -0.49
N PHE A 21 1.31 4.49 -1.40
CA PHE A 21 1.34 3.75 -2.68
C PHE A 21 2.68 3.01 -2.83
N ILE A 22 2.67 1.87 -3.45
CA ILE A 22 3.93 1.10 -3.64
C ILE A 22 4.07 0.70 -5.11
N GLY A 23 5.26 0.38 -5.53
CA GLY A 23 5.47 -0.02 -6.94
C GLY A 23 6.38 -1.23 -7.02
N ASN A 24 6.78 -1.61 -8.20
CA ASN A 24 7.68 -2.79 -8.35
C ASN A 24 6.92 -4.08 -8.08
N LEU A 25 5.94 -4.39 -8.89
CA LEU A 25 5.16 -5.64 -8.69
C LEU A 25 5.55 -6.67 -9.74
N ASN A 26 6.05 -7.79 -9.33
CA ASN A 26 6.45 -8.85 -10.29
C ASN A 26 5.41 -8.97 -11.40
N PRO A 27 5.77 -8.51 -12.56
CA PRO A 27 4.86 -8.56 -13.73
C PRO A 27 4.71 -10.01 -14.21
N ASN A 28 5.72 -10.82 -14.02
CA ASN A 28 5.63 -12.24 -14.45
C ASN A 28 4.83 -13.04 -13.42
N LYS A 29 4.59 -12.46 -12.28
CA LYS A 29 3.82 -13.16 -11.22
C LYS A 29 2.45 -12.49 -11.04
N SER A 30 1.85 -12.64 -9.89
CA SER A 30 0.53 -12.01 -9.66
C SER A 30 0.63 -10.90 -8.62
N VAL A 31 -0.20 -9.91 -8.71
CA VAL A 31 -0.13 -8.80 -7.73
C VAL A 31 -0.68 -9.28 -6.38
N ALA A 32 -1.44 -10.35 -6.39
CA ALA A 32 -1.98 -10.89 -5.12
C ALA A 32 -0.86 -11.60 -4.37
N GLU A 33 -0.09 -12.39 -5.07
CA GLU A 33 1.04 -13.09 -4.43
C GLU A 33 2.04 -12.06 -3.90
N LEU A 34 2.24 -10.99 -4.61
CA LEU A 34 3.16 -9.93 -4.13
C LEU A 34 2.62 -9.35 -2.84
N LYS A 35 1.32 -9.16 -2.78
CA LYS A 35 0.70 -8.60 -1.56
C LYS A 35 1.04 -9.51 -0.36
N VAL A 36 0.84 -10.79 -0.52
CA VAL A 36 1.14 -11.74 0.58
C VAL A 36 2.60 -11.57 1.00
N ALA A 37 3.47 -11.30 0.07
CA ALA A 37 4.90 -11.13 0.45
C ALA A 37 5.02 -9.92 1.37
N ILE A 38 4.25 -8.91 1.11
CA ILE A 38 4.28 -7.70 1.98
C ILE A 38 3.43 -7.97 3.22
N SER A 39 2.47 -8.86 3.11
CA SER A 39 1.61 -9.17 4.28
C SER A 39 2.36 -10.15 5.20
N GLU A 40 3.25 -10.92 4.64
CA GLU A 40 4.01 -11.88 5.45
C GLU A 40 5.24 -11.18 6.04
N LEU A 41 5.87 -10.37 5.26
CA LEU A 41 7.06 -9.62 5.77
C LEU A 41 6.62 -8.69 6.88
N PHE A 42 5.45 -8.13 6.75
CA PHE A 42 4.94 -7.22 7.79
C PHE A 42 4.26 -8.04 8.88
N ALA A 43 3.85 -9.22 8.54
CA ALA A 43 3.19 -10.11 9.54
C ALA A 43 4.23 -10.68 10.50
N LYS A 44 5.40 -10.96 9.99
CA LYS A 44 6.48 -11.50 10.86
C LYS A 44 7.20 -10.36 11.56
N ASN A 45 7.00 -9.16 11.09
CA ASN A 45 7.66 -7.98 11.72
C ASN A 45 6.77 -7.41 12.83
N ASP A 46 5.54 -7.87 12.89
CA ASP A 46 4.57 -7.37 13.92
C ASP A 46 3.94 -6.09 13.42
N LEU A 47 3.84 -5.96 12.13
CA LEU A 47 3.22 -4.75 11.53
C LEU A 47 1.71 -4.80 11.74
N ALA A 48 0.97 -4.58 10.70
CA ALA A 48 -0.52 -4.60 10.82
C ALA A 48 -1.14 -4.14 9.50
N VAL A 49 -0.81 -4.82 8.44
CA VAL A 49 -1.34 -4.44 7.12
C VAL A 49 -2.87 -4.46 7.12
N VAL A 50 -3.44 -3.32 6.89
CA VAL A 50 -4.93 -3.22 6.86
C VAL A 50 -5.43 -3.38 5.43
N ASP A 51 -4.68 -2.92 4.46
CA ASP A 51 -5.12 -3.06 3.05
C ASP A 51 -3.90 -3.19 2.12
N VAL A 52 -4.08 -3.85 1.01
CA VAL A 52 -2.97 -4.02 0.03
C VAL A 52 -3.55 -4.32 -1.35
N ARG A 53 -3.74 -3.32 -2.16
CA ARG A 53 -4.34 -3.55 -3.52
C ARG A 53 -3.27 -3.41 -4.61
N THR A 54 -3.59 -3.82 -5.81
CA THR A 54 -2.60 -3.72 -6.91
C THR A 54 -2.58 -2.29 -7.47
N GLY A 55 -1.64 -2.00 -8.33
CA GLY A 55 -1.55 -0.63 -8.91
C GLY A 55 -1.46 -0.73 -10.44
N THR A 56 -2.46 -0.26 -11.13
CA THR A 56 -2.44 -0.32 -12.62
C THR A 56 -2.54 -1.79 -13.10
N ASN A 57 -1.79 -2.14 -14.10
CA ASN A 57 -1.84 -3.54 -14.61
C ASN A 57 -0.68 -4.36 -14.05
N ARG A 58 -0.77 -4.76 -12.81
CA ARG A 58 0.32 -5.56 -12.20
C ARG A 58 1.65 -4.81 -12.27
N LYS A 59 1.64 -3.54 -12.00
CA LYS A 59 2.91 -2.76 -12.05
C LYS A 59 3.19 -2.15 -10.67
N PHE A 60 2.17 -1.84 -9.93
CA PHE A 60 2.38 -1.25 -8.57
C PHE A 60 1.36 -1.84 -7.60
N GLY A 61 1.27 -1.29 -6.43
CA GLY A 61 0.29 -1.83 -5.44
C GLY A 61 0.11 -0.85 -4.29
N TYR A 62 -1.10 -0.68 -3.81
CA TYR A 62 -1.33 0.26 -2.68
C TYR A 62 -1.41 -0.51 -1.37
N VAL A 63 -1.15 0.13 -0.27
CA VAL A 63 -1.19 -0.59 1.03
C VAL A 63 -1.57 0.36 2.17
N ASP A 64 -2.32 -0.13 3.12
CA ASP A 64 -2.72 0.73 4.27
C ASP A 64 -2.26 0.11 5.58
N PHE A 65 -1.81 0.92 6.50
CA PHE A 65 -1.36 0.39 7.81
C PHE A 65 -2.38 0.76 8.88
N GLU A 66 -2.22 0.24 10.07
CA GLU A 66 -3.22 0.55 11.13
C GLU A 66 -2.54 1.19 12.34
N SER A 67 -1.37 1.72 12.19
CA SER A 67 -0.68 2.35 13.35
C SER A 67 0.48 3.23 12.93
N ALA A 68 1.08 3.87 13.90
CA ALA A 68 2.26 4.72 13.65
C ALA A 68 3.45 3.81 13.51
N GLU A 69 3.36 2.68 14.13
CA GLU A 69 4.45 1.70 14.09
C GLU A 69 4.48 1.05 12.69
N ASP A 70 3.34 0.91 12.09
CA ASP A 70 3.29 0.33 10.73
C ASP A 70 3.72 1.44 9.78
N LEU A 71 3.44 2.66 10.15
CA LEU A 71 3.85 3.80 9.31
C LEU A 71 5.37 3.94 9.39
N GLU A 72 5.93 3.76 10.55
CA GLU A 72 7.41 3.86 10.70
C GLU A 72 8.06 2.78 9.83
N LYS A 73 7.47 1.62 9.78
CA LYS A 73 8.03 0.56 8.92
C LYS A 73 7.75 0.95 7.49
N ALA A 74 6.73 1.75 7.31
CA ALA A 74 6.37 2.22 5.96
C ALA A 74 7.51 3.07 5.41
N LEU A 75 8.16 3.81 6.27
CA LEU A 75 9.30 4.65 5.82
C LEU A 75 10.47 3.73 5.51
N GLU A 76 10.71 2.78 6.37
CA GLU A 76 11.83 1.82 6.12
C GLU A 76 11.31 0.68 5.23
N LEU A 77 10.11 0.83 4.71
CA LEU A 77 9.52 -0.22 3.85
C LEU A 77 10.15 -0.21 2.47
N THR A 78 10.88 0.83 2.16
CA THR A 78 11.52 0.93 0.81
C THR A 78 12.70 -0.03 0.68
N GLY A 79 12.91 -0.83 1.68
CA GLY A 79 14.04 -1.81 1.61
C GLY A 79 13.45 -3.22 1.54
N LEU A 80 12.38 -3.37 0.79
CA LEU A 80 11.74 -4.72 0.67
C LEU A 80 12.15 -5.41 -0.63
N LYS A 81 11.46 -6.46 -0.96
CA LYS A 81 11.78 -7.22 -2.22
C LYS A 81 10.64 -8.18 -2.50
N VAL A 82 9.46 -7.66 -2.49
CA VAL A 82 8.26 -8.50 -2.73
C VAL A 82 8.57 -9.60 -3.75
N PHE A 83 8.45 -10.84 -3.33
CA PHE A 83 8.75 -11.98 -4.26
C PHE A 83 9.96 -11.65 -5.13
N GLY A 84 10.86 -10.83 -4.64
CA GLY A 84 12.07 -10.48 -5.44
C GLY A 84 11.87 -9.14 -6.15
N ASN A 85 10.97 -8.33 -5.69
CA ASN A 85 10.75 -7.01 -6.35
C ASN A 85 10.68 -5.90 -5.30
N GLU A 86 11.81 -5.39 -4.88
CA GLU A 86 11.81 -4.32 -3.85
C GLU A 86 10.68 -3.33 -4.10
N ILE A 87 9.58 -3.51 -3.43
CA ILE A 87 8.42 -2.60 -3.62
C ILE A 87 8.82 -1.16 -3.27
N LYS A 88 8.65 -0.26 -4.20
CA LYS A 88 9.00 1.17 -3.92
C LYS A 88 7.74 1.91 -3.47
N LEU A 89 7.80 2.59 -2.37
CA LEU A 89 6.59 3.30 -1.89
C LEU A 89 6.75 4.82 -2.03
N GLU A 90 5.67 5.53 -1.83
CA GLU A 90 5.71 7.01 -1.94
C GLU A 90 4.43 7.61 -1.35
N LYS A 91 4.36 8.90 -1.25
CA LYS A 91 3.13 9.54 -0.69
C LYS A 91 2.18 9.95 -1.81
N PRO A 92 1.11 9.20 -1.95
CA PRO A 92 0.10 9.49 -3.00
C PRO A 92 -0.74 10.70 -2.60
N LYS A 93 -1.81 10.94 -3.32
CA LYS A 93 -2.67 12.10 -2.99
C LYS A 93 -1.92 13.42 -3.27
N GLY A 94 -2.26 14.10 -4.32
CA GLY A 94 -1.57 15.38 -4.64
C GLY A 94 -2.22 16.02 -5.86
N ARG A 95 -2.52 15.25 -6.86
CA ARG A 95 -3.16 15.82 -8.09
C ARG A 95 -2.44 17.10 -8.50
N ASP A 96 -2.98 17.81 -9.46
CA ASP A 96 -2.33 19.07 -9.91
C ASP A 96 -2.82 20.25 -9.06
N GLY A 97 -2.45 21.44 -9.41
CA GLY A 97 -2.89 22.63 -8.63
C GLY A 97 -2.06 22.74 -7.35
N THR A 98 -2.59 23.38 -6.35
CA THR A 98 -1.83 23.52 -5.06
C THR A 98 -2.78 23.65 -3.88
N ARG A 99 -2.37 23.23 -2.72
CA ARG A 99 -3.26 23.33 -1.53
C ARG A 99 -2.48 22.98 -0.25
N GLY A 100 -1.27 23.48 -0.13
CA GLY A 100 -0.47 23.19 1.08
C GLY A 100 -0.59 24.35 2.08
N CYS A 101 0.51 24.99 2.39
CA CYS A 101 0.45 26.13 3.35
C CYS A 101 0.26 27.45 2.60
N GLY A 1 -6.67 30.58 -10.07
CA GLY A 1 -5.99 31.82 -9.59
C GLY A 1 -5.48 31.59 -8.16
N SER A 2 -5.39 32.64 -7.38
CA SER A 2 -4.90 32.49 -5.97
C SER A 2 -6.09 32.27 -5.03
N HIS A 3 -7.25 32.72 -5.42
CA HIS A 3 -8.44 32.54 -4.54
C HIS A 3 -9.41 31.53 -5.16
N MET A 4 -8.91 30.62 -5.95
CA MET A 4 -9.80 29.61 -6.59
C MET A 4 -9.11 28.24 -6.62
N LEU A 5 -8.70 27.75 -5.48
CA LEU A 5 -8.02 26.42 -5.44
C LEU A 5 -8.88 25.38 -6.16
N GLU A 6 -8.46 24.14 -6.13
CA GLU A 6 -9.25 23.07 -6.81
C GLU A 6 -8.73 21.69 -6.41
N ASP A 7 -9.48 20.95 -5.65
CA ASP A 7 -9.02 19.59 -5.23
C ASP A 7 -10.20 18.77 -4.71
N PRO A 8 -11.24 18.73 -5.50
CA PRO A 8 -12.45 17.98 -5.11
C PRO A 8 -12.18 16.47 -5.21
N VAL A 9 -13.21 15.72 -5.36
CA VAL A 9 -13.05 14.24 -5.46
C VAL A 9 -12.23 13.72 -4.27
N GLU A 10 -12.89 13.21 -3.26
CA GLU A 10 -12.14 12.68 -2.08
C GLU A 10 -11.05 11.71 -2.53
N GLY A 11 -10.28 11.21 -1.61
CA GLY A 11 -9.20 10.25 -1.98
C GLY A 11 -9.74 9.23 -2.99
N SER A 12 -10.55 8.31 -2.53
CA SER A 12 -11.10 7.29 -3.46
C SER A 12 -12.04 6.35 -2.70
N GLU A 13 -11.49 5.54 -1.83
CA GLU A 13 -12.35 4.59 -1.06
C GLU A 13 -11.51 3.86 -0.01
N SER A 14 -10.51 4.52 0.46
CA SER A 14 -9.62 3.91 1.49
C SER A 14 -10.46 3.29 2.61
N THR A 15 -9.90 2.38 3.35
CA THR A 15 -10.66 1.74 4.46
C THR A 15 -9.95 1.99 5.79
N THR A 16 -8.73 2.44 5.73
CA THR A 16 -7.96 2.71 6.98
C THR A 16 -7.45 4.15 7.02
N PRO A 17 -6.90 4.51 8.14
CA PRO A 17 -6.36 5.88 8.31
C PRO A 17 -5.00 6.02 7.62
N PHE A 18 -4.12 5.08 7.81
CA PHE A 18 -2.78 5.18 7.17
C PHE A 18 -2.83 4.54 5.78
N ASN A 19 -2.71 5.34 4.76
CA ASN A 19 -2.74 4.80 3.38
C ASN A 19 -1.37 4.99 2.74
N LEU A 20 -1.01 4.13 1.85
CA LEU A 20 0.33 4.25 1.20
C LEU A 20 0.29 3.78 -0.26
N PHE A 21 1.35 4.03 -0.97
CA PHE A 21 1.42 3.59 -2.39
C PHE A 21 2.68 2.76 -2.58
N ILE A 22 2.61 1.71 -3.36
CA ILE A 22 3.83 0.87 -3.55
C ILE A 22 3.98 0.47 -5.03
N GLY A 23 5.19 0.33 -5.48
CA GLY A 23 5.41 -0.08 -6.90
C GLY A 23 6.47 -1.17 -6.96
N ASN A 24 6.97 -1.48 -8.12
CA ASN A 24 8.01 -2.54 -8.25
C ASN A 24 7.39 -3.92 -8.01
N LEU A 25 6.18 -4.12 -8.46
CA LEU A 25 5.52 -5.44 -8.26
C LEU A 25 5.87 -6.38 -9.41
N ASN A 26 6.36 -7.54 -9.11
CA ASN A 26 6.72 -8.52 -10.18
C ASN A 26 5.65 -8.51 -11.29
N PRO A 27 6.02 -7.95 -12.40
CA PRO A 27 5.09 -7.88 -13.56
C PRO A 27 4.94 -9.26 -14.20
N ASN A 28 5.73 -10.21 -13.79
CA ASN A 28 5.62 -11.58 -14.38
C ASN A 28 4.75 -12.46 -13.47
N LYS A 29 4.62 -12.07 -12.23
CA LYS A 29 3.79 -12.86 -11.29
C LYS A 29 2.44 -12.15 -11.09
N SER A 30 1.77 -12.44 -10.01
CA SER A 30 0.47 -11.76 -9.76
C SER A 30 0.62 -10.69 -8.70
N VAL A 31 -0.15 -9.64 -8.78
CA VAL A 31 -0.04 -8.56 -7.76
C VAL A 31 -0.58 -9.09 -6.43
N ALA A 32 -1.48 -10.05 -6.49
CA ALA A 32 -2.03 -10.62 -5.24
C ALA A 32 -0.91 -11.33 -4.48
N GLU A 33 -0.07 -12.05 -5.18
CA GLU A 33 1.05 -12.74 -4.52
C GLU A 33 1.99 -11.71 -3.90
N LEU A 34 2.30 -10.67 -4.64
CA LEU A 34 3.18 -9.61 -4.10
C LEU A 34 2.51 -9.02 -2.87
N LYS A 35 1.21 -8.87 -2.95
CA LYS A 35 0.45 -8.30 -1.79
C LYS A 35 0.66 -9.20 -0.57
N VAL A 36 0.33 -10.46 -0.68
CA VAL A 36 0.53 -11.39 0.47
C VAL A 36 1.97 -11.37 0.91
N ALA A 37 2.88 -11.16 0.00
CA ALA A 37 4.32 -11.12 0.39
C ALA A 37 4.54 -9.93 1.31
N ILE A 38 3.91 -8.83 1.02
CA ILE A 38 4.07 -7.63 1.87
C ILE A 38 3.21 -7.79 3.13
N SER A 39 2.17 -8.58 3.05
CA SER A 39 1.31 -8.78 4.26
C SER A 39 1.97 -9.80 5.18
N GLU A 40 2.64 -10.75 4.61
CA GLU A 40 3.33 -11.78 5.43
C GLU A 40 4.63 -11.21 6.00
N LEU A 41 5.30 -10.41 5.22
CA LEU A 41 6.56 -9.79 5.71
C LEU A 41 6.23 -8.77 6.78
N PHE A 42 5.10 -8.13 6.67
CA PHE A 42 4.70 -7.13 7.69
C PHE A 42 4.19 -7.87 8.92
N ALA A 43 3.69 -9.06 8.74
CA ALA A 43 3.18 -9.84 9.89
C ALA A 43 4.36 -10.39 10.70
N LYS A 44 5.46 -10.65 10.06
CA LYS A 44 6.64 -11.18 10.77
C LYS A 44 7.58 -10.04 11.14
N ASN A 45 7.50 -8.95 10.43
CA ASN A 45 8.38 -7.79 10.73
C ASN A 45 7.90 -7.09 12.00
N ASP A 46 6.59 -6.93 12.13
CA ASP A 46 5.94 -6.27 13.32
C ASP A 46 5.10 -5.10 12.85
N LEU A 47 4.60 -5.17 11.65
CA LEU A 47 3.77 -4.06 11.13
C LEU A 47 2.29 -4.40 11.33
N ALA A 48 1.44 -3.87 10.52
CA ALA A 48 -0.02 -4.15 10.66
C ALA A 48 -0.75 -3.77 9.37
N VAL A 49 -0.40 -4.40 8.29
CA VAL A 49 -1.06 -4.09 7.01
C VAL A 49 -2.57 -4.24 7.13
N VAL A 50 -3.26 -3.17 6.98
CA VAL A 50 -4.76 -3.20 7.09
C VAL A 50 -5.35 -3.44 5.69
N ASP A 51 -4.77 -2.85 4.69
CA ASP A 51 -5.29 -3.06 3.31
C ASP A 51 -4.15 -3.12 2.30
N VAL A 52 -4.36 -3.78 1.20
CA VAL A 52 -3.29 -3.88 0.15
C VAL A 52 -3.94 -4.21 -1.20
N ARG A 53 -3.93 -3.28 -2.12
CA ARG A 53 -4.57 -3.56 -3.44
C ARG A 53 -3.55 -3.41 -4.57
N THR A 54 -3.89 -3.88 -5.74
CA THR A 54 -2.95 -3.78 -6.90
C THR A 54 -3.19 -2.46 -7.63
N GLY A 55 -2.21 -1.99 -8.34
CA GLY A 55 -2.38 -0.69 -9.07
C GLY A 55 -2.07 -0.89 -10.56
N THR A 56 -3.04 -0.67 -11.41
CA THR A 56 -2.81 -0.84 -12.88
C THR A 56 -2.55 -2.31 -13.23
N ASN A 57 -2.25 -2.58 -14.47
CA ASN A 57 -1.99 -3.98 -14.89
C ASN A 57 -0.75 -4.55 -14.19
N ARG A 58 -0.81 -4.69 -12.89
CA ARG A 58 0.36 -5.25 -12.15
C ARG A 58 1.57 -4.34 -12.30
N LYS A 59 1.46 -3.11 -11.89
CA LYS A 59 2.62 -2.18 -12.01
C LYS A 59 3.01 -1.66 -10.62
N PHE A 60 2.04 -1.47 -9.77
CA PHE A 60 2.32 -0.99 -8.39
C PHE A 60 1.09 -1.20 -7.51
N GLY A 61 1.27 -1.60 -6.29
CA GLY A 61 0.10 -1.84 -5.42
C GLY A 61 0.05 -0.82 -4.28
N TYR A 62 -1.08 -0.70 -3.63
CA TYR A 62 -1.20 0.26 -2.50
C TYR A 62 -1.42 -0.49 -1.21
N VAL A 63 -1.22 0.17 -0.10
CA VAL A 63 -1.39 -0.54 1.20
C VAL A 63 -1.80 0.44 2.31
N ASP A 64 -2.70 0.02 3.16
CA ASP A 64 -3.13 0.90 4.28
C ASP A 64 -2.54 0.37 5.59
N PHE A 65 -2.10 1.23 6.45
CA PHE A 65 -1.51 0.76 7.73
C PHE A 65 -2.44 1.03 8.90
N GLU A 66 -2.13 0.49 10.04
CA GLU A 66 -3.03 0.67 11.21
C GLU A 66 -2.33 1.46 12.33
N SER A 67 -1.25 2.12 12.03
CA SER A 67 -0.54 2.89 13.09
C SER A 67 0.43 3.91 12.52
N ALA A 68 0.99 4.67 13.41
CA ALA A 68 2.01 5.67 13.02
C ALA A 68 3.36 4.98 13.05
N GLU A 69 3.44 3.96 13.84
CA GLU A 69 4.70 3.19 13.93
C GLU A 69 4.68 2.10 12.86
N ASP A 70 3.50 1.74 12.42
CA ASP A 70 3.36 0.73 11.35
C ASP A 70 3.60 1.44 10.04
N LEU A 71 3.19 2.67 9.97
CA LEU A 71 3.41 3.46 8.73
C LEU A 71 4.88 3.89 8.68
N GLU A 72 5.45 4.17 9.81
CA GLU A 72 6.88 4.59 9.85
C GLU A 72 7.76 3.41 9.42
N LYS A 73 7.41 2.22 9.81
CA LYS A 73 8.21 1.05 9.39
C LYS A 73 7.91 0.84 7.92
N ALA A 74 6.75 1.25 7.51
CA ALA A 74 6.37 1.12 6.09
C ALA A 74 7.33 1.96 5.24
N LEU A 75 7.76 3.08 5.78
CA LEU A 75 8.71 3.94 5.03
C LEU A 75 10.07 3.23 4.98
N GLU A 76 10.49 2.69 6.09
CA GLU A 76 11.78 1.97 6.10
C GLU A 76 11.60 0.58 5.50
N LEU A 77 10.40 0.27 5.07
CA LEU A 77 10.14 -1.07 4.47
C LEU A 77 10.63 -1.10 3.01
N THR A 78 11.39 -0.13 2.59
CA THR A 78 11.88 -0.13 1.20
C THR A 78 13.05 -1.09 1.05
N GLY A 79 13.38 -1.78 2.10
CA GLY A 79 14.51 -2.75 2.04
C GLY A 79 13.95 -4.16 1.83
N LEU A 80 12.87 -4.27 1.11
CA LEU A 80 12.26 -5.61 0.88
C LEU A 80 12.67 -6.17 -0.49
N LYS A 81 12.00 -7.19 -0.93
CA LYS A 81 12.33 -7.80 -2.25
C LYS A 81 11.20 -8.74 -2.65
N VAL A 82 10.02 -8.24 -2.58
CA VAL A 82 8.82 -9.05 -2.94
C VAL A 82 9.13 -9.95 -4.15
N PHE A 83 8.88 -11.22 -4.03
CA PHE A 83 9.15 -12.14 -5.18
C PHE A 83 10.49 -11.80 -5.83
N GLY A 84 11.40 -11.22 -5.09
CA GLY A 84 12.73 -10.85 -5.67
C GLY A 84 12.69 -9.44 -6.24
N ASN A 85 11.76 -8.64 -5.78
CA ASN A 85 11.66 -7.24 -6.29
C ASN A 85 11.43 -6.30 -5.11
N GLU A 86 12.46 -5.65 -4.64
CA GLU A 86 12.30 -4.73 -3.49
C GLU A 86 11.12 -3.78 -3.71
N ILE A 87 9.96 -4.18 -3.27
CA ILE A 87 8.77 -3.30 -3.44
C ILE A 87 9.09 -1.88 -2.98
N LYS A 88 8.70 -0.91 -3.76
CA LYS A 88 8.97 0.49 -3.37
C LYS A 88 7.68 1.12 -2.86
N LEU A 89 7.77 2.09 -2.00
CA LEU A 89 6.55 2.73 -1.45
C LEU A 89 6.60 4.24 -1.69
N GLU A 90 5.52 4.92 -1.38
CA GLU A 90 5.48 6.40 -1.60
C GLU A 90 4.31 7.01 -0.82
N LYS A 91 4.22 8.30 -0.80
CA LYS A 91 3.09 8.96 -0.08
C LYS A 91 2.00 9.39 -1.06
N PRO A 92 0.96 8.60 -1.13
CA PRO A 92 -0.17 8.89 -2.03
C PRO A 92 -0.98 10.07 -1.50
N LYS A 93 -2.12 10.34 -2.09
CA LYS A 93 -2.95 11.48 -1.63
C LYS A 93 -2.24 12.80 -1.85
N GLY A 94 -2.59 13.52 -2.87
CA GLY A 94 -1.92 14.82 -3.15
C GLY A 94 -1.78 15.61 -1.85
N ARG A 95 -0.59 15.98 -1.49
CA ARG A 95 -0.38 16.75 -0.23
C ARG A 95 -0.88 15.94 0.96
N ASP A 96 -0.27 16.11 2.10
CA ASP A 96 -0.71 15.34 3.31
C ASP A 96 -0.18 16.00 4.58
N GLY A 97 -0.64 17.17 4.89
CA GLY A 97 -0.15 17.87 6.13
C GLY A 97 -0.33 19.39 5.97
N THR A 98 0.60 20.04 5.34
CA THR A 98 0.48 21.51 5.16
C THR A 98 1.18 21.95 3.87
N ARG A 99 0.78 23.05 3.29
CA ARG A 99 1.42 23.53 2.04
C ARG A 99 2.83 24.06 2.34
N GLY A 100 2.99 24.72 3.46
CA GLY A 100 4.34 25.26 3.80
C GLY A 100 4.66 26.45 2.90
N CYS A 101 5.62 26.29 2.03
CA CYS A 101 5.98 27.41 1.11
C CYS A 101 6.75 26.88 -0.10
N GLY A 1 -17.33 31.05 3.88
CA GLY A 1 -16.53 32.30 3.73
C GLY A 1 -16.14 32.49 2.26
N SER A 2 -15.91 31.41 1.57
CA SER A 2 -15.53 31.54 0.13
C SER A 2 -16.45 30.67 -0.75
N HIS A 3 -16.07 30.43 -1.97
CA HIS A 3 -16.93 29.59 -2.86
C HIS A 3 -16.16 28.35 -3.31
N MET A 4 -15.17 27.95 -2.57
CA MET A 4 -14.38 26.74 -2.96
C MET A 4 -14.40 25.71 -1.83
N LEU A 5 -15.51 25.54 -1.18
CA LEU A 5 -15.59 24.56 -0.06
C LEU A 5 -14.42 24.76 0.90
N GLU A 6 -14.58 25.62 1.88
CA GLU A 6 -13.48 25.86 2.84
C GLU A 6 -14.04 26.02 4.26
N ASP A 7 -13.85 25.05 5.10
CA ASP A 7 -14.37 25.15 6.49
C ASP A 7 -14.14 23.83 7.25
N PRO A 8 -14.71 22.78 6.71
CA PRO A 8 -14.58 21.44 7.34
C PRO A 8 -13.17 20.92 7.12
N VAL A 9 -13.02 19.64 7.18
CA VAL A 9 -11.68 19.02 7.00
C VAL A 9 -11.81 17.52 6.73
N GLU A 10 -11.33 17.07 5.61
CA GLU A 10 -11.43 15.62 5.28
C GLU A 10 -10.40 14.82 6.08
N GLY A 11 -10.33 13.53 5.87
CA GLY A 11 -9.34 12.70 6.61
C GLY A 11 -10.08 11.74 7.54
N SER A 12 -11.36 11.62 7.38
CA SER A 12 -12.14 10.69 8.27
C SER A 12 -12.76 9.57 7.43
N GLU A 13 -12.19 9.28 6.30
CA GLU A 13 -12.74 8.21 5.44
C GLU A 13 -11.70 7.10 5.29
N SER A 14 -11.45 6.71 4.09
CA SER A 14 -10.45 5.64 3.84
C SER A 14 -10.69 4.46 4.79
N THR A 15 -9.84 3.47 4.74
CA THR A 15 -10.01 2.29 5.64
C THR A 15 -9.01 2.34 6.78
N THR A 16 -8.15 3.34 6.80
CA THR A 16 -7.14 3.44 7.89
C THR A 16 -6.55 4.84 7.93
N PRO A 17 -5.82 5.11 8.99
CA PRO A 17 -5.20 6.44 9.16
C PRO A 17 -3.96 6.57 8.27
N PHE A 18 -3.32 5.48 7.91
CA PHE A 18 -2.11 5.58 7.05
C PHE A 18 -2.29 4.79 5.76
N ASN A 19 -2.34 5.48 4.64
CA ASN A 19 -2.50 4.81 3.33
C ASN A 19 -1.60 5.49 2.30
N LEU A 20 -1.15 4.77 1.32
CA LEU A 20 -0.27 5.39 0.30
C LEU A 20 -0.21 4.52 -0.96
N PHE A 21 0.51 4.97 -1.94
CA PHE A 21 0.62 4.19 -3.21
C PHE A 21 1.92 3.38 -3.19
N ILE A 22 2.03 2.39 -4.02
CA ILE A 22 3.27 1.57 -4.05
C ILE A 22 3.45 0.96 -5.44
N GLY A 23 4.67 0.70 -5.83
CA GLY A 23 4.88 0.10 -7.18
C GLY A 23 6.04 -0.89 -7.14
N ASN A 24 6.53 -1.28 -8.28
CA ASN A 24 7.64 -2.27 -8.33
C ASN A 24 7.14 -3.66 -7.94
N LEU A 25 6.03 -4.07 -8.49
CA LEU A 25 5.48 -5.41 -8.17
C LEU A 25 5.81 -6.40 -9.27
N ASN A 26 6.37 -7.53 -8.92
CA ASN A 26 6.73 -8.55 -9.95
C ASN A 26 5.58 -8.72 -10.95
N PRO A 27 5.75 -8.14 -12.10
CA PRO A 27 4.73 -8.23 -13.16
C PRO A 27 4.71 -9.64 -13.78
N ASN A 28 5.78 -10.37 -13.63
CA ASN A 28 5.82 -11.74 -14.21
C ASN A 28 5.01 -12.70 -13.33
N LYS A 29 4.68 -12.28 -12.15
CA LYS A 29 3.89 -13.16 -11.23
C LYS A 29 2.48 -12.58 -11.05
N SER A 30 1.84 -12.90 -9.97
CA SER A 30 0.46 -12.36 -9.74
C SER A 30 0.50 -11.29 -8.66
N VAL A 31 -0.38 -10.32 -8.73
CA VAL A 31 -0.39 -9.27 -7.69
C VAL A 31 -0.83 -9.87 -6.35
N ALA A 32 -1.81 -10.73 -6.37
CA ALA A 32 -2.26 -11.35 -5.10
C ALA A 32 -1.06 -11.96 -4.38
N GLU A 33 -0.19 -12.61 -5.11
CA GLU A 33 1.01 -13.21 -4.49
C GLU A 33 1.92 -12.09 -3.96
N LEU A 34 1.97 -11.00 -4.66
CA LEU A 34 2.82 -9.87 -4.20
C LEU A 34 2.25 -9.31 -2.90
N LYS A 35 0.95 -9.31 -2.78
CA LYS A 35 0.32 -8.80 -1.53
C LYS A 35 0.78 -9.65 -0.35
N VAL A 36 0.72 -10.95 -0.51
CA VAL A 36 1.16 -11.86 0.58
C VAL A 36 2.61 -11.59 0.94
N ALA A 37 3.45 -11.38 -0.03
CA ALA A 37 4.88 -11.11 0.30
C ALA A 37 4.97 -9.84 1.14
N ILE A 38 4.06 -8.93 0.93
CA ILE A 38 4.08 -7.68 1.72
C ILE A 38 3.31 -7.90 3.03
N SER A 39 2.35 -8.80 3.01
CA SER A 39 1.59 -9.07 4.25
C SER A 39 2.41 -9.98 5.17
N GLU A 40 3.28 -10.76 4.58
CA GLU A 40 4.13 -11.66 5.40
C GLU A 40 5.34 -10.90 5.91
N LEU A 41 5.87 -10.04 5.08
CA LEU A 41 7.05 -9.24 5.51
C LEU A 41 6.62 -8.32 6.66
N PHE A 42 5.41 -7.82 6.60
CA PHE A 42 4.93 -6.96 7.70
C PHE A 42 4.40 -7.84 8.83
N ALA A 43 4.06 -9.06 8.51
CA ALA A 43 3.55 -9.99 9.56
C ALA A 43 4.74 -10.59 10.32
N LYS A 44 5.89 -10.55 9.72
CA LYS A 44 7.11 -11.11 10.38
C LYS A 44 7.98 -9.96 10.89
N ASN A 45 7.75 -8.77 10.41
CA ASN A 45 8.56 -7.60 10.87
C ASN A 45 7.96 -7.02 12.16
N ASP A 46 6.65 -7.15 12.30
CA ASP A 46 5.89 -6.63 13.50
C ASP A 46 5.01 -5.48 13.05
N LEU A 47 4.60 -5.53 11.82
CA LEU A 47 3.72 -4.46 11.27
C LEU A 47 2.28 -4.97 11.25
N ALA A 48 1.47 -4.42 10.40
CA ALA A 48 0.05 -4.87 10.32
C ALA A 48 -0.61 -4.27 9.08
N VAL A 49 -0.14 -4.65 7.92
CA VAL A 49 -0.73 -4.13 6.67
C VAL A 49 -2.24 -4.26 6.70
N VAL A 50 -2.92 -3.16 6.70
CA VAL A 50 -4.40 -3.17 6.73
C VAL A 50 -4.97 -3.38 5.34
N ASP A 51 -4.29 -2.90 4.32
CA ASP A 51 -4.82 -3.09 2.94
C ASP A 51 -3.67 -3.17 1.93
N VAL A 52 -3.86 -3.91 0.87
CA VAL A 52 -2.80 -4.04 -0.16
C VAL A 52 -3.45 -4.38 -1.51
N ARG A 53 -3.71 -3.39 -2.32
CA ARG A 53 -4.36 -3.66 -3.64
C ARG A 53 -3.37 -3.44 -4.78
N THR A 54 -3.74 -3.82 -5.97
CA THR A 54 -2.83 -3.66 -7.14
C THR A 54 -2.90 -2.21 -7.66
N GLY A 55 -1.95 -1.83 -8.46
CA GLY A 55 -1.95 -0.44 -9.00
C GLY A 55 -1.64 -0.48 -10.51
N THR A 56 -2.50 0.07 -11.31
CA THR A 56 -2.25 0.06 -12.79
C THR A 56 -1.77 -1.31 -13.24
N ASN A 57 -2.66 -2.14 -13.72
CA ASN A 57 -2.25 -3.50 -14.18
C ASN A 57 -1.63 -4.29 -13.02
N ARG A 58 -0.60 -5.05 -13.30
CA ARG A 58 0.05 -5.85 -12.22
C ARG A 58 1.49 -5.37 -12.00
N LYS A 59 1.74 -4.10 -12.18
CA LYS A 59 3.11 -3.58 -11.97
C LYS A 59 3.15 -2.64 -10.77
N PHE A 60 2.02 -2.11 -10.38
CA PHE A 60 1.99 -1.19 -9.21
C PHE A 60 1.09 -1.76 -8.11
N GLY A 61 0.82 -1.00 -7.09
CA GLY A 61 -0.05 -1.51 -5.98
C GLY A 61 -0.13 -0.48 -4.86
N TYR A 62 -1.20 -0.53 -4.10
CA TYR A 62 -1.37 0.44 -2.97
C TYR A 62 -1.44 -0.34 -1.66
N VAL A 63 -1.19 0.31 -0.56
CA VAL A 63 -1.22 -0.41 0.73
C VAL A 63 -1.62 0.52 1.87
N ASP A 64 -2.37 0.02 2.82
CA ASP A 64 -2.79 0.87 3.96
C ASP A 64 -2.20 0.31 5.26
N PHE A 65 -1.92 1.15 6.21
CA PHE A 65 -1.34 0.65 7.49
C PHE A 65 -2.34 0.80 8.63
N GLU A 66 -2.00 0.37 9.81
CA GLU A 66 -2.96 0.48 10.95
C GLU A 66 -2.45 1.43 12.03
N SER A 67 -1.45 2.21 11.74
CA SER A 67 -0.93 3.14 12.79
C SER A 67 0.25 3.97 12.29
N ALA A 68 0.69 4.86 13.11
CA ALA A 68 1.87 5.69 12.77
C ALA A 68 3.10 4.84 13.00
N GLU A 69 2.96 3.88 13.85
CA GLU A 69 4.08 2.97 14.16
C GLU A 69 4.16 1.89 13.09
N ASP A 70 3.05 1.59 12.47
CA ASP A 70 3.05 0.59 11.38
C ASP A 70 3.55 1.28 10.13
N LEU A 71 3.36 2.57 10.07
CA LEU A 71 3.83 3.35 8.90
C LEU A 71 5.33 3.61 9.05
N GLU A 72 5.78 3.79 10.27
CA GLU A 72 7.24 4.03 10.51
C GLU A 72 8.02 2.75 10.25
N LYS A 73 7.43 1.62 10.55
CA LYS A 73 8.13 0.34 10.30
C LYS A 73 8.03 0.08 8.81
N ALA A 74 6.97 0.58 8.21
CA ALA A 74 6.80 0.39 6.76
C ALA A 74 7.82 1.25 6.02
N LEU A 75 8.28 2.30 6.66
CA LEU A 75 9.31 3.17 6.03
C LEU A 75 10.63 2.43 6.06
N GLU A 76 10.99 1.90 7.21
CA GLU A 76 12.26 1.13 7.31
C GLU A 76 12.09 -0.19 6.55
N LEU A 77 10.87 -0.50 6.17
CA LEU A 77 10.61 -1.76 5.43
C LEU A 77 11.25 -1.70 4.04
N THR A 78 11.85 -0.60 3.68
CA THR A 78 12.49 -0.50 2.34
C THR A 78 13.28 -1.75 2.03
N GLY A 79 13.70 -2.42 3.04
CA GLY A 79 14.48 -3.68 2.84
C GLY A 79 13.59 -4.71 2.14
N LEU A 80 12.30 -4.48 2.15
CA LEU A 80 11.35 -5.42 1.50
C LEU A 80 11.85 -5.84 0.11
N LYS A 81 11.13 -6.74 -0.52
CA LYS A 81 11.54 -7.23 -1.87
C LYS A 81 10.50 -8.19 -2.39
N VAL A 82 9.31 -7.73 -2.46
CA VAL A 82 8.17 -8.58 -2.93
C VAL A 82 8.62 -9.49 -4.08
N PHE A 83 8.45 -10.78 -3.93
CA PHE A 83 8.86 -11.72 -5.00
C PHE A 83 10.22 -11.32 -5.57
N GLY A 84 11.04 -10.64 -4.80
CA GLY A 84 12.37 -10.23 -5.30
C GLY A 84 12.28 -8.85 -5.95
N ASN A 85 11.29 -8.07 -5.58
CA ASN A 85 11.15 -6.72 -6.18
C ASN A 85 10.85 -5.69 -5.08
N GLU A 86 11.87 -5.19 -4.43
CA GLU A 86 11.66 -4.19 -3.35
C GLU A 86 10.53 -3.23 -3.70
N ILE A 87 9.33 -3.54 -3.28
CA ILE A 87 8.18 -2.66 -3.60
C ILE A 87 8.52 -1.21 -3.24
N LYS A 88 8.09 -0.30 -4.04
CA LYS A 88 8.36 1.14 -3.75
C LYS A 88 7.08 1.81 -3.30
N LEU A 89 7.17 2.88 -2.56
CA LEU A 89 5.93 3.57 -2.10
C LEU A 89 5.89 5.01 -2.60
N GLU A 90 4.80 5.68 -2.39
CA GLU A 90 4.68 7.09 -2.86
C GLU A 90 3.63 7.84 -2.02
N LYS A 91 3.73 9.14 -1.95
CA LYS A 91 2.75 9.92 -1.15
C LYS A 91 1.65 10.48 -2.06
N PRO A 92 0.50 9.87 -1.99
CA PRO A 92 -0.65 10.30 -2.81
C PRO A 92 -1.23 11.60 -2.27
N LYS A 93 -2.37 12.02 -2.77
CA LYS A 93 -2.99 13.28 -2.27
C LYS A 93 -1.98 14.43 -2.36
N GLY A 94 -2.31 15.56 -1.78
CA GLY A 94 -1.37 16.72 -1.83
C GLY A 94 -1.73 17.63 -3.00
N ARG A 95 -1.59 17.14 -4.20
CA ARG A 95 -1.93 17.98 -5.40
C ARG A 95 -3.44 18.15 -5.50
N ASP A 96 -3.94 19.33 -5.24
CA ASP A 96 -5.41 19.56 -5.33
C ASP A 96 -5.69 20.97 -5.87
N GLY A 97 -6.08 21.06 -7.12
CA GLY A 97 -6.37 22.40 -7.71
C GLY A 97 -5.41 22.66 -8.87
N THR A 98 -4.13 22.68 -8.60
CA THR A 98 -3.14 22.94 -9.69
C THR A 98 -2.05 21.86 -9.69
N ARG A 99 -0.96 22.11 -9.01
CA ARG A 99 0.13 21.10 -8.97
C ARG A 99 1.33 21.64 -8.17
N GLY A 100 2.29 20.81 -7.88
CA GLY A 100 3.46 21.28 -7.10
C GLY A 100 3.03 21.63 -5.67
N CYS A 101 3.89 21.40 -4.71
CA CYS A 101 3.55 21.73 -3.29
C CYS A 101 2.06 21.50 -3.02
N GLY A 1 -19.84 3.66 -28.02
CA GLY A 1 -20.95 3.72 -27.03
C GLY A 1 -20.38 3.45 -25.63
N SER A 2 -20.77 4.23 -24.66
CA SER A 2 -20.24 4.01 -23.27
C SER A 2 -21.22 4.61 -22.26
N HIS A 3 -22.37 4.02 -22.10
CA HIS A 3 -23.36 4.56 -21.12
C HIS A 3 -23.31 3.75 -19.82
N MET A 4 -23.79 2.54 -19.86
CA MET A 4 -23.77 1.70 -18.62
C MET A 4 -24.29 2.51 -17.43
N LEU A 5 -23.96 2.09 -16.23
CA LEU A 5 -24.44 2.83 -15.02
C LEU A 5 -23.24 3.38 -14.23
N GLU A 6 -22.23 3.84 -14.91
CA GLU A 6 -21.03 4.39 -14.20
C GLU A 6 -21.45 5.57 -13.31
N ASP A 7 -21.47 5.38 -12.02
CA ASP A 7 -21.86 6.50 -11.11
C ASP A 7 -20.95 6.51 -9.87
N PRO A 8 -20.74 7.69 -9.36
CA PRO A 8 -19.88 7.85 -8.17
C PRO A 8 -20.59 7.33 -6.92
N VAL A 9 -20.57 6.05 -6.74
CA VAL A 9 -21.24 5.44 -5.56
C VAL A 9 -20.24 5.20 -4.43
N GLU A 10 -19.42 6.18 -4.14
CA GLU A 10 -18.42 6.01 -3.04
C GLU A 10 -18.28 7.29 -2.22
N GLY A 11 -18.23 7.17 -0.93
CA GLY A 11 -18.11 8.38 -0.07
C GLY A 11 -16.87 8.25 0.82
N SER A 12 -15.78 7.78 0.28
CA SER A 12 -14.55 7.62 1.09
C SER A 12 -14.80 6.69 2.27
N GLU A 13 -14.73 5.40 2.04
CA GLU A 13 -14.98 4.43 3.15
C GLU A 13 -13.66 4.00 3.77
N SER A 14 -12.69 4.86 3.73
CA SER A 14 -11.37 4.55 4.32
C SER A 14 -11.54 3.79 5.65
N THR A 15 -10.69 2.82 5.90
CA THR A 15 -10.81 2.05 7.17
C THR A 15 -9.58 2.29 8.05
N THR A 16 -8.51 2.73 7.45
CA THR A 16 -7.27 2.97 8.24
C THR A 16 -6.79 4.41 8.06
N PRO A 17 -6.09 4.89 9.04
CA PRO A 17 -5.56 6.27 9.01
C PRO A 17 -4.28 6.33 8.17
N PHE A 18 -3.60 5.22 8.00
CA PHE A 18 -2.35 5.24 7.21
C PHE A 18 -2.56 4.56 5.85
N ASN A 19 -2.49 5.32 4.79
CA ASN A 19 -2.67 4.75 3.42
C ASN A 19 -1.65 5.37 2.48
N LEU A 20 -1.25 4.65 1.47
CA LEU A 20 -0.26 5.20 0.51
C LEU A 20 -0.17 4.31 -0.73
N PHE A 21 0.66 4.67 -1.65
CA PHE A 21 0.80 3.88 -2.89
C PHE A 21 2.14 3.16 -2.89
N ILE A 22 2.22 2.06 -3.61
CA ILE A 22 3.50 1.30 -3.66
C ILE A 22 3.72 0.77 -5.06
N GLY A 23 4.95 0.64 -5.48
CA GLY A 23 5.21 0.13 -6.84
C GLY A 23 6.30 -0.93 -6.82
N ASN A 24 6.79 -1.33 -7.96
CA ASN A 24 7.86 -2.36 -8.02
C ASN A 24 7.28 -3.73 -7.69
N LEU A 25 6.03 -3.95 -8.00
CA LEU A 25 5.40 -5.26 -7.71
C LEU A 25 5.75 -6.28 -8.81
N ASN A 26 6.24 -7.41 -8.43
CA ASN A 26 6.60 -8.45 -9.43
C ASN A 26 5.56 -8.50 -10.55
N PRO A 27 5.90 -7.88 -11.65
CA PRO A 27 4.97 -7.84 -12.81
C PRO A 27 4.95 -9.20 -13.52
N ASN A 28 5.92 -10.03 -13.25
CA ASN A 28 5.94 -11.38 -13.91
C ASN A 28 5.05 -12.36 -13.14
N LYS A 29 4.65 -11.99 -11.95
CA LYS A 29 3.79 -12.90 -11.15
C LYS A 29 2.39 -12.29 -11.01
N SER A 30 1.67 -12.68 -10.00
CA SER A 30 0.30 -12.12 -9.81
C SER A 30 0.28 -11.09 -8.69
N VAL A 31 -0.60 -10.15 -8.76
CA VAL A 31 -0.67 -9.12 -7.68
C VAL A 31 -1.15 -9.77 -6.39
N ALA A 32 -1.93 -10.81 -6.49
CA ALA A 32 -2.43 -11.49 -5.27
C ALA A 32 -1.23 -12.05 -4.49
N GLU A 33 -0.30 -12.65 -5.18
CA GLU A 33 0.90 -13.20 -4.51
C GLU A 33 1.76 -12.04 -3.99
N LEU A 34 1.75 -10.93 -4.67
CA LEU A 34 2.55 -9.77 -4.22
C LEU A 34 1.96 -9.24 -2.91
N LYS A 35 0.66 -9.32 -2.77
CA LYS A 35 0.02 -8.83 -1.52
C LYS A 35 0.45 -9.71 -0.36
N VAL A 36 0.30 -11.00 -0.50
CA VAL A 36 0.71 -11.93 0.60
C VAL A 36 2.18 -11.71 0.94
N ALA A 37 3.01 -11.50 -0.04
CA ALA A 37 4.45 -11.28 0.27
C ALA A 37 4.59 -10.03 1.12
N ILE A 38 3.76 -9.06 0.89
CA ILE A 38 3.83 -7.82 1.71
C ILE A 38 3.07 -8.04 3.03
N SER A 39 2.09 -8.90 3.01
CA SER A 39 1.32 -9.16 4.26
C SER A 39 2.13 -10.11 5.15
N GLU A 40 2.95 -10.92 4.56
CA GLU A 40 3.77 -11.87 5.35
C GLU A 40 5.03 -11.15 5.84
N LEU A 41 5.58 -10.31 5.02
CA LEU A 41 6.79 -9.56 5.43
C LEU A 41 6.41 -8.62 6.57
N PHE A 42 5.21 -8.10 6.53
CA PHE A 42 4.77 -7.20 7.62
C PHE A 42 4.22 -8.03 8.77
N ALA A 43 3.83 -9.25 8.48
CA ALA A 43 3.30 -10.14 9.56
C ALA A 43 4.45 -10.69 10.39
N LYS A 44 5.57 -10.93 9.76
CA LYS A 44 6.74 -11.47 10.51
C LYS A 44 7.55 -10.32 11.11
N ASN A 45 7.41 -9.14 10.55
CA ASN A 45 8.15 -7.98 11.08
C ASN A 45 7.38 -7.36 12.26
N ASP A 46 6.09 -7.64 12.34
CA ASP A 46 5.22 -7.09 13.41
C ASP A 46 4.66 -5.77 12.95
N LEU A 47 4.52 -5.64 11.66
CA LEU A 47 3.96 -4.39 11.08
C LEU A 47 2.45 -4.38 11.31
N ALA A 48 1.70 -3.87 10.38
CA ALA A 48 0.22 -3.84 10.55
C ALA A 48 -0.47 -3.56 9.22
N VAL A 49 -0.26 -4.43 8.27
CA VAL A 49 -0.89 -4.25 6.95
C VAL A 49 -2.40 -4.39 7.06
N VAL A 50 -3.11 -3.35 6.78
CA VAL A 50 -4.60 -3.39 6.88
C VAL A 50 -5.21 -3.60 5.50
N ASP A 51 -4.65 -2.99 4.49
CA ASP A 51 -5.20 -3.16 3.11
C ASP A 51 -4.08 -3.19 2.09
N VAL A 52 -4.30 -3.83 0.96
CA VAL A 52 -3.26 -3.89 -0.09
C VAL A 52 -3.91 -4.09 -1.46
N ARG A 53 -3.95 -3.07 -2.27
CA ARG A 53 -4.58 -3.21 -3.62
C ARG A 53 -3.53 -3.14 -4.72
N THR A 54 -3.90 -3.49 -5.92
CA THR A 54 -2.94 -3.45 -7.04
C THR A 54 -2.79 -2.02 -7.58
N GLY A 55 -1.73 -1.75 -8.27
CA GLY A 55 -1.53 -0.38 -8.82
C GLY A 55 -1.16 -0.48 -10.30
N THR A 56 -1.95 0.10 -11.16
CA THR A 56 -1.64 0.03 -12.63
C THR A 56 -1.86 -1.40 -13.15
N ASN A 57 -1.39 -1.69 -14.32
CA ASN A 57 -1.58 -3.05 -14.90
C ASN A 57 -1.31 -4.11 -13.82
N ARG A 58 -0.07 -4.37 -13.52
CA ARG A 58 0.25 -5.40 -12.48
C ARG A 58 1.69 -5.21 -11.98
N LYS A 59 2.20 -4.01 -12.03
CA LYS A 59 3.59 -3.77 -11.56
C LYS A 59 3.58 -2.82 -10.36
N PHE A 60 2.43 -2.29 -10.03
CA PHE A 60 2.34 -1.35 -8.87
C PHE A 60 1.35 -1.89 -7.83
N GLY A 61 1.04 -1.12 -6.82
CA GLY A 61 0.08 -1.61 -5.79
C GLY A 61 -0.03 -0.62 -4.63
N TYR A 62 -1.20 -0.51 -4.05
CA TYR A 62 -1.38 0.44 -2.90
C TYR A 62 -1.55 -0.36 -1.62
N VAL A 63 -1.31 0.26 -0.49
CA VAL A 63 -1.41 -0.49 0.78
C VAL A 63 -1.77 0.45 1.94
N ASP A 64 -2.58 -0.01 2.84
CA ASP A 64 -2.97 0.84 4.00
C ASP A 64 -2.38 0.25 5.28
N PHE A 65 -1.97 1.09 6.19
CA PHE A 65 -1.36 0.58 7.45
C PHE A 65 -2.32 0.76 8.63
N GLU A 66 -1.94 0.30 9.79
CA GLU A 66 -2.85 0.43 10.98
C GLU A 66 -2.23 1.31 12.06
N SER A 67 -1.17 2.00 11.76
CA SER A 67 -0.55 2.87 12.80
C SER A 67 0.57 3.73 12.24
N ALA A 68 1.08 4.60 13.06
CA ALA A 68 2.20 5.47 12.65
C ALA A 68 3.47 4.65 12.73
N GLU A 69 3.43 3.63 13.54
CA GLU A 69 4.60 2.75 13.70
C GLU A 69 4.60 1.70 12.58
N ASP A 70 3.45 1.42 12.05
CA ASP A 70 3.36 0.44 10.94
C ASP A 70 3.72 1.18 9.66
N LEU A 71 3.47 2.46 9.65
CA LEU A 71 3.80 3.27 8.46
C LEU A 71 5.28 3.62 8.49
N GLU A 72 5.82 3.82 9.66
CA GLU A 72 7.26 4.15 9.78
C GLU A 72 8.11 2.91 9.48
N LYS A 73 7.62 1.75 9.82
CA LYS A 73 8.38 0.52 9.51
C LYS A 73 8.19 0.23 8.05
N ALA A 74 7.05 0.61 7.53
CA ALA A 74 6.78 0.39 6.09
C ALA A 74 7.75 1.24 5.27
N LEU A 75 8.13 2.37 5.79
CA LEU A 75 9.10 3.23 5.06
C LEU A 75 10.47 2.58 5.10
N GLU A 76 10.87 2.12 6.26
CA GLU A 76 12.19 1.45 6.38
C GLU A 76 12.08 0.04 5.78
N LEU A 77 10.89 -0.46 5.67
CA LEU A 77 10.68 -1.83 5.10
C LEU A 77 10.95 -1.81 3.59
N THR A 78 11.22 -0.65 3.04
CA THR A 78 11.48 -0.55 1.58
C THR A 78 12.87 -1.10 1.24
N GLY A 79 13.56 -1.62 2.21
CA GLY A 79 14.91 -2.19 1.94
C GLY A 79 14.77 -3.66 1.50
N LEU A 80 13.58 -4.19 1.60
CA LEU A 80 13.35 -5.60 1.19
C LEU A 80 13.22 -5.72 -0.32
N LYS A 81 12.72 -6.83 -0.77
CA LYS A 81 12.53 -7.05 -2.23
C LYS A 81 11.33 -7.94 -2.45
N VAL A 82 10.26 -7.57 -1.85
CA VAL A 82 8.97 -8.32 -1.93
C VAL A 82 9.18 -9.72 -2.53
N PHE A 83 8.38 -10.12 -3.48
CA PHE A 83 8.57 -11.47 -4.08
C PHE A 83 9.87 -11.50 -4.90
N GLY A 84 10.53 -10.38 -5.01
CA GLY A 84 11.80 -10.32 -5.78
C GLY A 84 11.98 -8.89 -6.32
N ASN A 85 11.60 -7.91 -5.56
CA ASN A 85 11.74 -6.50 -6.02
C ASN A 85 11.45 -5.55 -4.85
N GLU A 86 12.41 -4.78 -4.44
CA GLU A 86 12.19 -3.85 -3.30
C GLU A 86 10.94 -3.01 -3.54
N ILE A 87 9.81 -3.50 -3.13
CA ILE A 87 8.56 -2.72 -3.32
C ILE A 87 8.78 -1.26 -2.92
N LYS A 88 8.32 -0.36 -3.73
CA LYS A 88 8.50 1.09 -3.41
C LYS A 88 7.19 1.67 -2.89
N LEU A 89 7.22 2.86 -2.38
CA LEU A 89 5.96 3.48 -1.86
C LEU A 89 5.68 4.81 -2.57
N GLU A 90 4.67 5.49 -2.14
CA GLU A 90 4.31 6.80 -2.77
C GLU A 90 3.35 7.58 -1.88
N LYS A 91 3.50 8.86 -1.81
CA LYS A 91 2.59 9.68 -0.95
C LYS A 91 1.53 10.37 -1.82
N PRO A 92 0.36 9.78 -1.83
CA PRO A 92 -0.76 10.34 -2.63
C PRO A 92 -1.29 11.62 -1.98
N LYS A 93 -2.36 12.16 -2.51
CA LYS A 93 -2.94 13.41 -1.93
C LYS A 93 -4.46 13.35 -1.95
N GLY A 94 -5.02 12.17 -2.01
CA GLY A 94 -6.51 12.04 -2.03
C GLY A 94 -7.07 12.90 -3.16
N ARG A 95 -6.30 13.13 -4.19
CA ARG A 95 -6.79 13.95 -5.32
C ARG A 95 -6.55 13.24 -6.65
N ASP A 96 -6.97 12.00 -6.76
CA ASP A 96 -6.76 11.25 -8.03
C ASP A 96 -5.27 11.18 -8.36
N GLY A 97 -4.88 10.25 -9.20
CA GLY A 97 -3.44 10.13 -9.55
C GLY A 97 -3.13 11.01 -10.77
N THR A 98 -3.65 10.64 -11.92
CA THR A 98 -3.39 11.47 -13.14
C THR A 98 -4.51 12.49 -13.34
N ARG A 99 -4.40 13.32 -14.33
CA ARG A 99 -5.45 14.34 -14.57
C ARG A 99 -5.99 14.22 -16.00
N GLY A 100 -7.15 14.74 -16.26
CA GLY A 100 -7.73 14.66 -17.64
C GLY A 100 -6.73 15.23 -18.64
N CYS A 101 -6.45 16.50 -18.57
CA CYS A 101 -5.49 17.11 -19.53
C CYS A 101 -4.37 17.83 -18.76
N GLY A 1 -29.63 20.60 24.86
CA GLY A 1 -28.31 21.26 24.68
C GLY A 1 -27.28 20.63 25.61
N SER A 2 -26.54 19.67 25.13
CA SER A 2 -25.52 19.01 26.00
C SER A 2 -24.21 18.83 25.23
N HIS A 3 -23.17 19.51 25.66
CA HIS A 3 -21.86 19.38 24.95
C HIS A 3 -20.72 19.30 25.96
N MET A 4 -20.82 18.41 26.92
CA MET A 4 -19.73 18.30 27.93
C MET A 4 -19.25 16.85 28.02
N LEU A 5 -18.57 16.49 29.08
CA LEU A 5 -18.08 15.09 29.23
C LEU A 5 -17.01 14.81 28.16
N GLU A 6 -17.39 14.83 26.91
CA GLU A 6 -16.40 14.55 25.83
C GLU A 6 -16.68 15.44 24.62
N ASP A 7 -16.00 15.22 23.53
CA ASP A 7 -16.22 16.05 22.31
C ASP A 7 -16.68 15.17 21.15
N PRO A 8 -17.23 15.81 20.16
CA PRO A 8 -17.72 15.09 18.96
C PRO A 8 -16.54 14.57 18.13
N VAL A 9 -16.77 14.35 16.89
CA VAL A 9 -15.68 13.84 16.00
C VAL A 9 -16.11 13.93 14.53
N GLU A 10 -15.21 14.29 13.65
CA GLU A 10 -15.56 14.40 12.22
C GLU A 10 -16.07 13.06 11.69
N GLY A 11 -16.02 12.86 10.40
CA GLY A 11 -16.51 11.57 9.83
C GLY A 11 -15.31 10.65 9.57
N SER A 12 -14.64 10.83 8.46
CA SER A 12 -13.47 9.96 8.16
C SER A 12 -13.87 8.49 8.16
N GLU A 13 -14.37 8.01 7.06
CA GLU A 13 -14.79 6.58 7.00
C GLU A 13 -13.82 5.77 6.13
N SER A 14 -12.61 6.22 6.07
CA SER A 14 -11.59 5.50 5.26
C SER A 14 -11.35 4.10 5.82
N THR A 15 -10.67 3.26 5.08
CA THR A 15 -10.40 1.88 5.59
C THR A 15 -9.27 1.91 6.61
N THR A 16 -8.64 3.04 6.80
CA THR A 16 -7.53 3.12 7.79
C THR A 16 -6.94 4.53 7.83
N PRO A 17 -6.23 4.81 8.88
CA PRO A 17 -5.60 6.13 9.06
C PRO A 17 -4.32 6.25 8.22
N PHE A 18 -3.58 5.19 8.09
CA PHE A 18 -2.31 5.26 7.30
C PHE A 18 -2.48 4.53 5.96
N ASN A 19 -2.46 5.27 4.87
CA ASN A 19 -2.59 4.64 3.53
C ASN A 19 -1.56 5.25 2.58
N LEU A 20 -1.03 4.49 1.68
CA LEU A 20 -0.02 5.05 0.74
C LEU A 20 0.03 4.23 -0.55
N PHE A 21 0.92 4.57 -1.43
CA PHE A 21 1.03 3.81 -2.72
C PHE A 21 2.32 3.00 -2.74
N ILE A 22 2.39 2.00 -3.57
CA ILE A 22 3.62 1.17 -3.65
C ILE A 22 3.94 0.87 -5.11
N GLY A 23 5.16 0.52 -5.40
CA GLY A 23 5.54 0.22 -6.80
C GLY A 23 6.63 -0.85 -6.83
N ASN A 24 7.03 -1.28 -7.99
CA ASN A 24 8.10 -2.32 -8.08
C ASN A 24 7.62 -3.62 -7.41
N LEU A 25 6.53 -4.16 -7.87
CA LEU A 25 6.02 -5.43 -7.27
C LEU A 25 6.61 -6.64 -8.00
N ASN A 26 5.95 -7.10 -9.02
CA ASN A 26 6.46 -8.28 -9.78
C ASN A 26 5.51 -8.62 -10.93
N PRO A 27 5.78 -8.05 -12.07
CA PRO A 27 4.94 -8.30 -13.27
C PRO A 27 5.17 -9.70 -13.80
N ASN A 28 6.20 -10.37 -13.35
CA ASN A 28 6.47 -11.75 -13.84
C ASN A 28 5.62 -12.74 -13.06
N LYS A 29 5.06 -12.32 -11.96
CA LYS A 29 4.21 -13.24 -11.15
C LYS A 29 2.77 -12.73 -11.12
N SER A 30 2.02 -13.10 -10.12
CA SER A 30 0.61 -12.64 -10.03
C SER A 30 0.49 -11.46 -9.07
N VAL A 31 -0.40 -10.56 -9.31
CA VAL A 31 -0.56 -9.41 -8.40
C VAL A 31 -1.13 -9.89 -7.06
N ALA A 32 -1.87 -10.97 -7.09
CA ALA A 32 -2.44 -11.51 -5.81
C ALA A 32 -1.29 -12.01 -4.94
N GLU A 33 -0.33 -12.65 -5.53
CA GLU A 33 0.83 -13.16 -4.74
C GLU A 33 1.64 -11.97 -4.22
N LEU A 34 1.70 -10.90 -4.98
CA LEU A 34 2.45 -9.71 -4.53
C LEU A 34 1.77 -9.13 -3.30
N LYS A 35 0.47 -9.15 -3.28
CA LYS A 35 -0.27 -8.61 -2.10
C LYS A 35 0.13 -9.42 -0.86
N VAL A 36 0.06 -10.73 -0.96
CA VAL A 36 0.46 -11.58 0.19
C VAL A 36 1.92 -11.32 0.53
N ALA A 37 2.73 -11.07 -0.44
CA ALA A 37 4.16 -10.80 -0.15
C ALA A 37 4.24 -9.57 0.75
N ILE A 38 3.32 -8.67 0.60
CA ILE A 38 3.30 -7.46 1.46
C ILE A 38 2.67 -7.81 2.81
N SER A 39 1.73 -8.72 2.82
CA SER A 39 1.09 -9.09 4.11
C SER A 39 2.02 -10.04 4.87
N GLU A 40 2.89 -10.69 4.15
CA GLU A 40 3.84 -11.63 4.79
C GLU A 40 5.07 -10.85 5.25
N LEU A 41 5.49 -9.90 4.46
CA LEU A 41 6.67 -9.09 4.86
C LEU A 41 6.30 -8.26 6.08
N PHE A 42 5.07 -7.85 6.17
CA PHE A 42 4.63 -7.07 7.34
C PHE A 42 4.18 -8.03 8.44
N ALA A 43 3.86 -9.25 8.08
CA ALA A 43 3.44 -10.25 9.09
C ALA A 43 4.67 -10.84 9.77
N LYS A 44 5.77 -10.88 9.06
CA LYS A 44 7.02 -11.43 9.66
C LYS A 44 7.77 -10.31 10.37
N ASN A 45 7.44 -9.09 10.06
CA ASN A 45 8.13 -7.94 10.72
C ASN A 45 7.35 -7.51 11.98
N ASP A 46 6.08 -7.88 12.03
CA ASP A 46 5.20 -7.50 13.19
C ASP A 46 4.53 -6.17 12.88
N LEU A 47 4.31 -5.92 11.63
CA LEU A 47 3.66 -4.66 11.21
C LEU A 47 2.16 -4.75 11.53
N ALA A 48 1.34 -4.30 10.63
CA ALA A 48 -0.13 -4.35 10.87
C ALA A 48 -0.88 -3.91 9.62
N VAL A 49 -0.64 -4.59 8.53
CA VAL A 49 -1.31 -4.24 7.27
C VAL A 49 -2.81 -4.31 7.44
N VAL A 50 -3.47 -3.20 7.26
CA VAL A 50 -4.94 -3.15 7.41
C VAL A 50 -5.61 -3.27 6.04
N ASP A 51 -5.00 -2.75 5.02
CA ASP A 51 -5.61 -2.84 3.66
C ASP A 51 -4.53 -3.02 2.59
N VAL A 52 -4.87 -3.70 1.52
CA VAL A 52 -3.88 -3.92 0.43
C VAL A 52 -4.57 -3.75 -0.93
N ARG A 53 -3.85 -3.33 -1.93
CA ARG A 53 -4.48 -3.15 -3.28
C ARG A 53 -3.42 -3.26 -4.37
N THR A 54 -3.85 -3.45 -5.59
CA THR A 54 -2.89 -3.57 -6.72
C THR A 54 -2.66 -2.22 -7.39
N GLY A 55 -1.66 -2.13 -8.21
CA GLY A 55 -1.38 -0.83 -8.91
C GLY A 55 -1.30 -1.07 -10.42
N THR A 56 -2.19 -0.48 -11.18
CA THR A 56 -2.17 -0.67 -12.65
C THR A 56 -2.23 -2.15 -13.00
N ASN A 57 -1.86 -2.52 -14.19
CA ASN A 57 -1.90 -3.95 -14.59
C ASN A 57 -1.38 -4.83 -13.45
N ARG A 58 -0.09 -4.89 -13.29
CA ARG A 58 0.48 -5.74 -12.20
C ARG A 58 1.93 -5.34 -11.92
N LYS A 59 2.18 -4.07 -11.76
CA LYS A 59 3.58 -3.62 -11.48
C LYS A 59 3.63 -2.80 -10.19
N PHE A 60 2.53 -2.23 -9.80
CA PHE A 60 2.53 -1.41 -8.54
C PHE A 60 1.40 -1.88 -7.63
N GLY A 61 1.25 -1.27 -6.48
CA GLY A 61 0.16 -1.71 -5.57
C GLY A 61 -0.09 -0.64 -4.50
N TYR A 62 -1.21 -0.73 -3.82
CA TYR A 62 -1.52 0.27 -2.75
C TYR A 62 -1.71 -0.45 -1.42
N VAL A 63 -1.72 0.26 -0.32
CA VAL A 63 -1.89 -0.44 0.99
C VAL A 63 -2.24 0.53 2.11
N ASP A 64 -2.62 0.01 3.23
CA ASP A 64 -2.96 0.86 4.39
C ASP A 64 -2.38 0.24 5.66
N PHE A 65 -1.91 1.06 6.56
CA PHE A 65 -1.30 0.54 7.82
C PHE A 65 -2.26 0.73 8.99
N GLU A 66 -1.85 0.35 10.17
CA GLU A 66 -2.74 0.49 11.36
C GLU A 66 -2.12 1.42 12.41
N SER A 67 -1.15 2.20 12.03
CA SER A 67 -0.52 3.12 13.04
C SER A 67 0.62 3.93 12.43
N ALA A 68 1.16 4.79 13.23
CA ALA A 68 2.32 5.61 12.80
C ALA A 68 3.54 4.72 12.81
N GLU A 69 3.47 3.71 13.61
CA GLU A 69 4.59 2.76 13.73
C GLU A 69 4.58 1.81 12.53
N ASP A 70 3.42 1.56 11.98
CA ASP A 70 3.36 0.69 10.78
C ASP A 70 3.77 1.53 9.59
N LEU A 71 3.53 2.82 9.69
CA LEU A 71 3.92 3.71 8.58
C LEU A 71 5.44 3.94 8.63
N GLU A 72 5.98 4.02 9.82
CA GLU A 72 7.45 4.23 9.96
C GLU A 72 8.19 2.98 9.49
N LYS A 73 7.60 1.83 9.69
CA LYS A 73 8.26 0.58 9.23
C LYS A 73 8.05 0.50 7.73
N ALA A 74 6.97 1.07 7.27
CA ALA A 74 6.70 1.07 5.83
C ALA A 74 7.77 1.90 5.13
N LEU A 75 8.29 2.87 5.82
CA LEU A 75 9.37 3.71 5.23
C LEU A 75 10.65 2.89 5.20
N GLU A 76 10.94 2.19 6.27
CA GLU A 76 12.16 1.36 6.31
C GLU A 76 11.95 0.12 5.41
N LEU A 77 10.75 -0.05 4.90
CA LEU A 77 10.48 -1.22 4.02
C LEU A 77 11.12 -1.03 2.65
N THR A 78 11.88 0.03 2.47
CA THR A 78 12.52 0.27 1.15
C THR A 78 13.75 -0.63 0.99
N GLY A 79 13.96 -1.51 1.91
CA GLY A 79 15.14 -2.42 1.83
C GLY A 79 14.65 -3.88 1.74
N LEU A 80 13.42 -4.08 1.36
CA LEU A 80 12.90 -5.47 1.26
C LEU A 80 12.33 -5.75 -0.13
N LYS A 81 12.86 -6.76 -0.76
CA LYS A 81 12.35 -7.14 -2.11
C LYS A 81 11.28 -8.19 -1.94
N VAL A 82 10.10 -7.73 -1.79
CA VAL A 82 8.93 -8.62 -1.60
C VAL A 82 9.04 -9.90 -2.43
N PHE A 83 8.32 -9.99 -3.49
CA PHE A 83 8.37 -11.21 -4.34
C PHE A 83 9.57 -11.15 -5.30
N GLY A 84 10.55 -10.33 -5.00
CA GLY A 84 11.73 -10.24 -5.90
C GLY A 84 11.90 -8.80 -6.36
N ASN A 85 11.18 -7.88 -5.78
CA ASN A 85 11.32 -6.46 -6.19
C ASN A 85 11.14 -5.55 -4.97
N GLU A 86 12.15 -4.81 -4.62
CA GLU A 86 12.03 -3.91 -3.44
C GLU A 86 10.86 -2.96 -3.63
N ILE A 87 9.68 -3.41 -3.30
CA ILE A 87 8.48 -2.54 -3.46
C ILE A 87 8.77 -1.13 -2.97
N LYS A 88 8.53 -0.15 -3.79
CA LYS A 88 8.78 1.27 -3.39
C LYS A 88 7.46 1.94 -3.02
N LEU A 89 7.42 2.61 -1.91
CA LEU A 89 6.16 3.28 -1.51
C LEU A 89 6.28 4.80 -1.65
N GLU A 90 5.20 5.50 -1.47
CA GLU A 90 5.25 6.99 -1.59
C GLU A 90 3.97 7.60 -1.02
N LYS A 91 3.91 8.91 -0.95
CA LYS A 91 2.68 9.56 -0.40
C LYS A 91 1.81 10.07 -1.55
N PRO A 92 0.77 9.34 -1.82
CA PRO A 92 -0.16 9.71 -2.91
C PRO A 92 -1.05 10.89 -2.47
N LYS A 93 -1.76 11.46 -3.40
CA LYS A 93 -2.64 12.62 -3.06
C LYS A 93 -3.10 13.32 -4.34
N GLY A 94 -2.26 14.12 -4.93
CA GLY A 94 -2.65 14.83 -6.18
C GLY A 94 -1.44 15.58 -6.74
N ARG A 95 -0.28 14.98 -6.68
CA ARG A 95 0.94 15.66 -7.21
C ARG A 95 1.07 17.06 -6.58
N ASP A 96 2.00 17.84 -7.06
CA ASP A 96 2.18 19.21 -6.49
C ASP A 96 2.09 19.16 -4.96
N GLY A 97 3.16 18.87 -4.29
CA GLY A 97 3.13 18.82 -2.80
C GLY A 97 4.54 18.57 -2.28
N THR A 98 5.41 19.53 -2.41
CA THR A 98 6.81 19.35 -1.91
C THR A 98 7.06 20.30 -0.72
N ARG A 99 6.47 21.46 -0.73
CA ARG A 99 6.68 22.41 0.38
C ARG A 99 5.92 23.71 0.12
N GLY A 100 4.89 23.97 0.87
CA GLY A 100 4.11 25.22 0.66
C GLY A 100 2.61 24.93 0.81
N CYS A 101 1.93 25.69 1.62
CA CYS A 101 0.46 25.45 1.80
C CYS A 101 0.19 23.95 1.98
N GLY A 1 -18.83 -2.27 23.07
CA GLY A 1 -20.13 -1.80 22.52
C GLY A 1 -20.88 -2.98 21.88
N SER A 2 -21.16 -2.90 20.62
CA SER A 2 -21.89 -4.03 19.95
C SER A 2 -20.90 -5.01 19.33
N HIS A 3 -19.68 -5.04 19.82
CA HIS A 3 -18.68 -5.98 19.25
C HIS A 3 -18.36 -5.60 17.80
N MET A 4 -17.90 -6.54 17.03
CA MET A 4 -17.57 -6.24 15.60
C MET A 4 -16.64 -5.04 15.51
N LEU A 5 -16.12 -4.78 14.34
CA LEU A 5 -15.19 -3.61 14.19
C LEU A 5 -15.72 -2.65 13.12
N GLU A 6 -16.35 -3.17 12.11
CA GLU A 6 -16.89 -2.28 11.04
C GLU A 6 -17.62 -3.12 9.97
N ASP A 7 -17.87 -2.55 8.83
CA ASP A 7 -18.57 -3.32 7.76
C ASP A 7 -18.91 -2.39 6.59
N PRO A 8 -19.67 -1.37 6.88
CA PRO A 8 -20.08 -0.39 5.85
C PRO A 8 -18.89 0.46 5.45
N VAL A 9 -18.07 -0.06 4.58
CA VAL A 9 -16.88 0.68 4.11
C VAL A 9 -17.31 1.93 3.33
N GLU A 10 -16.50 2.35 2.41
CA GLU A 10 -16.84 3.56 1.61
C GLU A 10 -16.64 3.28 0.12
N GLY A 11 -16.37 4.31 -0.65
CA GLY A 11 -16.16 4.10 -2.11
C GLY A 11 -14.68 3.89 -2.40
N SER A 12 -14.04 3.02 -1.66
CA SER A 12 -12.59 2.77 -1.89
C SER A 12 -12.10 1.65 -0.97
N GLU A 13 -11.48 1.99 0.13
CA GLU A 13 -10.98 0.93 1.05
C GLU A 13 -10.16 1.55 2.19
N SER A 14 -10.51 2.73 2.56
CA SER A 14 -9.79 3.42 3.67
C SER A 14 -9.90 2.63 4.97
N THR A 15 -10.54 3.19 5.96
CA THR A 15 -10.70 2.50 7.28
C THR A 15 -9.42 2.64 8.11
N THR A 16 -8.39 3.18 7.53
CA THR A 16 -7.11 3.36 8.27
C THR A 16 -6.60 4.79 8.12
N PRO A 17 -5.85 5.22 9.10
CA PRO A 17 -5.29 6.59 9.10
C PRO A 17 -4.04 6.66 8.21
N PHE A 18 -3.39 5.55 7.99
CA PHE A 18 -2.16 5.57 7.15
C PHE A 18 -2.37 4.83 5.83
N ASN A 19 -2.45 5.54 4.75
CA ASN A 19 -2.64 4.89 3.42
C ASN A 19 -1.73 5.58 2.39
N LEU A 20 -1.28 4.86 1.41
CA LEU A 20 -0.38 5.48 0.40
C LEU A 20 -0.30 4.59 -0.84
N PHE A 21 0.32 5.08 -1.88
CA PHE A 21 0.44 4.28 -3.11
C PHE A 21 1.73 3.46 -3.06
N ILE A 22 1.82 2.42 -3.84
CA ILE A 22 3.06 1.60 -3.81
C ILE A 22 3.32 1.02 -5.20
N GLY A 23 4.52 0.58 -5.45
CA GLY A 23 4.82 0.00 -6.79
C GLY A 23 6.07 -0.87 -6.73
N ASN A 24 6.69 -1.10 -7.85
CA ASN A 24 7.91 -1.96 -7.86
C ASN A 24 7.56 -3.40 -7.49
N LEU A 25 6.64 -3.99 -8.20
CA LEU A 25 6.25 -5.39 -7.89
C LEU A 25 6.85 -6.35 -8.92
N ASN A 26 6.08 -7.26 -9.44
CA ASN A 26 6.62 -8.22 -10.44
C ASN A 26 5.57 -8.52 -11.51
N PRO A 27 5.83 -8.02 -12.70
CA PRO A 27 4.90 -8.23 -13.83
C PRO A 27 5.00 -9.67 -14.36
N ASN A 28 5.81 -10.48 -13.75
CA ASN A 28 5.94 -11.90 -14.21
C ASN A 28 5.39 -12.83 -13.13
N LYS A 29 4.60 -12.30 -12.25
CA LYS A 29 4.02 -13.12 -11.15
C LYS A 29 2.56 -12.73 -10.93
N SER A 30 2.02 -13.02 -9.79
CA SER A 30 0.60 -12.65 -9.51
C SER A 30 0.55 -11.48 -8.54
N VAL A 31 -0.36 -10.57 -8.72
CA VAL A 31 -0.45 -9.43 -7.79
C VAL A 31 -0.92 -9.92 -6.42
N ALA A 32 -1.74 -10.93 -6.39
CA ALA A 32 -2.21 -11.48 -5.09
C ALA A 32 -1.01 -12.01 -4.31
N GLU A 33 0.00 -12.43 -5.00
CA GLU A 33 1.22 -12.96 -4.31
C GLU A 33 2.05 -11.79 -3.79
N LEU A 34 2.20 -10.75 -4.57
CA LEU A 34 2.98 -9.58 -4.11
C LEU A 34 2.31 -8.98 -2.89
N LYS A 35 1.00 -8.97 -2.88
CA LYS A 35 0.26 -8.41 -1.72
C LYS A 35 0.57 -9.24 -0.47
N VAL A 36 0.40 -10.53 -0.56
CA VAL A 36 0.70 -11.39 0.63
C VAL A 36 2.18 -11.29 0.95
N ALA A 37 3.00 -11.02 -0.01
CA ALA A 37 4.45 -10.89 0.26
C ALA A 37 4.67 -9.70 1.18
N ILE A 38 3.87 -8.68 1.02
CA ILE A 38 4.01 -7.49 1.90
C ILE A 38 3.23 -7.73 3.19
N SER A 39 2.24 -8.59 3.15
CA SER A 39 1.47 -8.88 4.39
C SER A 39 2.24 -9.89 5.23
N GLU A 40 3.01 -10.71 4.59
CA GLU A 40 3.81 -11.72 5.35
C GLU A 40 5.08 -11.06 5.87
N LEU A 41 5.65 -10.19 5.09
CA LEU A 41 6.88 -9.50 5.53
C LEU A 41 6.55 -8.53 6.64
N PHE A 42 5.35 -7.99 6.63
CA PHE A 42 4.94 -7.06 7.70
C PHE A 42 4.26 -7.83 8.82
N ALA A 43 3.88 -9.05 8.57
CA ALA A 43 3.21 -9.86 9.62
C ALA A 43 4.25 -10.67 10.39
N LYS A 44 5.34 -11.01 9.74
CA LYS A 44 6.41 -11.79 10.43
C LYS A 44 7.41 -10.82 11.03
N ASN A 45 7.45 -9.61 10.54
CA ASN A 45 8.39 -8.61 11.07
C ASN A 45 7.84 -8.02 12.36
N ASP A 46 6.67 -7.41 12.26
CA ASP A 46 5.98 -6.80 13.43
C ASP A 46 5.19 -5.57 12.98
N LEU A 47 4.69 -5.57 11.77
CA LEU A 47 3.92 -4.41 11.27
C LEU A 47 2.42 -4.69 11.41
N ALA A 48 1.62 -4.02 10.65
CA ALA A 48 0.15 -4.25 10.73
C ALA A 48 -0.53 -3.81 9.43
N VAL A 49 -0.21 -4.46 8.35
CA VAL A 49 -0.82 -4.11 7.05
C VAL A 49 -2.33 -4.23 7.14
N VAL A 50 -3.00 -3.14 6.96
CA VAL A 50 -4.49 -3.15 7.04
C VAL A 50 -5.09 -3.43 5.66
N ASP A 51 -4.59 -2.80 4.64
CA ASP A 51 -5.15 -3.04 3.27
C ASP A 51 -4.02 -3.08 2.22
N VAL A 52 -4.24 -3.78 1.15
CA VAL A 52 -3.20 -3.87 0.08
C VAL A 52 -3.89 -4.13 -1.27
N ARG A 53 -3.97 -3.12 -2.10
CA ARG A 53 -4.62 -3.32 -3.42
C ARG A 53 -3.59 -3.32 -4.54
N THR A 54 -3.97 -3.72 -5.72
CA THR A 54 -3.02 -3.75 -6.86
C THR A 54 -2.95 -2.38 -7.53
N GLY A 55 -1.94 -2.15 -8.31
CA GLY A 55 -1.81 -0.84 -9.01
C GLY A 55 -1.36 -1.09 -10.45
N THR A 56 -1.92 -0.40 -11.39
CA THR A 56 -1.53 -0.61 -12.82
C THR A 56 -1.80 -2.05 -13.23
N ASN A 57 -1.57 -2.39 -14.47
CA ASN A 57 -1.82 -3.79 -14.94
C ASN A 57 -1.35 -4.79 -13.88
N ARG A 58 -0.08 -4.77 -13.55
CA ARG A 58 0.43 -5.73 -12.54
C ARG A 58 1.84 -5.33 -12.09
N LYS A 59 2.12 -4.05 -12.02
CA LYS A 59 3.47 -3.61 -11.59
C LYS A 59 3.37 -2.60 -10.44
N PHE A 60 2.18 -2.13 -10.15
CA PHE A 60 2.03 -1.16 -9.03
C PHE A 60 1.05 -1.70 -7.99
N GLY A 61 0.81 -0.97 -6.94
CA GLY A 61 -0.14 -1.45 -5.89
C GLY A 61 -0.26 -0.41 -4.76
N TYR A 62 -1.28 -0.53 -3.95
CA TYR A 62 -1.47 0.44 -2.82
C TYR A 62 -1.61 -0.32 -1.51
N VAL A 63 -1.33 0.32 -0.41
CA VAL A 63 -1.43 -0.39 0.89
C VAL A 63 -1.76 0.58 2.02
N ASP A 64 -2.52 0.14 2.98
CA ASP A 64 -2.88 1.03 4.12
C ASP A 64 -2.30 0.46 5.41
N PHE A 65 -1.87 1.30 6.31
CA PHE A 65 -1.29 0.80 7.59
C PHE A 65 -2.27 1.04 8.75
N GLU A 66 -1.92 0.59 9.92
CA GLU A 66 -2.85 0.77 11.08
C GLU A 66 -2.27 1.74 12.12
N SER A 67 -1.25 2.48 11.77
CA SER A 67 -0.67 3.44 12.75
C SER A 67 0.54 4.16 12.20
N ALA A 68 1.07 5.05 13.00
CA ALA A 68 2.29 5.79 12.60
C ALA A 68 3.46 4.85 12.76
N GLU A 69 3.28 3.87 13.60
CA GLU A 69 4.34 2.88 13.86
C GLU A 69 4.36 1.85 12.73
N ASP A 70 3.25 1.65 12.07
CA ASP A 70 3.22 0.69 10.95
C ASP A 70 3.71 1.42 9.71
N LEU A 71 3.52 2.70 9.68
CA LEU A 71 3.99 3.50 8.52
C LEU A 71 5.50 3.73 8.62
N GLU A 72 6.00 3.88 9.83
CA GLU A 72 7.46 4.12 9.99
C GLU A 72 8.23 2.80 9.77
N LYS A 73 7.68 1.71 10.23
CA LYS A 73 8.34 0.40 10.02
C LYS A 73 8.05 -0.05 8.60
N ALA A 74 7.03 0.54 8.01
CA ALA A 74 6.69 0.18 6.62
C ALA A 74 7.62 0.90 5.66
N LEU A 75 8.13 2.03 6.05
CA LEU A 75 9.06 2.79 5.19
C LEU A 75 10.46 2.16 5.28
N GLU A 76 10.89 1.84 6.46
CA GLU A 76 12.23 1.21 6.62
C GLU A 76 12.16 -0.22 6.09
N LEU A 77 11.00 -0.80 6.08
CA LEU A 77 10.85 -2.19 5.57
C LEU A 77 11.19 -2.25 4.09
N THR A 78 11.24 -1.12 3.46
CA THR A 78 11.55 -1.06 2.00
C THR A 78 12.61 -2.09 1.64
N GLY A 79 13.44 -2.42 2.57
CA GLY A 79 14.50 -3.43 2.31
C GLY A 79 13.85 -4.69 1.73
N LEU A 80 12.60 -4.92 2.02
CA LEU A 80 11.92 -6.14 1.48
C LEU A 80 11.80 -6.07 -0.04
N LYS A 81 12.16 -7.13 -0.70
CA LYS A 81 12.06 -7.15 -2.19
C LYS A 81 10.96 -8.09 -2.61
N VAL A 82 9.78 -7.61 -2.56
CA VAL A 82 8.60 -8.44 -2.97
C VAL A 82 8.97 -9.27 -4.21
N PHE A 83 8.84 -10.56 -4.11
CA PHE A 83 9.20 -11.42 -5.28
C PHE A 83 10.51 -10.96 -5.91
N GLY A 84 11.35 -10.28 -5.18
CA GLY A 84 12.64 -9.82 -5.76
C GLY A 84 12.49 -8.40 -6.28
N ASN A 85 11.49 -7.69 -5.85
CA ASN A 85 11.30 -6.30 -6.33
C ASN A 85 11.02 -5.36 -5.14
N GLU A 86 12.05 -4.77 -4.60
CA GLU A 86 11.86 -3.85 -3.44
C GLU A 86 10.63 -2.97 -3.65
N ILE A 87 9.50 -3.40 -3.18
CA ILE A 87 8.26 -2.58 -3.34
C ILE A 87 8.55 -1.14 -2.95
N LYS A 88 7.99 -0.21 -3.66
CA LYS A 88 8.21 1.22 -3.34
C LYS A 88 6.89 1.88 -2.95
N LEU A 89 6.95 2.96 -2.23
CA LEU A 89 5.71 3.65 -1.81
C LEU A 89 5.74 5.12 -2.23
N GLU A 90 4.67 5.82 -2.02
CA GLU A 90 4.65 7.26 -2.41
C GLU A 90 3.35 7.91 -1.92
N LYS A 91 3.44 8.83 -1.01
CA LYS A 91 2.21 9.51 -0.50
C LYS A 91 1.41 10.11 -1.65
N PRO A 92 0.19 9.67 -1.78
CA PRO A 92 -0.69 10.18 -2.86
C PRO A 92 -1.15 11.61 -2.55
N LYS A 93 -1.93 12.19 -3.41
CA LYS A 93 -2.41 13.57 -3.17
C LYS A 93 -3.25 14.06 -4.34
N GLY A 94 -3.95 13.16 -5.00
CA GLY A 94 -4.79 13.58 -6.16
C GLY A 94 -5.84 14.57 -5.69
N ARG A 95 -6.25 14.47 -4.46
CA ARG A 95 -7.28 15.42 -3.93
C ARG A 95 -8.38 15.64 -4.96
N ASP A 96 -8.81 14.59 -5.61
CA ASP A 96 -9.89 14.74 -6.63
C ASP A 96 -11.25 14.89 -5.96
N GLY A 97 -12.22 15.41 -6.65
CA GLY A 97 -13.57 15.59 -6.04
C GLY A 97 -14.28 14.22 -5.98
N THR A 98 -14.95 13.95 -4.89
CA THR A 98 -15.66 12.64 -4.77
C THR A 98 -16.52 12.63 -3.50
N ARG A 99 -17.41 11.68 -3.39
CA ARG A 99 -18.27 11.60 -2.17
C ARG A 99 -17.50 10.97 -1.01
N GLY A 100 -17.50 9.67 -0.94
CA GLY A 100 -16.76 8.99 0.16
C GLY A 100 -17.11 9.65 1.49
N CYS A 101 -16.13 9.93 2.31
CA CYS A 101 -16.40 10.58 3.62
C CYS A 101 -15.81 11.99 3.63
N GLY A 1 -8.21 22.81 11.45
CA GLY A 1 -9.37 22.75 12.38
C GLY A 1 -10.67 22.89 11.59
N SER A 2 -11.13 24.09 11.38
CA SER A 2 -12.39 24.29 10.62
C SER A 2 -12.11 25.06 9.32
N HIS A 3 -13.10 25.24 8.50
CA HIS A 3 -12.88 25.98 7.22
C HIS A 3 -11.61 25.49 6.53
N MET A 4 -11.60 24.25 6.11
CA MET A 4 -10.39 23.70 5.42
C MET A 4 -10.64 23.60 3.91
N LEU A 5 -11.81 23.17 3.53
CA LEU A 5 -12.12 23.04 2.08
C LEU A 5 -13.57 23.44 1.80
N GLU A 6 -14.05 23.19 0.61
CA GLU A 6 -15.46 23.55 0.28
C GLU A 6 -15.96 22.69 -0.88
N ASP A 7 -16.97 21.90 -0.66
CA ASP A 7 -17.51 21.05 -1.76
C ASP A 7 -16.36 20.38 -2.52
N PRO A 8 -15.46 19.79 -1.78
CA PRO A 8 -14.30 19.12 -2.40
C PRO A 8 -14.74 17.84 -3.09
N VAL A 9 -13.82 16.94 -3.27
CA VAL A 9 -14.16 15.64 -3.94
C VAL A 9 -13.44 14.49 -3.24
N GLU A 10 -13.93 14.06 -2.11
CA GLU A 10 -13.27 12.94 -1.39
C GLU A 10 -11.87 13.35 -0.94
N GLY A 11 -11.42 12.80 0.15
CA GLY A 11 -10.05 13.17 0.65
C GLY A 11 -9.39 11.93 1.26
N SER A 12 -9.23 10.88 0.48
CA SER A 12 -8.58 9.66 1.03
C SER A 12 -9.43 9.07 2.17
N GLU A 13 -10.50 8.40 1.84
CA GLU A 13 -11.36 7.82 2.91
C GLU A 13 -10.92 6.39 3.20
N SER A 14 -9.68 6.11 3.00
CA SER A 14 -9.15 4.75 3.26
C SER A 14 -9.75 4.19 4.56
N THR A 15 -9.64 2.91 4.76
CA THR A 15 -10.19 2.29 6.00
C THR A 15 -9.29 2.60 7.19
N THR A 16 -8.06 2.89 6.93
CA THR A 16 -7.11 3.20 8.04
C THR A 16 -6.55 4.62 7.89
N PRO A 17 -5.99 5.12 8.95
CA PRO A 17 -5.42 6.48 8.95
C PRO A 17 -4.09 6.51 8.19
N PHE A 18 -3.39 5.40 8.16
CA PHE A 18 -2.08 5.38 7.42
C PHE A 18 -2.24 4.69 6.07
N ASN A 19 -2.10 5.42 5.01
CA ASN A 19 -2.25 4.82 3.65
C ASN A 19 -1.25 5.46 2.70
N LEU A 20 -0.83 4.74 1.69
CA LEU A 20 0.14 5.31 0.72
C LEU A 20 0.14 4.50 -0.58
N PHE A 21 1.00 4.84 -1.50
CA PHE A 21 1.04 4.10 -2.79
C PHE A 21 2.31 3.24 -2.88
N ILE A 22 2.31 2.27 -3.74
CA ILE A 22 3.52 1.39 -3.89
C ILE A 22 3.76 1.08 -5.36
N GLY A 23 4.96 0.70 -5.70
CA GLY A 23 5.27 0.40 -7.13
C GLY A 23 6.24 -0.78 -7.20
N ASN A 24 6.47 -1.30 -8.39
CA ASN A 24 7.40 -2.44 -8.53
C ASN A 24 6.82 -3.70 -7.86
N LEU A 25 5.80 -4.26 -8.46
CA LEU A 25 5.17 -5.47 -7.87
C LEU A 25 5.56 -6.72 -8.66
N ASN A 26 6.62 -6.64 -9.42
CA ASN A 26 7.05 -7.82 -10.22
C ASN A 26 5.91 -8.30 -11.13
N PRO A 27 5.99 -7.90 -12.37
CA PRO A 27 4.94 -8.30 -13.35
C PRO A 27 5.11 -9.77 -13.72
N ASN A 28 6.26 -10.34 -13.49
CA ASN A 28 6.48 -11.78 -13.83
C ASN A 28 5.81 -12.66 -12.79
N LYS A 29 5.54 -12.13 -11.63
CA LYS A 29 4.89 -12.95 -10.57
C LYS A 29 3.38 -12.66 -10.54
N SER A 30 2.77 -12.85 -9.42
CA SER A 30 1.30 -12.58 -9.33
C SER A 30 1.03 -11.40 -8.41
N VAL A 31 0.11 -10.55 -8.77
CA VAL A 31 -0.20 -9.41 -7.88
C VAL A 31 -0.85 -9.91 -6.61
N ALA A 32 -1.55 -11.01 -6.68
CA ALA A 32 -2.17 -11.57 -5.46
C ALA A 32 -1.07 -11.99 -4.50
N GLU A 33 0.00 -12.51 -5.03
CA GLU A 33 1.14 -12.93 -4.17
C GLU A 33 1.83 -11.67 -3.62
N LEU A 34 1.75 -10.59 -4.33
CA LEU A 34 2.37 -9.33 -3.86
C LEU A 34 1.67 -8.89 -2.57
N LYS A 35 0.37 -8.98 -2.54
CA LYS A 35 -0.38 -8.57 -1.33
C LYS A 35 -0.02 -9.50 -0.17
N VAL A 36 -0.17 -10.78 -0.35
CA VAL A 36 0.18 -11.73 0.75
C VAL A 36 1.67 -11.61 1.06
N ALA A 37 2.47 -11.29 0.08
CA ALA A 37 3.93 -11.14 0.34
C ALA A 37 4.15 -9.97 1.28
N ILE A 38 3.42 -8.91 1.09
CA ILE A 38 3.57 -7.74 1.98
C ILE A 38 2.81 -8.01 3.28
N SER A 39 1.83 -8.87 3.25
CA SER A 39 1.08 -9.19 4.50
C SER A 39 1.89 -10.18 5.33
N GLU A 40 2.61 -11.05 4.67
CA GLU A 40 3.43 -12.03 5.42
C GLU A 40 4.72 -11.38 5.89
N LEU A 41 5.28 -10.53 5.07
CA LEU A 41 6.54 -9.84 5.48
C LEU A 41 6.22 -8.86 6.61
N PHE A 42 5.04 -8.32 6.62
CA PHE A 42 4.67 -7.37 7.69
C PHE A 42 4.07 -8.14 8.87
N ALA A 43 3.68 -9.36 8.65
CA ALA A 43 3.10 -10.16 9.75
C ALA A 43 4.21 -10.93 10.47
N LYS A 44 5.27 -11.23 9.78
CA LYS A 44 6.39 -11.97 10.43
C LYS A 44 7.41 -10.96 10.97
N ASN A 45 7.37 -9.76 10.47
CA ASN A 45 8.31 -8.72 10.95
C ASN A 45 7.77 -8.10 12.23
N ASP A 46 6.59 -7.54 12.16
CA ASP A 46 5.91 -6.89 13.34
C ASP A 46 5.12 -5.67 12.86
N LEU A 47 4.61 -5.71 11.67
CA LEU A 47 3.84 -4.55 11.15
C LEU A 47 2.34 -4.82 11.29
N ALA A 48 1.54 -4.15 10.52
CA ALA A 48 0.07 -4.37 10.61
C ALA A 48 -0.60 -3.95 9.30
N VAL A 49 -0.26 -4.59 8.22
CA VAL A 49 -0.87 -4.25 6.92
C VAL A 49 -2.38 -4.40 6.99
N VAL A 50 -3.07 -3.33 6.84
CA VAL A 50 -4.57 -3.37 6.90
C VAL A 50 -5.14 -3.66 5.52
N ASP A 51 -4.64 -2.98 4.51
CA ASP A 51 -5.17 -3.23 3.13
C ASP A 51 -4.03 -3.14 2.10
N VAL A 52 -4.23 -3.71 0.95
CA VAL A 52 -3.17 -3.66 -0.10
C VAL A 52 -3.79 -3.92 -1.48
N ARG A 53 -4.01 -2.88 -2.24
CA ARG A 53 -4.61 -3.07 -3.59
C ARG A 53 -3.52 -3.10 -4.66
N THR A 54 -3.84 -3.56 -5.84
CA THR A 54 -2.82 -3.62 -6.91
C THR A 54 -2.76 -2.30 -7.67
N GLY A 55 -1.68 -2.03 -8.35
CA GLY A 55 -1.56 -0.75 -9.10
C GLY A 55 -1.32 -1.04 -10.58
N THR A 56 -2.20 -0.58 -11.43
CA THR A 56 -2.03 -0.82 -12.89
C THR A 56 -1.77 -2.30 -13.17
N ASN A 57 -2.78 -3.01 -13.62
CA ASN A 57 -2.60 -4.46 -13.91
C ASN A 57 -1.76 -5.14 -12.83
N ARG A 58 -0.47 -5.21 -13.02
CA ARG A 58 0.40 -5.87 -11.99
C ARG A 58 1.79 -5.22 -11.97
N LYS A 59 1.85 -3.93 -11.85
CA LYS A 59 3.18 -3.26 -11.83
C LYS A 59 3.33 -2.42 -10.56
N PHE A 60 2.24 -2.01 -9.98
CA PHE A 60 2.32 -1.19 -8.73
C PHE A 60 1.26 -1.66 -7.74
N GLY A 61 0.87 -0.83 -6.81
CA GLY A 61 -0.16 -1.26 -5.84
C GLY A 61 -0.25 -0.25 -4.70
N TYR A 62 -1.30 -0.33 -3.92
CA TYR A 62 -1.47 0.61 -2.77
C TYR A 62 -1.61 -0.19 -1.49
N VAL A 63 -1.35 0.41 -0.37
CA VAL A 63 -1.45 -0.34 0.90
C VAL A 63 -1.83 0.57 2.07
N ASP A 64 -2.61 0.08 2.99
CA ASP A 64 -3.03 0.91 4.15
C ASP A 64 -2.43 0.32 5.43
N PHE A 65 -1.97 1.16 6.32
CA PHE A 65 -1.38 0.66 7.60
C PHE A 65 -2.35 0.87 8.75
N GLU A 66 -2.03 0.37 9.90
CA GLU A 66 -2.96 0.50 11.06
C GLU A 66 -2.35 1.35 12.18
N SER A 67 -1.28 2.04 11.91
CA SER A 67 -0.66 2.87 13.00
C SER A 67 0.46 3.76 12.47
N ALA A 68 0.95 4.59 13.33
CA ALA A 68 2.07 5.49 12.96
C ALA A 68 3.35 4.67 13.04
N GLU A 69 3.29 3.64 13.83
CA GLU A 69 4.46 2.75 14.00
C GLU A 69 4.49 1.75 12.85
N ASP A 70 3.34 1.47 12.28
CA ASP A 70 3.28 0.54 11.14
C ASP A 70 3.63 1.32 9.88
N LEU A 71 3.39 2.61 9.93
CA LEU A 71 3.72 3.46 8.77
C LEU A 71 5.20 3.83 8.82
N GLU A 72 5.74 3.94 10.01
CA GLU A 72 7.17 4.28 10.16
C GLU A 72 8.03 3.05 9.80
N LYS A 73 7.56 1.88 10.11
CA LYS A 73 8.35 0.67 9.75
C LYS A 73 8.10 0.41 8.28
N ALA A 74 6.96 0.82 7.82
CA ALA A 74 6.65 0.64 6.38
C ALA A 74 7.55 1.59 5.57
N LEU A 75 7.96 2.67 6.18
CA LEU A 75 8.86 3.62 5.48
C LEU A 75 10.23 2.99 5.38
N GLU A 76 10.74 2.48 6.47
CA GLU A 76 12.07 1.82 6.43
C GLU A 76 11.93 0.45 5.75
N LEU A 77 10.72 0.06 5.44
CA LEU A 77 10.50 -1.25 4.77
C LEU A 77 10.88 -1.17 3.30
N THR A 78 11.44 -0.08 2.87
CA THR A 78 11.83 0.05 1.43
C THR A 78 12.95 -0.95 1.11
N GLY A 79 13.47 -1.59 2.10
CA GLY A 79 14.54 -2.60 1.87
C GLY A 79 13.90 -3.97 1.74
N LEU A 80 12.69 -4.02 1.25
CA LEU A 80 12.00 -5.34 1.10
C LEU A 80 11.77 -5.65 -0.37
N LYS A 81 12.36 -6.69 -0.83
CA LYS A 81 12.17 -7.08 -2.25
C LYS A 81 11.41 -8.37 -2.31
N VAL A 82 10.16 -8.20 -2.43
CA VAL A 82 9.21 -9.36 -2.51
C VAL A 82 9.73 -10.40 -3.50
N PHE A 83 9.05 -10.59 -4.58
CA PHE A 83 9.52 -11.59 -5.59
C PHE A 83 10.64 -10.96 -6.44
N GLY A 84 11.61 -10.34 -5.82
CA GLY A 84 12.71 -9.71 -6.60
C GLY A 84 12.25 -8.36 -7.12
N ASN A 85 11.32 -7.74 -6.44
CA ASN A 85 10.82 -6.41 -6.90
C ASN A 85 10.65 -5.48 -5.70
N GLU A 86 11.73 -4.97 -5.17
CA GLU A 86 11.63 -4.05 -4.01
C GLU A 86 10.49 -3.05 -4.23
N ILE A 87 9.36 -3.34 -3.67
CA ILE A 87 8.19 -2.44 -3.83
C ILE A 87 8.56 -1.01 -3.40
N LYS A 88 8.31 -0.05 -4.25
CA LYS A 88 8.65 1.36 -3.91
C LYS A 88 7.36 2.10 -3.53
N LEU A 89 7.36 2.77 -2.41
CA LEU A 89 6.14 3.50 -2.00
C LEU A 89 6.36 5.01 -2.08
N GLU A 90 5.32 5.78 -1.88
CA GLU A 90 5.45 7.26 -1.93
C GLU A 90 4.18 7.91 -1.37
N LYS A 91 4.24 9.19 -1.11
CA LYS A 91 3.04 9.90 -0.57
C LYS A 91 2.14 10.37 -1.72
N PRO A 92 1.00 9.73 -1.83
CA PRO A 92 0.03 10.09 -2.89
C PRO A 92 -0.65 11.42 -2.57
N LYS A 93 -1.64 11.78 -3.33
CA LYS A 93 -2.35 13.07 -3.07
C LYS A 93 -3.43 12.87 -2.01
N GLY A 94 -3.98 13.94 -1.50
CA GLY A 94 -5.04 13.81 -0.47
C GLY A 94 -4.43 14.03 0.92
N ARG A 95 -3.60 13.12 1.37
CA ARG A 95 -2.98 13.27 2.71
C ARG A 95 -1.86 14.33 2.66
N ASP A 96 -1.40 14.66 1.48
CA ASP A 96 -0.32 15.69 1.37
C ASP A 96 0.81 15.38 2.36
N GLY A 97 1.73 16.29 2.52
CA GLY A 97 2.86 16.04 3.46
C GLY A 97 2.35 16.11 4.90
N THR A 98 2.08 14.97 5.49
CA THR A 98 1.57 14.98 6.90
C THR A 98 2.34 15.99 7.74
N ARG A 99 3.37 15.56 8.42
CA ARG A 99 4.16 16.51 9.26
C ARG A 99 5.28 17.16 8.44
N GLY A 100 6.00 16.36 7.69
CA GLY A 100 7.10 16.93 6.86
C GLY A 100 8.44 16.70 7.57
N CYS A 101 9.52 17.10 6.95
CA CYS A 101 10.86 16.90 7.59
C CYS A 101 11.83 17.97 7.11
N GLY A 1 -25.23 -5.78 -1.53
CA GLY A 1 -24.31 -4.75 -2.09
C GLY A 1 -23.69 -3.93 -0.95
N SER A 2 -23.39 -2.69 -1.21
CA SER A 2 -22.78 -1.84 -0.13
C SER A 2 -23.33 -0.41 -0.23
N HIS A 3 -24.60 -0.24 0.00
CA HIS A 3 -25.19 1.13 -0.07
C HIS A 3 -26.41 1.23 0.84
N MET A 4 -26.30 0.73 2.04
CA MET A 4 -27.45 0.80 2.99
C MET A 4 -27.04 1.52 4.27
N LEU A 5 -25.90 2.16 4.26
CA LEU A 5 -25.45 2.89 5.48
C LEU A 5 -26.07 4.29 5.53
N GLU A 6 -26.51 4.72 6.68
CA GLU A 6 -27.13 6.07 6.78
C GLU A 6 -26.48 6.86 7.93
N ASP A 7 -25.21 7.13 7.83
CA ASP A 7 -24.53 7.89 8.92
C ASP A 7 -23.79 9.10 8.34
N PRO A 8 -24.46 10.22 8.34
CA PRO A 8 -23.88 11.47 7.81
C PRO A 8 -22.80 11.99 8.75
N VAL A 9 -21.64 11.42 8.67
CA VAL A 9 -20.53 11.87 9.55
C VAL A 9 -19.20 11.78 8.80
N GLU A 10 -19.03 12.55 7.76
CA GLU A 10 -17.77 12.51 6.98
C GLU A 10 -17.54 11.10 6.40
N GLY A 11 -16.79 11.00 5.35
CA GLY A 11 -16.53 9.67 4.74
C GLY A 11 -15.32 9.75 3.81
N SER A 12 -14.22 10.24 4.30
CA SER A 12 -13.00 10.35 3.44
C SER A 12 -11.75 10.02 4.27
N GLU A 13 -11.43 8.77 4.39
CA GLU A 13 -10.22 8.39 5.19
C GLU A 13 -9.94 6.90 5.01
N SER A 14 -10.30 6.37 3.89
CA SER A 14 -10.06 4.92 3.62
C SER A 14 -10.49 4.08 4.82
N THR A 15 -10.25 2.80 4.77
CA THR A 15 -10.64 1.93 5.91
C THR A 15 -9.67 2.13 7.08
N THR A 16 -8.57 2.75 6.81
CA THR A 16 -7.57 2.98 7.89
C THR A 16 -7.03 4.41 7.83
N PRO A 17 -6.40 4.81 8.91
CA PRO A 17 -5.82 6.17 9.00
C PRO A 17 -4.52 6.26 8.20
N PHE A 18 -3.72 5.23 8.23
CA PHE A 18 -2.44 5.27 7.48
C PHE A 18 -2.60 4.64 6.09
N ASN A 19 -2.61 5.45 5.07
CA ASN A 19 -2.75 4.91 3.69
C ASN A 19 -1.76 5.61 2.77
N LEU A 20 -1.38 4.98 1.70
CA LEU A 20 -0.40 5.61 0.78
C LEU A 20 -0.27 4.79 -0.51
N PHE A 21 0.61 5.20 -1.38
CA PHE A 21 0.79 4.47 -2.67
C PHE A 21 2.08 3.65 -2.64
N ILE A 22 2.09 2.52 -3.29
CA ILE A 22 3.31 1.67 -3.31
C ILE A 22 3.46 1.07 -4.71
N GLY A 23 4.66 0.83 -5.14
CA GLY A 23 4.86 0.24 -6.49
C GLY A 23 6.11 -0.63 -6.50
N ASN A 24 6.69 -0.82 -7.66
CA ASN A 24 7.91 -1.67 -7.75
C ASN A 24 7.57 -3.12 -7.43
N LEU A 25 6.46 -3.60 -7.93
CA LEU A 25 6.06 -5.01 -7.65
C LEU A 25 6.75 -5.95 -8.64
N ASN A 26 6.32 -7.19 -8.69
CA ASN A 26 6.95 -8.15 -9.64
C ASN A 26 5.89 -8.68 -10.61
N PRO A 27 5.98 -8.23 -11.83
CA PRO A 27 5.02 -8.67 -12.88
C PRO A 27 5.31 -10.11 -13.30
N ASN A 28 6.37 -10.68 -12.79
CA ASN A 28 6.70 -12.09 -13.17
C ASN A 28 5.82 -13.06 -12.36
N LYS A 29 5.27 -12.59 -11.28
CA LYS A 29 4.39 -13.47 -10.45
C LYS A 29 2.96 -12.95 -10.47
N SER A 30 2.20 -13.25 -9.47
CA SER A 30 0.79 -12.76 -9.44
C SER A 30 0.66 -11.52 -8.56
N VAL A 31 -0.13 -10.58 -8.96
CA VAL A 31 -0.29 -9.37 -8.13
C VAL A 31 -0.96 -9.74 -6.81
N ALA A 32 -1.78 -10.76 -6.83
CA ALA A 32 -2.45 -11.20 -5.58
C ALA A 32 -1.39 -11.73 -4.61
N GLU A 33 -0.42 -12.43 -5.13
CA GLU A 33 0.66 -12.96 -4.25
C GLU A 33 1.48 -11.79 -3.70
N LEU A 34 1.58 -10.73 -4.45
CA LEU A 34 2.34 -9.56 -3.96
C LEU A 34 1.61 -8.95 -2.77
N LYS A 35 0.32 -8.89 -2.83
CA LYS A 35 -0.46 -8.34 -1.68
C LYS A 35 -0.15 -9.17 -0.44
N VAL A 36 -0.31 -10.47 -0.52
CA VAL A 36 0.00 -11.33 0.64
C VAL A 36 1.50 -11.25 0.93
N ALA A 37 2.29 -11.04 -0.08
CA ALA A 37 3.75 -10.93 0.14
C ALA A 37 4.02 -9.72 1.02
N ILE A 38 3.17 -8.72 0.92
CA ILE A 38 3.36 -7.51 1.76
C ILE A 38 2.72 -7.75 3.14
N SER A 39 1.72 -8.58 3.20
CA SER A 39 1.07 -8.86 4.51
C SER A 39 1.92 -9.88 5.26
N GLU A 40 2.61 -10.70 4.53
CA GLU A 40 3.48 -11.73 5.18
C GLU A 40 4.80 -11.08 5.58
N LEU A 41 5.29 -10.18 4.79
CA LEU A 41 6.57 -9.50 5.12
C LEU A 41 6.33 -8.56 6.30
N PHE A 42 5.15 -8.03 6.40
CA PHE A 42 4.83 -7.12 7.53
C PHE A 42 4.28 -7.93 8.69
N ALA A 43 3.88 -9.13 8.45
CA ALA A 43 3.34 -9.96 9.56
C ALA A 43 4.47 -10.74 10.22
N LYS A 44 5.52 -11.01 9.48
CA LYS A 44 6.67 -11.75 10.05
C LYS A 44 7.68 -10.74 10.60
N ASN A 45 7.64 -9.54 10.12
CA ASN A 45 8.58 -8.50 10.61
C ASN A 45 8.09 -7.95 11.94
N ASP A 46 6.89 -7.40 11.94
CA ASP A 46 6.26 -6.83 13.18
C ASP A 46 5.36 -5.64 12.82
N LEU A 47 4.80 -5.65 11.64
CA LEU A 47 3.91 -4.53 11.24
C LEU A 47 2.45 -4.96 11.34
N ALA A 48 1.58 -4.31 10.63
CA ALA A 48 0.14 -4.68 10.68
C ALA A 48 -0.58 -4.19 9.43
N VAL A 49 -0.21 -4.70 8.29
CA VAL A 49 -0.87 -4.27 7.03
C VAL A 49 -2.37 -4.42 7.17
N VAL A 50 -3.06 -3.33 7.06
CA VAL A 50 -4.55 -3.35 7.18
C VAL A 50 -5.19 -3.59 5.81
N ASP A 51 -4.64 -2.99 4.79
CA ASP A 51 -5.24 -3.18 3.43
C ASP A 51 -4.16 -3.07 2.35
N VAL A 52 -4.40 -3.63 1.20
CA VAL A 52 -3.41 -3.57 0.09
C VAL A 52 -4.15 -3.44 -1.25
N ARG A 53 -3.48 -2.98 -2.27
CA ARG A 53 -4.16 -2.84 -3.60
C ARG A 53 -3.11 -2.87 -4.71
N THR A 54 -3.55 -3.09 -5.92
CA THR A 54 -2.57 -3.13 -7.05
C THR A 54 -2.86 -1.99 -8.04
N GLY A 55 -1.86 -1.59 -8.77
CA GLY A 55 -2.04 -0.49 -9.76
C GLY A 55 -1.62 -0.99 -11.14
N THR A 56 -2.47 -0.83 -12.12
CA THR A 56 -2.14 -1.27 -13.50
C THR A 56 -2.14 -2.81 -13.58
N ASN A 57 -1.70 -3.36 -14.68
CA ASN A 57 -1.69 -4.84 -14.82
C ASN A 57 -1.05 -5.49 -13.58
N ARG A 58 0.13 -5.07 -13.22
CA ARG A 58 0.80 -5.68 -12.03
C ARG A 58 2.16 -5.03 -11.78
N LYS A 59 2.20 -3.73 -11.69
CA LYS A 59 3.51 -3.05 -11.45
C LYS A 59 3.41 -2.13 -10.23
N PHE A 60 2.23 -1.70 -9.89
CA PHE A 60 2.08 -0.79 -8.71
C PHE A 60 1.13 -1.41 -7.69
N GLY A 61 0.85 -0.71 -6.62
CA GLY A 61 -0.08 -1.28 -5.60
C GLY A 61 -0.18 -0.32 -4.41
N TYR A 62 -1.38 -0.09 -3.94
CA TYR A 62 -1.57 0.83 -2.77
C TYR A 62 -1.68 0.00 -1.50
N VAL A 63 -1.64 0.64 -0.35
CA VAL A 63 -1.73 -0.14 0.90
C VAL A 63 -2.19 0.75 2.07
N ASP A 64 -2.65 0.14 3.12
CA ASP A 64 -3.11 0.91 4.31
C ASP A 64 -2.48 0.33 5.57
N PHE A 65 -2.08 1.16 6.49
CA PHE A 65 -1.44 0.64 7.74
C PHE A 65 -2.36 0.87 8.94
N GLU A 66 -1.97 0.36 10.08
CA GLU A 66 -2.84 0.52 11.29
C GLU A 66 -2.18 1.42 12.34
N SER A 67 -1.14 2.10 11.97
CA SER A 67 -0.48 3.01 12.97
C SER A 67 0.61 3.85 12.34
N ALA A 68 1.14 4.74 13.12
CA ALA A 68 2.24 5.60 12.64
C ALA A 68 3.52 4.78 12.72
N GLU A 69 3.50 3.79 13.56
CA GLU A 69 4.67 2.91 13.72
C GLU A 69 4.63 1.82 12.64
N ASP A 70 3.47 1.53 12.13
CA ASP A 70 3.36 0.51 11.07
C ASP A 70 3.66 1.19 9.75
N LEU A 71 3.42 2.47 9.68
CA LEU A 71 3.71 3.21 8.44
C LEU A 71 5.19 3.57 8.40
N GLU A 72 5.79 3.82 9.54
CA GLU A 72 7.23 4.15 9.58
C GLU A 72 8.06 2.89 9.37
N LYS A 73 7.57 1.77 9.84
CA LYS A 73 8.31 0.50 9.63
C LYS A 73 8.00 0.01 8.23
N ALA A 74 6.88 0.46 7.70
CA ALA A 74 6.50 0.06 6.33
C ALA A 74 7.40 0.80 5.35
N LEU A 75 7.83 1.97 5.71
CA LEU A 75 8.72 2.76 4.82
C LEU A 75 10.13 2.16 4.88
N GLU A 76 10.61 1.87 6.05
CA GLU A 76 11.97 1.27 6.16
C GLU A 76 11.97 -0.13 5.55
N LEU A 77 10.81 -0.74 5.49
CA LEU A 77 10.71 -2.11 4.90
C LEU A 77 11.00 -2.07 3.40
N THR A 78 11.10 -0.89 2.87
CA THR A 78 11.37 -0.76 1.40
C THR A 78 12.76 -1.27 1.03
N GLY A 79 13.50 -1.74 1.99
CA GLY A 79 14.86 -2.27 1.70
C GLY A 79 14.74 -3.76 1.36
N LEU A 80 13.56 -4.21 1.05
CA LEU A 80 13.35 -5.65 0.72
C LEU A 80 13.21 -5.84 -0.79
N LYS A 81 12.62 -6.92 -1.18
CA LYS A 81 12.44 -7.21 -2.64
C LYS A 81 11.42 -8.32 -2.79
N VAL A 82 10.34 -8.12 -2.11
CA VAL A 82 9.19 -9.09 -2.10
C VAL A 82 9.47 -10.31 -2.97
N PHE A 83 8.71 -10.50 -4.01
CA PHE A 83 8.94 -11.67 -4.90
C PHE A 83 10.16 -11.40 -5.80
N GLY A 84 10.89 -10.36 -5.53
CA GLY A 84 12.09 -10.03 -6.35
C GLY A 84 11.99 -8.58 -6.81
N ASN A 85 11.46 -7.72 -5.98
CA ASN A 85 11.34 -6.29 -6.37
C ASN A 85 11.13 -5.43 -5.12
N GLU A 86 12.16 -4.79 -4.64
CA GLU A 86 12.02 -3.96 -3.42
C GLU A 86 10.82 -3.03 -3.55
N ILE A 87 9.69 -3.47 -3.11
CA ILE A 87 8.47 -2.63 -3.20
C ILE A 87 8.80 -1.19 -2.79
N LYS A 88 8.20 -0.25 -3.45
CA LYS A 88 8.47 1.18 -3.12
C LYS A 88 7.18 1.86 -2.67
N LEU A 89 7.30 2.97 -1.98
CA LEU A 89 6.10 3.68 -1.50
C LEU A 89 5.97 5.02 -2.21
N GLU A 90 4.96 5.77 -1.86
CA GLU A 90 4.76 7.10 -2.52
C GLU A 90 3.68 7.88 -1.76
N LYS A 91 3.79 9.18 -1.74
CA LYS A 91 2.77 10.00 -1.04
C LYS A 91 1.76 10.58 -2.02
N PRO A 92 0.61 9.96 -2.07
CA PRO A 92 -0.46 10.42 -2.98
C PRO A 92 -1.08 11.72 -2.47
N LYS A 93 -2.15 12.17 -3.08
CA LYS A 93 -2.79 13.43 -2.63
C LYS A 93 -4.26 13.47 -3.10
N GLY A 94 -4.48 13.49 -4.38
CA GLY A 94 -5.87 13.53 -4.90
C GLY A 94 -6.47 12.12 -4.86
N ARG A 95 -6.69 11.58 -3.70
CA ARG A 95 -7.27 10.23 -3.60
C ARG A 95 -8.54 10.12 -4.46
N ASP A 96 -8.41 9.56 -5.64
CA ASP A 96 -9.61 9.43 -6.53
C ASP A 96 -10.59 8.43 -5.95
N GLY A 97 -11.84 8.52 -6.32
CA GLY A 97 -12.86 7.58 -5.79
C GLY A 97 -14.26 8.14 -6.01
N THR A 98 -15.21 7.73 -5.23
CA THR A 98 -16.61 8.24 -5.41
C THR A 98 -17.06 9.00 -4.16
N ARG A 99 -18.32 8.95 -3.85
CA ARG A 99 -18.83 9.66 -2.64
C ARG A 99 -19.15 8.67 -1.52
N GLY A 100 -19.27 7.41 -1.86
CA GLY A 100 -19.59 6.38 -0.82
C GLY A 100 -18.79 5.11 -1.11
N CYS A 101 -17.70 4.92 -0.43
CA CYS A 101 -16.89 3.69 -0.66
C CYS A 101 -16.34 3.16 0.67
N GLY A 1 -28.78 -18.01 -14.53
CA GLY A 1 -28.21 -17.89 -13.16
C GLY A 1 -28.06 -16.42 -12.80
N SER A 2 -26.86 -15.97 -12.56
CA SER A 2 -26.64 -14.55 -12.19
C SER A 2 -25.37 -14.02 -12.85
N HIS A 3 -25.50 -13.25 -13.90
CA HIS A 3 -24.29 -12.71 -14.58
C HIS A 3 -24.20 -11.20 -14.38
N MET A 4 -24.55 -10.72 -13.21
CA MET A 4 -24.48 -9.26 -12.95
C MET A 4 -23.82 -8.99 -11.59
N LEU A 5 -22.66 -8.40 -11.61
CA LEU A 5 -21.96 -8.11 -10.32
C LEU A 5 -22.79 -7.13 -9.48
N GLU A 6 -22.23 -6.63 -8.40
CA GLU A 6 -22.98 -5.67 -7.55
C GLU A 6 -22.03 -4.70 -6.87
N ASP A 7 -22.48 -4.01 -5.86
CA ASP A 7 -21.60 -3.06 -5.15
C ASP A 7 -20.87 -2.15 -6.16
N PRO A 8 -21.65 -1.45 -6.93
CA PRO A 8 -21.09 -0.54 -7.96
C PRO A 8 -20.48 0.68 -7.29
N VAL A 9 -19.29 0.53 -6.78
CA VAL A 9 -18.61 1.68 -6.12
C VAL A 9 -17.09 1.50 -6.20
N GLU A 10 -16.39 2.50 -6.64
CA GLU A 10 -14.91 2.39 -6.74
C GLU A 10 -14.29 2.22 -5.35
N GLY A 11 -12.99 2.26 -5.25
CA GLY A 11 -12.34 2.10 -3.92
C GLY A 11 -11.59 3.39 -3.57
N SER A 12 -12.29 4.47 -3.44
CA SER A 12 -11.61 5.76 -3.09
C SER A 12 -11.90 6.12 -1.63
N GLU A 13 -11.94 5.16 -0.76
CA GLU A 13 -12.21 5.44 0.67
C GLU A 13 -11.44 4.45 1.54
N SER A 14 -10.31 4.86 1.99
CA SER A 14 -9.48 3.98 2.85
C SER A 14 -10.18 3.73 4.19
N THR A 15 -9.69 2.81 4.97
CA THR A 15 -10.32 2.53 6.29
C THR A 15 -9.36 2.88 7.43
N THR A 16 -8.10 2.89 7.15
CA THR A 16 -7.10 3.21 8.20
C THR A 16 -6.54 4.62 7.99
N PRO A 17 -5.96 5.16 9.02
CA PRO A 17 -5.38 6.52 8.95
C PRO A 17 -4.06 6.51 8.15
N PHE A 18 -3.39 5.39 8.11
CA PHE A 18 -2.10 5.34 7.36
C PHE A 18 -2.30 4.65 6.00
N ASN A 19 -2.21 5.39 4.94
CA ASN A 19 -2.39 4.80 3.59
C ASN A 19 -1.40 5.43 2.62
N LEU A 20 -0.98 4.69 1.62
CA LEU A 20 -0.01 5.26 0.64
C LEU A 20 0.03 4.38 -0.62
N PHE A 21 0.89 4.70 -1.54
CA PHE A 21 0.97 3.90 -2.79
C PHE A 21 2.36 3.26 -2.93
N ILE A 22 2.43 2.07 -3.46
CA ILE A 22 3.74 1.40 -3.64
C ILE A 22 3.89 0.95 -5.09
N GLY A 23 5.10 0.75 -5.54
CA GLY A 23 5.30 0.32 -6.95
C GLY A 23 6.32 -0.81 -7.01
N ASN A 24 6.76 -1.16 -8.18
CA ASN A 24 7.75 -2.27 -8.32
C ASN A 24 7.09 -3.62 -8.06
N LEU A 25 6.27 -4.06 -8.97
CA LEU A 25 5.58 -5.37 -8.77
C LEU A 25 6.12 -6.40 -9.76
N ASN A 26 5.97 -7.66 -9.46
CA ASN A 26 6.47 -8.72 -10.36
C ASN A 26 5.41 -9.08 -11.40
N PRO A 27 5.67 -8.70 -12.62
CA PRO A 27 4.71 -8.98 -13.73
C PRO A 27 4.73 -10.46 -14.10
N ASN A 28 5.85 -11.12 -13.90
CA ASN A 28 5.92 -12.57 -14.24
C ASN A 28 5.15 -13.39 -13.19
N LYS A 29 4.83 -12.78 -12.08
CA LYS A 29 4.09 -13.50 -11.01
C LYS A 29 2.67 -12.95 -10.92
N SER A 30 2.05 -13.07 -9.78
CA SER A 30 0.67 -12.55 -9.62
C SER A 30 0.65 -11.32 -8.70
N VAL A 31 -0.21 -10.38 -8.97
CA VAL A 31 -0.27 -9.18 -8.10
C VAL A 31 -0.84 -9.56 -6.74
N ALA A 32 -1.70 -10.55 -6.71
CA ALA A 32 -2.28 -10.98 -5.41
C ALA A 32 -1.18 -11.61 -4.55
N GLU A 33 -0.29 -12.33 -5.17
CA GLU A 33 0.83 -12.95 -4.40
C GLU A 33 1.76 -11.86 -3.88
N LEU A 34 1.94 -10.81 -4.64
CA LEU A 34 2.82 -9.71 -4.19
C LEU A 34 2.22 -9.07 -2.94
N LYS A 35 0.92 -8.99 -2.89
CA LYS A 35 0.27 -8.39 -1.70
C LYS A 35 0.55 -9.25 -0.47
N VAL A 36 0.37 -10.54 -0.60
CA VAL A 36 0.64 -11.45 0.54
C VAL A 36 2.11 -11.36 0.92
N ALA A 37 2.97 -11.17 -0.03
CA ALA A 37 4.42 -11.06 0.30
C ALA A 37 4.63 -9.84 1.18
N ILE A 38 3.86 -8.81 0.95
CA ILE A 38 3.98 -7.59 1.79
C ILE A 38 3.21 -7.80 3.09
N SER A 39 2.18 -8.61 3.06
CA SER A 39 1.39 -8.86 4.30
C SER A 39 2.15 -9.86 5.17
N GLU A 40 2.94 -10.70 4.56
CA GLU A 40 3.73 -11.69 5.32
C GLU A 40 4.99 -11.03 5.85
N LEU A 41 5.59 -10.20 5.05
CA LEU A 41 6.81 -9.49 5.50
C LEU A 41 6.45 -8.55 6.66
N PHE A 42 5.26 -8.02 6.63
CA PHE A 42 4.83 -7.12 7.72
C PHE A 42 4.24 -7.94 8.85
N ALA A 43 3.85 -9.16 8.56
CA ALA A 43 3.27 -10.02 9.62
C ALA A 43 4.37 -10.80 10.32
N LYS A 44 5.45 -11.05 9.63
CA LYS A 44 6.58 -11.80 10.25
C LYS A 44 7.55 -10.80 10.88
N ASN A 45 7.47 -9.57 10.47
CA ASN A 45 8.37 -8.53 11.04
C ASN A 45 7.81 -8.03 12.36
N ASP A 46 6.60 -7.50 12.31
CA ASP A 46 5.90 -6.97 13.52
C ASP A 46 5.01 -5.78 13.14
N LEU A 47 4.52 -5.76 11.94
CA LEU A 47 3.65 -4.63 11.52
C LEU A 47 2.19 -5.06 11.52
N ALA A 48 1.36 -4.39 10.77
CA ALA A 48 -0.08 -4.76 10.73
C ALA A 48 -0.72 -4.23 9.45
N VAL A 49 -0.31 -4.74 8.32
CA VAL A 49 -0.89 -4.29 7.05
C VAL A 49 -2.41 -4.41 7.09
N VAL A 50 -3.07 -3.30 6.96
CA VAL A 50 -4.57 -3.30 7.01
C VAL A 50 -5.13 -3.54 5.60
N ASP A 51 -4.58 -2.88 4.62
CA ASP A 51 -5.10 -3.07 3.22
C ASP A 51 -3.94 -3.13 2.23
N VAL A 52 -4.12 -3.87 1.16
CA VAL A 52 -3.03 -3.99 0.13
C VAL A 52 -3.66 -4.27 -1.23
N ARG A 53 -3.74 -3.27 -2.08
CA ARG A 53 -4.35 -3.50 -3.42
C ARG A 53 -3.30 -3.32 -4.52
N THR A 54 -3.62 -3.71 -5.73
CA THR A 54 -2.65 -3.56 -6.84
C THR A 54 -2.57 -2.11 -7.30
N GLY A 55 -1.74 -1.83 -8.26
CA GLY A 55 -1.61 -0.42 -8.75
C GLY A 55 -1.51 -0.41 -10.27
N THR A 56 -2.29 0.43 -10.92
CA THR A 56 -2.24 0.48 -12.41
C THR A 56 -2.53 -0.89 -13.01
N ASN A 57 -1.54 -1.71 -13.17
CA ASN A 57 -1.78 -3.06 -13.75
C ASN A 57 -0.63 -4.01 -13.42
N ARG A 58 -0.72 -4.71 -12.32
CA ARG A 58 0.38 -5.66 -11.95
C ARG A 58 1.73 -4.94 -11.94
N LYS A 59 1.72 -3.64 -11.85
CA LYS A 59 3.01 -2.89 -11.84
C LYS A 59 3.22 -2.24 -10.47
N PHE A 60 2.17 -1.88 -9.80
CA PHE A 60 2.31 -1.24 -8.45
C PHE A 60 1.26 -1.81 -7.50
N GLY A 61 1.21 -1.33 -6.29
CA GLY A 61 0.20 -1.85 -5.33
C GLY A 61 -0.02 -0.85 -4.19
N TYR A 62 -1.25 -0.61 -3.83
CA TYR A 62 -1.53 0.34 -2.72
C TYR A 62 -1.60 -0.42 -1.41
N VAL A 63 -1.33 0.25 -0.31
CA VAL A 63 -1.35 -0.45 0.99
C VAL A 63 -1.71 0.52 2.12
N ASP A 64 -2.46 0.06 3.09
CA ASP A 64 -2.84 0.94 4.23
C ASP A 64 -2.30 0.35 5.53
N PHE A 65 -1.86 1.18 6.44
CA PHE A 65 -1.33 0.66 7.73
C PHE A 65 -2.31 0.94 8.87
N GLU A 66 -2.03 0.42 10.03
CA GLU A 66 -2.97 0.61 11.17
C GLU A 66 -2.31 1.41 12.31
N SER A 67 -1.22 2.07 12.05
CA SER A 67 -0.58 2.84 13.16
C SER A 67 0.45 3.84 12.63
N ALA A 68 0.98 4.59 13.53
CA ALA A 68 2.04 5.57 13.20
C ALA A 68 3.36 4.85 13.29
N GLU A 69 3.39 3.83 14.09
CA GLU A 69 4.62 3.02 14.25
C GLU A 69 4.63 1.96 13.16
N ASP A 70 3.47 1.66 12.63
CA ASP A 70 3.39 0.67 11.53
C ASP A 70 3.69 1.40 10.23
N LEU A 71 3.32 2.66 10.19
CA LEU A 71 3.59 3.46 8.98
C LEU A 71 5.07 3.82 8.91
N GLU A 72 5.68 4.06 10.04
CA GLU A 72 7.13 4.40 10.06
C GLU A 72 7.96 3.14 9.76
N LYS A 73 7.54 2.01 10.26
CA LYS A 73 8.29 0.77 9.97
C LYS A 73 7.94 0.38 8.55
N ALA A 74 6.77 0.78 8.11
CA ALA A 74 6.37 0.46 6.73
C ALA A 74 7.16 1.33 5.76
N LEU A 75 7.59 2.48 6.22
CA LEU A 75 8.40 3.37 5.35
C LEU A 75 9.76 2.72 5.17
N GLU A 76 10.36 2.28 6.25
CA GLU A 76 11.67 1.60 6.13
C GLU A 76 11.47 0.25 5.45
N LEU A 77 10.25 -0.20 5.39
CA LEU A 77 9.95 -1.51 4.75
C LEU A 77 10.07 -1.39 3.22
N THR A 78 10.42 -0.23 2.73
CA THR A 78 10.55 -0.06 1.26
C THR A 78 11.83 -0.69 0.75
N GLY A 79 12.55 -1.33 1.61
CA GLY A 79 13.82 -1.99 1.20
C GLY A 79 13.64 -3.51 1.20
N LEU A 80 12.41 -3.96 1.15
CA LEU A 80 12.17 -5.43 1.16
C LEU A 80 11.88 -5.92 -0.26
N LYS A 81 12.64 -6.86 -0.73
CA LYS A 81 12.43 -7.41 -2.09
C LYS A 81 11.35 -8.46 -2.07
N VAL A 82 10.17 -7.98 -2.09
CA VAL A 82 8.97 -8.88 -2.07
C VAL A 82 9.22 -10.15 -2.88
N PHE A 83 8.77 -10.20 -4.09
CA PHE A 83 8.97 -11.41 -4.93
C PHE A 83 10.26 -11.30 -5.74
N GLY A 84 11.16 -10.44 -5.33
CA GLY A 84 12.44 -10.29 -6.08
C GLY A 84 12.59 -8.84 -6.54
N ASN A 85 11.94 -7.93 -5.88
CA ASN A 85 12.05 -6.49 -6.29
C ASN A 85 11.73 -5.60 -5.09
N GLU A 86 12.73 -5.08 -4.43
CA GLU A 86 12.47 -4.21 -3.26
C GLU A 86 11.32 -3.24 -3.56
N ILE A 87 10.13 -3.61 -3.20
CA ILE A 87 8.96 -2.72 -3.47
C ILE A 87 9.29 -1.28 -3.15
N LYS A 88 8.61 -0.37 -3.79
CA LYS A 88 8.86 1.08 -3.55
C LYS A 88 7.57 1.74 -3.06
N LEU A 89 7.66 2.85 -2.40
CA LEU A 89 6.44 3.53 -1.91
C LEU A 89 6.22 4.84 -2.65
N GLU A 90 5.18 5.54 -2.30
CA GLU A 90 4.91 6.85 -2.97
C GLU A 90 3.86 7.64 -2.18
N LYS A 91 3.87 8.93 -2.28
CA LYS A 91 2.87 9.75 -1.53
C LYS A 91 1.77 10.24 -2.47
N PRO A 92 0.68 9.52 -2.47
CA PRO A 92 -0.48 9.88 -3.33
C PRO A 92 -1.18 11.12 -2.79
N LYS A 93 -2.31 11.46 -3.35
CA LYS A 93 -3.05 12.66 -2.87
C LYS A 93 -2.09 13.83 -2.67
N GLY A 94 -1.01 13.85 -3.41
CA GLY A 94 -0.03 14.97 -3.27
C GLY A 94 1.10 14.78 -4.28
N ARG A 95 2.27 15.31 -3.98
CA ARG A 95 3.41 15.17 -4.92
C ARG A 95 4.68 14.78 -4.15
N ASP A 96 5.34 15.75 -3.57
CA ASP A 96 6.59 15.45 -2.81
C ASP A 96 7.60 14.72 -3.71
N GLY A 97 8.59 14.11 -3.13
CA GLY A 97 9.60 13.39 -3.94
C GLY A 97 11.00 13.93 -3.64
N THR A 98 11.94 13.68 -4.49
CA THR A 98 13.33 14.19 -4.25
C THR A 98 14.20 13.99 -5.49
N ARG A 99 13.98 12.94 -6.22
CA ARG A 99 14.80 12.70 -7.44
C ARG A 99 14.51 13.78 -8.49
N GLY A 100 15.36 14.76 -8.58
CA GLY A 100 15.13 15.85 -9.59
C GLY A 100 16.40 16.05 -10.42
N CYS A 101 17.43 16.60 -9.82
CA CYS A 101 18.70 16.82 -10.57
C CYS A 101 19.90 16.67 -9.64
N GLY A 1 3.13 6.29 -8.84
CA GLY A 1 2.98 6.63 -10.28
C GLY A 1 3.79 7.88 -10.61
N SER A 2 3.97 8.18 -11.86
CA SER A 2 4.75 9.39 -12.24
C SER A 2 3.89 10.32 -13.10
N HIS A 3 2.60 10.17 -13.03
CA HIS A 3 1.71 11.05 -13.85
C HIS A 3 0.24 10.78 -13.51
N MET A 4 -0.64 11.67 -13.88
CA MET A 4 -2.09 11.46 -13.59
C MET A 4 -2.30 11.33 -12.07
N LEU A 5 -1.86 12.31 -11.32
CA LEU A 5 -2.04 12.25 -9.84
C LEU A 5 -3.53 12.12 -9.49
N GLU A 6 -4.03 10.92 -9.45
CA GLU A 6 -5.47 10.72 -9.11
C GLU A 6 -5.80 9.23 -9.00
N ASP A 7 -6.34 8.82 -7.89
CA ASP A 7 -6.68 7.38 -7.71
C ASP A 7 -8.18 7.20 -7.50
N PRO A 8 -8.70 6.11 -8.00
CA PRO A 8 -10.14 5.82 -7.85
C PRO A 8 -10.48 5.47 -6.41
N VAL A 9 -10.60 6.45 -5.59
CA VAL A 9 -10.93 6.21 -4.16
C VAL A 9 -11.26 7.53 -3.45
N GLU A 10 -12.23 7.53 -2.59
CA GLU A 10 -12.59 8.79 -1.87
C GLU A 10 -11.58 9.07 -0.75
N GLY A 11 -11.50 10.30 -0.30
CA GLY A 11 -10.55 10.62 0.79
C GLY A 11 -11.29 10.65 2.13
N SER A 12 -12.57 10.89 2.10
CA SER A 12 -13.36 10.94 3.36
C SER A 12 -14.03 9.58 3.62
N GLU A 13 -13.35 8.51 3.32
CA GLU A 13 -13.95 7.17 3.55
C GLU A 13 -12.90 6.07 3.36
N SER A 14 -11.68 6.41 3.62
CA SER A 14 -10.58 5.42 3.47
C SER A 14 -10.82 4.21 4.37
N THR A 15 -9.89 3.30 4.42
CA THR A 15 -10.06 2.09 5.28
C THR A 15 -9.10 2.13 6.46
N THR A 16 -8.31 3.18 6.57
CA THR A 16 -7.34 3.26 7.71
C THR A 16 -6.70 4.66 7.74
N PRO A 17 -6.09 4.95 8.86
CA PRO A 17 -5.43 6.26 9.05
C PRO A 17 -4.07 6.28 8.33
N PHE A 18 -3.45 5.15 8.17
CA PHE A 18 -2.12 5.12 7.48
C PHE A 18 -2.25 4.45 6.10
N ASN A 19 -1.99 5.20 5.07
CA ASN A 19 -2.07 4.62 3.70
C ASN A 19 -0.96 5.20 2.83
N LEU A 20 -0.61 4.50 1.79
CA LEU A 20 0.48 5.00 0.90
C LEU A 20 0.46 4.24 -0.43
N PHE A 21 1.19 4.71 -1.40
CA PHE A 21 1.20 4.02 -2.72
C PHE A 21 2.49 3.20 -2.87
N ILE A 22 2.46 2.21 -3.72
CA ILE A 22 3.67 1.36 -3.94
C ILE A 22 4.01 1.32 -5.42
N GLY A 23 5.18 0.87 -5.77
CA GLY A 23 5.55 0.80 -7.21
C GLY A 23 6.71 -0.18 -7.40
N ASN A 24 6.41 -1.33 -7.95
CA ASN A 24 7.44 -2.40 -8.20
C ASN A 24 6.76 -3.77 -8.06
N LEU A 25 5.87 -4.09 -8.94
CA LEU A 25 5.15 -5.39 -8.85
C LEU A 25 5.78 -6.43 -9.78
N ASN A 26 6.00 -7.60 -9.28
CA ASN A 26 6.60 -8.68 -10.10
C ASN A 26 5.73 -8.95 -11.33
N PRO A 27 6.25 -8.63 -12.47
CA PRO A 27 5.50 -8.85 -13.74
C PRO A 27 5.41 -10.33 -14.07
N ASN A 28 6.44 -11.09 -13.79
CA ASN A 28 6.40 -12.55 -14.08
C ASN A 28 5.52 -13.25 -13.05
N LYS A 29 5.25 -12.59 -11.96
CA LYS A 29 4.40 -13.20 -10.90
C LYS A 29 3.05 -12.48 -10.85
N SER A 30 2.39 -12.52 -9.73
CA SER A 30 1.08 -11.83 -9.61
C SER A 30 1.11 -10.80 -8.49
N VAL A 31 0.37 -9.73 -8.63
CA VAL A 31 0.36 -8.71 -7.55
C VAL A 31 -0.34 -9.28 -6.32
N ALA A 32 -1.36 -10.08 -6.52
CA ALA A 32 -2.07 -10.67 -5.35
C ALA A 32 -1.06 -11.40 -4.48
N GLU A 33 -0.18 -12.16 -5.09
CA GLU A 33 0.85 -12.88 -4.30
C GLU A 33 1.72 -11.86 -3.58
N LEU A 34 2.12 -10.82 -4.27
CA LEU A 34 2.94 -9.77 -3.60
C LEU A 34 2.16 -9.24 -2.41
N LYS A 35 0.86 -9.24 -2.52
CA LYS A 35 0.02 -8.77 -1.39
C LYS A 35 0.32 -9.63 -0.16
N VAL A 36 0.07 -10.90 -0.26
CA VAL A 36 0.37 -11.82 0.88
C VAL A 36 1.84 -11.71 1.23
N ALA A 37 2.69 -11.63 0.24
CA ALA A 37 4.14 -11.51 0.53
C ALA A 37 4.37 -10.22 1.31
N ILE A 38 3.59 -9.21 1.02
CA ILE A 38 3.73 -7.93 1.74
C ILE A 38 3.03 -8.03 3.10
N SER A 39 2.00 -8.83 3.18
CA SER A 39 1.30 -8.98 4.48
C SER A 39 2.11 -9.91 5.38
N GLU A 40 2.88 -10.77 4.77
CA GLU A 40 3.73 -11.70 5.54
C GLU A 40 5.04 -11.01 5.90
N LEU A 41 5.58 -10.27 4.99
CA LEU A 41 6.85 -9.55 5.28
C LEU A 41 6.61 -8.57 6.42
N PHE A 42 5.44 -7.99 6.45
CA PHE A 42 5.12 -7.04 7.53
C PHE A 42 4.63 -7.84 8.75
N ALA A 43 4.15 -9.03 8.51
CA ALA A 43 3.66 -9.88 9.64
C ALA A 43 4.86 -10.38 10.44
N LYS A 44 5.95 -10.65 9.78
CA LYS A 44 7.17 -11.12 10.49
C LYS A 44 7.86 -9.94 11.15
N ASN A 45 7.54 -8.74 10.71
CA ASN A 45 8.15 -7.53 11.32
C ASN A 45 7.32 -7.07 12.52
N ASP A 46 6.11 -7.56 12.62
CA ASP A 46 5.19 -7.18 13.73
C ASP A 46 4.41 -5.93 13.32
N LEU A 47 4.18 -5.81 12.04
CA LEU A 47 3.42 -4.64 11.53
C LEU A 47 1.92 -4.90 11.69
N ALA A 48 1.15 -4.55 10.72
CA ALA A 48 -0.33 -4.78 10.80
C ALA A 48 -1.00 -4.30 9.51
N VAL A 49 -0.58 -4.84 8.40
CA VAL A 49 -1.18 -4.44 7.11
C VAL A 49 -2.70 -4.53 7.19
N VAL A 50 -3.35 -3.43 7.02
CA VAL A 50 -4.84 -3.40 7.09
C VAL A 50 -5.43 -3.66 5.71
N ASP A 51 -4.90 -3.03 4.69
CA ASP A 51 -5.44 -3.25 3.32
C ASP A 51 -4.32 -3.22 2.28
N VAL A 52 -4.57 -3.78 1.13
CA VAL A 52 -3.52 -3.78 0.06
C VAL A 52 -4.21 -3.84 -1.32
N ARG A 53 -3.54 -3.41 -2.34
CA ARG A 53 -4.15 -3.43 -3.70
C ARG A 53 -3.06 -3.37 -4.78
N THR A 54 -3.40 -3.70 -5.99
CA THR A 54 -2.40 -3.67 -7.08
C THR A 54 -2.39 -2.31 -7.78
N GLY A 55 -1.30 -1.97 -8.40
CA GLY A 55 -1.21 -0.67 -9.13
C GLY A 55 -1.15 -0.97 -10.62
N THR A 56 -1.98 -0.32 -11.38
CA THR A 56 -2.00 -0.59 -12.85
C THR A 56 -2.33 -2.07 -13.10
N ASN A 57 -2.79 -2.75 -12.09
CA ASN A 57 -3.15 -4.19 -12.25
C ASN A 57 -1.90 -5.06 -12.42
N ARG A 58 -0.73 -4.55 -12.11
CA ARG A 58 0.50 -5.38 -12.27
C ARG A 58 1.77 -4.54 -12.15
N LYS A 59 1.68 -3.26 -12.34
CA LYS A 59 2.91 -2.42 -12.25
C LYS A 59 3.14 -1.92 -10.82
N PHE A 60 2.27 -1.09 -10.32
CA PHE A 60 2.47 -0.56 -8.94
C PHE A 60 1.55 -1.26 -7.95
N GLY A 61 1.12 -0.57 -6.92
CA GLY A 61 0.22 -1.21 -5.91
C GLY A 61 -0.10 -0.20 -4.80
N TYR A 62 -0.88 -0.59 -3.84
CA TYR A 62 -1.23 0.34 -2.73
C TYR A 62 -1.53 -0.44 -1.45
N VAL A 63 -1.28 0.16 -0.32
CA VAL A 63 -1.50 -0.58 0.96
C VAL A 63 -1.86 0.38 2.09
N ASP A 64 -2.57 -0.10 3.08
CA ASP A 64 -2.97 0.76 4.22
C ASP A 64 -2.45 0.16 5.53
N PHE A 65 -1.95 0.98 6.41
CA PHE A 65 -1.44 0.47 7.71
C PHE A 65 -2.43 0.80 8.83
N GLU A 66 -2.21 0.30 10.00
CA GLU A 66 -3.16 0.58 11.11
C GLU A 66 -2.48 1.34 12.25
N SER A 67 -1.35 1.93 12.00
CA SER A 67 -0.65 2.68 13.09
C SER A 67 0.48 3.54 12.56
N ALA A 68 1.04 4.32 13.44
CA ALA A 68 2.18 5.18 13.09
C ALA A 68 3.40 4.28 13.02
N GLU A 69 3.33 3.21 13.74
CA GLU A 69 4.45 2.24 13.78
C GLU A 69 4.44 1.42 12.49
N ASP A 70 3.29 1.24 11.89
CA ASP A 70 3.24 0.48 10.62
C ASP A 70 3.67 1.43 9.50
N LEU A 71 3.40 2.69 9.69
CA LEU A 71 3.80 3.68 8.66
C LEU A 71 5.33 3.85 8.70
N GLU A 72 5.90 3.84 9.88
CA GLU A 72 7.37 4.00 9.99
C GLU A 72 8.06 2.72 9.50
N LYS A 73 7.42 1.60 9.65
CA LYS A 73 8.03 0.33 9.17
C LYS A 73 7.69 0.21 7.70
N ALA A 74 6.61 0.81 7.30
CA ALA A 74 6.22 0.78 5.87
C ALA A 74 7.26 1.54 5.08
N LEU A 75 7.85 2.54 5.69
CA LEU A 75 8.90 3.34 5.00
C LEU A 75 10.21 2.56 5.00
N GLU A 76 10.55 1.98 6.11
CA GLU A 76 11.81 1.21 6.19
C GLU A 76 11.63 -0.13 5.46
N LEU A 77 10.41 -0.56 5.31
CA LEU A 77 10.14 -1.85 4.60
C LEU A 77 10.39 -1.69 3.11
N THR A 78 10.68 -0.50 2.68
CA THR A 78 10.93 -0.25 1.23
C THR A 78 12.27 -0.86 0.81
N GLY A 79 12.94 -1.51 1.70
CA GLY A 79 14.24 -2.13 1.36
C GLY A 79 14.04 -3.62 1.11
N LEU A 80 12.84 -4.11 1.30
CA LEU A 80 12.57 -5.56 1.08
C LEU A 80 12.12 -5.81 -0.36
N LYS A 81 12.65 -6.82 -0.97
CA LYS A 81 12.28 -7.12 -2.38
C LYS A 81 11.09 -8.05 -2.42
N VAL A 82 9.96 -7.52 -2.18
CA VAL A 82 8.72 -8.34 -2.19
C VAL A 82 8.75 -9.26 -3.42
N PHE A 83 8.52 -10.53 -3.23
CA PHE A 83 8.56 -11.48 -4.38
C PHE A 83 9.81 -11.23 -5.23
N GLY A 84 10.83 -10.64 -4.68
CA GLY A 84 12.07 -10.38 -5.47
C GLY A 84 11.98 -8.97 -6.08
N ASN A 85 11.12 -8.15 -5.56
CA ASN A 85 10.99 -6.77 -6.09
C ASN A 85 10.96 -5.75 -4.95
N GLU A 86 12.00 -4.97 -4.81
CA GLU A 86 12.02 -3.96 -3.71
C GLU A 86 10.83 -3.02 -3.84
N ILE A 87 9.69 -3.44 -3.38
CA ILE A 87 8.47 -2.57 -3.47
C ILE A 87 8.82 -1.13 -3.08
N LYS A 88 8.55 -0.20 -3.95
CA LYS A 88 8.86 1.23 -3.62
C LYS A 88 7.54 1.97 -3.35
N LEU A 89 7.49 2.72 -2.29
CA LEU A 89 6.24 3.45 -2.00
C LEU A 89 6.47 4.95 -1.92
N GLU A 90 5.43 5.71 -1.67
CA GLU A 90 5.57 7.18 -1.59
C GLU A 90 4.21 7.80 -1.23
N LYS A 91 4.23 8.91 -0.53
CA LYS A 91 2.95 9.56 -0.13
C LYS A 91 2.13 9.91 -1.37
N PRO A 92 1.02 9.24 -1.52
CA PRO A 92 0.13 9.48 -2.68
C PRO A 92 -0.60 10.83 -2.52
N LYS A 93 -1.50 11.14 -3.41
CA LYS A 93 -2.25 12.41 -3.31
C LYS A 93 -1.29 13.56 -2.95
N GLY A 94 -0.54 14.04 -3.90
CA GLY A 94 0.41 15.14 -3.61
C GLY A 94 0.24 16.27 -4.64
N ARG A 95 -0.76 16.17 -5.46
CA ARG A 95 -0.99 17.22 -6.49
C ARG A 95 -2.30 17.96 -6.22
N ASP A 96 -2.44 18.51 -5.04
CA ASP A 96 -3.71 19.24 -4.71
C ASP A 96 -3.97 20.33 -5.75
N GLY A 97 -5.21 20.70 -5.94
CA GLY A 97 -5.53 21.76 -6.94
C GLY A 97 -6.71 22.59 -6.44
N THR A 98 -6.55 23.28 -5.34
CA THR A 98 -7.67 24.11 -4.81
C THR A 98 -9.00 23.35 -4.91
N ARG A 99 -10.09 24.06 -4.97
CA ARG A 99 -11.42 23.37 -5.07
C ARG A 99 -12.28 24.04 -6.14
N GLY A 100 -11.66 24.51 -7.20
CA GLY A 100 -12.45 25.18 -8.28
C GLY A 100 -12.23 26.69 -8.22
N CYS A 101 -12.44 27.37 -9.31
CA CYS A 101 -12.24 28.85 -9.31
C CYS A 101 -13.54 29.55 -9.72
N GLY A 1 -13.26 17.37 39.41
CA GLY A 1 -13.97 18.20 38.39
C GLY A 1 -15.41 17.71 38.23
N SER A 2 -16.17 18.36 37.39
CA SER A 2 -17.59 17.92 37.19
C SER A 2 -17.64 16.66 36.31
N HIS A 3 -16.89 16.65 35.25
CA HIS A 3 -16.88 15.46 34.34
C HIS A 3 -15.47 15.17 33.86
N MET A 4 -15.01 13.95 34.01
CA MET A 4 -13.63 13.60 33.56
C MET A 4 -13.70 12.74 32.29
N LEU A 5 -14.86 12.60 31.72
CA LEU A 5 -14.99 11.77 30.49
C LEU A 5 -14.34 12.48 29.30
N GLU A 6 -13.99 11.76 28.27
CA GLU A 6 -13.35 12.40 27.09
C GLU A 6 -13.97 11.87 25.80
N ASP A 7 -13.49 12.32 24.66
CA ASP A 7 -14.06 11.84 23.37
C ASP A 7 -12.95 11.71 22.32
N PRO A 8 -13.01 10.65 21.57
CA PRO A 8 -12.00 10.40 20.51
C PRO A 8 -12.21 11.37 19.35
N VAL A 9 -11.73 12.57 19.51
CA VAL A 9 -11.88 13.58 18.43
C VAL A 9 -10.66 13.55 17.51
N GLU A 10 -10.33 12.41 16.97
CA GLU A 10 -9.15 12.32 16.07
C GLU A 10 -9.61 12.22 14.61
N GLY A 11 -8.69 12.26 13.68
CA GLY A 11 -9.06 12.16 12.25
C GLY A 11 -8.78 10.75 11.74
N SER A 12 -9.65 9.82 12.00
CA SER A 12 -9.43 8.43 11.52
C SER A 12 -10.75 7.78 11.10
N GLU A 13 -11.49 8.44 10.26
CA GLU A 13 -12.80 7.87 9.81
C GLU A 13 -12.61 7.06 8.55
N SER A 14 -11.44 6.52 8.38
CA SER A 14 -11.16 5.70 7.16
C SER A 14 -10.82 4.26 7.57
N THR A 15 -10.36 3.47 6.63
CA THR A 15 -10.01 2.06 6.97
C THR A 15 -8.63 2.00 7.63
N THR A 16 -7.91 3.07 7.61
CA THR A 16 -6.55 3.07 8.23
C THR A 16 -6.04 4.51 8.42
N PRO A 17 -5.16 4.64 9.38
CA PRO A 17 -4.58 5.97 9.68
C PRO A 17 -3.50 6.33 8.66
N PHE A 18 -2.71 5.37 8.25
CA PHE A 18 -1.64 5.67 7.25
C PHE A 18 -1.80 4.81 6.00
N ASN A 19 -1.98 5.42 4.86
CA ASN A 19 -2.14 4.65 3.61
C ASN A 19 -1.37 5.36 2.48
N LEU A 20 -0.93 4.63 1.50
CA LEU A 20 -0.19 5.27 0.39
C LEU A 20 -0.10 4.34 -0.83
N PHE A 21 0.61 4.74 -1.84
CA PHE A 21 0.74 3.89 -3.05
C PHE A 21 2.16 3.32 -3.14
N ILE A 22 2.29 2.10 -3.57
CA ILE A 22 3.65 1.49 -3.68
C ILE A 22 3.90 1.04 -5.12
N GLY A 23 5.14 0.85 -5.48
CA GLY A 23 5.45 0.41 -6.88
C GLY A 23 6.49 -0.70 -6.84
N ASN A 24 6.94 -1.14 -7.98
CA ASN A 24 7.96 -2.24 -8.03
C ASN A 24 7.33 -3.57 -7.63
N LEU A 25 6.26 -3.96 -8.27
CA LEU A 25 5.61 -5.26 -7.92
C LEU A 25 5.92 -6.29 -9.00
N ASN A 26 6.38 -7.44 -8.60
CA ASN A 26 6.71 -8.51 -9.58
C ASN A 26 5.65 -8.58 -10.67
N PRO A 27 5.98 -8.00 -11.81
CA PRO A 27 5.05 -7.99 -12.96
C PRO A 27 4.98 -9.38 -13.61
N ASN A 28 5.94 -10.22 -13.32
CA ASN A 28 5.92 -11.58 -13.92
C ASN A 28 5.10 -12.52 -13.04
N LYS A 29 4.81 -12.12 -11.85
CA LYS A 29 4.00 -12.97 -10.93
C LYS A 29 2.60 -12.39 -10.81
N SER A 30 1.90 -12.71 -9.76
CA SER A 30 0.52 -12.17 -9.59
C SER A 30 0.48 -11.08 -8.53
N VAL A 31 -0.31 -10.07 -8.74
CA VAL A 31 -0.40 -8.99 -7.73
C VAL A 31 -1.02 -9.58 -6.46
N ALA A 32 -1.76 -10.64 -6.59
CA ALA A 32 -2.37 -11.28 -5.40
C ALA A 32 -1.26 -11.87 -4.53
N GLU A 33 -0.28 -12.44 -5.17
CA GLU A 33 0.87 -13.02 -4.40
C GLU A 33 1.61 -11.87 -3.70
N LEU A 34 1.73 -10.75 -4.36
CA LEU A 34 2.41 -9.60 -3.74
C LEU A 34 1.64 -9.20 -2.48
N LYS A 35 0.35 -9.31 -2.54
CA LYS A 35 -0.48 -8.97 -1.36
C LYS A 35 -0.05 -9.85 -0.18
N VAL A 36 -0.18 -11.14 -0.33
CA VAL A 36 0.25 -12.06 0.75
C VAL A 36 1.74 -11.87 1.03
N ALA A 37 2.50 -11.55 0.03
CA ALA A 37 3.95 -11.34 0.25
C ALA A 37 4.14 -10.13 1.15
N ILE A 38 3.33 -9.12 0.97
CA ILE A 38 3.45 -7.93 1.84
C ILE A 38 2.76 -8.21 3.18
N SER A 39 1.82 -9.11 3.18
CA SER A 39 1.13 -9.45 4.45
C SER A 39 2.01 -10.39 5.28
N GLU A 40 2.78 -11.20 4.60
CA GLU A 40 3.67 -12.14 5.31
C GLU A 40 4.95 -11.42 5.74
N LEU A 41 5.46 -10.59 4.89
CA LEU A 41 6.69 -9.83 5.23
C LEU A 41 6.39 -8.88 6.38
N PHE A 42 5.20 -8.34 6.41
CA PHE A 42 4.83 -7.43 7.51
C PHE A 42 4.38 -8.25 8.72
N ALA A 43 3.97 -9.47 8.47
CA ALA A 43 3.53 -10.34 9.59
C ALA A 43 4.77 -10.83 10.36
N LYS A 44 5.88 -10.87 9.70
CA LYS A 44 7.14 -11.32 10.36
C LYS A 44 8.01 -10.11 10.68
N ASN A 45 7.75 -9.00 10.05
CA ASN A 45 8.56 -7.79 10.31
C ASN A 45 8.07 -7.09 11.58
N ASP A 46 6.83 -7.36 11.96
CA ASP A 46 6.19 -6.75 13.18
C ASP A 46 5.32 -5.59 12.73
N LEU A 47 4.79 -5.70 11.55
CA LEU A 47 3.92 -4.63 11.02
C LEU A 47 2.46 -5.06 11.16
N ALA A 48 1.61 -4.62 10.29
CA ALA A 48 0.18 -5.00 10.36
C ALA A 48 -0.56 -4.43 9.15
N VAL A 49 -0.17 -4.84 7.98
CA VAL A 49 -0.83 -4.34 6.76
C VAL A 49 -2.35 -4.50 6.87
N VAL A 50 -3.03 -3.41 6.83
CA VAL A 50 -4.51 -3.44 6.95
C VAL A 50 -5.15 -3.59 5.57
N ASP A 51 -4.56 -2.99 4.57
CA ASP A 51 -5.17 -3.11 3.20
C ASP A 51 -4.08 -3.11 2.12
N VAL A 52 -4.38 -3.67 0.98
CA VAL A 52 -3.39 -3.71 -0.14
C VAL A 52 -4.12 -3.77 -1.48
N ARG A 53 -3.58 -3.18 -2.50
CA ARG A 53 -4.25 -3.21 -3.83
C ARG A 53 -3.21 -3.16 -4.96
N THR A 54 -3.61 -3.44 -6.16
CA THR A 54 -2.65 -3.43 -7.29
C THR A 54 -2.56 -2.02 -7.90
N GLY A 55 -1.51 -1.75 -8.62
CA GLY A 55 -1.35 -0.41 -9.24
C GLY A 55 -1.13 -0.58 -10.74
N THR A 56 -1.91 0.07 -11.55
CA THR A 56 -1.75 -0.05 -13.02
C THR A 56 -1.90 -1.52 -13.45
N ASN A 57 -1.52 -1.84 -14.66
CA ASN A 57 -1.65 -3.24 -15.13
C ASN A 57 -1.23 -4.22 -14.03
N ARG A 58 0.03 -4.21 -13.66
CA ARG A 58 0.50 -5.13 -12.60
C ARG A 58 1.95 -4.83 -12.24
N LYS A 59 2.25 -3.59 -11.95
CA LYS A 59 3.66 -3.23 -11.59
C LYS A 59 3.71 -2.54 -10.22
N PHE A 60 2.62 -1.96 -9.81
CA PHE A 60 2.61 -1.27 -8.48
C PHE A 60 1.49 -1.83 -7.61
N GLY A 61 1.31 -1.29 -6.44
CA GLY A 61 0.23 -1.79 -5.54
C GLY A 61 0.05 -0.82 -4.38
N TYR A 62 -1.17 -0.60 -3.96
CA TYR A 62 -1.43 0.33 -2.83
C TYR A 62 -1.51 -0.45 -1.53
N VAL A 63 -1.51 0.23 -0.41
CA VAL A 63 -1.58 -0.49 0.88
C VAL A 63 -1.97 0.47 2.01
N ASP A 64 -2.39 -0.09 3.12
CA ASP A 64 -2.79 0.73 4.28
C ASP A 64 -2.23 0.10 5.56
N PHE A 65 -1.83 0.90 6.51
CA PHE A 65 -1.26 0.35 7.77
C PHE A 65 -2.23 0.52 8.93
N GLU A 66 -1.88 0.01 10.08
CA GLU A 66 -2.80 0.11 11.25
C GLU A 66 -2.26 1.09 12.31
N SER A 67 -1.32 1.91 11.96
CA SER A 67 -0.77 2.87 12.97
C SER A 67 0.35 3.73 12.40
N ALA A 68 0.83 4.61 13.23
CA ALA A 68 1.97 5.48 12.84
C ALA A 68 3.22 4.65 12.91
N GLU A 69 3.16 3.62 13.71
CA GLU A 69 4.32 2.72 13.88
C GLU A 69 4.40 1.76 12.70
N ASP A 70 3.28 1.49 12.08
CA ASP A 70 3.29 0.59 10.90
C ASP A 70 3.68 1.42 9.69
N LEU A 71 3.36 2.68 9.74
CA LEU A 71 3.71 3.57 8.61
C LEU A 71 5.19 3.93 8.66
N GLU A 72 5.73 4.07 9.85
CA GLU A 72 7.18 4.41 9.97
C GLU A 72 8.03 3.19 9.63
N LYS A 73 7.62 2.03 10.07
CA LYS A 73 8.39 0.81 9.74
C LYS A 73 8.11 0.49 8.29
N ALA A 74 6.94 0.83 7.85
CA ALA A 74 6.58 0.60 6.44
C ALA A 74 7.43 1.51 5.55
N LEU A 75 7.81 2.64 6.06
CA LEU A 75 8.66 3.57 5.27
C LEU A 75 10.04 2.93 5.13
N GLU A 76 10.56 2.41 6.20
CA GLU A 76 11.89 1.74 6.13
C GLU A 76 11.73 0.40 5.42
N LEU A 77 10.51 -0.05 5.26
CA LEU A 77 10.26 -1.36 4.58
C LEU A 77 10.44 -1.20 3.07
N THR A 78 10.86 -0.04 2.62
CA THR A 78 11.06 0.15 1.16
C THR A 78 12.30 -0.58 0.68
N GLY A 79 12.96 -1.27 1.57
CA GLY A 79 14.18 -2.02 1.18
C GLY A 79 13.86 -3.52 1.15
N LEU A 80 12.63 -3.88 1.42
CA LEU A 80 12.27 -5.32 1.42
C LEU A 80 11.91 -5.80 0.01
N LYS A 81 12.58 -6.82 -0.44
CA LYS A 81 12.28 -7.36 -1.79
C LYS A 81 11.11 -8.31 -1.69
N VAL A 82 9.95 -7.76 -1.73
CA VAL A 82 8.70 -8.58 -1.64
C VAL A 82 8.89 -9.93 -2.33
N PHE A 83 8.51 -10.03 -3.56
CA PHE A 83 8.68 -11.31 -4.30
C PHE A 83 9.95 -11.24 -5.16
N GLY A 84 10.94 -10.51 -4.71
CA GLY A 84 12.20 -10.39 -5.50
C GLY A 84 12.28 -8.98 -6.08
N ASN A 85 11.48 -8.08 -5.57
CA ASN A 85 11.50 -6.68 -6.08
C ASN A 85 11.28 -5.71 -4.93
N GLU A 86 12.34 -5.15 -4.39
CA GLU A 86 12.20 -4.20 -3.26
C GLU A 86 11.01 -3.26 -3.48
N ILE A 87 9.85 -3.63 -2.99
CA ILE A 87 8.66 -2.77 -3.18
C ILE A 87 8.98 -1.34 -2.74
N LYS A 88 8.41 -0.38 -3.41
CA LYS A 88 8.65 1.04 -3.05
C LYS A 88 7.33 1.72 -2.70
N LEU A 89 7.38 2.76 -1.92
CA LEU A 89 6.12 3.48 -1.54
C LEU A 89 6.18 4.93 -2.00
N GLU A 90 5.08 5.63 -1.89
CA GLU A 90 5.06 7.06 -2.33
C GLU A 90 3.74 7.72 -1.92
N LYS A 91 3.81 8.84 -1.25
CA LYS A 91 2.55 9.53 -0.82
C LYS A 91 1.72 9.91 -2.05
N PRO A 92 0.60 9.25 -2.20
CA PRO A 92 -0.29 9.53 -3.34
C PRO A 92 -1.13 10.79 -3.07
N LYS A 93 -2.11 11.04 -3.89
CA LYS A 93 -2.96 12.26 -3.68
C LYS A 93 -2.08 13.49 -3.45
N GLY A 94 -1.15 13.74 -4.34
CA GLY A 94 -0.26 14.92 -4.18
C GLY A 94 -0.84 16.11 -4.96
N ARG A 95 -0.87 16.02 -6.25
CA ARG A 95 -1.42 17.15 -7.07
C ARG A 95 -0.81 18.47 -6.62
N ASP A 96 -1.27 19.57 -7.16
CA ASP A 96 -0.72 20.88 -6.77
C ASP A 96 -1.31 21.33 -5.42
N GLY A 97 -1.31 22.60 -5.15
CA GLY A 97 -1.88 23.09 -3.86
C GLY A 97 -2.82 24.26 -4.13
N THR A 98 -3.89 24.03 -4.84
CA THR A 98 -4.85 25.13 -5.14
C THR A 98 -5.08 25.99 -3.89
N ARG A 99 -5.04 25.39 -2.73
CA ARG A 99 -5.25 26.17 -1.48
C ARG A 99 -4.95 25.31 -0.26
N GLY A 100 -3.70 25.18 0.10
CA GLY A 100 -3.35 24.35 1.28
C GLY A 100 -3.50 22.87 0.94
N CYS A 101 -3.40 22.01 1.91
CA CYS A 101 -3.54 20.55 1.64
C CYS A 101 -2.44 20.07 0.71
N GLY A 1 -18.13 20.84 -10.79
CA GLY A 1 -18.15 21.36 -12.19
C GLY A 1 -17.50 22.74 -12.23
N SER A 2 -16.20 22.79 -12.37
CA SER A 2 -15.50 24.11 -12.42
C SER A 2 -15.77 24.89 -11.13
N HIS A 3 -15.52 26.18 -11.15
CA HIS A 3 -15.75 26.99 -9.92
C HIS A 3 -15.02 26.38 -8.72
N MET A 4 -15.65 25.48 -8.02
CA MET A 4 -14.99 24.85 -6.85
C MET A 4 -15.91 23.79 -6.22
N LEU A 5 -15.37 22.66 -5.87
CA LEU A 5 -16.22 21.60 -5.25
C LEU A 5 -15.37 20.37 -4.91
N GLU A 6 -15.12 20.14 -3.65
CA GLU A 6 -14.30 18.96 -3.26
C GLU A 6 -15.19 17.73 -3.07
N ASP A 7 -15.84 17.28 -4.11
CA ASP A 7 -16.73 16.09 -3.98
C ASP A 7 -15.88 14.83 -3.75
N PRO A 8 -15.03 14.54 -4.70
CA PRO A 8 -14.16 13.36 -4.60
C PRO A 8 -13.08 13.59 -3.55
N VAL A 9 -12.01 12.88 -3.66
CA VAL A 9 -10.90 13.02 -2.67
C VAL A 9 -11.44 12.89 -1.24
N GLU A 10 -11.22 11.76 -0.62
CA GLU A 10 -11.71 11.57 0.78
C GLU A 10 -13.22 11.83 0.84
N GLY A 11 -13.76 11.99 2.01
CA GLY A 11 -15.23 12.26 2.14
C GLY A 11 -15.99 10.93 2.00
N SER A 12 -15.31 9.87 1.71
CA SER A 12 -16.00 8.56 1.56
C SER A 12 -15.50 7.57 2.62
N GLU A 13 -14.66 8.01 3.51
CA GLU A 13 -14.11 7.12 4.56
C GLU A 13 -13.18 6.11 3.95
N SER A 14 -11.99 6.13 4.42
CA SER A 14 -10.95 5.19 3.93
C SER A 14 -10.98 3.89 4.73
N THR A 15 -10.14 2.94 4.40
CA THR A 15 -10.14 1.66 5.15
C THR A 15 -9.20 1.75 6.35
N THR A 16 -8.46 2.83 6.46
CA THR A 16 -7.53 2.98 7.61
C THR A 16 -6.93 4.38 7.63
N PRO A 17 -6.39 4.73 8.77
CA PRO A 17 -5.79 6.07 8.95
C PRO A 17 -4.37 6.11 8.35
N PHE A 18 -3.71 5.00 8.26
CA PHE A 18 -2.33 5.01 7.68
C PHE A 18 -2.27 4.20 6.38
N ASN A 19 -1.92 4.83 5.31
CA ASN A 19 -1.82 4.11 4.01
C ASN A 19 -0.53 4.53 3.30
N LEU A 20 -0.19 3.87 2.23
CA LEU A 20 1.07 4.22 1.51
C LEU A 20 1.02 3.79 0.04
N PHE A 21 1.92 4.28 -0.75
CA PHE A 21 1.95 3.91 -2.18
C PHE A 21 3.00 2.81 -2.38
N ILE A 22 2.90 2.04 -3.43
CA ILE A 22 3.89 0.96 -3.66
C ILE A 22 4.07 0.71 -5.16
N GLY A 23 5.25 0.35 -5.58
CA GLY A 23 5.48 0.10 -7.02
C GLY A 23 6.50 -1.03 -7.19
N ASN A 24 6.82 -1.38 -8.41
CA ASN A 24 7.80 -2.46 -8.65
C ASN A 24 7.20 -3.82 -8.28
N LEU A 25 5.90 -3.92 -8.29
CA LEU A 25 5.26 -5.22 -7.94
C LEU A 25 5.54 -6.25 -9.02
N ASN A 26 6.12 -7.35 -8.65
CA ASN A 26 6.44 -8.41 -9.65
C ASN A 26 5.28 -8.58 -10.64
N PRO A 27 5.45 -8.00 -11.79
CA PRO A 27 4.41 -8.08 -12.85
C PRO A 27 4.42 -9.47 -13.51
N ASN A 28 5.55 -10.13 -13.49
CA ASN A 28 5.62 -11.49 -14.11
C ASN A 28 4.93 -12.51 -13.21
N LYS A 29 4.83 -12.22 -11.95
CA LYS A 29 4.16 -13.16 -11.01
C LYS A 29 2.68 -12.81 -10.91
N SER A 30 2.06 -13.15 -9.82
CA SER A 30 0.62 -12.83 -9.66
C SER A 30 0.44 -11.61 -8.77
N VAL A 31 -0.52 -10.79 -9.06
CA VAL A 31 -0.73 -9.59 -8.21
C VAL A 31 -1.25 -10.03 -6.83
N ALA A 32 -1.98 -11.11 -6.80
CA ALA A 32 -2.50 -11.60 -5.48
C ALA A 32 -1.32 -12.07 -4.63
N GLU A 33 -0.30 -12.60 -5.25
CA GLU A 33 0.89 -13.05 -4.48
C GLU A 33 1.65 -11.84 -3.96
N LEU A 34 1.70 -10.79 -4.73
CA LEU A 34 2.40 -9.56 -4.28
C LEU A 34 1.70 -9.02 -3.03
N LYS A 35 0.41 -9.15 -2.98
CA LYS A 35 -0.34 -8.65 -1.79
C LYS A 35 0.08 -9.46 -0.57
N VAL A 36 -0.05 -10.75 -0.64
CA VAL A 36 0.36 -11.60 0.51
C VAL A 36 1.83 -11.37 0.82
N ALA A 37 2.64 -11.25 -0.19
CA ALA A 37 4.08 -11.00 0.07
C ALA A 37 4.24 -9.70 0.85
N ILE A 38 3.32 -8.79 0.68
CA ILE A 38 3.40 -7.51 1.42
C ILE A 38 2.76 -7.69 2.81
N SER A 39 1.76 -8.55 2.91
CA SER A 39 1.13 -8.77 4.23
C SER A 39 2.00 -9.72 5.05
N GLU A 40 2.82 -10.49 4.38
CA GLU A 40 3.71 -11.43 5.08
C GLU A 40 5.00 -10.70 5.46
N LEU A 41 5.47 -9.86 4.59
CA LEU A 41 6.71 -9.10 4.90
C LEU A 41 6.42 -8.19 6.09
N PHE A 42 5.23 -7.67 6.15
CA PHE A 42 4.87 -6.80 7.29
C PHE A 42 4.42 -7.67 8.46
N ALA A 43 4.01 -8.87 8.17
CA ALA A 43 3.57 -9.78 9.26
C ALA A 43 4.80 -10.39 9.92
N LYS A 44 5.91 -10.39 9.23
CA LYS A 44 7.17 -10.94 9.79
C LYS A 44 8.07 -9.78 10.24
N ASN A 45 7.84 -8.61 9.72
CA ASN A 45 8.67 -7.44 10.12
C ASN A 45 8.15 -6.85 11.43
N ASP A 46 6.89 -7.14 11.74
CA ASP A 46 6.23 -6.61 13.00
C ASP A 46 5.40 -5.39 12.64
N LEU A 47 4.91 -5.37 11.44
CA LEU A 47 4.07 -4.22 11.00
C LEU A 47 2.60 -4.55 11.29
N ALA A 48 1.71 -4.10 10.45
CA ALA A 48 0.27 -4.38 10.67
C ALA A 48 -0.54 -3.81 9.51
N VAL A 49 -0.28 -4.28 8.32
CA VAL A 49 -1.01 -3.77 7.15
C VAL A 49 -2.49 -4.10 7.26
N VAL A 50 -3.30 -3.09 7.36
CA VAL A 50 -4.76 -3.28 7.48
C VAL A 50 -5.40 -3.53 6.10
N ASP A 51 -4.75 -3.10 5.05
CA ASP A 51 -5.32 -3.30 3.70
C ASP A 51 -4.22 -3.29 2.64
N VAL A 52 -4.46 -3.92 1.52
CA VAL A 52 -3.44 -3.94 0.43
C VAL A 52 -4.13 -4.11 -0.93
N ARG A 53 -3.83 -3.26 -1.87
CA ARG A 53 -4.47 -3.38 -3.22
C ARG A 53 -3.40 -3.37 -4.32
N THR A 54 -3.80 -3.50 -5.55
CA THR A 54 -2.80 -3.49 -6.65
C THR A 54 -3.41 -2.92 -7.94
N GLY A 55 -2.60 -2.33 -8.77
CA GLY A 55 -3.12 -1.75 -10.03
C GLY A 55 -1.95 -1.28 -10.91
N THR A 56 -2.21 -0.43 -11.85
CA THR A 56 -1.13 0.07 -12.74
C THR A 56 -0.41 -1.08 -13.44
N ASN A 57 -0.94 -1.53 -14.55
CA ASN A 57 -0.29 -2.64 -15.30
C ASN A 57 0.25 -3.71 -14.34
N ARG A 58 -0.56 -4.14 -13.40
CA ARG A 58 -0.11 -5.17 -12.43
C ARG A 58 1.37 -4.98 -12.05
N LYS A 59 1.81 -3.75 -11.96
CA LYS A 59 3.23 -3.50 -11.61
C LYS A 59 3.32 -2.65 -10.34
N PHE A 60 2.26 -1.96 -10.00
CA PHE A 60 2.27 -1.11 -8.78
C PHE A 60 1.11 -1.51 -7.87
N GLY A 61 1.08 -1.01 -6.66
CA GLY A 61 -0.04 -1.40 -5.76
C GLY A 61 -0.14 -0.42 -4.58
N TYR A 62 -1.18 -0.57 -3.79
CA TYR A 62 -1.37 0.34 -2.62
C TYR A 62 -1.44 -0.49 -1.33
N VAL A 63 -1.25 0.14 -0.20
CA VAL A 63 -1.30 -0.63 1.07
C VAL A 63 -1.91 0.21 2.19
N ASP A 64 -2.23 -0.41 3.28
CA ASP A 64 -2.84 0.33 4.42
C ASP A 64 -2.31 -0.21 5.75
N PHE A 65 -2.11 0.64 6.72
CA PHE A 65 -1.60 0.18 8.03
C PHE A 65 -2.61 0.46 9.14
N GLU A 66 -2.26 0.12 10.35
CA GLU A 66 -3.21 0.35 11.48
C GLU A 66 -2.68 1.40 12.45
N SER A 67 -1.61 2.07 12.10
CA SER A 67 -1.05 3.10 13.02
C SER A 67 0.00 3.97 12.35
N ALA A 68 0.46 4.94 13.08
CA ALA A 68 1.53 5.84 12.58
C ALA A 68 2.84 5.09 12.68
N GLU A 69 2.86 4.13 13.56
CA GLU A 69 4.07 3.33 13.77
C GLU A 69 4.21 2.32 12.62
N ASP A 70 3.11 1.91 12.06
CA ASP A 70 3.17 0.97 10.92
C ASP A 70 3.44 1.78 9.66
N LEU A 71 3.02 3.01 9.66
CA LEU A 71 3.25 3.88 8.48
C LEU A 71 4.73 4.26 8.40
N GLU A 72 5.36 4.49 9.53
CA GLU A 72 6.80 4.87 9.53
C GLU A 72 7.66 3.63 9.24
N LYS A 73 7.29 2.50 9.78
CA LYS A 73 8.06 1.27 9.50
C LYS A 73 7.70 0.81 8.11
N ALA A 74 6.52 1.18 7.67
CA ALA A 74 6.10 0.80 6.31
C ALA A 74 6.93 1.57 5.30
N LEU A 75 7.32 2.77 5.65
CA LEU A 75 8.16 3.58 4.72
C LEU A 75 9.55 2.95 4.67
N GLU A 76 10.05 2.56 5.82
CA GLU A 76 11.39 1.91 5.83
C GLU A 76 11.26 0.49 5.28
N LEU A 77 10.05 0.03 5.10
CA LEU A 77 9.83 -1.35 4.55
C LEU A 77 10.19 -1.40 3.05
N THR A 78 10.65 -0.31 2.50
CA THR A 78 11.00 -0.30 1.05
C THR A 78 12.36 -0.96 0.83
N GLY A 79 12.93 -1.50 1.85
CA GLY A 79 14.25 -2.17 1.71
C GLY A 79 14.07 -3.69 1.64
N LEU A 80 12.91 -4.14 1.23
CA LEU A 80 12.67 -5.60 1.15
C LEU A 80 12.17 -5.99 -0.23
N LYS A 81 12.80 -6.95 -0.83
CA LYS A 81 12.36 -7.40 -2.19
C LYS A 81 11.25 -8.41 -2.05
N VAL A 82 10.08 -7.93 -1.89
CA VAL A 82 8.87 -8.80 -1.74
C VAL A 82 9.03 -10.09 -2.54
N PHE A 83 8.46 -10.14 -3.70
CA PHE A 83 8.56 -11.38 -4.53
C PHE A 83 9.87 -11.36 -5.36
N GLY A 84 10.85 -10.63 -4.94
CA GLY A 84 12.13 -10.58 -5.70
C GLY A 84 12.36 -9.17 -6.23
N ASN A 85 11.72 -8.20 -5.64
CA ASN A 85 11.89 -6.80 -6.10
C ASN A 85 11.59 -5.85 -4.95
N GLU A 86 12.57 -5.09 -4.51
CA GLU A 86 12.33 -4.16 -3.38
C GLU A 86 11.17 -3.22 -3.71
N ILE A 87 9.96 -3.66 -3.46
CA ILE A 87 8.78 -2.80 -3.76
C ILE A 87 9.07 -1.36 -3.37
N LYS A 88 8.81 -0.44 -4.25
CA LYS A 88 9.07 0.99 -3.93
C LYS A 88 7.77 1.67 -3.49
N LEU A 89 7.76 2.22 -2.32
CA LEU A 89 6.53 2.90 -1.83
C LEU A 89 6.80 4.37 -1.57
N GLU A 90 5.78 5.13 -1.27
CA GLU A 90 5.98 6.58 -1.02
C GLU A 90 4.67 7.22 -0.53
N LYS A 91 4.77 8.22 0.31
CA LYS A 91 3.54 8.88 0.82
C LYS A 91 2.63 9.27 -0.35
N PRO A 92 1.53 8.58 -0.46
CA PRO A 92 0.56 8.85 -1.54
C PRO A 92 -0.18 10.17 -1.29
N LYS A 93 -1.14 10.48 -2.11
CA LYS A 93 -1.91 11.75 -1.92
C LYS A 93 -3.15 11.75 -2.81
N GLY A 94 -3.59 12.91 -3.24
CA GLY A 94 -4.80 12.97 -4.11
C GLY A 94 -4.49 13.82 -5.35
N ARG A 95 -3.40 13.54 -6.01
CA ARG A 95 -3.04 14.33 -7.22
C ARG A 95 -3.18 15.83 -6.95
N ASP A 96 -3.61 16.59 -7.92
CA ASP A 96 -3.76 18.06 -7.71
C ASP A 96 -4.40 18.33 -6.35
N GLY A 97 -3.69 19.01 -5.47
CA GLY A 97 -4.26 19.31 -4.14
C GLY A 97 -3.51 18.52 -3.07
N THR A 98 -2.31 18.93 -2.74
CA THR A 98 -1.53 18.19 -1.71
C THR A 98 -1.92 18.67 -0.31
N ARG A 99 -1.53 17.94 0.71
CA ARG A 99 -1.88 18.36 2.10
C ARG A 99 -0.62 18.40 2.97
N GLY A 100 0.49 18.78 2.40
CA GLY A 100 1.75 18.83 3.19
C GLY A 100 1.94 20.24 3.73
N CYS A 101 0.89 21.02 3.76
CA CYS A 101 1.01 22.42 4.29
C CYS A 101 -0.27 22.82 5.03
N GLY A 1 -26.12 14.29 12.60
CA GLY A 1 -25.71 13.98 11.21
C GLY A 1 -26.85 13.26 10.48
N SER A 2 -27.31 13.80 9.39
CA SER A 2 -28.42 13.15 8.64
C SER A 2 -27.92 12.67 7.28
N HIS A 3 -28.31 11.48 6.88
CA HIS A 3 -27.86 10.95 5.56
C HIS A 3 -26.34 11.10 5.41
N MET A 4 -25.60 10.63 6.37
CA MET A 4 -24.11 10.75 6.29
C MET A 4 -23.58 9.95 5.10
N LEU A 5 -23.95 8.70 5.01
CA LEU A 5 -23.46 7.87 3.86
C LEU A 5 -24.27 6.57 3.78
N GLU A 6 -23.86 5.66 2.95
CA GLU A 6 -24.59 4.38 2.81
C GLU A 6 -23.80 3.25 3.47
N ASP A 7 -22.93 2.61 2.73
CA ASP A 7 -22.14 1.48 3.32
C ASP A 7 -21.04 2.04 4.23
N PRO A 8 -20.20 2.86 3.65
CA PRO A 8 -19.09 3.47 4.42
C PRO A 8 -19.62 4.54 5.36
N VAL A 9 -20.14 4.13 6.47
CA VAL A 9 -20.68 5.10 7.46
C VAL A 9 -19.68 5.30 8.61
N GLU A 10 -18.48 5.71 8.29
CA GLU A 10 -17.47 5.92 9.36
C GLU A 10 -16.84 7.32 9.23
N GLY A 11 -16.70 8.02 10.32
CA GLY A 11 -16.10 9.38 10.25
C GLY A 11 -14.62 9.31 10.64
N SER A 12 -13.86 8.52 9.96
CA SER A 12 -12.40 8.41 10.29
C SER A 12 -11.56 8.73 9.07
N GLU A 13 -11.39 7.78 8.18
CA GLU A 13 -10.58 8.00 6.96
C GLU A 13 -10.37 6.69 6.24
N SER A 14 -10.76 6.66 5.03
CA SER A 14 -10.61 5.46 4.17
C SER A 14 -10.66 4.17 5.00
N THR A 15 -9.97 3.16 4.58
CA THR A 15 -9.97 1.88 5.35
C THR A 15 -8.98 1.95 6.50
N THR A 16 -8.31 3.06 6.66
CA THR A 16 -7.33 3.21 7.77
C THR A 16 -6.77 4.63 7.80
N PRO A 17 -6.11 4.95 8.89
CA PRO A 17 -5.52 6.29 9.05
C PRO A 17 -4.24 6.42 8.22
N PHE A 18 -3.51 5.35 8.05
CA PHE A 18 -2.25 5.44 7.26
C PHE A 18 -2.38 4.67 5.94
N ASN A 19 -2.50 5.37 4.84
CA ASN A 19 -2.63 4.69 3.53
C ASN A 19 -1.81 5.44 2.48
N LEU A 20 -1.42 4.76 1.44
CA LEU A 20 -0.62 5.41 0.37
C LEU A 20 -0.50 4.51 -0.85
N PHE A 21 0.36 4.84 -1.77
CA PHE A 21 0.52 4.00 -2.99
C PHE A 21 1.90 3.32 -2.99
N ILE A 22 2.05 2.26 -3.72
CA ILE A 22 3.35 1.55 -3.76
C ILE A 22 3.61 1.07 -5.20
N GLY A 23 4.84 0.80 -5.53
CA GLY A 23 5.14 0.35 -6.91
C GLY A 23 6.23 -0.74 -6.88
N ASN A 24 6.73 -1.10 -8.03
CA ASN A 24 7.80 -2.14 -8.11
C ASN A 24 7.20 -3.54 -7.85
N LEU A 25 5.99 -3.77 -8.28
CA LEU A 25 5.36 -5.11 -8.07
C LEU A 25 5.77 -6.05 -9.20
N ASN A 26 6.15 -7.24 -8.87
CA ASN A 26 6.57 -8.22 -9.91
C ASN A 26 5.42 -8.47 -10.89
N PRO A 27 5.57 -7.99 -12.09
CA PRO A 27 4.55 -8.17 -13.13
C PRO A 27 4.56 -9.60 -13.66
N ASN A 28 5.68 -10.27 -13.57
CA ASN A 28 5.76 -11.68 -14.07
C ASN A 28 5.07 -12.62 -13.07
N LYS A 29 5.00 -12.21 -11.84
CA LYS A 29 4.33 -13.07 -10.81
C LYS A 29 2.85 -12.70 -10.72
N SER A 30 2.25 -12.94 -9.59
CA SER A 30 0.81 -12.58 -9.44
C SER A 30 0.66 -11.42 -8.46
N VAL A 31 -0.23 -10.52 -8.75
CA VAL A 31 -0.42 -9.38 -7.82
C VAL A 31 -1.01 -9.89 -6.51
N ALA A 32 -1.86 -10.88 -6.58
CA ALA A 32 -2.44 -11.43 -5.33
C ALA A 32 -1.32 -11.99 -4.45
N GLU A 33 -0.28 -12.49 -5.06
CA GLU A 33 0.86 -13.03 -4.27
C GLU A 33 1.65 -11.87 -3.66
N LEU A 34 1.73 -10.77 -4.36
CA LEU A 34 2.46 -9.60 -3.81
C LEU A 34 1.71 -9.07 -2.59
N LYS A 35 0.42 -9.22 -2.58
CA LYS A 35 -0.39 -8.75 -1.42
C LYS A 35 -0.07 -9.63 -0.21
N VAL A 36 -0.24 -10.91 -0.35
CA VAL A 36 0.07 -11.84 0.79
C VAL A 36 1.55 -11.76 1.10
N ALA A 37 2.38 -11.63 0.10
CA ALA A 37 3.83 -11.53 0.37
C ALA A 37 4.11 -10.27 1.18
N ILE A 38 3.34 -9.24 0.95
CA ILE A 38 3.54 -7.99 1.72
C ILE A 38 2.86 -8.12 3.09
N SER A 39 1.81 -8.90 3.16
CA SER A 39 1.11 -9.09 4.47
C SER A 39 1.92 -10.05 5.33
N GLU A 40 2.59 -10.97 4.70
CA GLU A 40 3.42 -11.94 5.45
C GLU A 40 4.74 -11.30 5.85
N LEU A 41 5.29 -10.50 4.98
CA LEU A 41 6.56 -9.82 5.31
C LEU A 41 6.34 -8.82 6.44
N PHE A 42 5.17 -8.23 6.48
CA PHE A 42 4.88 -7.26 7.55
C PHE A 42 4.33 -8.00 8.77
N ALA A 43 3.89 -9.21 8.59
CA ALA A 43 3.35 -9.98 9.74
C ALA A 43 4.48 -10.72 10.43
N LYS A 44 5.49 -11.09 9.70
CA LYS A 44 6.63 -11.82 10.31
C LYS A 44 7.69 -10.82 10.77
N ASN A 45 7.67 -9.64 10.22
CA ASN A 45 8.65 -8.60 10.62
C ASN A 45 8.23 -7.97 11.94
N ASP A 46 7.05 -7.39 11.95
CA ASP A 46 6.48 -6.74 13.17
C ASP A 46 5.58 -5.56 12.77
N LEU A 47 4.98 -5.63 11.62
CA LEU A 47 4.10 -4.52 11.18
C LEU A 47 2.63 -4.97 11.24
N ALA A 48 1.77 -4.32 10.52
CA ALA A 48 0.34 -4.71 10.54
C ALA A 48 -0.37 -4.17 9.29
N VAL A 49 0.01 -4.64 8.14
CA VAL A 49 -0.62 -4.17 6.88
C VAL A 49 -2.13 -4.35 6.97
N VAL A 50 -2.83 -3.26 6.94
CA VAL A 50 -4.33 -3.30 7.03
C VAL A 50 -4.92 -3.59 5.65
N ASP A 51 -4.34 -3.07 4.61
CA ASP A 51 -4.90 -3.31 3.25
C ASP A 51 -3.79 -3.24 2.19
N VAL A 52 -4.06 -3.74 1.02
CA VAL A 52 -3.04 -3.69 -0.08
C VAL A 52 -3.74 -3.85 -1.44
N ARG A 53 -3.91 -2.77 -2.14
CA ARG A 53 -4.59 -2.85 -3.47
C ARG A 53 -3.55 -2.99 -4.59
N THR A 54 -3.98 -3.40 -5.75
CA THR A 54 -3.02 -3.58 -6.87
C THR A 54 -2.80 -2.26 -7.61
N GLY A 55 -1.74 -2.16 -8.36
CA GLY A 55 -1.46 -0.91 -9.11
C GLY A 55 -1.52 -1.19 -10.61
N THR A 56 -2.39 -0.48 -11.30
CA THR A 56 -2.58 -0.65 -12.78
C THR A 56 -1.36 -1.30 -13.45
N ASN A 57 -1.60 -2.14 -14.41
CA ASN A 57 -0.47 -2.82 -15.13
C ASN A 57 0.16 -3.87 -14.22
N ARG A 58 -0.53 -4.28 -13.20
CA ARG A 58 0.03 -5.31 -12.28
C ARG A 58 1.50 -4.99 -11.98
N LYS A 59 1.86 -3.73 -12.06
CA LYS A 59 3.27 -3.35 -11.79
C LYS A 59 3.37 -2.55 -10.50
N PHE A 60 2.27 -2.02 -10.02
CA PHE A 60 2.32 -1.25 -8.74
C PHE A 60 1.22 -1.74 -7.81
N GLY A 61 0.98 -1.03 -6.75
CA GLY A 61 -0.08 -1.46 -5.79
C GLY A 61 -0.15 -0.50 -4.62
N TYR A 62 -1.28 -0.43 -3.97
CA TYR A 62 -1.41 0.49 -2.80
C TYR A 62 -1.47 -0.31 -1.51
N VAL A 63 -1.24 0.32 -0.39
CA VAL A 63 -1.27 -0.43 0.88
C VAL A 63 -1.70 0.49 2.03
N ASP A 64 -2.44 -0.03 2.96
CA ASP A 64 -2.90 0.77 4.12
C ASP A 64 -2.27 0.24 5.41
N PHE A 65 -1.95 1.11 6.33
CA PHE A 65 -1.33 0.63 7.61
C PHE A 65 -2.31 0.79 8.77
N GLU A 66 -1.94 0.37 9.95
CA GLU A 66 -2.86 0.48 11.10
C GLU A 66 -2.34 1.47 12.14
N SER A 67 -1.30 2.18 11.84
CA SER A 67 -0.77 3.16 12.83
C SER A 67 0.37 3.99 12.26
N ALA A 68 0.85 4.89 13.05
CA ALA A 68 2.00 5.73 12.62
C ALA A 68 3.26 4.91 12.80
N GLU A 69 3.16 3.94 13.65
CA GLU A 69 4.32 3.05 13.92
C GLU A 69 4.40 1.98 12.84
N ASP A 70 3.27 1.66 12.26
CA ASP A 70 3.27 0.65 11.16
C ASP A 70 3.66 1.38 9.89
N LEU A 71 3.39 2.66 9.84
CA LEU A 71 3.77 3.46 8.66
C LEU A 71 5.25 3.81 8.75
N GLU A 72 5.73 4.02 9.94
CA GLU A 72 7.17 4.37 10.11
C GLU A 72 8.02 3.12 9.83
N LYS A 73 7.53 1.97 10.18
CA LYS A 73 8.29 0.74 9.89
C LYS A 73 8.16 0.48 8.41
N ALA A 74 7.06 0.91 7.86
CA ALA A 74 6.84 0.73 6.41
C ALA A 74 7.83 1.62 5.65
N LEU A 75 8.24 2.70 6.25
CA LEU A 75 9.22 3.59 5.59
C LEU A 75 10.58 2.90 5.61
N GLU A 76 10.96 2.37 6.73
CA GLU A 76 12.25 1.64 6.79
C GLU A 76 12.13 0.34 6.00
N LEU A 77 10.94 -0.02 5.63
CA LEU A 77 10.72 -1.27 4.85
C LEU A 77 11.23 -1.10 3.41
N THR A 78 11.81 0.03 3.09
CA THR A 78 12.32 0.24 1.71
C THR A 78 13.33 -0.84 1.34
N GLY A 79 13.79 -1.55 2.31
CA GLY A 79 14.76 -2.66 2.05
C GLY A 79 13.98 -3.96 1.80
N LEU A 80 12.86 -3.86 1.15
CA LEU A 80 12.03 -5.06 0.87
C LEU A 80 12.42 -5.73 -0.45
N LYS A 81 11.61 -6.65 -0.88
CA LYS A 81 11.89 -7.37 -2.16
C LYS A 81 10.93 -8.52 -2.30
N VAL A 82 9.68 -8.20 -2.19
CA VAL A 82 8.58 -9.21 -2.28
C VAL A 82 9.02 -10.43 -3.10
N PHE A 83 8.64 -10.48 -4.32
CA PHE A 83 9.06 -11.62 -5.18
C PHE A 83 10.39 -11.27 -5.86
N GLY A 84 11.27 -10.62 -5.12
CA GLY A 84 12.57 -10.21 -5.70
C GLY A 84 12.43 -8.81 -6.29
N ASN A 85 11.48 -8.05 -5.79
CA ASN A 85 11.27 -6.67 -6.32
C ASN A 85 11.00 -5.74 -5.14
N GLU A 86 12.02 -5.22 -4.53
CA GLU A 86 11.82 -4.33 -3.36
C GLU A 86 10.67 -3.37 -3.60
N ILE A 87 9.50 -3.72 -3.15
CA ILE A 87 8.32 -2.83 -3.36
C ILE A 87 8.65 -1.42 -2.88
N LYS A 88 8.10 -0.44 -3.53
CA LYS A 88 8.37 0.97 -3.14
C LYS A 88 7.06 1.65 -2.75
N LEU A 89 7.13 2.68 -1.96
CA LEU A 89 5.89 3.38 -1.55
C LEU A 89 5.93 4.85 -2.00
N GLU A 90 4.85 5.55 -1.85
CA GLU A 90 4.82 6.98 -2.26
C GLU A 90 3.59 7.68 -1.67
N LYS A 91 3.59 8.99 -1.66
CA LYS A 91 2.43 9.73 -1.09
C LYS A 91 1.54 10.27 -2.22
N PRO A 92 0.48 9.56 -2.49
CA PRO A 92 -0.46 9.97 -3.55
C PRO A 92 -1.29 11.16 -3.10
N LYS A 93 -2.20 11.60 -3.92
CA LYS A 93 -3.07 12.76 -3.54
C LYS A 93 -2.21 13.84 -2.86
N GLY A 94 -1.27 14.41 -3.58
CA GLY A 94 -0.42 15.47 -2.97
C GLY A 94 0.90 15.56 -3.74
N ARG A 95 1.96 15.05 -3.17
CA ARG A 95 3.27 15.09 -3.87
C ARG A 95 3.10 14.76 -5.35
N ASP A 96 4.00 15.21 -6.19
CA ASP A 96 3.89 14.92 -7.64
C ASP A 96 5.03 14.02 -8.09
N GLY A 97 5.35 14.02 -9.35
CA GLY A 97 6.45 13.16 -9.85
C GLY A 97 7.73 13.44 -9.05
N THR A 98 8.54 14.34 -9.50
CA THR A 98 9.80 14.66 -8.75
C THR A 98 9.53 14.72 -7.26
N ARG A 99 10.47 14.30 -6.46
CA ARG A 99 10.26 14.34 -4.98
C ARG A 99 10.15 15.78 -4.50
N GLY A 100 11.26 16.43 -4.26
CA GLY A 100 11.22 17.85 -3.79
C GLY A 100 11.61 17.91 -2.32
N CYS A 101 12.75 17.36 -1.98
CA CYS A 101 13.19 17.39 -0.55
C CYS A 101 14.71 17.51 -0.47
N GLY A 1 -3.93 23.42 16.69
CA GLY A 1 -3.11 22.34 17.31
C GLY A 1 -1.86 22.11 16.46
N SER A 2 -0.71 22.43 16.99
CA SER A 2 0.55 22.23 16.21
C SER A 2 1.02 20.78 16.33
N HIS A 3 0.73 20.14 17.43
CA HIS A 3 1.15 18.72 17.61
C HIS A 3 -0.02 17.78 17.33
N MET A 4 0.22 16.71 16.61
CA MET A 4 -0.87 15.76 16.31
C MET A 4 -1.39 15.11 17.60
N LEU A 5 -0.63 15.19 18.65
CA LEU A 5 -1.08 14.58 19.94
C LEU A 5 -1.50 13.13 19.72
N GLU A 6 -2.74 12.90 19.40
CA GLU A 6 -3.21 11.50 19.18
C GLU A 6 -4.72 11.48 18.91
N ASP A 7 -5.17 12.30 18.01
CA ASP A 7 -6.64 12.32 17.70
C ASP A 7 -6.86 12.26 16.19
N PRO A 8 -6.57 11.12 15.62
CA PRO A 8 -6.74 10.92 14.17
C PRO A 8 -8.22 10.83 13.81
N VAL A 9 -8.85 11.97 13.72
CA VAL A 9 -10.30 12.00 13.39
C VAL A 9 -10.54 12.84 12.13
N GLU A 10 -10.53 12.21 10.98
CA GLU A 10 -10.76 12.98 9.72
C GLU A 10 -12.23 12.93 9.32
N GLY A 11 -12.55 13.38 8.15
CA GLY A 11 -13.98 13.36 7.70
C GLY A 11 -14.28 12.03 7.00
N SER A 12 -13.29 11.43 6.42
CA SER A 12 -13.52 10.13 5.72
C SER A 12 -12.26 9.72 4.94
N GLU A 13 -11.56 8.74 5.42
CA GLU A 13 -10.33 8.29 4.73
C GLU A 13 -10.53 6.86 4.23
N SER A 14 -9.60 6.01 4.52
CA SER A 14 -9.70 4.60 4.07
C SER A 14 -10.03 3.68 5.26
N THR A 15 -9.96 2.40 5.06
CA THR A 15 -10.27 1.46 6.18
C THR A 15 -9.38 1.76 7.38
N THR A 16 -8.29 2.44 7.16
CA THR A 16 -7.36 2.77 8.28
C THR A 16 -6.85 4.21 8.13
N PRO A 17 -6.30 4.71 9.20
CA PRO A 17 -5.76 6.09 9.19
C PRO A 17 -4.43 6.14 8.44
N PHE A 18 -3.75 5.04 8.30
CA PHE A 18 -2.45 5.05 7.57
C PHE A 18 -2.60 4.39 6.20
N ASN A 19 -2.46 5.15 5.15
CA ASN A 19 -2.59 4.57 3.78
C ASN A 19 -1.61 5.27 2.83
N LEU A 20 -0.99 4.53 1.95
CA LEU A 20 -0.02 5.18 1.01
C LEU A 20 0.01 4.44 -0.32
N PHE A 21 0.99 4.74 -1.11
CA PHE A 21 1.14 4.10 -2.45
C PHE A 21 2.46 3.32 -2.52
N ILE A 22 2.54 2.35 -3.39
CA ILE A 22 3.80 1.57 -3.51
C ILE A 22 4.02 1.17 -4.97
N GLY A 23 5.25 1.00 -5.38
CA GLY A 23 5.52 0.62 -6.78
C GLY A 23 6.53 -0.54 -6.80
N ASN A 24 6.98 -0.93 -7.96
CA ASN A 24 7.96 -2.06 -8.05
C ASN A 24 7.27 -3.37 -7.67
N LEU A 25 6.21 -3.71 -8.34
CA LEU A 25 5.49 -4.98 -8.03
C LEU A 25 5.99 -6.09 -8.94
N ASN A 26 6.45 -7.16 -8.37
CA ASN A 26 6.95 -8.30 -9.18
C ASN A 26 5.99 -8.56 -10.36
N PRO A 27 6.41 -8.09 -11.51
CA PRO A 27 5.58 -8.27 -12.73
C PRO A 27 5.66 -9.72 -13.24
N ASN A 28 6.57 -10.49 -12.71
CA ASN A 28 6.70 -11.91 -13.16
C ASN A 28 5.67 -12.78 -12.44
N LYS A 29 4.99 -12.23 -11.47
CA LYS A 29 3.97 -13.01 -10.72
C LYS A 29 2.62 -12.29 -10.77
N SER A 30 1.78 -12.53 -9.80
CA SER A 30 0.44 -11.84 -9.79
C SER A 30 0.47 -10.67 -8.83
N VAL A 31 -0.26 -9.64 -9.13
CA VAL A 31 -0.26 -8.46 -8.21
C VAL A 31 -0.86 -8.88 -6.86
N ALA A 32 -1.84 -9.74 -6.89
CA ALA A 32 -2.46 -10.20 -5.60
C ALA A 32 -1.40 -10.88 -4.73
N GLU A 33 -0.71 -11.83 -5.28
CA GLU A 33 0.35 -12.52 -4.49
C GLU A 33 1.34 -11.49 -3.96
N LEU A 34 1.55 -10.43 -4.70
CA LEU A 34 2.48 -9.38 -4.23
C LEU A 34 1.91 -8.71 -2.99
N LYS A 35 0.61 -8.61 -2.91
CA LYS A 35 -0.01 -7.99 -1.71
C LYS A 35 0.28 -8.87 -0.50
N VAL A 36 -0.08 -10.12 -0.57
CA VAL A 36 0.20 -11.05 0.56
C VAL A 36 1.69 -11.06 0.87
N ALA A 37 2.51 -10.89 -0.13
CA ALA A 37 3.97 -10.89 0.12
C ALA A 37 4.32 -9.69 0.99
N ILE A 38 3.63 -8.60 0.80
CA ILE A 38 3.89 -7.40 1.64
C ILE A 38 3.19 -7.57 2.99
N SER A 39 2.12 -8.32 3.02
CA SER A 39 1.41 -8.52 4.32
C SER A 39 2.16 -9.57 5.14
N GLU A 40 2.80 -10.49 4.47
CA GLU A 40 3.57 -11.55 5.17
C GLU A 40 4.93 -11.00 5.58
N LEU A 41 5.53 -10.22 4.73
CA LEU A 41 6.86 -9.63 5.08
C LEU A 41 6.68 -8.65 6.23
N PHE A 42 5.56 -7.98 6.27
CA PHE A 42 5.32 -7.02 7.37
C PHE A 42 4.84 -7.78 8.61
N ALA A 43 4.28 -8.94 8.40
CA ALA A 43 3.78 -9.73 9.57
C ALA A 43 4.95 -10.43 10.26
N LYS A 44 5.99 -10.72 9.53
CA LYS A 44 7.17 -11.39 10.14
C LYS A 44 8.11 -10.34 10.70
N ASN A 45 7.98 -9.13 10.24
CA ASN A 45 8.86 -8.04 10.74
C ASN A 45 8.32 -7.53 12.07
N ASP A 46 7.10 -7.04 12.06
CA ASP A 46 6.42 -6.51 13.28
C ASP A 46 5.44 -5.40 12.90
N LEU A 47 4.84 -5.51 11.74
CA LEU A 47 3.89 -4.45 11.31
C LEU A 47 2.46 -4.97 11.42
N ALA A 48 1.55 -4.38 10.69
CA ALA A 48 0.13 -4.84 10.75
C ALA A 48 -0.61 -4.38 9.49
N VAL A 49 -0.16 -4.83 8.35
CA VAL A 49 -0.82 -4.43 7.09
C VAL A 49 -2.34 -4.62 7.21
N VAL A 50 -3.05 -3.55 7.10
CA VAL A 50 -4.54 -3.61 7.22
C VAL A 50 -5.15 -3.86 5.83
N ASP A 51 -4.63 -3.22 4.83
CA ASP A 51 -5.18 -3.42 3.45
C ASP A 51 -4.07 -3.31 2.40
N VAL A 52 -4.28 -3.85 1.24
CA VAL A 52 -3.25 -3.79 0.16
C VAL A 52 -3.93 -3.98 -1.19
N ARG A 53 -3.91 -2.98 -2.03
CA ARG A 53 -4.57 -3.12 -3.37
C ARG A 53 -3.51 -3.07 -4.48
N THR A 54 -3.87 -3.49 -5.66
CA THR A 54 -2.91 -3.47 -6.79
C THR A 54 -2.89 -2.08 -7.43
N GLY A 55 -1.97 -1.85 -8.32
CA GLY A 55 -1.89 -0.52 -9.00
C GLY A 55 -1.69 -0.73 -10.50
N THR A 56 -2.47 -0.06 -11.31
CA THR A 56 -2.32 -0.21 -12.79
C THR A 56 -2.32 -1.71 -13.16
N ASN A 57 -1.48 -2.09 -14.08
CA ASN A 57 -1.44 -3.52 -14.49
C ASN A 57 -0.25 -4.21 -13.82
N ARG A 58 -0.37 -4.58 -12.58
CA ARG A 58 0.75 -5.26 -11.89
C ARG A 58 2.01 -4.40 -11.93
N LYS A 59 1.85 -3.11 -11.99
CA LYS A 59 3.05 -2.22 -12.03
C LYS A 59 3.30 -1.61 -10.64
N PHE A 60 2.25 -1.39 -9.90
CA PHE A 60 2.40 -0.82 -8.54
C PHE A 60 1.27 -1.31 -7.64
N GLY A 61 1.26 -0.94 -6.39
CA GLY A 61 0.16 -1.42 -5.50
C GLY A 61 -0.04 -0.44 -4.33
N TYR A 62 -1.24 -0.34 -3.84
CA TYR A 62 -1.52 0.58 -2.69
C TYR A 62 -1.64 -0.23 -1.41
N VAL A 63 -1.49 0.40 -0.29
CA VAL A 63 -1.58 -0.36 0.98
C VAL A 63 -2.01 0.54 2.14
N ASP A 64 -2.61 -0.05 3.14
CA ASP A 64 -3.06 0.72 4.32
C ASP A 64 -2.45 0.14 5.60
N PHE A 65 -2.04 0.98 6.51
CA PHE A 65 -1.43 0.47 7.77
C PHE A 65 -2.37 0.71 8.95
N GLU A 66 -2.03 0.21 10.10
CA GLU A 66 -2.91 0.39 11.29
C GLU A 66 -2.24 1.23 12.36
N SER A 67 -1.19 1.92 12.02
CA SER A 67 -0.51 2.77 13.05
C SER A 67 0.47 3.75 12.43
N ALA A 68 1.02 4.56 13.27
CA ALA A 68 2.03 5.54 12.82
C ALA A 68 3.39 4.86 12.90
N GLU A 69 3.46 3.88 13.76
CA GLU A 69 4.72 3.11 13.91
C GLU A 69 4.70 1.97 12.89
N ASP A 70 3.53 1.63 12.43
CA ASP A 70 3.42 0.57 11.40
C ASP A 70 3.65 1.22 10.05
N LEU A 71 3.26 2.46 9.93
CA LEU A 71 3.47 3.18 8.65
C LEU A 71 4.94 3.57 8.52
N GLU A 72 5.58 3.89 9.61
CA GLU A 72 7.01 4.28 9.55
C GLU A 72 7.88 3.04 9.36
N LYS A 73 7.50 1.93 9.93
CA LYS A 73 8.30 0.70 9.74
C LYS A 73 7.97 0.18 8.36
N ALA A 74 6.80 0.49 7.88
CA ALA A 74 6.42 0.04 6.53
C ALA A 74 7.22 0.86 5.51
N LEU A 75 7.60 2.05 5.88
CA LEU A 75 8.40 2.90 4.97
C LEU A 75 9.79 2.27 4.87
N GLU A 76 10.34 1.90 5.99
CA GLU A 76 11.68 1.25 5.97
C GLU A 76 11.54 -0.14 5.34
N LEU A 77 10.33 -0.63 5.25
CA LEU A 77 10.11 -1.97 4.66
C LEU A 77 10.31 -1.92 3.14
N THR A 78 10.63 -0.77 2.61
CA THR A 78 10.84 -0.66 1.13
C THR A 78 12.20 -1.21 0.74
N GLY A 79 12.90 -1.77 1.67
CA GLY A 79 14.25 -2.33 1.37
C GLY A 79 14.15 -3.86 1.28
N LEU A 80 12.97 -4.38 1.19
CA LEU A 80 12.81 -5.86 1.12
C LEU A 80 12.22 -6.28 -0.22
N LYS A 81 12.83 -7.23 -0.87
CA LYS A 81 12.30 -7.71 -2.18
C LYS A 81 11.08 -8.56 -1.95
N VAL A 82 9.98 -7.92 -1.81
CA VAL A 82 8.68 -8.62 -1.58
C VAL A 82 8.67 -9.99 -2.27
N PHE A 83 8.16 -10.05 -3.45
CA PHE A 83 8.12 -11.36 -4.17
C PHE A 83 9.25 -11.42 -5.21
N GLY A 84 10.33 -10.73 -4.97
CA GLY A 84 11.46 -10.77 -5.94
C GLY A 84 11.79 -9.34 -6.40
N ASN A 85 11.31 -8.36 -5.70
CA ASN A 85 11.60 -6.95 -6.10
C ASN A 85 11.42 -6.02 -4.89
N GLU A 86 12.47 -5.39 -4.45
CA GLU A 86 12.37 -4.49 -3.28
C GLU A 86 11.24 -3.47 -3.47
N ILE A 87 10.03 -3.85 -3.17
CA ILE A 87 8.89 -2.93 -3.34
C ILE A 87 9.27 -1.53 -2.86
N LYS A 88 8.63 -0.53 -3.38
CA LYS A 88 8.93 0.87 -2.96
C LYS A 88 7.62 1.59 -2.60
N LEU A 89 7.71 2.62 -1.81
CA LEU A 89 6.48 3.36 -1.43
C LEU A 89 6.43 4.70 -2.16
N GLU A 90 5.40 5.46 -1.92
CA GLU A 90 5.28 6.79 -2.58
C GLU A 90 3.94 7.44 -2.23
N LYS A 91 3.58 8.49 -2.92
CA LYS A 91 2.29 9.17 -2.62
C LYS A 91 1.23 8.76 -3.64
N PRO A 92 0.15 8.22 -3.14
CA PRO A 92 -0.96 7.77 -4.02
C PRO A 92 -1.69 8.98 -4.60
N LYS A 93 -2.90 8.79 -5.06
CA LYS A 93 -3.69 9.91 -5.65
C LYS A 93 -3.42 11.22 -4.90
N GLY A 94 -3.29 12.30 -5.62
CA GLY A 94 -3.02 13.61 -4.96
C GLY A 94 -2.26 14.52 -5.92
N ARG A 95 -1.25 14.00 -6.55
CA ARG A 95 -0.46 14.84 -7.51
C ARG A 95 -0.22 16.23 -6.93
N ASP A 96 0.17 17.17 -7.76
CA ASP A 96 0.42 18.55 -7.24
C ASP A 96 1.51 18.53 -6.18
N GLY A 97 2.60 17.86 -6.44
CA GLY A 97 3.70 17.81 -5.44
C GLY A 97 5.02 18.17 -6.12
N THR A 98 6.13 17.94 -5.46
CA THR A 98 7.45 18.26 -6.06
C THR A 98 7.38 19.62 -6.77
N ARG A 99 8.33 19.90 -7.64
CA ARG A 99 8.31 21.20 -8.35
C ARG A 99 8.14 20.98 -9.85
N GLY A 100 8.74 19.96 -10.39
CA GLY A 100 8.60 19.69 -11.85
C GLY A 100 9.89 20.09 -12.56
N CYS A 101 10.33 19.30 -13.51
CA CYS A 101 11.59 19.64 -14.24
C CYS A 101 11.30 20.71 -15.30
N GLY A 1 4.03 10.13 -11.56
CA GLY A 1 4.30 9.92 -10.12
C GLY A 1 3.10 10.39 -9.30
N SER A 2 2.38 11.37 -9.78
CA SER A 2 1.20 11.87 -9.03
C SER A 2 0.01 12.04 -9.97
N HIS A 3 -1.18 11.76 -9.50
CA HIS A 3 -2.38 11.90 -10.37
C HIS A 3 -2.14 11.24 -11.72
N MET A 4 -2.56 10.01 -11.88
CA MET A 4 -2.35 9.33 -13.19
C MET A 4 -3.56 8.44 -13.53
N LEU A 5 -3.81 8.22 -14.79
CA LEU A 5 -4.97 7.38 -15.18
C LEU A 5 -6.28 8.04 -14.73
N GLU A 6 -6.31 9.35 -14.66
CA GLU A 6 -7.54 10.06 -14.23
C GLU A 6 -7.95 9.59 -12.83
N ASP A 7 -8.71 10.39 -12.13
CA ASP A 7 -9.14 10.00 -10.76
C ASP A 7 -10.66 9.96 -10.67
N PRO A 8 -11.16 8.92 -10.06
CA PRO A 8 -12.62 8.75 -9.91
C PRO A 8 -13.17 9.75 -8.90
N VAL A 9 -14.28 9.45 -8.33
CA VAL A 9 -14.89 10.37 -7.32
C VAL A 9 -14.85 9.74 -5.93
N GLU A 10 -13.72 9.20 -5.55
CA GLU A 10 -13.62 8.57 -4.20
C GLU A 10 -14.62 7.41 -4.08
N GLY A 11 -14.15 6.25 -3.70
CA GLY A 11 -15.08 5.09 -3.56
C GLY A 11 -16.09 5.38 -2.46
N SER A 12 -15.63 5.60 -1.26
CA SER A 12 -16.57 5.89 -0.13
C SER A 12 -15.86 6.69 0.96
N GLU A 13 -15.17 6.01 1.85
CA GLU A 13 -14.46 6.71 2.93
C GLU A 13 -13.05 6.14 3.05
N SER A 14 -12.67 5.81 4.23
CA SER A 14 -11.31 5.24 4.46
C SER A 14 -11.39 4.02 5.38
N THR A 15 -10.35 3.23 5.41
CA THR A 15 -10.37 2.01 6.29
C THR A 15 -9.25 2.10 7.33
N THR A 16 -8.38 3.07 7.20
CA THR A 16 -7.27 3.22 8.18
C THR A 16 -6.71 4.64 8.14
N PRO A 17 -6.05 5.01 9.21
CA PRO A 17 -5.46 6.36 9.30
C PRO A 17 -4.16 6.45 8.49
N PHE A 18 -3.57 5.34 8.15
CA PHE A 18 -2.31 5.38 7.36
C PHE A 18 -2.45 4.61 6.05
N ASN A 19 -2.35 5.30 4.94
CA ASN A 19 -2.46 4.62 3.61
C ASN A 19 -1.49 5.31 2.64
N LEU A 20 -1.01 4.59 1.67
CA LEU A 20 -0.07 5.20 0.69
C LEU A 20 -0.02 4.38 -0.59
N PHE A 21 0.76 4.82 -1.52
CA PHE A 21 0.87 4.09 -2.80
C PHE A 21 2.19 3.31 -2.84
N ILE A 22 2.26 2.30 -3.65
CA ILE A 22 3.51 1.49 -3.73
C ILE A 22 3.69 0.97 -5.15
N GLY A 23 4.89 0.69 -5.56
CA GLY A 23 5.10 0.17 -6.94
C GLY A 23 6.23 -0.84 -6.95
N ASN A 24 6.74 -1.16 -8.12
CA ASN A 24 7.86 -2.14 -8.21
C ASN A 24 7.33 -3.56 -7.91
N LEU A 25 6.12 -3.83 -8.31
CA LEU A 25 5.55 -5.19 -8.04
C LEU A 25 5.95 -6.16 -9.14
N ASN A 26 6.46 -7.29 -8.77
CA ASN A 26 6.89 -8.29 -9.78
C ASN A 26 5.77 -8.54 -10.79
N PRO A 27 5.97 -8.01 -11.98
CA PRO A 27 4.97 -8.16 -13.06
C PRO A 27 5.00 -9.58 -13.63
N ASN A 28 6.07 -10.29 -13.41
CA ASN A 28 6.17 -11.68 -13.93
C ASN A 28 5.38 -12.64 -13.04
N LYS A 29 5.06 -12.22 -11.85
CA LYS A 29 4.28 -13.10 -10.93
C LYS A 29 2.84 -12.61 -10.83
N SER A 30 2.17 -12.92 -9.76
CA SER A 30 0.77 -12.47 -9.60
C SER A 30 0.69 -11.30 -8.63
N VAL A 31 -0.25 -10.43 -8.83
CA VAL A 31 -0.37 -9.27 -7.91
C VAL A 31 -0.85 -9.74 -6.53
N ALA A 32 -1.80 -10.63 -6.49
CA ALA A 32 -2.30 -11.14 -5.19
C ALA A 32 -1.14 -11.74 -4.40
N GLU A 33 -0.20 -12.35 -5.09
CA GLU A 33 0.97 -12.95 -4.38
C GLU A 33 1.83 -11.84 -3.79
N LEU A 34 2.12 -10.82 -4.56
CA LEU A 34 2.93 -9.69 -4.04
C LEU A 34 2.29 -9.17 -2.76
N LYS A 35 0.99 -9.23 -2.69
CA LYS A 35 0.29 -8.75 -1.47
C LYS A 35 0.69 -9.63 -0.29
N VAL A 36 0.44 -10.91 -0.39
CA VAL A 36 0.81 -11.83 0.71
C VAL A 36 2.29 -11.65 1.04
N ALA A 37 3.10 -11.40 0.06
CA ALA A 37 4.54 -11.19 0.33
C ALA A 37 4.69 -9.96 1.22
N ILE A 38 3.91 -8.95 0.95
CA ILE A 38 3.99 -7.73 1.79
C ILE A 38 3.26 -7.96 3.10
N SER A 39 2.30 -8.85 3.10
CA SER A 39 1.56 -9.13 4.37
C SER A 39 2.40 -10.07 5.24
N GLU A 40 3.21 -10.87 4.61
CA GLU A 40 4.08 -11.80 5.38
C GLU A 40 5.33 -11.07 5.83
N LEU A 41 5.85 -10.22 4.99
CA LEU A 41 7.07 -9.45 5.37
C LEU A 41 6.71 -8.47 6.48
N PHE A 42 5.50 -7.99 6.49
CA PHE A 42 5.07 -7.05 7.55
C PHE A 42 4.59 -7.87 8.75
N ALA A 43 4.22 -9.10 8.52
CA ALA A 43 3.76 -9.96 9.65
C ALA A 43 4.97 -10.43 10.45
N LYS A 44 6.08 -10.60 9.79
CA LYS A 44 7.32 -11.04 10.50
C LYS A 44 8.11 -9.81 10.93
N ASN A 45 7.79 -8.67 10.37
CA ASN A 45 8.51 -7.42 10.75
C ASN A 45 7.91 -6.85 12.02
N ASP A 46 6.62 -7.10 12.23
CA ASP A 46 5.87 -6.60 13.44
C ASP A 46 5.01 -5.43 13.01
N LEU A 47 4.58 -5.45 11.79
CA LEU A 47 3.71 -4.37 11.29
C LEU A 47 2.26 -4.81 11.35
N ALA A 48 1.42 -4.30 10.50
CA ALA A 48 -0.01 -4.71 10.52
C ALA A 48 -0.72 -4.22 9.26
N VAL A 49 -0.29 -4.69 8.12
CA VAL A 49 -0.93 -4.28 6.86
C VAL A 49 -2.45 -4.45 6.98
N VAL A 50 -3.16 -3.38 6.85
CA VAL A 50 -4.64 -3.43 6.97
C VAL A 50 -5.29 -3.72 5.62
N ASP A 51 -4.91 -3.02 4.58
CA ASP A 51 -5.55 -3.27 3.26
C ASP A 51 -4.52 -3.18 2.13
N VAL A 52 -4.29 -4.27 1.46
CA VAL A 52 -3.32 -4.28 0.34
C VAL A 52 -4.07 -4.28 -1.00
N ARG A 53 -3.56 -3.59 -1.99
CA ARG A 53 -4.25 -3.56 -3.30
C ARG A 53 -3.24 -3.39 -4.44
N THR A 54 -3.68 -3.58 -5.65
CA THR A 54 -2.75 -3.43 -6.80
C THR A 54 -2.75 -1.99 -7.31
N GLY A 55 -1.77 -1.64 -8.10
CA GLY A 55 -1.70 -0.25 -8.64
C GLY A 55 -1.43 -0.30 -10.14
N THR A 56 -2.23 0.35 -10.92
CA THR A 56 -2.04 0.34 -12.40
C THR A 56 -2.33 -1.06 -12.95
N ASN A 57 -1.59 -1.49 -13.94
CA ASN A 57 -1.83 -2.85 -14.51
C ASN A 57 -1.39 -3.92 -13.52
N ARG A 58 -0.15 -4.34 -13.60
CA ARG A 58 0.34 -5.39 -12.66
C ARG A 58 1.77 -5.07 -12.21
N LYS A 59 2.10 -3.81 -12.12
CA LYS A 59 3.47 -3.43 -11.69
C LYS A 59 3.43 -2.50 -10.48
N PHE A 60 2.29 -1.92 -10.21
CA PHE A 60 2.19 -1.00 -9.04
C PHE A 60 1.32 -1.64 -7.95
N GLY A 61 1.08 -0.93 -6.87
CA GLY A 61 0.23 -1.51 -5.78
C GLY A 61 0.07 -0.49 -4.64
N TYR A 62 -1.01 -0.58 -3.92
CA TYR A 62 -1.23 0.36 -2.78
C TYR A 62 -1.48 -0.43 -1.50
N VAL A 63 -1.29 0.19 -0.36
CA VAL A 63 -1.50 -0.56 0.89
C VAL A 63 -1.90 0.38 2.04
N ASP A 64 -2.70 -0.09 2.95
CA ASP A 64 -3.13 0.76 4.08
C ASP A 64 -2.57 0.20 5.39
N PHE A 65 -2.07 1.05 6.25
CA PHE A 65 -1.48 0.58 7.52
C PHE A 65 -2.47 0.74 8.68
N GLU A 66 -2.10 0.32 9.86
CA GLU A 66 -3.03 0.42 11.02
C GLU A 66 -2.48 1.36 12.10
N SER A 67 -1.46 2.11 11.81
CA SER A 67 -0.91 3.02 12.85
C SER A 67 0.18 3.93 12.30
N ALA A 68 0.59 4.86 13.10
CA ALA A 68 1.68 5.78 12.71
C ALA A 68 2.99 5.04 12.89
N GLU A 69 2.96 4.09 13.77
CA GLU A 69 4.16 3.27 14.02
C GLU A 69 4.28 2.21 12.94
N ASP A 70 3.17 1.81 12.38
CA ASP A 70 3.20 0.81 11.29
C ASP A 70 3.56 1.55 10.01
N LEU A 71 3.29 2.83 9.99
CA LEU A 71 3.63 3.64 8.80
C LEU A 71 5.13 3.94 8.82
N GLU A 72 5.69 4.13 9.98
CA GLU A 72 7.16 4.39 10.09
C GLU A 72 7.91 3.11 9.74
N LYS A 73 7.38 1.98 10.12
CA LYS A 73 8.05 0.71 9.79
C LYS A 73 7.80 0.45 8.31
N ALA A 74 6.73 1.01 7.81
CA ALA A 74 6.40 0.83 6.39
C ALA A 74 7.43 1.59 5.55
N LEU A 75 7.95 2.66 6.09
CA LEU A 75 8.99 3.43 5.35
C LEU A 75 10.27 2.62 5.36
N GLU A 76 10.62 2.08 6.51
CA GLU A 76 11.84 1.24 6.58
C GLU A 76 11.54 -0.14 6.00
N LEU A 77 10.32 -0.36 5.60
CA LEU A 77 9.93 -1.69 5.03
C LEU A 77 10.44 -1.81 3.59
N THR A 78 11.22 -0.87 3.13
CA THR A 78 11.73 -0.95 1.74
C THR A 78 12.81 -2.02 1.63
N GLY A 79 13.09 -2.68 2.71
CA GLY A 79 14.12 -3.76 2.69
C GLY A 79 13.47 -5.07 2.29
N LEU A 80 12.26 -5.01 1.80
CA LEU A 80 11.55 -6.24 1.37
C LEU A 80 11.59 -6.35 -0.16
N LYS A 81 11.95 -7.50 -0.65
CA LYS A 81 12.00 -7.71 -2.12
C LYS A 81 10.97 -8.71 -2.55
N VAL A 82 9.79 -8.25 -2.66
CA VAL A 82 8.67 -9.13 -3.08
C VAL A 82 9.05 -9.88 -4.36
N PHE A 83 8.93 -11.17 -4.36
CA PHE A 83 9.28 -11.97 -5.58
C PHE A 83 10.53 -11.41 -6.26
N GLY A 84 11.42 -10.79 -5.52
CA GLY A 84 12.65 -10.24 -6.15
C GLY A 84 12.37 -8.84 -6.71
N ASN A 85 11.43 -8.14 -6.14
CA ASN A 85 11.11 -6.78 -6.63
C ASN A 85 10.95 -5.83 -5.45
N GLU A 86 12.05 -5.39 -4.89
CA GLU A 86 11.98 -4.46 -3.71
C GLU A 86 10.83 -3.47 -3.87
N ILE A 87 9.70 -3.80 -3.32
CA ILE A 87 8.52 -2.91 -3.43
C ILE A 87 8.91 -1.48 -3.08
N LYS A 88 8.32 -0.53 -3.75
CA LYS A 88 8.63 0.90 -3.48
C LYS A 88 7.36 1.62 -3.02
N LEU A 89 7.50 2.70 -2.31
CA LEU A 89 6.30 3.44 -1.86
C LEU A 89 6.25 4.83 -2.47
N GLU A 90 5.17 5.55 -2.27
CA GLU A 90 5.06 6.92 -2.85
C GLU A 90 3.98 7.71 -2.13
N LYS A 91 4.16 8.99 -1.98
CA LYS A 91 3.13 9.81 -1.27
C LYS A 91 2.00 10.18 -2.24
N PRO A 92 0.85 9.61 -2.00
CA PRO A 92 -0.33 9.88 -2.86
C PRO A 92 -0.87 11.28 -2.59
N LYS A 93 -2.02 11.60 -3.14
CA LYS A 93 -2.59 12.96 -2.92
C LYS A 93 -1.69 14.02 -3.54
N GLY A 94 -0.79 13.63 -4.39
CA GLY A 94 0.13 14.63 -5.03
C GLY A 94 1.02 15.26 -3.95
N ARG A 95 0.46 16.15 -3.18
CA ARG A 95 1.28 16.80 -2.10
C ARG A 95 2.62 17.27 -2.67
N ASP A 96 2.72 18.50 -3.08
CA ASP A 96 4.00 19.01 -3.64
C ASP A 96 5.18 18.51 -2.79
N GLY A 97 6.27 18.17 -3.41
CA GLY A 97 7.45 17.68 -2.65
C GLY A 97 8.60 17.36 -3.61
N THR A 98 9.50 18.28 -3.80
CA THR A 98 10.64 18.02 -4.73
C THR A 98 11.96 18.48 -4.09
N ARG A 99 12.37 19.69 -4.35
CA ARG A 99 13.66 20.17 -3.76
C ARG A 99 13.83 21.67 -4.02
N GLY A 100 14.02 22.45 -3.00
CA GLY A 100 14.19 23.92 -3.20
C GLY A 100 14.96 24.51 -2.02
N CYS A 101 15.76 25.52 -2.26
CA CYS A 101 16.53 26.13 -1.16
C CYS A 101 16.81 27.61 -1.46
N GLY A 1 -26.06 -22.62 -7.52
CA GLY A 1 -25.51 -23.95 -7.11
C GLY A 1 -25.27 -23.96 -5.60
N SER A 2 -24.04 -24.07 -5.19
CA SER A 2 -23.72 -24.08 -3.73
C SER A 2 -22.70 -22.99 -3.39
N HIS A 3 -22.78 -21.87 -4.07
CA HIS A 3 -21.82 -20.77 -3.78
C HIS A 3 -22.52 -19.42 -3.82
N MET A 4 -22.41 -18.64 -2.78
CA MET A 4 -23.08 -17.31 -2.76
C MET A 4 -22.05 -16.19 -2.90
N LEU A 5 -22.49 -14.97 -2.99
CA LEU A 5 -21.52 -13.84 -3.13
C LEU A 5 -20.66 -13.73 -1.88
N GLU A 6 -21.14 -13.06 -0.86
CA GLU A 6 -20.34 -12.92 0.39
C GLU A 6 -19.04 -12.16 0.10
N ASP A 7 -18.41 -11.64 1.12
CA ASP A 7 -17.14 -10.88 0.91
C ASP A 7 -17.34 -9.82 -0.18
N PRO A 8 -17.93 -8.73 0.21
CA PRO A 8 -18.18 -7.61 -0.73
C PRO A 8 -16.88 -6.92 -1.08
N VAL A 9 -16.97 -5.70 -1.49
CA VAL A 9 -15.74 -4.94 -1.86
C VAL A 9 -16.07 -3.44 -1.95
N GLU A 10 -16.55 -2.86 -0.89
CA GLU A 10 -16.88 -1.41 -0.92
C GLU A 10 -15.61 -0.57 -0.77
N GLY A 11 -15.42 0.40 -1.62
CA GLY A 11 -14.19 1.24 -1.52
C GLY A 11 -14.59 2.72 -1.57
N SER A 12 -15.49 3.14 -0.72
CA SER A 12 -15.92 4.56 -0.72
C SER A 12 -15.31 5.30 0.48
N GLU A 13 -14.20 4.82 0.98
CA GLU A 13 -13.54 5.47 2.13
C GLU A 13 -12.43 4.57 2.64
N SER A 14 -11.28 5.12 2.71
CA SER A 14 -10.10 4.35 3.21
C SER A 14 -10.48 3.49 4.41
N THR A 15 -9.64 2.58 4.79
CA THR A 15 -9.95 1.71 5.97
C THR A 15 -9.10 2.14 7.16
N THR A 16 -7.99 2.75 6.91
CA THR A 16 -7.10 3.19 8.02
C THR A 16 -6.52 4.58 7.72
N PRO A 17 -5.99 5.19 8.74
CA PRO A 17 -5.41 6.54 8.59
C PRO A 17 -4.03 6.48 7.92
N PHE A 18 -3.37 5.35 7.99
CA PHE A 18 -2.02 5.25 7.36
C PHE A 18 -2.08 4.48 6.04
N ASN A 19 -2.39 5.14 4.95
CA ASN A 19 -2.45 4.43 3.65
C ASN A 19 -1.49 5.10 2.67
N LEU A 20 -0.91 4.34 1.79
CA LEU A 20 0.04 4.93 0.81
C LEU A 20 0.10 4.08 -0.46
N PHE A 21 0.94 4.45 -1.39
CA PHE A 21 1.05 3.67 -2.65
C PHE A 21 2.31 2.80 -2.63
N ILE A 22 2.39 1.86 -3.54
CA ILE A 22 3.59 0.98 -3.61
C ILE A 22 3.89 0.65 -5.08
N GLY A 23 5.09 0.26 -5.38
CA GLY A 23 5.44 -0.05 -6.79
C GLY A 23 6.50 -1.14 -6.83
N ASN A 24 6.93 -1.50 -8.02
CA ASN A 24 7.97 -2.56 -8.16
C ASN A 24 7.38 -3.94 -7.85
N LEU A 25 6.31 -4.30 -8.52
CA LEU A 25 5.69 -5.62 -8.27
C LEU A 25 6.07 -6.60 -9.38
N ASN A 26 6.61 -7.73 -9.01
CA ASN A 26 7.01 -8.73 -10.03
C ASN A 26 5.94 -8.83 -11.13
N PRO A 27 6.30 -8.36 -12.29
CA PRO A 27 5.37 -8.39 -13.45
C PRO A 27 5.23 -9.82 -13.98
N ASN A 28 6.17 -10.67 -13.67
CA ASN A 28 6.08 -12.08 -14.15
C ASN A 28 5.23 -12.91 -13.18
N LYS A 29 4.86 -12.34 -12.07
CA LYS A 29 4.04 -13.08 -11.09
C LYS A 29 2.66 -12.44 -10.97
N SER A 30 1.98 -12.65 -9.87
CA SER A 30 0.62 -12.04 -9.72
C SER A 30 0.65 -10.95 -8.64
N VAL A 31 -0.19 -9.96 -8.78
CA VAL A 31 -0.21 -8.88 -7.76
C VAL A 31 -0.77 -9.42 -6.44
N ALA A 32 -1.76 -10.28 -6.52
CA ALA A 32 -2.33 -10.86 -5.27
C ALA A 32 -1.22 -11.56 -4.49
N GLU A 33 -0.29 -12.15 -5.17
CA GLU A 33 0.82 -12.84 -4.47
C GLU A 33 1.79 -11.80 -3.92
N LEU A 34 1.93 -10.69 -4.60
CA LEU A 34 2.85 -9.63 -4.12
C LEU A 34 2.28 -9.05 -2.82
N LYS A 35 0.98 -8.97 -2.72
CA LYS A 35 0.36 -8.43 -1.48
C LYS A 35 0.61 -9.39 -0.33
N VAL A 36 0.26 -10.63 -0.48
CA VAL A 36 0.51 -11.62 0.61
C VAL A 36 1.96 -11.55 1.05
N ALA A 37 2.86 -11.33 0.12
CA ALA A 37 4.30 -11.23 0.51
C ALA A 37 4.48 -10.04 1.42
N ILE A 38 3.79 -8.96 1.14
CA ILE A 38 3.91 -7.76 2.00
C ILE A 38 3.07 -7.97 3.27
N SER A 39 2.05 -8.77 3.19
CA SER A 39 1.22 -9.02 4.40
C SER A 39 1.93 -10.01 5.31
N GLU A 40 2.68 -10.91 4.73
CA GLU A 40 3.42 -11.92 5.52
C GLU A 40 4.70 -11.28 6.07
N LEU A 41 5.34 -10.48 5.28
CA LEU A 41 6.58 -9.81 5.76
C LEU A 41 6.23 -8.85 6.88
N PHE A 42 5.08 -8.24 6.80
CA PHE A 42 4.67 -7.30 7.86
C PHE A 42 4.09 -8.08 9.04
N ALA A 43 3.64 -9.28 8.78
CA ALA A 43 3.07 -10.11 9.89
C ALA A 43 4.20 -10.75 10.69
N LYS A 44 5.37 -10.85 10.11
CA LYS A 44 6.52 -11.46 10.83
C LYS A 44 7.48 -10.37 11.30
N ASN A 45 7.46 -9.23 10.66
CA ASN A 45 8.38 -8.13 11.07
C ASN A 45 7.82 -7.41 12.30
N ASP A 46 6.50 -7.38 12.42
CA ASP A 46 5.78 -6.71 13.56
C ASP A 46 5.03 -5.50 13.02
N LEU A 47 4.63 -5.58 11.79
CA LEU A 47 3.89 -4.46 11.16
C LEU A 47 2.39 -4.66 11.40
N ALA A 48 1.57 -4.15 10.55
CA ALA A 48 0.10 -4.30 10.74
C ALA A 48 -0.63 -3.93 9.44
N VAL A 49 -0.41 -4.67 8.40
CA VAL A 49 -1.08 -4.38 7.12
C VAL A 49 -2.58 -4.52 7.26
N VAL A 50 -3.28 -3.46 7.06
CA VAL A 50 -4.77 -3.49 7.19
C VAL A 50 -5.41 -3.79 5.83
N ASP A 51 -4.91 -3.19 4.78
CA ASP A 51 -5.51 -3.44 3.43
C ASP A 51 -4.42 -3.44 2.36
N VAL A 52 -4.69 -4.06 1.23
CA VAL A 52 -3.69 -4.10 0.13
C VAL A 52 -4.41 -4.05 -1.21
N ARG A 53 -3.74 -3.60 -2.24
CA ARG A 53 -4.39 -3.54 -3.59
C ARG A 53 -3.34 -3.42 -4.68
N THR A 54 -3.73 -3.54 -5.92
CA THR A 54 -2.76 -3.45 -7.03
C THR A 54 -2.64 -1.99 -7.51
N GLY A 55 -1.61 -1.69 -8.26
CA GLY A 55 -1.44 -0.31 -8.76
C GLY A 55 -1.42 -0.31 -10.29
N THR A 56 -2.17 0.57 -10.89
CA THR A 56 -2.22 0.63 -12.38
C THR A 56 -2.68 -0.71 -12.95
N ASN A 57 -1.78 -1.66 -13.08
CA ASN A 57 -2.17 -2.98 -13.64
C ASN A 57 -1.01 -3.98 -13.54
N ARG A 58 -0.86 -4.62 -12.40
CA ARG A 58 0.23 -5.61 -12.25
C ARG A 58 1.59 -4.92 -12.30
N LYS A 59 1.65 -3.65 -12.02
CA LYS A 59 2.95 -2.94 -12.04
C LYS A 59 3.24 -2.33 -10.67
N PHE A 60 2.23 -1.87 -9.99
CA PHE A 60 2.44 -1.28 -8.64
C PHE A 60 1.37 -1.81 -7.68
N GLY A 61 1.19 -1.19 -6.55
CA GLY A 61 0.15 -1.68 -5.60
C GLY A 61 -0.06 -0.66 -4.49
N TYR A 62 -1.13 -0.80 -3.76
CA TYR A 62 -1.42 0.14 -2.64
C TYR A 62 -1.70 -0.63 -1.37
N VAL A 63 -1.44 -0.04 -0.23
CA VAL A 63 -1.66 -0.78 1.03
C VAL A 63 -2.01 0.17 2.17
N ASP A 64 -2.88 -0.25 3.05
CA ASP A 64 -3.27 0.62 4.20
C ASP A 64 -2.65 0.08 5.49
N PHE A 65 -2.19 0.95 6.34
CA PHE A 65 -1.57 0.49 7.62
C PHE A 65 -2.53 0.69 8.79
N GLU A 66 -2.12 0.29 9.96
CA GLU A 66 -3.01 0.43 11.15
C GLU A 66 -2.39 1.37 12.19
N SER A 67 -1.40 2.13 11.81
CA SER A 67 -0.77 3.07 12.80
C SER A 67 0.35 3.88 12.19
N ALA A 68 0.92 4.73 12.98
CA ALA A 68 2.06 5.56 12.52
C ALA A 68 3.28 4.69 12.53
N GLU A 69 3.23 3.66 13.31
CA GLU A 69 4.36 2.72 13.41
C GLU A 69 4.34 1.76 12.21
N ASP A 70 3.17 1.51 11.68
CA ASP A 70 3.09 0.61 10.50
C ASP A 70 3.46 1.46 9.28
N LEU A 71 3.18 2.72 9.36
CA LEU A 71 3.52 3.62 8.24
C LEU A 71 4.99 4.02 8.32
N GLU A 72 5.51 4.11 9.52
CA GLU A 72 6.94 4.48 9.70
C GLU A 72 7.83 3.32 9.22
N LYS A 73 7.41 2.11 9.45
CA LYS A 73 8.22 0.96 8.98
C LYS A 73 7.97 0.81 7.50
N ALA A 74 6.80 1.19 7.07
CA ALA A 74 6.48 1.10 5.63
C ALA A 74 7.42 2.05 4.87
N LEU A 75 7.83 3.10 5.50
CA LEU A 75 8.75 4.06 4.85
C LEU A 75 10.15 3.45 4.81
N GLU A 76 10.58 2.91 5.91
CA GLU A 76 11.93 2.26 5.94
C GLU A 76 11.83 0.86 5.34
N LEU A 77 10.67 0.50 4.84
CA LEU A 77 10.51 -0.86 4.24
C LEU A 77 11.09 -0.90 2.83
N THR A 78 11.83 0.11 2.45
CA THR A 78 12.43 0.11 1.08
C THR A 78 13.49 -0.99 0.96
N GLY A 79 13.79 -1.63 2.05
CA GLY A 79 14.79 -2.72 2.02
C GLY A 79 14.08 -4.05 1.77
N LEU A 80 12.93 -4.00 1.15
CA LEU A 80 12.16 -5.25 0.88
C LEU A 80 12.50 -5.80 -0.50
N LYS A 81 11.77 -6.79 -0.93
CA LYS A 81 12.01 -7.41 -2.27
C LYS A 81 11.06 -8.57 -2.45
N VAL A 82 9.82 -8.29 -2.27
CA VAL A 82 8.73 -9.32 -2.39
C VAL A 82 9.16 -10.48 -3.29
N PHE A 83 8.73 -10.48 -4.50
CA PHE A 83 9.13 -11.56 -5.44
C PHE A 83 10.44 -11.15 -6.12
N GLY A 84 11.35 -10.60 -5.37
CA GLY A 84 12.65 -10.17 -5.96
C GLY A 84 12.49 -8.74 -6.49
N ASN A 85 11.62 -7.97 -5.89
CA ASN A 85 11.41 -6.57 -6.37
C ASN A 85 11.10 -5.69 -5.17
N GLU A 86 12.11 -5.16 -4.53
CA GLU A 86 11.87 -4.30 -3.33
C GLU A 86 10.70 -3.36 -3.58
N ILE A 87 9.53 -3.74 -3.14
CA ILE A 87 8.34 -2.87 -3.33
C ILE A 87 8.65 -1.45 -2.89
N LYS A 88 8.43 -0.49 -3.76
CA LYS A 88 8.71 0.93 -3.41
C LYS A 88 7.41 1.63 -3.04
N LEU A 89 7.37 2.30 -1.93
CA LEU A 89 6.12 3.00 -1.53
C LEU A 89 6.31 4.52 -1.54
N GLU A 90 5.26 5.24 -1.28
CA GLU A 90 5.35 6.72 -1.28
C GLU A 90 4.00 7.35 -0.92
N LYS A 91 3.99 8.27 0.01
CA LYS A 91 2.71 8.91 0.41
C LYS A 91 2.06 9.61 -0.80
N PRO A 92 0.92 9.11 -1.19
CA PRO A 92 0.19 9.69 -2.34
C PRO A 92 -0.42 11.04 -1.96
N LYS A 93 -1.24 11.59 -2.82
CA LYS A 93 -1.87 12.91 -2.51
C LYS A 93 -3.24 13.02 -3.18
N GLY A 94 -4.28 13.17 -2.41
CA GLY A 94 -5.64 13.28 -3.01
C GLY A 94 -5.81 12.20 -4.09
N ARG A 95 -5.71 10.96 -3.72
CA ARG A 95 -5.87 9.88 -4.72
C ARG A 95 -7.06 10.16 -5.64
N ASP A 96 -6.81 10.47 -6.88
CA ASP A 96 -7.92 10.76 -7.83
C ASP A 96 -8.45 9.46 -8.45
N GLY A 97 -9.75 9.30 -8.48
CA GLY A 97 -10.31 8.05 -9.07
C GLY A 97 -10.04 8.03 -10.57
N THR A 98 -10.79 7.25 -11.30
CA THR A 98 -10.58 7.17 -12.78
C THR A 98 -11.53 6.16 -13.41
N ARG A 99 -11.85 5.11 -12.70
CA ARG A 99 -12.78 4.09 -13.26
C ARG A 99 -14.06 4.02 -12.43
N GLY A 100 -14.24 4.94 -11.53
CA GLY A 100 -15.47 4.93 -10.68
C GLY A 100 -15.10 4.62 -9.23
N CYS A 101 -14.51 3.49 -9.00
CA CYS A 101 -14.12 3.12 -7.61
C CYS A 101 -13.05 2.03 -7.63
N GLY A 1 1.83 17.77 -16.08
CA GLY A 1 1.18 16.53 -16.60
C GLY A 1 0.23 15.98 -15.53
N SER A 2 -1.01 16.41 -15.55
CA SER A 2 -1.99 15.93 -14.53
C SER A 2 -3.40 15.99 -15.10
N HIS A 3 -4.38 15.59 -14.33
CA HIS A 3 -5.79 15.64 -14.82
C HIS A 3 -6.69 16.29 -13.77
N MET A 4 -6.12 17.00 -12.84
CA MET A 4 -6.95 17.67 -11.80
C MET A 4 -7.72 16.62 -10.99
N LEU A 5 -7.39 16.47 -9.73
CA LEU A 5 -8.10 15.46 -8.90
C LEU A 5 -7.88 14.05 -9.45
N GLU A 6 -6.65 13.65 -9.60
CA GLU A 6 -6.37 12.28 -10.13
C GLU A 6 -7.07 11.23 -9.29
N ASP A 7 -7.01 11.35 -7.99
CA ASP A 7 -7.67 10.35 -7.11
C ASP A 7 -8.40 11.06 -5.96
N PRO A 8 -9.70 11.06 -6.06
CA PRO A 8 -10.54 11.70 -5.03
C PRO A 8 -10.56 10.88 -3.76
N VAL A 9 -9.53 10.98 -2.99
CA VAL A 9 -9.44 10.21 -1.71
C VAL A 9 -8.79 11.06 -0.62
N GLU A 10 -9.56 11.48 0.35
CA GLU A 10 -8.98 12.31 1.45
C GLU A 10 -8.56 11.42 2.63
N GLY A 11 -7.75 11.93 3.51
CA GLY A 11 -7.31 11.12 4.67
C GLY A 11 -8.20 11.40 5.88
N SER A 12 -9.42 10.94 5.84
CA SER A 12 -10.34 11.19 6.98
C SER A 12 -11.07 9.90 7.37
N GLU A 13 -11.96 9.43 6.55
CA GLU A 13 -12.69 8.18 6.87
C GLU A 13 -12.21 7.05 5.97
N SER A 14 -11.00 7.15 5.54
CA SER A 14 -10.43 6.09 4.66
C SER A 14 -10.46 4.73 5.36
N THR A 15 -9.87 3.73 4.76
CA THR A 15 -9.87 2.39 5.40
C THR A 15 -8.80 2.32 6.50
N THR A 16 -8.06 3.39 6.68
CA THR A 16 -7.00 3.38 7.73
C THR A 16 -6.29 4.74 7.78
N PRO A 17 -5.57 4.95 8.84
CA PRO A 17 -4.82 6.22 9.02
C PRO A 17 -3.57 6.24 8.13
N PHE A 18 -2.84 5.16 8.09
CA PHE A 18 -1.61 5.13 7.25
C PHE A 18 -1.90 4.50 5.89
N ASN A 19 -1.96 5.30 4.86
CA ASN A 19 -2.24 4.76 3.50
C ASN A 19 -1.28 5.40 2.49
N LEU A 20 -0.89 4.68 1.49
CA LEU A 20 0.04 5.26 0.48
C LEU A 20 0.08 4.39 -0.79
N PHE A 21 0.68 4.87 -1.84
CA PHE A 21 0.75 4.07 -3.09
C PHE A 21 2.14 3.46 -3.23
N ILE A 22 2.24 2.29 -3.79
CA ILE A 22 3.56 1.65 -3.94
C ILE A 22 3.79 1.22 -5.40
N GLY A 23 5.02 1.04 -5.79
CA GLY A 23 5.30 0.63 -7.19
C GLY A 23 6.35 -0.49 -7.19
N ASN A 24 6.71 -0.97 -8.36
CA ASN A 24 7.72 -2.06 -8.44
C ASN A 24 7.13 -3.38 -7.94
N LEU A 25 6.32 -4.02 -8.73
CA LEU A 25 5.72 -5.31 -8.31
C LEU A 25 6.14 -6.43 -9.26
N ASN A 26 6.69 -7.48 -8.73
CA ASN A 26 7.14 -8.62 -9.58
C ASN A 26 6.12 -8.88 -10.70
N PRO A 27 6.44 -8.40 -11.87
CA PRO A 27 5.55 -8.57 -13.03
C PRO A 27 5.65 -10.00 -13.58
N ASN A 28 6.65 -10.74 -13.16
CA ASN A 28 6.80 -12.13 -13.64
C ASN A 28 5.90 -13.07 -12.84
N LYS A 29 5.46 -12.64 -11.70
CA LYS A 29 4.57 -13.49 -10.86
C LYS A 29 3.15 -12.93 -10.88
N SER A 30 2.37 -13.24 -9.89
CA SER A 30 0.96 -12.72 -9.85
C SER A 30 0.86 -11.54 -8.90
N VAL A 31 0.02 -10.60 -9.21
CA VAL A 31 -0.13 -9.43 -8.31
C VAL A 31 -0.80 -9.86 -7.00
N ALA A 32 -1.66 -10.84 -7.06
CA ALA A 32 -2.32 -11.32 -5.82
C ALA A 32 -1.26 -11.92 -4.89
N GLU A 33 -0.29 -12.58 -5.46
CA GLU A 33 0.79 -13.18 -4.62
C GLU A 33 1.62 -12.06 -3.98
N LEU A 34 1.89 -11.02 -4.73
CA LEU A 34 2.66 -9.89 -4.17
C LEU A 34 1.94 -9.37 -2.95
N LYS A 35 0.64 -9.35 -2.99
CA LYS A 35 -0.16 -8.87 -1.84
C LYS A 35 0.15 -9.75 -0.62
N VAL A 36 -0.10 -11.03 -0.75
CA VAL A 36 0.18 -11.96 0.39
C VAL A 36 1.66 -11.87 0.76
N ALA A 37 2.51 -11.65 -0.21
CA ALA A 37 3.95 -11.55 0.11
C ALA A 37 4.17 -10.33 1.00
N ILE A 38 3.42 -9.29 0.77
CA ILE A 38 3.56 -8.07 1.61
C ILE A 38 2.80 -8.29 2.92
N SER A 39 1.79 -9.12 2.91
CA SER A 39 1.03 -9.37 4.16
C SER A 39 1.82 -10.36 5.03
N GLU A 40 2.56 -11.22 4.40
CA GLU A 40 3.37 -12.22 5.15
C GLU A 40 4.66 -11.56 5.62
N LEU A 41 5.23 -10.72 4.82
CA LEU A 41 6.49 -10.04 5.21
C LEU A 41 6.18 -9.03 6.33
N PHE A 42 5.00 -8.48 6.30
CA PHE A 42 4.63 -7.51 7.36
C PHE A 42 4.14 -8.27 8.58
N ALA A 43 3.69 -9.48 8.39
CA ALA A 43 3.21 -10.30 9.54
C ALA A 43 4.41 -10.81 10.34
N LYS A 44 5.50 -11.06 9.66
CA LYS A 44 6.71 -11.55 10.37
C LYS A 44 7.56 -10.35 10.81
N ASN A 45 7.34 -9.22 10.20
CA ASN A 45 8.12 -8.01 10.58
C ASN A 45 7.46 -7.32 11.78
N ASP A 46 6.19 -7.60 12.00
CA ASP A 46 5.43 -6.98 13.13
C ASP A 46 4.79 -5.69 12.63
N LEU A 47 4.48 -5.66 11.37
CA LEU A 47 3.85 -4.46 10.78
C LEU A 47 2.35 -4.46 11.11
N ALA A 48 1.53 -4.11 10.17
CA ALA A 48 0.06 -4.10 10.43
C ALA A 48 -0.68 -3.73 9.14
N VAL A 49 -0.48 -4.50 8.12
CA VAL A 49 -1.16 -4.23 6.83
C VAL A 49 -2.67 -4.37 6.98
N VAL A 50 -3.36 -3.30 6.75
CA VAL A 50 -4.85 -3.30 6.86
C VAL A 50 -5.44 -3.45 5.45
N ASP A 51 -4.79 -2.88 4.47
CA ASP A 51 -5.32 -2.99 3.08
C ASP A 51 -4.17 -3.08 2.07
N VAL A 52 -4.37 -3.77 0.99
CA VAL A 52 -3.29 -3.90 -0.04
C VAL A 52 -3.91 -4.12 -1.42
N ARG A 53 -3.99 -3.10 -2.22
CA ARG A 53 -4.58 -3.27 -3.58
C ARG A 53 -3.49 -3.27 -4.65
N THR A 54 -3.82 -3.62 -5.85
CA THR A 54 -2.81 -3.65 -6.93
C THR A 54 -2.63 -2.25 -7.53
N GLY A 55 -1.61 -2.07 -8.33
CA GLY A 55 -1.37 -0.74 -8.95
C GLY A 55 -1.35 -0.85 -10.47
N THR A 56 -2.22 -0.12 -11.13
CA THR A 56 -2.27 -0.18 -12.63
C THR A 56 -2.77 -1.55 -13.08
N ASN A 57 -2.10 -2.60 -12.70
CA ASN A 57 -2.55 -3.96 -13.12
C ASN A 57 -1.59 -5.01 -12.55
N ARG A 58 -0.31 -4.75 -12.61
CA ARG A 58 0.68 -5.72 -12.07
C ARG A 58 2.06 -5.08 -11.98
N LYS A 59 2.12 -3.78 -11.89
CA LYS A 59 3.44 -3.10 -11.81
C LYS A 59 3.54 -2.33 -10.49
N PHE A 60 2.43 -1.95 -9.92
CA PHE A 60 2.46 -1.21 -8.62
C PHE A 60 1.37 -1.74 -7.69
N GLY A 61 1.16 -1.10 -6.59
CA GLY A 61 0.10 -1.58 -5.65
C GLY A 61 -0.08 -0.58 -4.50
N TYR A 62 -1.26 -0.52 -3.95
CA TYR A 62 -1.51 0.42 -2.81
C TYR A 62 -1.65 -0.36 -1.52
N VAL A 63 -1.30 0.21 -0.42
CA VAL A 63 -1.38 -0.53 0.86
C VAL A 63 -1.62 0.43 2.04
N ASP A 64 -2.36 -0.01 3.02
CA ASP A 64 -2.62 0.83 4.21
C ASP A 64 -2.15 0.09 5.46
N PHE A 65 -1.67 0.79 6.44
CA PHE A 65 -1.20 0.09 7.68
C PHE A 65 -2.08 0.49 8.86
N GLU A 66 -1.77 0.05 10.04
CA GLU A 66 -2.67 0.36 11.19
C GLU A 66 -1.93 0.97 12.41
N SER A 67 -0.87 1.71 12.23
CA SER A 67 -0.20 2.26 13.45
C SER A 67 0.93 3.25 13.11
N ALA A 68 1.43 3.86 14.15
CA ALA A 68 2.56 4.80 13.98
C ALA A 68 3.80 3.95 13.78
N GLU A 69 3.75 2.78 14.33
CA GLU A 69 4.88 1.84 14.20
C GLU A 69 4.93 1.30 12.77
N ASP A 70 3.79 1.26 12.12
CA ASP A 70 3.78 0.79 10.71
C ASP A 70 4.28 1.93 9.85
N LEU A 71 4.00 3.13 10.28
CA LEU A 71 4.43 4.32 9.52
C LEU A 71 5.96 4.40 9.54
N GLU A 72 6.55 4.13 10.67
CA GLU A 72 8.04 4.17 10.76
C GLU A 72 8.62 2.99 9.98
N LYS A 73 7.92 1.88 9.96
CA LYS A 73 8.41 0.72 9.19
C LYS A 73 8.03 0.93 7.74
N ALA A 74 7.02 1.74 7.53
CA ALA A 74 6.60 2.04 6.14
C ALA A 74 7.70 2.87 5.49
N LEU A 75 8.40 3.65 6.28
CA LEU A 75 9.50 4.47 5.74
C LEU A 75 10.68 3.54 5.46
N GLU A 76 11.02 2.71 6.41
CA GLU A 76 12.13 1.76 6.19
C GLU A 76 11.61 0.51 5.46
N LEU A 77 10.39 0.57 5.00
CA LEU A 77 9.79 -0.58 4.28
C LEU A 77 10.50 -0.82 2.95
N THR A 78 11.36 0.08 2.56
CA THR A 78 12.09 -0.08 1.26
C THR A 78 13.11 -1.21 1.32
N GLY A 79 13.15 -1.93 2.40
CA GLY A 79 14.13 -3.05 2.52
C GLY A 79 13.43 -4.37 2.19
N LEU A 80 12.13 -4.34 2.00
CA LEU A 80 11.38 -5.58 1.68
C LEU A 80 11.28 -5.78 0.17
N LYS A 81 11.78 -6.86 -0.33
CA LYS A 81 11.69 -7.13 -1.80
C LYS A 81 10.50 -8.00 -2.10
N VAL A 82 9.38 -7.39 -2.16
CA VAL A 82 8.13 -8.15 -2.47
C VAL A 82 8.41 -9.14 -3.60
N PHE A 83 8.22 -10.40 -3.36
CA PHE A 83 8.49 -11.42 -4.41
C PHE A 83 9.87 -11.20 -5.05
N GLY A 84 10.75 -10.51 -4.37
CA GLY A 84 12.11 -10.28 -4.95
C GLY A 84 12.18 -8.87 -5.54
N ASN A 85 11.20 -8.05 -5.26
CA ASN A 85 11.21 -6.66 -5.80
C ASN A 85 11.00 -5.67 -4.67
N GLU A 86 12.01 -4.92 -4.34
CA GLU A 86 11.89 -3.93 -3.23
C GLU A 86 10.78 -2.92 -3.56
N ILE A 87 9.55 -3.32 -3.40
CA ILE A 87 8.43 -2.40 -3.70
C ILE A 87 8.73 -1.01 -3.15
N LYS A 88 8.38 0.00 -3.89
CA LYS A 88 8.62 1.39 -3.43
C LYS A 88 7.30 2.04 -3.06
N LEU A 89 7.33 3.07 -2.26
CA LEU A 89 6.06 3.73 -1.86
C LEU A 89 6.07 5.20 -2.27
N GLU A 90 4.96 5.87 -2.15
CA GLU A 90 4.89 7.30 -2.53
C GLU A 90 3.60 7.93 -2.02
N LYS A 91 3.69 8.96 -1.23
CA LYS A 91 2.46 9.62 -0.70
C LYS A 91 1.55 10.07 -1.85
N PRO A 92 0.45 9.39 -1.99
CA PRO A 92 -0.50 9.72 -3.07
C PRO A 92 -1.39 10.89 -2.65
N LYS A 93 -2.42 11.18 -3.39
CA LYS A 93 -3.33 12.31 -3.03
C LYS A 93 -3.90 12.09 -1.63
N GLY A 94 -4.75 12.98 -1.18
CA GLY A 94 -5.34 12.83 0.17
C GLY A 94 -4.53 13.63 1.20
N ARG A 95 -3.23 13.51 1.16
CA ARG A 95 -2.38 14.26 2.13
C ARG A 95 -1.36 15.12 1.37
N ASP A 96 -1.51 15.24 0.08
CA ASP A 96 -0.55 16.07 -0.71
C ASP A 96 -0.74 17.55 -0.40
N GLY A 97 0.31 18.26 -0.11
CA GLY A 97 0.19 19.71 0.19
C GLY A 97 1.14 20.51 -0.70
N THR A 98 1.64 19.89 -1.73
CA THR A 98 2.58 20.62 -2.64
C THR A 98 2.98 19.74 -3.82
N ARG A 99 2.97 20.27 -5.01
CA ARG A 99 3.34 19.44 -6.21
C ARG A 99 2.55 18.13 -6.22
N GLY A 100 1.48 18.09 -6.97
CA GLY A 100 0.66 16.85 -7.02
C GLY A 100 1.39 15.80 -7.87
N CYS A 101 2.34 15.11 -7.30
CA CYS A 101 3.08 14.07 -8.08
C CYS A 101 3.44 14.60 -9.46
N GLY A 1 -17.25 19.38 -10.11
CA GLY A 1 -16.67 18.04 -10.42
C GLY A 1 -15.78 17.57 -9.26
N SER A 2 -16.26 16.67 -8.46
CA SER A 2 -15.45 16.17 -7.32
C SER A 2 -15.22 17.31 -6.31
N HIS A 3 -14.37 18.24 -6.63
CA HIS A 3 -14.10 19.36 -5.70
C HIS A 3 -13.83 18.83 -4.29
N MET A 4 -12.58 18.62 -3.95
CA MET A 4 -12.26 18.10 -2.60
C MET A 4 -11.55 19.18 -1.77
N LEU A 5 -12.20 19.68 -0.76
CA LEU A 5 -11.57 20.73 0.09
C LEU A 5 -11.89 20.49 1.57
N GLU A 6 -13.14 20.48 1.92
CA GLU A 6 -13.51 20.25 3.35
C GLU A 6 -13.86 18.78 3.57
N ASP A 7 -14.47 18.47 4.69
CA ASP A 7 -14.83 17.05 4.96
C ASP A 7 -15.61 16.95 6.28
N PRO A 8 -16.68 17.70 6.34
CA PRO A 8 -17.52 17.72 7.56
C PRO A 8 -18.29 16.39 7.67
N VAL A 9 -19.37 16.43 8.37
CA VAL A 9 -20.20 15.20 8.56
C VAL A 9 -19.30 13.96 8.70
N GLU A 10 -18.29 14.04 9.51
CA GLU A 10 -17.39 12.88 9.69
C GLU A 10 -18.21 11.58 9.81
N GLY A 11 -17.57 10.45 9.69
CA GLY A 11 -18.31 9.16 9.80
C GLY A 11 -18.10 8.34 8.53
N SER A 12 -17.21 8.77 7.67
CA SER A 12 -16.97 8.01 6.41
C SER A 12 -15.68 8.51 5.74
N GLU A 13 -14.59 7.84 5.95
CA GLU A 13 -13.32 8.25 5.33
C GLU A 13 -12.71 7.08 4.57
N SER A 14 -11.48 6.82 4.81
CA SER A 14 -10.79 5.69 4.12
C SER A 14 -10.89 4.42 4.97
N THR A 15 -10.14 3.40 4.64
CA THR A 15 -10.19 2.14 5.43
C THR A 15 -9.16 2.19 6.57
N THR A 16 -8.38 3.23 6.62
CA THR A 16 -7.37 3.33 7.71
C THR A 16 -6.72 4.72 7.71
N PRO A 17 -6.05 5.02 8.79
CA PRO A 17 -5.38 6.33 8.94
C PRO A 17 -4.09 6.38 8.13
N PHE A 18 -3.39 5.29 8.01
CA PHE A 18 -2.12 5.31 7.24
C PHE A 18 -2.27 4.53 5.93
N ASN A 19 -2.16 5.20 4.82
CA ASN A 19 -2.29 4.52 3.50
C ASN A 19 -1.30 5.14 2.50
N LEU A 20 -0.88 4.38 1.54
CA LEU A 20 0.09 4.93 0.54
C LEU A 20 0.12 4.04 -0.71
N PHE A 21 0.79 4.50 -1.74
CA PHE A 21 0.86 3.69 -2.99
C PHE A 21 2.18 2.91 -3.04
N ILE A 22 2.29 1.97 -3.95
CA ILE A 22 3.53 1.18 -4.06
C ILE A 22 3.84 0.89 -5.52
N GLY A 23 5.05 0.53 -5.84
CA GLY A 23 5.41 0.25 -7.26
C GLY A 23 6.49 -0.82 -7.30
N ASN A 24 6.87 -1.23 -8.47
CA ASN A 24 7.93 -2.28 -8.61
C ASN A 24 7.38 -3.64 -8.19
N LEU A 25 6.19 -3.97 -8.62
CA LEU A 25 5.61 -5.28 -8.25
C LEU A 25 5.92 -6.32 -9.33
N ASN A 26 6.47 -7.44 -8.94
CA ASN A 26 6.82 -8.49 -9.93
C ASN A 26 5.70 -8.62 -10.98
N PRO A 27 6.00 -8.15 -12.16
CA PRO A 27 5.03 -8.21 -13.27
C PRO A 27 4.91 -9.64 -13.80
N ASN A 28 5.93 -10.44 -13.60
CA ASN A 28 5.87 -11.84 -14.10
C ASN A 28 5.00 -12.69 -13.16
N LYS A 29 4.64 -12.14 -12.03
CA LYS A 29 3.79 -12.90 -11.08
C LYS A 29 2.43 -12.21 -10.94
N SER A 30 1.76 -12.42 -9.83
CA SER A 30 0.43 -11.76 -9.63
C SER A 30 0.49 -10.78 -8.47
N VAL A 31 -0.34 -9.78 -8.49
CA VAL A 31 -0.33 -8.80 -7.38
C VAL A 31 -0.85 -9.46 -6.10
N ALA A 32 -1.59 -10.53 -6.25
CA ALA A 32 -2.12 -11.23 -5.05
C ALA A 32 -0.95 -11.84 -4.26
N GLU A 33 0.01 -12.38 -4.95
CA GLU A 33 1.19 -12.97 -4.26
C GLU A 33 2.05 -11.85 -3.68
N LEU A 34 2.30 -10.82 -4.44
CA LEU A 34 3.10 -9.69 -3.93
C LEU A 34 2.42 -9.14 -2.69
N LYS A 35 1.12 -9.22 -2.65
CA LYS A 35 0.37 -8.73 -1.46
C LYS A 35 0.75 -9.57 -0.24
N VAL A 36 0.46 -10.84 -0.28
CA VAL A 36 0.82 -11.73 0.85
C VAL A 36 2.29 -11.55 1.20
N ALA A 37 3.14 -11.40 0.23
CA ALA A 37 4.57 -11.21 0.54
C ALA A 37 4.75 -9.92 1.33
N ILE A 38 3.88 -8.98 1.13
CA ILE A 38 3.98 -7.70 1.89
C ILE A 38 3.21 -7.85 3.19
N SER A 39 2.21 -8.68 3.21
CA SER A 39 1.42 -8.87 4.47
C SER A 39 2.19 -9.81 5.40
N GLU A 40 3.00 -10.67 4.83
CA GLU A 40 3.79 -11.60 5.66
C GLU A 40 5.06 -10.92 6.13
N LEU A 41 5.65 -10.13 5.28
CA LEU A 41 6.88 -9.40 5.67
C LEU A 41 6.52 -8.39 6.76
N PHE A 42 5.36 -7.83 6.69
CA PHE A 42 4.94 -6.85 7.71
C PHE A 42 4.30 -7.60 8.88
N ALA A 43 3.89 -8.81 8.66
CA ALA A 43 3.27 -9.59 9.77
C ALA A 43 4.35 -10.32 10.56
N LYS A 44 5.44 -10.65 9.92
CA LYS A 44 6.54 -11.36 10.62
C LYS A 44 7.50 -10.32 11.20
N ASN A 45 7.48 -9.13 10.68
CA ASN A 45 8.37 -8.07 11.19
C ASN A 45 7.80 -7.49 12.49
N ASP A 46 6.60 -6.95 12.39
CA ASP A 46 5.89 -6.35 13.57
C ASP A 46 4.99 -5.20 13.10
N LEU A 47 4.48 -5.28 11.91
CA LEU A 47 3.60 -4.20 11.40
C LEU A 47 2.14 -4.61 11.54
N ALA A 48 1.28 -4.02 10.76
CA ALA A 48 -0.17 -4.38 10.84
C ALA A 48 -0.87 -4.02 9.54
N VAL A 49 -0.49 -4.63 8.45
CA VAL A 49 -1.12 -4.33 7.16
C VAL A 49 -2.64 -4.41 7.29
N VAL A 50 -3.29 -3.31 7.06
CA VAL A 50 -4.77 -3.27 7.18
C VAL A 50 -5.43 -3.53 5.82
N ASP A 51 -4.93 -2.90 4.79
CA ASP A 51 -5.54 -3.11 3.45
C ASP A 51 -4.45 -3.23 2.37
N VAL A 52 -4.76 -3.88 1.28
CA VAL A 52 -3.76 -4.03 0.19
C VAL A 52 -4.43 -3.80 -1.16
N ARG A 53 -3.65 -3.78 -2.22
CA ARG A 53 -4.23 -3.56 -3.58
C ARG A 53 -3.11 -3.48 -4.62
N THR A 54 -3.46 -3.32 -5.86
CA THR A 54 -2.42 -3.24 -6.92
C THR A 54 -2.23 -1.79 -7.37
N GLY A 55 -1.21 -1.54 -8.15
CA GLY A 55 -0.95 -0.16 -8.65
C GLY A 55 -0.95 -0.16 -10.18
N THR A 56 -1.64 0.76 -10.77
CA THR A 56 -1.68 0.83 -12.26
C THR A 56 -2.21 -0.49 -12.83
N ASN A 57 -1.34 -1.40 -13.17
CA ASN A 57 -1.80 -2.70 -13.73
C ASN A 57 -0.78 -3.81 -13.46
N ARG A 58 -1.01 -4.61 -12.45
CA ARG A 58 -0.07 -5.72 -12.13
C ARG A 58 1.38 -5.23 -12.18
N LYS A 59 1.60 -3.96 -11.99
CA LYS A 59 3.00 -3.43 -12.01
C LYS A 59 3.31 -2.74 -10.68
N PHE A 60 2.33 -2.15 -10.08
CA PHE A 60 2.55 -1.46 -8.77
C PHE A 60 1.65 -2.10 -7.71
N GLY A 61 1.41 -1.41 -6.63
CA GLY A 61 0.53 -1.98 -5.57
C GLY A 61 0.17 -0.88 -4.55
N TYR A 62 -0.79 -1.14 -3.71
CA TYR A 62 -1.19 -0.13 -2.69
C TYR A 62 -1.52 -0.83 -1.39
N VAL A 63 -1.38 -0.14 -0.28
CA VAL A 63 -1.66 -0.80 1.01
C VAL A 63 -1.98 0.24 2.10
N ASP A 64 -2.65 -0.19 3.14
CA ASP A 64 -2.99 0.73 4.25
C ASP A 64 -2.44 0.17 5.56
N PHE A 65 -1.96 1.02 6.42
CA PHE A 65 -1.40 0.53 7.72
C PHE A 65 -2.36 0.79 8.87
N GLU A 66 -2.02 0.33 10.04
CA GLU A 66 -2.93 0.53 11.22
C GLU A 66 -2.32 1.46 12.25
N SER A 67 -1.25 2.14 11.91
CA SER A 67 -0.64 3.08 12.90
C SER A 67 0.47 3.92 12.28
N ALA A 68 0.95 4.84 13.04
CA ALA A 68 2.06 5.70 12.58
C ALA A 68 3.34 4.90 12.75
N GLU A 69 3.30 3.97 13.64
CA GLU A 69 4.48 3.11 13.89
C GLU A 69 4.50 1.97 12.87
N ASP A 70 3.35 1.63 12.34
CA ASP A 70 3.30 0.55 11.33
C ASP A 70 3.65 1.18 9.98
N LEU A 71 3.41 2.45 9.86
CA LEU A 71 3.74 3.15 8.59
C LEU A 71 5.24 3.47 8.57
N GLU A 72 5.80 3.75 9.71
CA GLU A 72 7.26 4.07 9.77
C GLU A 72 8.07 2.78 9.62
N LYS A 73 7.56 1.69 10.14
CA LYS A 73 8.28 0.40 10.00
C LYS A 73 7.99 -0.14 8.61
N ALA A 74 6.91 0.31 8.03
CA ALA A 74 6.56 -0.15 6.67
C ALA A 74 7.42 0.59 5.65
N LEU A 75 7.84 1.78 5.99
CA LEU A 75 8.70 2.56 5.07
C LEU A 75 10.11 1.99 5.11
N GLU A 76 10.62 1.75 6.28
CA GLU A 76 11.99 1.18 6.39
C GLU A 76 11.98 -0.24 5.82
N LEU A 77 10.85 -0.89 5.86
CA LEU A 77 10.75 -2.27 5.31
C LEU A 77 10.86 -2.24 3.79
N THR A 78 10.59 -1.11 3.20
CA THR A 78 10.67 -0.99 1.72
C THR A 78 11.86 -1.77 1.19
N GLY A 79 12.87 -1.83 1.98
CA GLY A 79 14.10 -2.57 1.58
C GLY A 79 13.71 -3.99 1.17
N LEU A 80 12.57 -4.45 1.58
CA LEU A 80 12.13 -5.82 1.22
C LEU A 80 11.86 -5.92 -0.27
N LYS A 81 12.48 -6.86 -0.93
CA LYS A 81 12.27 -7.03 -2.40
C LYS A 81 11.19 -8.05 -2.65
N VAL A 82 10.00 -7.63 -2.50
CA VAL A 82 8.84 -8.55 -2.74
C VAL A 82 9.09 -9.35 -4.02
N PHE A 83 8.92 -10.64 -3.96
CA PHE A 83 9.16 -11.48 -5.16
C PHE A 83 10.46 -11.06 -5.86
N GLY A 84 11.37 -10.45 -5.14
CA GLY A 84 12.66 -10.03 -5.77
C GLY A 84 12.53 -8.60 -6.29
N ASN A 85 11.65 -7.83 -5.72
CA ASN A 85 11.48 -6.42 -6.18
C ASN A 85 11.26 -5.49 -4.99
N GLU A 86 12.25 -4.73 -4.62
CA GLU A 86 12.10 -3.80 -3.46
C GLU A 86 10.92 -2.86 -3.71
N ILE A 87 9.73 -3.30 -3.39
CA ILE A 87 8.52 -2.46 -3.60
C ILE A 87 8.81 -1.00 -3.24
N LYS A 88 8.49 -0.10 -4.12
CA LYS A 88 8.72 1.35 -3.83
C LYS A 88 7.39 2.02 -3.51
N LEU A 89 7.34 2.79 -2.46
CA LEU A 89 6.06 3.45 -2.11
C LEU A 89 6.10 4.93 -2.46
N GLU A 90 5.00 5.61 -2.31
CA GLU A 90 4.96 7.07 -2.63
C GLU A 90 3.60 7.66 -2.21
N LYS A 91 3.62 8.80 -1.59
CA LYS A 91 2.33 9.42 -1.16
C LYS A 91 1.40 9.60 -2.36
N PRO A 92 0.31 8.86 -2.34
CA PRO A 92 -0.67 8.93 -3.45
C PRO A 92 -1.45 10.25 -3.38
N LYS A 93 -2.50 10.36 -4.16
CA LYS A 93 -3.31 11.61 -4.14
C LYS A 93 -2.50 12.79 -4.71
N GLY A 94 -2.80 13.20 -5.91
CA GLY A 94 -2.04 14.34 -6.51
C GLY A 94 -1.51 13.91 -7.88
N ARG A 95 -1.60 12.65 -8.21
CA ARG A 95 -1.11 12.20 -9.53
C ARG A 95 -2.28 12.00 -10.51
N ASP A 96 -3.46 12.37 -10.10
CA ASP A 96 -4.63 12.21 -11.01
C ASP A 96 -4.51 13.15 -12.21
N GLY A 97 -5.19 12.85 -13.28
CA GLY A 97 -5.11 13.73 -14.48
C GLY A 97 -5.62 12.97 -15.70
N THR A 98 -6.84 12.49 -15.66
CA THR A 98 -7.39 11.74 -16.82
C THR A 98 -8.69 12.40 -17.30
N ARG A 99 -8.70 12.90 -18.50
CA ARG A 99 -9.93 13.55 -19.03
C ARG A 99 -10.51 12.74 -20.18
N GLY A 100 -9.69 11.96 -20.84
CA GLY A 100 -10.20 11.14 -21.98
C GLY A 100 -10.91 12.04 -22.98
N CYS A 101 -10.19 12.60 -23.91
CA CYS A 101 -10.83 13.49 -24.92
C CYS A 101 -10.32 13.15 -26.33
N GLY A 1 -8.49 -8.75 -12.16
CA GLY A 1 -9.40 -7.70 -12.71
C GLY A 1 -10.67 -7.63 -11.86
N SER A 2 -11.13 -8.74 -11.36
CA SER A 2 -12.36 -8.73 -10.52
C SER A 2 -13.52 -8.09 -11.29
N HIS A 3 -14.54 -7.67 -10.59
CA HIS A 3 -15.71 -7.03 -11.28
C HIS A 3 -15.83 -5.57 -10.85
N MET A 4 -16.83 -4.89 -11.35
CA MET A 4 -17.01 -3.46 -10.96
C MET A 4 -17.79 -3.35 -9.65
N LEU A 5 -18.22 -4.45 -9.11
CA LEU A 5 -18.98 -4.41 -7.83
C LEU A 5 -20.32 -3.70 -8.03
N GLU A 6 -21.38 -4.23 -7.48
CA GLU A 6 -22.71 -3.58 -7.65
C GLU A 6 -22.88 -2.44 -6.65
N ASP A 7 -22.01 -1.46 -6.70
CA ASP A 7 -22.12 -0.32 -5.75
C ASP A 7 -21.66 0.98 -6.42
N PRO A 8 -22.63 1.75 -6.84
CA PRO A 8 -22.34 3.04 -7.52
C PRO A 8 -21.82 4.06 -6.51
N VAL A 9 -20.57 3.95 -6.17
CA VAL A 9 -19.98 4.91 -5.18
C VAL A 9 -18.53 5.22 -5.57
N GLU A 10 -18.18 6.47 -5.66
CA GLU A 10 -16.79 6.84 -6.02
C GLU A 10 -15.81 6.24 -5.01
N GLY A 11 -15.43 5.00 -5.21
CA GLY A 11 -14.48 4.35 -4.26
C GLY A 11 -14.87 4.70 -2.82
N SER A 12 -14.23 5.68 -2.25
CA SER A 12 -14.56 6.07 -0.85
C SER A 12 -14.76 4.83 0.01
N GLU A 13 -13.70 4.32 0.59
CA GLU A 13 -13.83 3.10 1.44
C GLU A 13 -12.55 2.88 2.24
N SER A 14 -11.86 3.94 2.52
CA SER A 14 -10.61 3.82 3.31
C SER A 14 -10.86 2.98 4.56
N THR A 15 -9.83 2.39 5.11
CA THR A 15 -10.01 1.56 6.33
C THR A 15 -9.10 2.03 7.46
N THR A 16 -8.02 2.67 7.12
CA THR A 16 -7.09 3.16 8.17
C THR A 16 -6.56 4.55 7.81
N PRO A 17 -5.99 5.19 8.80
CA PRO A 17 -5.43 6.55 8.60
C PRO A 17 -4.07 6.48 7.90
N PHE A 18 -3.31 5.43 8.14
CA PHE A 18 -1.97 5.31 7.51
C PHE A 18 -2.07 4.53 6.20
N ASN A 19 -2.23 5.21 5.10
CA ASN A 19 -2.32 4.51 3.78
C ASN A 19 -1.51 5.28 2.75
N LEU A 20 -0.99 4.60 1.77
CA LEU A 20 -0.17 5.30 0.74
C LEU A 20 -0.10 4.48 -0.54
N PHE A 21 0.64 4.95 -1.52
CA PHE A 21 0.77 4.20 -2.79
C PHE A 21 2.09 3.44 -2.83
N ILE A 22 2.18 2.40 -3.60
CA ILE A 22 3.45 1.62 -3.66
C ILE A 22 3.64 1.05 -5.06
N GLY A 23 4.84 0.78 -5.45
CA GLY A 23 5.07 0.22 -6.82
C GLY A 23 6.21 -0.81 -6.76
N ASN A 24 6.76 -1.14 -7.89
CA ASN A 24 7.87 -2.14 -7.92
C ASN A 24 7.32 -3.54 -7.64
N LEU A 25 6.03 -3.70 -7.69
CA LEU A 25 5.43 -5.04 -7.44
C LEU A 25 5.85 -6.01 -8.53
N ASN A 26 6.44 -7.11 -8.16
CA ASN A 26 6.88 -8.11 -9.18
C ASN A 26 5.83 -8.26 -10.27
N PRO A 27 6.09 -7.63 -11.39
CA PRO A 27 5.16 -7.69 -12.53
C PRO A 27 5.20 -9.07 -13.20
N ASN A 28 6.34 -9.72 -13.17
CA ASN A 28 6.44 -11.07 -13.79
C ASN A 28 5.71 -12.08 -12.93
N LYS A 29 5.40 -11.73 -11.72
CA LYS A 29 4.67 -12.67 -10.82
C LYS A 29 3.17 -12.36 -10.85
N SER A 30 2.48 -12.68 -9.81
CA SER A 30 1.02 -12.41 -9.78
C SER A 30 0.70 -11.34 -8.74
N VAL A 31 -0.32 -10.55 -8.98
CA VAL A 31 -0.68 -9.50 -8.01
C VAL A 31 -1.22 -10.14 -6.73
N ALA A 32 -1.75 -11.33 -6.84
CA ALA A 32 -2.29 -12.02 -5.64
C ALA A 32 -1.13 -12.38 -4.70
N GLU A 33 -0.02 -12.78 -5.26
CA GLU A 33 1.15 -13.13 -4.41
C GLU A 33 1.78 -11.85 -3.86
N LEU A 34 1.70 -10.77 -4.59
CA LEU A 34 2.27 -9.49 -4.10
C LEU A 34 1.48 -9.03 -2.88
N LYS A 35 0.21 -9.34 -2.84
CA LYS A 35 -0.62 -8.92 -1.68
C LYS A 35 -0.25 -9.77 -0.46
N VAL A 36 -0.34 -11.07 -0.58
CA VAL A 36 0.03 -11.96 0.56
C VAL A 36 1.50 -11.73 0.92
N ALA A 37 2.32 -11.45 -0.05
CA ALA A 37 3.75 -11.21 0.25
C ALA A 37 3.85 -9.98 1.14
N ILE A 38 3.03 -9.00 0.89
CA ILE A 38 3.07 -7.78 1.73
C ILE A 38 2.38 -8.06 3.06
N SER A 39 1.44 -8.97 3.10
CA SER A 39 0.76 -9.28 4.39
C SER A 39 1.70 -10.17 5.21
N GLU A 40 2.46 -10.98 4.55
CA GLU A 40 3.41 -11.88 5.25
C GLU A 40 4.67 -11.11 5.61
N LEU A 41 5.15 -10.31 4.70
CA LEU A 41 6.37 -9.50 4.99
C LEU A 41 6.11 -8.61 6.19
N PHE A 42 4.91 -8.10 6.30
CA PHE A 42 4.58 -7.23 7.45
C PHE A 42 4.21 -8.12 8.64
N ALA A 43 3.80 -9.33 8.36
CA ALA A 43 3.45 -10.25 9.47
C ALA A 43 4.73 -10.84 10.06
N LYS A 44 5.81 -10.74 9.35
CA LYS A 44 7.10 -11.28 9.84
C LYS A 44 8.04 -10.11 10.20
N ASN A 45 7.75 -8.94 9.70
CA ASN A 45 8.61 -7.77 10.01
C ASN A 45 8.21 -7.15 11.35
N ASP A 46 6.94 -7.24 11.69
CA ASP A 46 6.36 -6.69 12.97
C ASP A 46 5.44 -5.54 12.63
N LEU A 47 4.85 -5.60 11.48
CA LEU A 47 3.91 -4.53 11.05
C LEU A 47 2.48 -5.06 11.14
N ALA A 48 1.58 -4.50 10.37
CA ALA A 48 0.17 -4.97 10.42
C ALA A 48 -0.62 -4.37 9.26
N VAL A 49 -0.26 -4.71 8.06
CA VAL A 49 -0.98 -4.18 6.88
C VAL A 49 -2.48 -4.38 7.07
N VAL A 50 -3.19 -3.30 7.13
CA VAL A 50 -4.67 -3.38 7.33
C VAL A 50 -5.37 -3.67 5.98
N ASP A 51 -4.90 -3.09 4.92
CA ASP A 51 -5.56 -3.34 3.59
C ASP A 51 -4.55 -3.16 2.45
N VAL A 52 -4.76 -3.85 1.36
CA VAL A 52 -3.83 -3.71 0.21
C VAL A 52 -4.61 -3.55 -1.10
N ARG A 53 -3.98 -3.06 -2.12
CA ARG A 53 -4.68 -2.89 -3.43
C ARG A 53 -3.67 -2.88 -4.57
N THR A 54 -4.09 -3.24 -5.75
CA THR A 54 -3.15 -3.26 -6.91
C THR A 54 -2.93 -1.84 -7.44
N GLY A 55 -1.94 -1.67 -8.27
CA GLY A 55 -1.66 -0.31 -8.83
C GLY A 55 -1.26 -0.43 -10.30
N THR A 56 -1.97 0.21 -11.18
CA THR A 56 -1.62 0.14 -12.63
C THR A 56 -1.21 -1.28 -13.03
N ASN A 57 -2.13 -2.04 -13.55
CA ASN A 57 -1.80 -3.44 -13.97
C ASN A 57 -1.31 -4.27 -12.78
N ARG A 58 -0.32 -5.10 -12.98
CA ARG A 58 0.19 -5.94 -11.86
C ARG A 58 1.64 -5.56 -11.52
N LYS A 59 1.97 -4.30 -11.65
CA LYS A 59 3.36 -3.87 -11.33
C LYS A 59 3.35 -2.86 -10.18
N PHE A 60 2.22 -2.26 -9.93
CA PHE A 60 2.12 -1.26 -8.83
C PHE A 60 1.08 -1.73 -7.81
N GLY A 61 0.95 -1.04 -6.71
CA GLY A 61 -0.06 -1.46 -5.69
C GLY A 61 -0.10 -0.47 -4.53
N TYR A 62 -1.26 -0.32 -3.93
CA TYR A 62 -1.40 0.62 -2.77
C TYR A 62 -1.66 -0.20 -1.50
N VAL A 63 -1.38 0.34 -0.34
CA VAL A 63 -1.62 -0.45 0.90
C VAL A 63 -2.17 0.44 2.02
N ASP A 64 -2.56 -0.17 3.10
CA ASP A 64 -3.10 0.59 4.25
C ASP A 64 -2.51 0.05 5.55
N PHE A 65 -2.11 0.92 6.43
CA PHE A 65 -1.51 0.46 7.72
C PHE A 65 -2.48 0.66 8.88
N GLU A 66 -2.07 0.32 10.07
CA GLU A 66 -2.97 0.46 11.25
C GLU A 66 -2.40 1.46 12.26
N SER A 67 -1.31 2.10 11.93
CA SER A 67 -0.71 3.07 12.89
C SER A 67 0.37 3.92 12.25
N ALA A 68 0.87 4.85 13.00
CA ALA A 68 1.97 5.72 12.52
C ALA A 68 3.27 4.94 12.66
N GLU A 69 3.25 4.00 13.55
CA GLU A 69 4.44 3.16 13.79
C GLU A 69 4.48 2.04 12.74
N ASP A 70 3.34 1.68 12.23
CA ASP A 70 3.30 0.63 11.18
C ASP A 70 3.63 1.31 9.86
N LEU A 71 3.33 2.57 9.77
CA LEU A 71 3.64 3.32 8.54
C LEU A 71 5.15 3.62 8.50
N GLU A 72 5.72 3.90 9.64
CA GLU A 72 7.18 4.18 9.69
C GLU A 72 7.96 2.89 9.42
N LYS A 73 7.44 1.77 9.85
CA LYS A 73 8.12 0.49 9.58
C LYS A 73 7.92 0.18 8.12
N ALA A 74 6.86 0.70 7.57
CA ALA A 74 6.59 0.49 6.14
C ALA A 74 7.58 1.32 5.33
N LEU A 75 8.05 2.39 5.89
CA LEU A 75 9.03 3.25 5.18
C LEU A 75 10.40 2.58 5.21
N GLU A 76 10.71 1.90 6.28
CA GLU A 76 12.03 1.24 6.38
C GLU A 76 12.01 -0.12 5.66
N LEU A 77 10.85 -0.65 5.38
CA LEU A 77 10.78 -1.96 4.68
C LEU A 77 11.34 -1.86 3.26
N THR A 78 11.43 -0.65 2.76
CA THR A 78 11.95 -0.45 1.37
C THR A 78 13.24 -1.23 1.13
N GLY A 79 13.88 -1.66 2.16
CA GLY A 79 15.15 -2.44 2.01
C GLY A 79 14.82 -3.91 1.73
N LEU A 80 13.59 -4.20 1.38
CA LEU A 80 13.21 -5.62 1.10
C LEU A 80 13.15 -5.86 -0.41
N LYS A 81 12.52 -6.93 -0.80
CA LYS A 81 12.41 -7.25 -2.25
C LYS A 81 11.41 -8.37 -2.45
N VAL A 82 10.29 -8.17 -1.86
CA VAL A 82 9.14 -9.16 -1.92
C VAL A 82 9.54 -10.45 -2.64
N PHE A 83 8.84 -10.81 -3.68
CA PHE A 83 9.22 -12.04 -4.43
C PHE A 83 10.51 -11.79 -5.22
N GLY A 84 11.01 -10.59 -5.16
CA GLY A 84 12.26 -10.25 -5.89
C GLY A 84 12.18 -8.80 -6.38
N ASN A 85 11.58 -7.93 -5.61
CA ASN A 85 11.48 -6.51 -6.04
C ASN A 85 11.26 -5.61 -4.83
N GLU A 86 12.29 -4.95 -4.37
CA GLU A 86 12.14 -4.08 -3.18
C GLU A 86 10.98 -3.10 -3.40
N ILE A 87 9.81 -3.50 -2.99
CA ILE A 87 8.62 -2.62 -3.17
C ILE A 87 8.98 -1.16 -2.91
N LYS A 88 8.32 -0.28 -3.59
CA LYS A 88 8.59 1.17 -3.41
C LYS A 88 7.30 1.88 -2.99
N LEU A 89 7.41 3.00 -2.36
CA LEU A 89 6.20 3.73 -1.91
C LEU A 89 6.05 5.04 -2.67
N GLU A 90 4.95 5.73 -2.48
CA GLU A 90 4.74 7.01 -3.20
C GLU A 90 3.59 7.78 -2.54
N LYS A 91 3.86 8.97 -2.06
CA LYS A 91 2.77 9.76 -1.42
C LYS A 91 1.65 10.04 -2.42
N PRO A 92 0.53 9.42 -2.18
CA PRO A 92 -0.64 9.59 -3.08
C PRO A 92 -1.31 10.94 -2.83
N LYS A 93 -2.46 11.16 -3.39
CA LYS A 93 -3.16 12.45 -3.19
C LYS A 93 -4.59 12.21 -2.70
N GLY A 94 -4.85 11.07 -2.14
CA GLY A 94 -6.23 10.78 -1.65
C GLY A 94 -6.25 10.82 -0.13
N ARG A 95 -5.24 11.40 0.47
CA ARG A 95 -5.21 11.48 1.96
C ARG A 95 -6.45 12.20 2.49
N ASP A 96 -7.44 11.45 2.90
CA ASP A 96 -8.68 12.10 3.42
C ASP A 96 -8.84 11.79 4.92
N GLY A 97 -9.90 12.27 5.51
CA GLY A 97 -10.12 12.01 6.96
C GLY A 97 -11.62 12.01 7.27
N THR A 98 -12.15 13.15 7.63
CA THR A 98 -13.61 13.21 7.94
C THR A 98 -14.20 14.54 7.47
N ARG A 99 -15.49 14.66 7.43
CA ARG A 99 -16.13 15.92 6.97
C ARG A 99 -17.13 16.43 8.02
N GLY A 100 -17.82 17.49 7.73
CA GLY A 100 -18.81 18.03 8.70
C GLY A 100 -18.30 19.36 9.27
N CYS A 101 -17.81 20.23 8.42
CA CYS A 101 -17.30 21.54 8.92
C CYS A 101 -18.36 22.62 8.73
N GLY A 1 -7.00 27.50 -1.50
CA GLY A 1 -7.46 27.03 -2.84
C GLY A 1 -8.78 27.70 -3.19
N SER A 2 -9.57 27.09 -4.03
CA SER A 2 -10.88 27.70 -4.42
C SER A 2 -11.90 26.59 -4.70
N HIS A 3 -11.80 25.48 -4.03
CA HIS A 3 -12.76 24.37 -4.27
C HIS A 3 -12.81 24.01 -5.75
N MET A 4 -11.75 23.45 -6.27
CA MET A 4 -11.73 23.08 -7.71
C MET A 4 -11.87 21.56 -7.87
N LEU A 5 -12.98 21.10 -8.38
CA LEU A 5 -13.16 19.64 -8.55
C LEU A 5 -14.31 19.36 -9.53
N GLU A 6 -14.33 18.20 -10.13
CA GLU A 6 -15.42 17.87 -11.10
C GLU A 6 -16.17 16.61 -10.64
N ASP A 7 -15.52 15.49 -10.66
CA ASP A 7 -16.20 14.23 -10.24
C ASP A 7 -15.16 13.17 -9.86
N PRO A 8 -14.50 13.40 -8.76
CA PRO A 8 -13.46 12.46 -8.28
C PRO A 8 -14.12 11.18 -7.76
N VAL A 9 -13.42 10.48 -6.92
CA VAL A 9 -13.97 9.22 -6.35
C VAL A 9 -13.50 9.04 -4.92
N GLU A 10 -14.33 9.33 -3.95
CA GLU A 10 -13.92 9.17 -2.53
C GLU A 10 -15.13 8.80 -1.67
N GLY A 11 -15.99 7.95 -2.16
CA GLY A 11 -17.19 7.56 -1.38
C GLY A 11 -16.90 6.24 -0.65
N SER A 12 -15.65 5.91 -0.45
CA SER A 12 -15.31 4.65 0.25
C SER A 12 -14.89 4.95 1.69
N GLU A 13 -14.46 6.16 1.96
CA GLU A 13 -14.03 6.53 3.33
C GLU A 13 -12.75 5.81 3.68
N SER A 14 -11.78 6.58 4.00
CA SER A 14 -10.45 6.04 4.39
C SER A 14 -10.62 4.77 5.24
N THR A 15 -9.77 3.80 5.04
CA THR A 15 -9.89 2.55 5.84
C THR A 15 -8.83 2.52 6.95
N THR A 16 -7.94 3.48 6.96
CA THR A 16 -6.89 3.51 8.01
C THR A 16 -6.20 4.88 8.04
N PRO A 17 -5.52 5.13 9.12
CA PRO A 17 -4.80 6.41 9.29
C PRO A 17 -3.53 6.43 8.44
N PHE A 18 -2.91 5.30 8.25
CA PHE A 18 -1.66 5.25 7.43
C PHE A 18 -1.93 4.57 6.08
N ASN A 19 -1.98 5.31 5.02
CA ASN A 19 -2.23 4.70 3.68
C ASN A 19 -1.31 5.37 2.64
N LEU A 20 -0.89 4.64 1.66
CA LEU A 20 0.01 5.24 0.63
C LEU A 20 0.06 4.37 -0.62
N PHE A 21 0.72 4.84 -1.63
CA PHE A 21 0.83 4.06 -2.90
C PHE A 21 2.15 3.29 -2.94
N ILE A 22 2.16 2.15 -3.56
CA ILE A 22 3.41 1.35 -3.62
C ILE A 22 3.63 0.84 -5.05
N GLY A 23 4.87 0.70 -5.46
CA GLY A 23 5.15 0.23 -6.84
C GLY A 23 6.26 -0.83 -6.81
N ASN A 24 6.82 -1.16 -7.94
CA ASN A 24 7.91 -2.17 -7.97
C ASN A 24 7.35 -3.55 -7.60
N LEU A 25 6.38 -4.02 -8.34
CA LEU A 25 5.80 -5.36 -8.03
C LEU A 25 6.26 -6.39 -9.04
N ASN A 26 6.85 -7.45 -8.59
CA ASN A 26 7.33 -8.51 -9.52
C ASN A 26 6.29 -8.77 -10.61
N PRO A 27 6.59 -8.25 -11.78
CA PRO A 27 5.67 -8.42 -12.93
C PRO A 27 5.70 -9.86 -13.45
N ASN A 28 6.69 -10.62 -13.06
CA ASN A 28 6.79 -12.03 -13.53
C ASN A 28 5.81 -12.90 -12.72
N LYS A 29 5.36 -12.40 -11.61
CA LYS A 29 4.40 -13.18 -10.77
C LYS A 29 3.03 -12.50 -10.78
N SER A 30 2.24 -12.73 -9.78
CA SER A 30 0.90 -12.09 -9.73
C SER A 30 0.93 -10.88 -8.80
N VAL A 31 0.17 -9.86 -9.10
CA VAL A 31 0.16 -8.67 -8.21
C VAL A 31 -0.55 -9.04 -6.91
N ALA A 32 -1.53 -9.91 -6.99
CA ALA A 32 -2.24 -10.33 -5.75
C ALA A 32 -1.26 -11.05 -4.83
N GLU A 33 -0.39 -11.84 -5.40
CA GLU A 33 0.61 -12.55 -4.56
C GLU A 33 1.57 -11.53 -3.95
N LEU A 34 1.84 -10.46 -4.67
CA LEU A 34 2.75 -9.42 -4.13
C LEU A 34 2.11 -8.78 -2.91
N LYS A 35 0.81 -8.67 -2.90
CA LYS A 35 0.13 -8.08 -1.72
C LYS A 35 0.31 -9.00 -0.52
N VAL A 36 -0.05 -10.24 -0.67
CA VAL A 36 0.13 -11.21 0.46
C VAL A 36 1.60 -11.30 0.83
N ALA A 37 2.47 -11.32 -0.15
CA ALA A 37 3.92 -11.39 0.18
C ALA A 37 4.31 -10.16 0.98
N ILE A 38 3.63 -9.07 0.76
CA ILE A 38 3.94 -7.83 1.52
C ILE A 38 3.18 -7.85 2.84
N SER A 39 2.03 -8.47 2.85
CA SER A 39 1.25 -8.54 4.12
C SER A 39 1.84 -9.61 5.03
N GLU A 40 2.49 -10.58 4.44
CA GLU A 40 3.11 -11.66 5.25
C GLU A 40 4.48 -11.20 5.72
N LEU A 41 5.20 -10.53 4.87
CA LEU A 41 6.54 -10.03 5.28
C LEU A 41 6.36 -9.04 6.41
N PHE A 42 5.32 -8.26 6.37
CA PHE A 42 5.06 -7.29 7.45
C PHE A 42 4.42 -8.03 8.63
N ALA A 43 3.77 -9.13 8.34
CA ALA A 43 3.12 -9.92 9.43
C ALA A 43 4.21 -10.55 10.31
N LYS A 44 5.26 -11.03 9.70
CA LYS A 44 6.36 -11.65 10.49
C LYS A 44 7.25 -10.55 11.09
N ASN A 45 7.15 -9.36 10.55
CA ASN A 45 7.96 -8.23 11.07
C ASN A 45 7.27 -7.59 12.27
N ASP A 46 6.04 -7.97 12.53
CA ASP A 46 5.26 -7.39 13.67
C ASP A 46 4.61 -6.11 13.20
N LEU A 47 4.29 -6.03 11.94
CA LEU A 47 3.64 -4.83 11.39
C LEU A 47 2.14 -4.90 11.63
N ALA A 48 1.36 -4.64 10.62
CA ALA A 48 -0.12 -4.69 10.78
C ALA A 48 -0.80 -4.21 9.49
N VAL A 49 -0.49 -4.85 8.40
CA VAL A 49 -1.09 -4.45 7.11
C VAL A 49 -2.61 -4.49 7.20
N VAL A 50 -3.22 -3.36 7.02
CA VAL A 50 -4.71 -3.27 7.09
C VAL A 50 -5.29 -3.44 5.68
N ASP A 51 -4.72 -2.79 4.71
CA ASP A 51 -5.25 -2.92 3.32
C ASP A 51 -4.10 -3.09 2.31
N VAL A 52 -4.33 -3.85 1.28
CA VAL A 52 -3.27 -4.06 0.25
C VAL A 52 -3.92 -4.40 -1.09
N ARG A 53 -3.71 -3.61 -2.11
CA ARG A 53 -4.35 -3.91 -3.42
C ARG A 53 -3.38 -3.67 -4.59
N THR A 54 -3.64 -4.27 -5.71
CA THR A 54 -2.77 -4.09 -6.89
C THR A 54 -3.25 -2.91 -7.75
N GLY A 55 -2.36 -2.28 -8.45
CA GLY A 55 -2.78 -1.12 -9.30
C GLY A 55 -2.31 -1.35 -10.74
N THR A 56 -3.22 -1.31 -11.67
CA THR A 56 -2.84 -1.52 -13.10
C THR A 56 -2.38 -2.97 -13.34
N ASN A 57 -1.63 -3.20 -14.38
CA ASN A 57 -1.16 -4.58 -14.66
C ASN A 57 0.08 -4.91 -13.83
N ARG A 58 -0.09 -5.13 -12.55
CA ARG A 58 1.09 -5.46 -11.69
C ARG A 58 2.09 -4.31 -11.71
N LYS A 59 1.68 -3.16 -12.18
CA LYS A 59 2.63 -2.01 -12.22
C LYS A 59 2.93 -1.52 -10.80
N PHE A 60 1.91 -1.28 -10.02
CA PHE A 60 2.14 -0.81 -8.63
C PHE A 60 0.92 -1.16 -7.76
N GLY A 61 1.13 -1.33 -6.48
CA GLY A 61 -0.02 -1.68 -5.59
C GLY A 61 -0.12 -0.66 -4.45
N TYR A 62 -1.20 -0.67 -3.73
CA TYR A 62 -1.36 0.28 -2.60
C TYR A 62 -1.53 -0.48 -1.30
N VAL A 63 -1.19 0.13 -0.20
CA VAL A 63 -1.31 -0.59 1.10
C VAL A 63 -1.57 0.39 2.24
N ASP A 64 -2.37 0.01 3.19
CA ASP A 64 -2.67 0.90 4.34
C ASP A 64 -2.17 0.25 5.64
N PHE A 65 -1.68 1.04 6.55
CA PHE A 65 -1.19 0.46 7.83
C PHE A 65 -2.15 0.81 8.97
N GLU A 66 -1.94 0.24 10.12
CA GLU A 66 -2.86 0.51 11.26
C GLU A 66 -2.13 1.17 12.42
N SER A 67 -0.96 1.70 12.20
CA SER A 67 -0.22 2.35 13.33
C SER A 67 0.92 3.22 12.82
N ALA A 68 1.55 3.88 13.74
CA ALA A 68 2.71 4.74 13.41
C ALA A 68 3.91 3.83 13.23
N GLU A 69 3.84 2.70 13.86
CA GLU A 69 4.94 1.73 13.77
C GLU A 69 4.88 1.03 12.41
N ASP A 70 3.70 0.88 11.87
CA ASP A 70 3.57 0.26 10.53
C ASP A 70 3.92 1.34 9.52
N LEU A 71 3.69 2.56 9.89
CA LEU A 71 4.03 3.68 8.98
C LEU A 71 5.55 3.88 8.99
N GLU A 72 6.16 3.71 10.13
CA GLU A 72 7.64 3.86 10.21
C GLU A 72 8.30 2.74 9.40
N LYS A 73 7.70 1.59 9.39
CA LYS A 73 8.27 0.47 8.59
C LYS A 73 7.92 0.77 7.15
N ALA A 74 6.79 1.38 6.94
CA ALA A 74 6.39 1.74 5.57
C ALA A 74 7.50 2.58 4.94
N LEU A 75 8.15 3.37 5.75
CA LEU A 75 9.27 4.20 5.24
C LEU A 75 10.45 3.28 4.96
N GLU A 76 10.75 2.40 5.88
CA GLU A 76 11.86 1.45 5.67
C GLU A 76 11.37 0.27 4.82
N LEU A 77 10.17 0.35 4.33
CA LEU A 77 9.59 -0.75 3.50
C LEU A 77 10.16 -0.69 2.09
N THR A 78 10.81 0.38 1.76
CA THR A 78 11.39 0.53 0.39
C THR A 78 12.63 -0.34 0.21
N GLY A 79 12.92 -1.17 1.16
CA GLY A 79 14.12 -2.06 1.05
C GLY A 79 13.68 -3.52 1.21
N LEU A 80 12.42 -3.80 1.05
CA LEU A 80 11.94 -5.19 1.20
C LEU A 80 11.59 -5.80 -0.16
N LYS A 81 12.36 -6.75 -0.59
CA LYS A 81 12.08 -7.41 -1.90
C LYS A 81 10.92 -8.38 -1.74
N VAL A 82 9.76 -7.87 -1.83
CA VAL A 82 8.53 -8.71 -1.70
C VAL A 82 8.75 -10.07 -2.35
N PHE A 83 8.36 -10.22 -3.57
CA PHE A 83 8.55 -11.53 -4.27
C PHE A 83 9.84 -11.47 -5.11
N GLY A 84 10.80 -10.70 -4.69
CA GLY A 84 12.06 -10.59 -5.48
C GLY A 84 12.21 -9.17 -6.01
N ASN A 85 11.36 -8.27 -5.56
CA ASN A 85 11.44 -6.85 -6.04
C ASN A 85 11.20 -5.91 -4.87
N GLU A 86 12.22 -5.28 -4.38
CA GLU A 86 12.06 -4.33 -3.23
C GLU A 86 10.88 -3.39 -3.47
N ILE A 87 9.70 -3.79 -3.08
CA ILE A 87 8.51 -2.91 -3.28
C ILE A 87 8.84 -1.48 -2.86
N LYS A 88 8.28 -0.53 -3.55
CA LYS A 88 8.55 0.89 -3.20
C LYS A 88 7.23 1.57 -2.79
N LEU A 89 7.32 2.62 -2.02
CA LEU A 89 6.09 3.32 -1.58
C LEU A 89 6.13 4.78 -2.04
N GLU A 90 5.06 5.49 -1.81
CA GLU A 90 5.01 6.92 -2.24
C GLU A 90 3.87 7.64 -1.51
N LYS A 91 3.91 8.95 -1.47
CA LYS A 91 2.83 9.70 -0.77
C LYS A 91 1.86 10.30 -1.80
N PRO A 92 0.78 9.59 -2.04
CA PRO A 92 -0.24 10.06 -3.00
C PRO A 92 -1.03 11.24 -2.42
N LYS A 93 -2.05 11.67 -3.10
CA LYS A 93 -2.86 12.81 -2.58
C LYS A 93 -2.00 14.07 -2.53
N GLY A 94 -1.29 14.37 -3.58
CA GLY A 94 -0.42 15.58 -3.58
C GLY A 94 -1.31 16.84 -3.55
N ARG A 95 -2.11 16.99 -2.54
CA ARG A 95 -2.99 18.18 -2.44
C ARG A 95 -3.79 18.34 -3.74
N ASP A 96 -3.99 19.56 -4.17
CA ASP A 96 -4.76 19.79 -5.43
C ASP A 96 -4.11 20.90 -6.26
N GLY A 97 -3.72 20.61 -7.47
CA GLY A 97 -3.08 21.66 -8.31
C GLY A 97 -4.00 22.00 -9.48
N THR A 98 -3.51 22.70 -10.46
CA THR A 98 -4.37 23.06 -11.62
C THR A 98 -3.86 22.38 -12.90
N ARG A 99 -4.59 21.42 -13.39
CA ARG A 99 -4.14 20.71 -14.63
C ARG A 99 -5.16 20.91 -15.76
N GLY A 100 -6.42 20.74 -15.46
CA GLY A 100 -7.46 20.92 -16.51
C GLY A 100 -7.25 19.90 -17.63
N CYS A 101 -8.27 19.63 -18.39
CA CYS A 101 -8.13 18.64 -19.50
C CYS A 101 -7.21 19.20 -20.60
N GLY A 1 -37.38 -1.25 -7.87
CA GLY A 1 -38.31 -2.37 -7.55
C GLY A 1 -38.75 -2.28 -6.09
N SER A 2 -39.02 -3.40 -5.47
CA SER A 2 -39.46 -3.37 -4.04
C SER A 2 -38.40 -4.04 -3.16
N HIS A 3 -37.19 -4.14 -3.63
CA HIS A 3 -36.12 -4.78 -2.81
C HIS A 3 -35.09 -3.73 -2.39
N MET A 4 -34.00 -4.17 -1.80
CA MET A 4 -32.95 -3.19 -1.36
C MET A 4 -31.57 -3.66 -1.83
N LEU A 5 -30.75 -2.75 -2.28
CA LEU A 5 -29.39 -3.14 -2.75
C LEU A 5 -28.33 -2.23 -2.12
N GLU A 6 -27.30 -2.79 -1.55
CA GLU A 6 -26.25 -1.95 -0.93
C GLU A 6 -25.14 -1.64 -1.95
N ASP A 7 -24.50 -0.51 -1.81
CA ASP A 7 -23.42 -0.15 -2.78
C ASP A 7 -22.22 -1.10 -2.60
N PRO A 8 -21.69 -1.53 -3.71
CA PRO A 8 -20.53 -2.45 -3.69
C PRO A 8 -19.28 -1.70 -3.26
N VAL A 9 -18.14 -2.20 -3.62
CA VAL A 9 -16.86 -1.54 -3.25
C VAL A 9 -16.98 -0.02 -3.42
N GLU A 10 -17.31 0.68 -2.37
CA GLU A 10 -17.45 2.16 -2.46
C GLU A 10 -16.20 2.76 -3.13
N GLY A 11 -16.30 3.13 -4.37
CA GLY A 11 -15.13 3.72 -5.07
C GLY A 11 -13.87 2.91 -4.74
N SER A 12 -13.12 3.33 -3.75
CA SER A 12 -11.89 2.57 -3.39
C SER A 12 -11.82 2.38 -1.87
N GLU A 13 -11.66 3.45 -1.14
CA GLU A 13 -11.57 3.35 0.34
C GLU A 13 -10.29 2.66 0.74
N SER A 14 -9.54 3.34 1.50
CA SER A 14 -8.23 2.80 1.98
C SER A 14 -8.45 1.79 3.11
N THR A 15 -9.69 1.56 3.46
CA THR A 15 -9.99 0.60 4.55
C THR A 15 -9.11 0.84 5.77
N THR A 16 -8.54 2.00 5.89
CA THR A 16 -7.66 2.28 7.07
C THR A 16 -7.18 3.73 7.08
N PRO A 17 -6.60 4.12 8.18
CA PRO A 17 -6.10 5.50 8.33
C PRO A 17 -4.74 5.65 7.63
N PHE A 18 -3.83 4.74 7.87
CA PHE A 18 -2.49 4.85 7.21
C PHE A 18 -2.53 4.21 5.83
N ASN A 19 -2.45 5.00 4.80
CA ASN A 19 -2.48 4.46 3.43
C ASN A 19 -1.46 5.17 2.54
N LEU A 20 -0.96 4.51 1.55
CA LEU A 20 0.03 5.15 0.64
C LEU A 20 0.14 4.35 -0.66
N PHE A 21 1.01 4.77 -1.55
CA PHE A 21 1.15 4.03 -2.84
C PHE A 21 2.56 3.45 -2.97
N ILE A 22 2.68 2.29 -3.57
CA ILE A 22 4.02 1.67 -3.74
C ILE A 22 4.16 1.18 -5.18
N GLY A 23 5.36 1.06 -5.66
CA GLY A 23 5.55 0.59 -7.06
C GLY A 23 6.54 -0.58 -7.10
N ASN A 24 6.87 -1.02 -8.29
CA ASN A 24 7.83 -2.16 -8.44
C ASN A 24 7.16 -3.49 -8.08
N LEU A 25 5.85 -3.50 -7.98
CA LEU A 25 5.16 -4.78 -7.65
C LEU A 25 5.41 -5.81 -8.75
N ASN A 26 5.94 -6.93 -8.38
CA ASN A 26 6.22 -8.00 -9.37
C ASN A 26 5.10 -8.10 -10.40
N PRO A 27 5.33 -7.50 -11.54
CA PRO A 27 4.32 -7.50 -12.62
C PRO A 27 4.33 -8.85 -13.36
N ASN A 28 5.36 -9.63 -13.20
CA ASN A 28 5.42 -10.94 -13.89
C ASN A 28 4.66 -12.00 -13.09
N LYS A 29 4.41 -11.72 -11.84
CA LYS A 29 3.66 -12.69 -11.00
C LYS A 29 2.28 -12.12 -10.67
N SER A 30 1.67 -12.58 -9.61
CA SER A 30 0.32 -12.06 -9.26
C SER A 30 0.44 -10.99 -8.17
N VAL A 31 -0.35 -9.96 -8.26
CA VAL A 31 -0.28 -8.91 -7.21
C VAL A 31 -0.79 -9.50 -5.90
N ALA A 32 -1.75 -10.37 -5.97
CA ALA A 32 -2.27 -11.01 -4.73
C ALA A 32 -1.10 -11.70 -4.02
N GLU A 33 -0.18 -12.23 -4.78
CA GLU A 33 0.99 -12.89 -4.17
C GLU A 33 1.87 -11.84 -3.50
N LEU A 34 2.07 -10.73 -4.15
CA LEU A 34 2.88 -9.64 -3.55
C LEU A 34 2.20 -9.18 -2.27
N LYS A 35 0.91 -8.98 -2.35
CA LYS A 35 0.15 -8.54 -1.15
C LYS A 35 0.42 -9.50 0.00
N VAL A 36 0.27 -10.78 -0.22
CA VAL A 36 0.53 -11.77 0.85
C VAL A 36 1.99 -11.72 1.24
N ALA A 37 2.87 -11.54 0.29
CA ALA A 37 4.31 -11.47 0.64
C ALA A 37 4.54 -10.24 1.50
N ILE A 38 3.83 -9.18 1.24
CA ILE A 38 3.98 -7.96 2.07
C ILE A 38 3.21 -8.12 3.38
N SER A 39 2.17 -8.91 3.37
CA SER A 39 1.41 -9.13 4.62
C SER A 39 2.16 -10.11 5.51
N GLU A 40 2.86 -11.02 4.90
CA GLU A 40 3.64 -12.01 5.68
C GLU A 40 4.95 -11.39 6.15
N LEU A 41 5.56 -10.58 5.32
CA LEU A 41 6.82 -9.92 5.73
C LEU A 41 6.54 -8.92 6.85
N PHE A 42 5.38 -8.33 6.83
CA PHE A 42 5.03 -7.36 7.89
C PHE A 42 4.54 -8.13 9.12
N ALA A 43 4.05 -9.32 8.91
CA ALA A 43 3.56 -10.13 10.06
C ALA A 43 4.76 -10.63 10.89
N LYS A 44 5.87 -10.86 10.23
CA LYS A 44 7.08 -11.33 10.97
C LYS A 44 7.95 -10.13 11.34
N ASN A 45 7.73 -9.02 10.70
CA ASN A 45 8.55 -7.80 11.02
C ASN A 45 7.99 -7.10 12.25
N ASP A 46 6.72 -7.32 12.53
CA ASP A 46 6.01 -6.69 13.71
C ASP A 46 5.20 -5.52 13.22
N LEU A 47 4.76 -5.60 12.00
CA LEU A 47 3.94 -4.52 11.41
C LEU A 47 2.46 -4.90 11.52
N ALA A 48 1.64 -4.43 10.62
CA ALA A 48 0.20 -4.78 10.68
C ALA A 48 -0.49 -4.35 9.37
N VAL A 49 -0.08 -4.93 8.28
CA VAL A 49 -0.69 -4.56 6.99
C VAL A 49 -2.20 -4.72 7.05
N VAL A 50 -2.90 -3.65 6.87
CA VAL A 50 -4.38 -3.70 6.92
C VAL A 50 -4.95 -3.89 5.52
N ASP A 51 -4.37 -3.27 4.53
CA ASP A 51 -4.89 -3.43 3.15
C ASP A 51 -3.74 -3.35 2.13
N VAL A 52 -3.98 -3.80 0.92
CA VAL A 52 -2.92 -3.77 -0.12
C VAL A 52 -3.53 -4.00 -1.50
N ARG A 53 -3.48 -3.02 -2.36
CA ARG A 53 -4.08 -3.19 -3.71
C ARG A 53 -3.01 -3.02 -4.80
N THR A 54 -3.31 -3.43 -6.00
CA THR A 54 -2.31 -3.29 -7.11
C THR A 54 -2.32 -1.85 -7.63
N GLY A 55 -1.38 -1.53 -8.49
CA GLY A 55 -1.33 -0.14 -9.03
C GLY A 55 -0.97 -0.15 -10.51
N THR A 56 -1.94 -0.05 -11.37
CA THR A 56 -1.69 -0.03 -12.84
C THR A 56 -0.95 -1.29 -13.30
N ASN A 57 -1.45 -1.92 -14.33
CA ASN A 57 -0.80 -3.15 -14.89
C ASN A 57 -0.15 -3.99 -13.80
N ARG A 58 -0.78 -4.11 -12.66
CA ARG A 58 -0.18 -4.92 -11.56
C ARG A 58 1.31 -4.62 -11.43
N LYS A 59 1.73 -3.45 -11.84
CA LYS A 59 3.17 -3.09 -11.73
C LYS A 59 3.44 -2.46 -10.37
N PHE A 60 2.49 -1.74 -9.85
CA PHE A 60 2.68 -1.10 -8.51
C PHE A 60 1.72 -1.76 -7.51
N GLY A 61 1.45 -1.10 -6.41
CA GLY A 61 0.53 -1.70 -5.42
C GLY A 61 0.38 -0.78 -4.22
N TYR A 62 -0.83 -0.42 -3.87
CA TYR A 62 -1.03 0.47 -2.69
C TYR A 62 -1.19 -0.37 -1.44
N VAL A 63 -0.95 0.22 -0.30
CA VAL A 63 -1.06 -0.56 0.97
C VAL A 63 -1.48 0.34 2.13
N ASP A 64 -2.32 -0.17 3.00
CA ASP A 64 -2.77 0.63 4.17
C ASP A 64 -2.21 0.01 5.45
N PHE A 65 -1.91 0.82 6.43
CA PHE A 65 -1.35 0.28 7.69
C PHE A 65 -2.33 0.47 8.85
N GLU A 66 -2.00 -0.02 10.01
CA GLU A 66 -2.93 0.09 11.17
C GLU A 66 -2.35 1.01 12.26
N SER A 67 -1.41 1.85 11.93
CA SER A 67 -0.84 2.75 12.98
C SER A 67 0.25 3.67 12.42
N ALA A 68 0.78 4.47 13.29
CA ALA A 68 1.88 5.39 12.92
C ALA A 68 3.14 4.56 12.93
N GLU A 69 3.10 3.57 13.76
CA GLU A 69 4.24 2.67 13.92
C GLU A 69 4.32 1.74 12.70
N ASP A 70 3.21 1.53 12.05
CA ASP A 70 3.22 0.68 10.83
C ASP A 70 3.64 1.57 9.67
N LEU A 71 3.27 2.81 9.73
CA LEU A 71 3.65 3.76 8.65
C LEU A 71 5.15 4.05 8.73
N GLU A 72 5.69 4.13 9.92
CA GLU A 72 7.15 4.40 10.06
C GLU A 72 7.95 3.16 9.64
N LYS A 73 7.49 2.00 10.03
CA LYS A 73 8.19 0.77 9.63
C LYS A 73 7.87 0.55 8.16
N ALA A 74 6.69 0.95 7.77
CA ALA A 74 6.31 0.81 6.35
C ALA A 74 7.28 1.61 5.49
N LEU A 75 7.81 2.67 6.04
CA LEU A 75 8.78 3.49 5.28
C LEU A 75 10.08 2.72 5.18
N GLU A 76 10.55 2.20 6.29
CA GLU A 76 11.80 1.41 6.26
C GLU A 76 11.48 0.00 5.74
N LEU A 77 10.24 -0.25 5.42
CA LEU A 77 9.85 -1.60 4.92
C LEU A 77 10.13 -1.70 3.42
N THR A 78 10.93 -0.82 2.89
CA THR A 78 11.24 -0.89 1.43
C THR A 78 12.43 -1.81 1.21
N GLY A 79 12.89 -2.45 2.23
CA GLY A 79 14.06 -3.37 2.09
C GLY A 79 13.56 -4.79 1.77
N LEU A 80 12.36 -4.91 1.27
CA LEU A 80 11.82 -6.25 0.94
C LEU A 80 11.53 -6.36 -0.56
N LYS A 81 12.09 -7.35 -1.21
CA LYS A 81 11.83 -7.50 -2.66
C LYS A 81 10.59 -8.35 -2.87
N VAL A 82 9.47 -7.74 -2.79
CA VAL A 82 8.20 -8.49 -2.99
C VAL A 82 8.36 -9.44 -4.18
N PHE A 83 8.46 -10.70 -3.92
CA PHE A 83 8.64 -11.69 -5.03
C PHE A 83 9.92 -11.38 -5.82
N GLY A 84 10.86 -10.70 -5.22
CA GLY A 84 12.12 -10.38 -5.95
C GLY A 84 12.08 -8.93 -6.46
N ASN A 85 11.17 -8.15 -5.96
CA ASN A 85 11.08 -6.73 -6.42
C ASN A 85 10.95 -5.79 -5.21
N GLU A 86 12.02 -5.13 -4.85
CA GLU A 86 11.95 -4.20 -3.68
C GLU A 86 10.88 -3.14 -3.91
N ILE A 87 9.65 -3.47 -3.62
CA ILE A 87 8.55 -2.49 -3.83
C ILE A 87 8.98 -1.09 -3.37
N LYS A 88 8.65 -0.10 -4.14
CA LYS A 88 9.01 1.29 -3.77
C LYS A 88 7.75 2.00 -3.26
N LEU A 89 7.91 3.14 -2.66
CA LEU A 89 6.72 3.85 -2.14
C LEU A 89 6.43 5.11 -2.97
N GLU A 90 5.39 5.81 -2.63
CA GLU A 90 5.03 7.05 -3.39
C GLU A 90 3.77 7.68 -2.79
N LYS A 91 3.76 8.97 -2.65
CA LYS A 91 2.55 9.64 -2.08
C LYS A 91 1.45 9.75 -3.14
N PRO A 92 0.38 9.01 -2.91
CA PRO A 92 -0.76 9.02 -3.85
C PRO A 92 -1.55 10.32 -3.71
N LYS A 93 -2.70 10.39 -4.34
CA LYS A 93 -3.53 11.63 -4.23
C LYS A 93 -4.92 11.39 -4.79
N GLY A 94 -5.45 10.20 -4.60
CA GLY A 94 -6.81 9.90 -5.11
C GLY A 94 -6.78 9.84 -6.64
N ARG A 95 -6.53 8.68 -7.19
CA ARG A 95 -6.49 8.57 -8.68
C ARG A 95 -6.64 7.10 -9.11
N ASP A 96 -7.60 6.82 -9.94
CA ASP A 96 -7.80 5.41 -10.39
C ASP A 96 -8.89 5.34 -11.46
N GLY A 97 -9.23 4.17 -11.91
CA GLY A 97 -10.29 4.04 -12.95
C GLY A 97 -11.51 3.32 -12.35
N THR A 98 -12.60 4.01 -12.19
CA THR A 98 -13.82 3.37 -11.62
C THR A 98 -15.08 3.91 -12.31
N ARG A 99 -16.04 3.06 -12.52
CA ARG A 99 -17.30 3.52 -13.18
C ARG A 99 -18.35 2.41 -13.16
N GLY A 100 -17.93 1.18 -13.31
CA GLY A 100 -18.91 0.05 -13.29
C GLY A 100 -18.62 -0.85 -12.10
N CYS A 101 -17.38 -1.05 -11.77
CA CYS A 101 -17.04 -1.93 -10.60
C CYS A 101 -16.20 -1.15 -9.58
N GLY A 1 -22.90 -3.19 -21.99
CA GLY A 1 -23.68 -3.71 -20.84
C GLY A 1 -22.93 -3.44 -19.55
N SER A 2 -23.53 -2.71 -18.64
CA SER A 2 -22.85 -2.41 -17.35
C SER A 2 -23.88 -2.06 -16.27
N HIS A 3 -24.64 -3.03 -15.82
CA HIS A 3 -25.66 -2.74 -14.77
C HIS A 3 -25.03 -2.84 -13.38
N MET A 4 -23.90 -2.21 -13.19
CA MET A 4 -23.24 -2.26 -11.86
C MET A 4 -23.86 -1.21 -10.92
N LEU A 5 -24.38 -1.65 -9.81
CA LEU A 5 -25.00 -0.68 -8.85
C LEU A 5 -23.97 -0.22 -7.82
N GLU A 6 -22.90 0.39 -8.25
CA GLU A 6 -21.87 0.85 -7.28
C GLU A 6 -22.17 2.29 -6.84
N ASP A 7 -22.42 2.49 -5.57
CA ASP A 7 -22.71 3.86 -5.07
C ASP A 7 -21.44 4.49 -4.48
N PRO A 8 -20.87 5.39 -5.23
CA PRO A 8 -19.64 6.08 -4.78
C PRO A 8 -19.97 7.09 -3.69
N VAL A 9 -20.13 6.61 -2.49
CA VAL A 9 -20.45 7.51 -1.35
C VAL A 9 -19.38 7.37 -0.25
N GLU A 10 -19.70 7.73 0.95
CA GLU A 10 -18.70 7.63 2.05
C GLU A 10 -17.33 8.10 1.57
N GLY A 11 -17.26 9.23 0.93
CA GLY A 11 -15.96 9.75 0.44
C GLY A 11 -15.53 8.96 -0.80
N SER A 12 -14.98 7.79 -0.62
CA SER A 12 -14.55 6.97 -1.79
C SER A 12 -14.50 5.50 -1.41
N GLU A 13 -13.51 5.10 -0.65
CA GLU A 13 -13.41 3.67 -0.25
C GLU A 13 -12.24 3.48 0.72
N SER A 14 -11.96 4.48 1.48
CA SER A 14 -10.83 4.40 2.45
C SER A 14 -11.08 3.24 3.44
N THR A 15 -10.07 2.49 3.74
CA THR A 15 -10.24 1.36 4.69
C THR A 15 -9.27 1.48 5.86
N THR A 16 -8.59 2.59 5.96
CA THR A 16 -7.62 2.77 7.09
C THR A 16 -7.05 4.20 7.09
N PRO A 17 -6.50 4.57 8.21
CA PRO A 17 -5.91 5.92 8.36
C PRO A 17 -4.55 5.99 7.67
N PHE A 18 -3.75 4.97 7.78
CA PHE A 18 -2.42 4.99 7.14
C PHE A 18 -2.46 4.30 5.77
N ASN A 19 -2.32 5.05 4.72
CA ASN A 19 -2.35 4.46 3.36
C ASN A 19 -1.22 5.05 2.52
N LEU A 20 -0.74 4.30 1.57
CA LEU A 20 0.37 4.79 0.71
C LEU A 20 0.44 4.01 -0.60
N PHE A 21 1.18 4.51 -1.55
CA PHE A 21 1.29 3.81 -2.85
C PHE A 21 2.59 2.98 -2.90
N ILE A 22 2.59 1.92 -3.65
CA ILE A 22 3.82 1.08 -3.75
C ILE A 22 4.21 0.90 -5.21
N GLY A 23 5.42 0.50 -5.48
CA GLY A 23 5.85 0.32 -6.89
C GLY A 23 6.87 -0.82 -6.98
N ASN A 24 7.28 -1.17 -8.17
CA ASN A 24 8.26 -2.27 -8.34
C ASN A 24 7.60 -3.62 -8.07
N LEU A 25 6.64 -3.98 -8.89
CA LEU A 25 5.96 -5.29 -8.68
C LEU A 25 6.58 -6.37 -9.56
N ASN A 26 5.92 -7.48 -9.69
CA ASN A 26 6.46 -8.58 -10.52
C ASN A 26 5.55 -8.82 -11.72
N PRO A 27 6.02 -8.40 -12.87
CA PRO A 27 5.23 -8.57 -14.12
C PRO A 27 5.19 -10.04 -14.55
N ASN A 28 5.85 -10.89 -13.82
CA ASN A 28 5.85 -12.34 -14.17
C ASN A 28 5.12 -13.11 -13.07
N LYS A 29 4.32 -12.41 -12.31
CA LYS A 29 3.58 -13.05 -11.20
C LYS A 29 2.25 -12.33 -11.01
N SER A 30 1.65 -12.43 -9.86
CA SER A 30 0.36 -11.74 -9.63
C SER A 30 0.56 -10.59 -8.64
N VAL A 31 -0.06 -9.48 -8.87
CA VAL A 31 0.10 -8.36 -7.92
C VAL A 31 -0.53 -8.73 -6.58
N ALA A 32 -1.53 -9.58 -6.61
CA ALA A 32 -2.17 -10.01 -5.33
C ALA A 32 -1.17 -10.85 -4.54
N GLU A 33 -0.45 -11.69 -5.22
CA GLU A 33 0.56 -12.54 -4.53
C GLU A 33 1.65 -11.61 -3.95
N LEU A 34 1.88 -10.50 -4.59
CA LEU A 34 2.90 -9.55 -4.07
C LEU A 34 2.41 -8.97 -2.75
N LYS A 35 1.13 -8.73 -2.64
CA LYS A 35 0.58 -8.18 -1.38
C LYS A 35 0.82 -9.18 -0.25
N VAL A 36 0.40 -10.41 -0.43
CA VAL A 36 0.61 -11.44 0.62
C VAL A 36 2.07 -11.43 1.07
N ALA A 37 2.99 -11.29 0.14
CA ALA A 37 4.41 -11.26 0.54
C ALA A 37 4.65 -10.06 1.44
N ILE A 38 3.94 -9.00 1.20
CA ILE A 38 4.09 -7.78 2.05
C ILE A 38 3.26 -7.95 3.32
N SER A 39 2.23 -8.74 3.27
CA SER A 39 1.40 -8.96 4.48
C SER A 39 2.10 -9.99 5.37
N GLU A 40 2.84 -10.86 4.76
CA GLU A 40 3.57 -11.90 5.52
C GLU A 40 4.86 -11.31 6.07
N LEU A 41 5.52 -10.52 5.29
CA LEU A 41 6.78 -9.88 5.78
C LEU A 41 6.44 -8.91 6.91
N PHE A 42 5.32 -8.28 6.81
CA PHE A 42 4.91 -7.33 7.87
C PHE A 42 4.32 -8.12 9.03
N ALA A 43 3.84 -9.30 8.77
CA ALA A 43 3.27 -10.14 9.86
C ALA A 43 4.40 -10.67 10.73
N LYS A 44 5.53 -10.93 10.14
CA LYS A 44 6.69 -11.43 10.92
C LYS A 44 7.56 -10.25 11.37
N ASN A 45 7.38 -9.12 10.75
CA ASN A 45 8.18 -7.93 11.13
C ASN A 45 7.56 -7.24 12.35
N ASP A 46 6.29 -7.51 12.59
CA ASP A 46 5.54 -6.91 13.75
C ASP A 46 4.80 -5.68 13.27
N LEU A 47 4.43 -5.69 12.02
CA LEU A 47 3.68 -4.55 11.45
C LEU A 47 2.17 -4.81 11.59
N ALA A 48 1.39 -4.41 10.64
CA ALA A 48 -0.08 -4.65 10.73
C ALA A 48 -0.76 -4.18 9.45
N VAL A 49 -0.39 -4.75 8.34
CA VAL A 49 -0.99 -4.36 7.05
C VAL A 49 -2.51 -4.50 7.12
N VAL A 50 -3.19 -3.41 6.95
CA VAL A 50 -4.68 -3.43 7.01
C VAL A 50 -5.26 -3.64 5.61
N ASP A 51 -4.65 -3.03 4.61
CA ASP A 51 -5.17 -3.21 3.22
C ASP A 51 -4.01 -3.43 2.24
N VAL A 52 -4.27 -4.12 1.16
CA VAL A 52 -3.21 -4.37 0.15
C VAL A 52 -3.85 -4.68 -1.21
N ARG A 53 -3.65 -3.84 -2.18
CA ARG A 53 -4.25 -4.10 -3.52
C ARG A 53 -3.22 -3.85 -4.63
N THR A 54 -3.57 -4.11 -5.85
CA THR A 54 -2.62 -3.90 -6.97
C THR A 54 -2.67 -2.43 -7.41
N GLY A 55 -1.82 -2.06 -8.33
CA GLY A 55 -1.79 -0.66 -8.81
C GLY A 55 -1.81 -0.65 -10.34
N THR A 56 -2.84 -0.10 -10.93
CA THR A 56 -2.96 -0.04 -12.42
C THR A 56 -3.39 -1.41 -12.96
N ASN A 57 -2.56 -2.40 -12.79
CA ASN A 57 -2.91 -3.76 -13.29
C ASN A 57 -1.76 -4.73 -12.97
N ARG A 58 -0.56 -4.24 -13.00
CA ARG A 58 0.62 -5.11 -12.70
C ARG A 58 1.90 -4.28 -12.74
N LYS A 59 1.80 -3.02 -12.44
CA LYS A 59 3.02 -2.16 -12.45
C LYS A 59 3.30 -1.67 -11.03
N PHE A 60 2.28 -1.44 -10.26
CA PHE A 60 2.50 -0.98 -8.86
C PHE A 60 1.39 -1.54 -7.97
N GLY A 61 1.41 -1.22 -6.70
CA GLY A 61 0.35 -1.76 -5.80
C GLY A 61 0.08 -0.76 -4.67
N TYR A 62 -0.97 -0.95 -3.93
CA TYR A 62 -1.29 0.00 -2.82
C TYR A 62 -1.47 -0.77 -1.51
N VAL A 63 -1.25 -0.11 -0.41
CA VAL A 63 -1.39 -0.81 0.90
C VAL A 63 -1.78 0.18 1.99
N ASP A 64 -2.35 -0.29 3.06
CA ASP A 64 -2.74 0.62 4.16
C ASP A 64 -2.24 0.06 5.51
N PHE A 65 -1.82 0.92 6.39
CA PHE A 65 -1.32 0.46 7.71
C PHE A 65 -2.34 0.79 8.80
N GLU A 66 -2.12 0.31 9.99
CA GLU A 66 -3.11 0.58 11.08
C GLU A 66 -2.48 1.37 12.22
N SER A 67 -1.36 2.00 11.99
CA SER A 67 -0.72 2.79 13.08
C SER A 67 0.39 3.69 12.59
N ALA A 68 0.92 4.46 13.48
CA ALA A 68 2.05 5.35 13.16
C ALA A 68 3.30 4.50 13.10
N GLU A 69 3.25 3.41 13.82
CA GLU A 69 4.40 2.49 13.86
C GLU A 69 4.44 1.66 12.58
N ASP A 70 3.32 1.47 11.95
CA ASP A 70 3.31 0.71 10.67
C ASP A 70 3.68 1.68 9.56
N LEU A 71 3.34 2.92 9.74
CA LEU A 71 3.68 3.94 8.72
C LEU A 71 5.19 4.23 8.74
N GLU A 72 5.77 4.23 9.92
CA GLU A 72 7.24 4.49 10.01
C GLU A 72 8.03 3.27 9.55
N LYS A 73 7.54 2.09 9.84
CA LYS A 73 8.24 0.87 9.39
C LYS A 73 7.92 0.69 7.92
N ALA A 74 6.81 1.20 7.51
CA ALA A 74 6.43 1.09 6.08
C ALA A 74 7.33 2.01 5.26
N LEU A 75 7.80 3.08 5.86
CA LEU A 75 8.72 3.99 5.14
C LEU A 75 10.07 3.30 4.99
N GLU A 76 10.55 2.74 6.06
CA GLU A 76 11.85 2.01 5.97
C GLU A 76 11.63 0.66 5.31
N LEU A 77 10.40 0.32 5.03
CA LEU A 77 10.09 -0.99 4.38
C LEU A 77 10.45 -0.95 2.90
N THR A 78 11.06 0.10 2.44
CA THR A 78 11.43 0.18 1.00
C THR A 78 12.65 -0.68 0.72
N GLY A 79 13.13 -1.37 1.71
CA GLY A 79 14.32 -2.25 1.52
C GLY A 79 13.87 -3.72 1.58
N LEU A 80 12.64 -3.99 1.20
CA LEU A 80 12.14 -5.39 1.24
C LEU A 80 11.82 -5.87 -0.17
N LYS A 81 12.47 -6.92 -0.58
CA LYS A 81 12.20 -7.47 -1.93
C LYS A 81 11.14 -8.52 -1.84
N VAL A 82 9.97 -8.06 -1.94
CA VAL A 82 8.76 -8.95 -1.86
C VAL A 82 8.98 -10.22 -2.68
N PHE A 83 8.37 -10.33 -3.81
CA PHE A 83 8.55 -11.55 -4.64
C PHE A 83 9.73 -11.37 -5.59
N GLY A 84 10.79 -10.77 -5.13
CA GLY A 84 11.98 -10.57 -6.00
C GLY A 84 11.95 -9.15 -6.58
N ASN A 85 11.22 -8.27 -5.96
CA ASN A 85 11.15 -6.87 -6.47
C ASN A 85 10.99 -5.89 -5.31
N GLU A 86 12.08 -5.38 -4.79
CA GLU A 86 11.98 -4.42 -3.66
C GLU A 86 10.85 -3.42 -3.91
N ILE A 87 9.70 -3.70 -3.39
CA ILE A 87 8.55 -2.77 -3.60
C ILE A 87 8.89 -1.38 -3.05
N LYS A 88 8.69 -0.37 -3.85
CA LYS A 88 8.99 1.02 -3.40
C LYS A 88 7.69 1.75 -3.08
N LEU A 89 7.62 2.41 -1.95
CA LEU A 89 6.36 3.12 -1.60
C LEU A 89 6.55 4.63 -1.67
N GLU A 90 5.48 5.36 -1.49
CA GLU A 90 5.57 6.84 -1.54
C GLU A 90 4.23 7.45 -1.14
N LYS A 91 4.25 8.42 -0.26
CA LYS A 91 2.96 9.05 0.17
C LYS A 91 2.24 9.66 -1.04
N PRO A 92 1.15 9.06 -1.40
CA PRO A 92 0.36 9.54 -2.55
C PRO A 92 -0.50 10.73 -2.15
N LYS A 93 -1.40 11.14 -3.00
CA LYS A 93 -2.27 12.30 -2.67
C LYS A 93 -1.41 13.52 -2.32
N GLY A 94 -0.43 13.81 -3.12
CA GLY A 94 0.45 14.99 -2.84
C GLY A 94 -0.16 16.24 -3.49
N ARG A 95 -1.44 16.24 -3.74
CA ARG A 95 -2.08 17.42 -4.37
C ARG A 95 -2.09 18.59 -3.39
N ASP A 96 -1.85 19.78 -3.87
CA ASP A 96 -1.84 20.96 -2.97
C ASP A 96 -1.90 22.26 -3.78
N GLY A 97 -2.34 23.33 -3.19
CA GLY A 97 -2.41 24.62 -3.93
C GLY A 97 -1.08 25.36 -3.81
N THR A 98 -0.24 24.95 -2.90
CA THR A 98 1.07 25.63 -2.73
C THR A 98 2.11 24.67 -2.14
N ARG A 99 3.35 24.81 -2.52
CA ARG A 99 4.40 23.89 -1.97
C ARG A 99 4.82 24.35 -0.57
N GLY A 100 5.57 23.54 0.12
CA GLY A 100 6.02 23.94 1.49
C GLY A 100 5.64 22.84 2.49
N CYS A 101 6.14 21.66 2.30
CA CYS A 101 5.80 20.55 3.24
C CYS A 101 6.14 20.95 4.68
N GLY A 1 -16.09 -10.15 -22.49
CA GLY A 1 -17.44 -9.56 -22.71
C GLY A 1 -17.74 -8.55 -21.59
N SER A 2 -17.45 -8.91 -20.37
CA SER A 2 -17.71 -7.97 -19.25
C SER A 2 -16.41 -7.65 -18.50
N HIS A 3 -15.95 -6.42 -18.60
CA HIS A 3 -14.69 -6.05 -17.89
C HIS A 3 -15.01 -5.25 -16.63
N MET A 4 -15.32 -5.93 -15.55
CA MET A 4 -15.64 -5.21 -14.28
C MET A 4 -15.28 -6.09 -13.08
N LEU A 5 -14.02 -6.34 -12.87
CA LEU A 5 -13.61 -7.18 -11.72
C LEU A 5 -13.92 -6.47 -10.41
N GLU A 6 -14.77 -7.05 -9.59
CA GLU A 6 -15.11 -6.40 -8.29
C GLU A 6 -14.34 -7.06 -7.14
N ASP A 7 -13.33 -7.82 -7.45
CA ASP A 7 -12.55 -8.49 -6.38
C ASP A 7 -12.29 -7.52 -5.22
N PRO A 8 -11.63 -6.44 -5.53
CA PRO A 8 -11.32 -5.42 -4.51
C PRO A 8 -12.59 -4.67 -4.12
N VAL A 9 -12.42 -3.49 -3.62
CA VAL A 9 -13.61 -2.67 -3.21
C VAL A 9 -13.25 -1.18 -3.23
N GLU A 10 -14.01 -0.40 -3.94
CA GLU A 10 -13.71 1.06 -4.00
C GLU A 10 -13.37 1.59 -2.61
N GLY A 11 -12.74 2.74 -2.53
CA GLY A 11 -12.37 3.30 -1.19
C GLY A 11 -12.76 4.78 -1.14
N SER A 12 -14.00 5.08 -0.89
CA SER A 12 -14.42 6.50 -0.82
C SER A 12 -13.84 7.16 0.43
N GLU A 13 -13.21 6.40 1.28
CA GLU A 13 -12.61 6.97 2.51
C GLU A 13 -11.73 5.93 3.20
N SER A 14 -11.18 5.06 2.43
CA SER A 14 -10.29 4.01 2.97
C SER A 14 -10.85 3.42 4.27
N THR A 15 -10.09 2.58 4.92
CA THR A 15 -10.55 1.96 6.19
C THR A 15 -9.56 2.23 7.31
N THR A 16 -8.37 2.62 6.96
CA THR A 16 -7.33 2.91 8.00
C THR A 16 -6.89 4.37 7.92
N PRO A 17 -6.24 4.79 8.97
CA PRO A 17 -5.74 6.18 9.04
C PRO A 17 -4.48 6.36 8.19
N PHE A 18 -3.71 5.31 8.03
CA PHE A 18 -2.48 5.42 7.21
C PHE A 18 -2.63 4.66 5.89
N ASN A 19 -2.65 5.38 4.79
CA ASN A 19 -2.80 4.71 3.47
C ASN A 19 -1.91 5.43 2.44
N LEU A 20 -1.43 4.72 1.47
CA LEU A 20 -0.56 5.37 0.46
C LEU A 20 -0.41 4.48 -0.78
N PHE A 21 0.38 4.90 -1.73
CA PHE A 21 0.57 4.07 -2.95
C PHE A 21 1.96 3.46 -2.97
N ILE A 22 2.13 2.34 -3.62
CA ILE A 22 3.46 1.70 -3.69
C ILE A 22 3.71 1.17 -5.10
N GLY A 23 4.95 1.03 -5.49
CA GLY A 23 5.24 0.52 -6.86
C GLY A 23 6.34 -0.54 -6.79
N ASN A 24 6.85 -0.93 -7.93
CA ASN A 24 7.94 -1.96 -7.96
C ASN A 24 7.37 -3.34 -7.60
N LEU A 25 6.33 -3.75 -8.27
CA LEU A 25 5.73 -5.08 -7.98
C LEU A 25 6.14 -6.08 -9.06
N ASN A 26 6.80 -7.14 -8.68
CA ASN A 26 7.24 -8.15 -9.67
C ASN A 26 6.08 -8.51 -10.61
N PRO A 27 6.17 -7.99 -11.81
CA PRO A 27 5.12 -8.26 -12.82
C PRO A 27 5.26 -9.68 -13.38
N ASN A 28 6.29 -10.38 -12.99
CA ASN A 28 6.49 -11.77 -13.50
C ASN A 28 5.59 -12.73 -12.73
N LYS A 29 5.16 -12.35 -11.57
CA LYS A 29 4.28 -13.24 -10.76
C LYS A 29 2.86 -12.68 -10.75
N SER A 30 2.08 -13.02 -9.77
CA SER A 30 0.69 -12.50 -9.71
C SER A 30 0.61 -11.30 -8.78
N VAL A 31 -0.24 -10.36 -9.07
CA VAL A 31 -0.35 -9.18 -8.18
C VAL A 31 -0.94 -9.60 -6.84
N ALA A 32 -1.83 -10.55 -6.84
CA ALA A 32 -2.43 -11.01 -5.56
C ALA A 32 -1.35 -11.64 -4.68
N GLU A 33 -0.40 -12.30 -5.27
CA GLU A 33 0.70 -12.92 -4.47
C GLU A 33 1.60 -11.83 -3.91
N LEU A 34 1.81 -10.78 -4.67
CA LEU A 34 2.66 -9.67 -4.18
C LEU A 34 1.99 -8.99 -2.99
N LYS A 35 0.69 -9.02 -2.95
CA LYS A 35 -0.03 -8.40 -1.81
C LYS A 35 0.19 -9.25 -0.56
N VAL A 36 -0.13 -10.52 -0.64
CA VAL A 36 0.07 -11.42 0.54
C VAL A 36 1.55 -11.44 0.90
N ALA A 37 2.42 -11.35 -0.07
CA ALA A 37 3.86 -11.35 0.25
C ALA A 37 4.18 -10.12 1.09
N ILE A 38 3.54 -9.02 0.79
CA ILE A 38 3.77 -7.78 1.57
C ILE A 38 3.04 -7.88 2.92
N SER A 39 1.95 -8.61 2.95
CA SER A 39 1.21 -8.75 4.24
C SER A 39 1.93 -9.78 5.12
N GLU A 40 2.57 -10.72 4.50
CA GLU A 40 3.31 -11.76 5.26
C GLU A 40 4.68 -11.21 5.67
N LEU A 41 5.28 -10.43 4.83
CA LEU A 41 6.60 -9.84 5.18
C LEU A 41 6.41 -8.80 6.28
N PHE A 42 5.27 -8.17 6.31
CA PHE A 42 5.00 -7.16 7.36
C PHE A 42 4.36 -7.85 8.56
N ALA A 43 3.85 -9.03 8.38
CA ALA A 43 3.22 -9.75 9.53
C ALA A 43 4.25 -10.58 10.26
N LYS A 44 5.26 -11.02 9.56
CA LYS A 44 6.33 -11.84 10.20
C LYS A 44 7.41 -10.92 10.73
N ASN A 45 7.54 -9.75 10.15
CA ASN A 45 8.56 -8.78 10.61
C ASN A 45 8.08 -8.11 11.89
N ASP A 46 6.95 -7.45 11.82
CA ASP A 46 6.33 -6.73 12.99
C ASP A 46 5.57 -5.50 12.53
N LEU A 47 5.12 -5.49 11.32
CA LEU A 47 4.37 -4.32 10.80
C LEU A 47 2.87 -4.52 11.03
N ALA A 48 2.05 -3.90 10.23
CA ALA A 48 0.58 -4.06 10.41
C ALA A 48 -0.15 -3.65 9.13
N VAL A 49 0.08 -4.37 8.07
CA VAL A 49 -0.59 -4.04 6.79
C VAL A 49 -2.08 -4.31 6.91
N VAL A 50 -2.87 -3.28 6.81
CA VAL A 50 -4.35 -3.43 6.93
C VAL A 50 -4.95 -3.69 5.55
N ASP A 51 -4.47 -3.02 4.54
CA ASP A 51 -5.04 -3.24 3.18
C ASP A 51 -3.92 -3.23 2.13
N VAL A 52 -4.15 -3.85 1.01
CA VAL A 52 -3.10 -3.88 -0.07
C VAL A 52 -3.76 -4.04 -1.44
N ARG A 53 -3.90 -2.96 -2.17
CA ARG A 53 -4.54 -3.06 -3.52
C ARG A 53 -3.47 -3.10 -4.61
N THR A 54 -3.85 -3.44 -5.81
CA THR A 54 -2.87 -3.50 -6.92
C THR A 54 -2.73 -2.13 -7.60
N GLY A 55 -1.76 -1.99 -8.45
CA GLY A 55 -1.57 -0.69 -9.15
C GLY A 55 -1.47 -0.93 -10.66
N THR A 56 -2.41 -0.43 -11.41
CA THR A 56 -2.37 -0.64 -12.89
C THR A 56 -2.55 -2.12 -13.21
N ASN A 57 -1.98 -2.57 -14.30
CA ASN A 57 -2.12 -4.01 -14.67
C ASN A 57 -1.46 -4.90 -13.62
N ARG A 58 -0.20 -4.68 -13.34
CA ARG A 58 0.50 -5.50 -12.32
C ARG A 58 1.93 -4.99 -12.10
N LYS A 59 2.08 -3.72 -11.89
CA LYS A 59 3.44 -3.16 -11.67
C LYS A 59 3.51 -2.42 -10.34
N PHE A 60 2.39 -1.95 -9.84
CA PHE A 60 2.39 -1.22 -8.54
C PHE A 60 1.28 -1.76 -7.64
N GLY A 61 1.17 -1.26 -6.45
CA GLY A 61 0.10 -1.75 -5.53
C GLY A 61 -0.07 -0.77 -4.37
N TYR A 62 -1.30 -0.58 -3.93
CA TYR A 62 -1.54 0.36 -2.80
C TYR A 62 -1.63 -0.41 -1.49
N VAL A 63 -1.40 0.23 -0.39
CA VAL A 63 -1.44 -0.49 0.91
C VAL A 63 -1.84 0.45 2.04
N ASP A 64 -2.65 -0.02 2.96
CA ASP A 64 -3.07 0.81 4.10
C ASP A 64 -2.38 0.31 5.37
N PHE A 65 -1.95 1.20 6.23
CA PHE A 65 -1.25 0.76 7.46
C PHE A 65 -2.18 0.88 8.67
N GLU A 66 -1.71 0.50 9.82
CA GLU A 66 -2.58 0.56 11.02
C GLU A 66 -2.17 1.68 11.97
N SER A 67 -1.05 2.28 11.73
CA SER A 67 -0.62 3.39 12.66
C SER A 67 0.56 4.20 12.11
N ALA A 68 1.00 5.12 12.90
CA ALA A 68 2.16 5.95 12.51
C ALA A 68 3.43 5.19 12.85
N GLU A 69 3.29 4.23 13.70
CA GLU A 69 4.44 3.42 14.11
C GLU A 69 4.61 2.25 13.13
N ASP A 70 3.53 1.83 12.54
CA ASP A 70 3.62 0.73 11.54
C ASP A 70 4.05 1.37 10.23
N LEU A 71 3.67 2.61 10.03
CA LEU A 71 4.06 3.32 8.80
C LEU A 71 5.55 3.64 8.87
N GLU A 72 6.03 4.00 10.04
CA GLU A 72 7.48 4.31 10.19
C GLU A 72 8.30 3.04 9.98
N LYS A 73 7.84 1.94 10.51
CA LYS A 73 8.58 0.67 10.30
C LYS A 73 8.31 0.23 8.88
N ALA A 74 7.17 0.62 8.36
CA ALA A 74 6.84 0.26 6.97
C ALA A 74 7.72 1.08 6.03
N LEU A 75 8.12 2.24 6.46
CA LEU A 75 9.00 3.09 5.62
C LEU A 75 10.35 2.41 5.54
N GLU A 76 10.87 1.99 6.65
CA GLU A 76 12.18 1.29 6.64
C GLU A 76 12.00 -0.10 6.02
N LEU A 77 10.77 -0.53 5.88
CA LEU A 77 10.50 -1.87 5.28
C LEU A 77 10.75 -1.84 3.77
N THR A 78 11.19 -0.72 3.25
CA THR A 78 11.46 -0.64 1.78
C THR A 78 12.73 -1.39 1.43
N GLY A 79 13.36 -2.00 2.39
CA GLY A 79 14.61 -2.76 2.12
C GLY A 79 14.24 -4.19 1.73
N LEU A 80 12.98 -4.44 1.46
CA LEU A 80 12.53 -5.80 1.09
C LEU A 80 12.61 -5.99 -0.42
N LYS A 81 11.98 -7.02 -0.92
CA LYS A 81 11.99 -7.28 -2.39
C LYS A 81 10.98 -8.35 -2.72
N VAL A 82 9.81 -8.17 -2.21
CA VAL A 82 8.66 -9.11 -2.42
C VAL A 82 9.10 -10.37 -3.17
N PHE A 83 8.48 -10.66 -4.29
CA PHE A 83 8.89 -11.86 -5.06
C PHE A 83 10.23 -11.58 -5.75
N GLY A 84 10.74 -10.39 -5.59
CA GLY A 84 12.04 -10.03 -6.21
C GLY A 84 12.02 -8.55 -6.61
N ASN A 85 11.37 -7.72 -5.83
CA ASN A 85 11.31 -6.27 -6.18
C ASN A 85 11.02 -5.45 -4.92
N GLU A 86 12.02 -4.85 -4.33
CA GLU A 86 11.77 -4.05 -3.10
C GLU A 86 10.62 -3.09 -3.29
N ILE A 87 9.44 -3.52 -2.98
CA ILE A 87 8.24 -2.64 -3.13
C ILE A 87 8.58 -1.22 -2.70
N LYS A 88 8.14 -0.26 -3.46
CA LYS A 88 8.42 1.17 -3.10
C LYS A 88 7.12 1.86 -2.73
N LEU A 89 7.18 2.91 -1.96
CA LEU A 89 5.95 3.62 -1.55
C LEU A 89 5.94 5.04 -2.10
N GLU A 90 4.86 5.74 -1.90
CA GLU A 90 4.76 7.14 -2.40
C GLU A 90 3.53 7.82 -1.81
N LYS A 91 3.50 9.13 -1.80
CA LYS A 91 2.32 9.84 -1.22
C LYS A 91 1.29 10.14 -2.31
N PRO A 92 0.19 9.43 -2.24
CA PRO A 92 -0.89 9.61 -3.23
C PRO A 92 -1.66 10.90 -2.94
N LYS A 93 -2.78 11.09 -3.60
CA LYS A 93 -3.58 12.33 -3.36
C LYS A 93 -2.66 13.55 -3.39
N GLY A 94 -3.03 14.58 -2.66
CA GLY A 94 -2.18 15.81 -2.64
C GLY A 94 -2.80 16.87 -3.55
N ARG A 95 -3.16 16.50 -4.75
CA ARG A 95 -3.76 17.49 -5.69
C ARG A 95 -4.13 16.80 -7.00
N ASP A 96 -3.90 17.45 -8.12
CA ASP A 96 -4.24 16.84 -9.42
C ASP A 96 -3.19 17.21 -10.48
N GLY A 97 -2.49 16.24 -11.00
CA GLY A 97 -1.46 16.53 -12.02
C GLY A 97 -1.83 15.87 -13.34
N THR A 98 -1.48 14.63 -13.53
CA THR A 98 -1.82 13.92 -14.79
C THR A 98 -1.58 14.85 -16.00
N ARG A 99 -0.42 14.76 -16.59
CA ARG A 99 -0.13 15.62 -17.77
C ARG A 99 -0.57 17.07 -17.49
N GLY A 100 0.23 17.82 -16.78
CA GLY A 100 -0.15 19.23 -16.49
C GLY A 100 -0.16 20.04 -17.79
N CYS A 101 0.96 20.60 -18.16
CA CYS A 101 1.00 21.41 -19.41
C CYS A 101 1.55 20.56 -20.56
N GLY A 1 -11.42 -10.08 -24.25
CA GLY A 1 -12.78 -9.64 -24.66
C GLY A 1 -13.65 -9.45 -23.41
N SER A 2 -13.86 -10.48 -22.65
CA SER A 2 -14.69 -10.36 -21.42
C SER A 2 -13.80 -10.28 -20.18
N HIS A 3 -13.70 -9.12 -19.58
CA HIS A 3 -12.85 -8.98 -18.37
C HIS A 3 -12.91 -7.54 -17.85
N MET A 4 -13.94 -7.21 -17.10
CA MET A 4 -14.05 -5.82 -16.56
C MET A 4 -13.18 -5.67 -15.30
N LEU A 5 -12.49 -4.58 -15.18
CA LEU A 5 -11.64 -4.37 -13.97
C LEU A 5 -12.49 -3.86 -12.80
N GLU A 6 -11.88 -3.67 -11.65
CA GLU A 6 -12.65 -3.18 -10.48
C GLU A 6 -12.44 -1.67 -10.30
N ASP A 7 -13.40 -0.87 -10.70
CA ASP A 7 -13.26 0.60 -10.55
C ASP A 7 -14.55 1.31 -10.97
N PRO A 8 -15.61 0.93 -10.32
CA PRO A 8 -16.94 1.53 -10.62
C PRO A 8 -16.99 2.95 -10.11
N VAL A 9 -18.16 3.44 -9.88
CA VAL A 9 -18.32 4.84 -9.38
C VAL A 9 -17.66 4.98 -8.00
N GLU A 10 -16.39 5.24 -7.97
CA GLU A 10 -15.68 5.39 -6.66
C GLU A 10 -15.72 6.86 -6.22
N GLY A 11 -14.81 7.25 -5.36
CA GLY A 11 -14.79 8.66 -4.88
C GLY A 11 -14.51 8.70 -3.38
N SER A 12 -14.60 7.57 -2.73
CA SER A 12 -14.35 7.55 -1.26
C SER A 12 -14.26 6.10 -0.76
N GLU A 13 -13.07 5.56 -0.68
CA GLU A 13 -12.90 4.18 -0.21
C GLU A 13 -11.66 4.08 0.66
N SER A 14 -11.84 4.20 1.93
CA SER A 14 -10.70 4.12 2.87
C SER A 14 -10.96 3.05 3.93
N THR A 15 -9.94 2.65 4.65
CA THR A 15 -10.13 1.61 5.70
C THR A 15 -9.11 1.80 6.82
N THR A 16 -8.49 2.94 6.87
CA THR A 16 -7.47 3.18 7.94
C THR A 16 -6.93 4.62 7.86
N PRO A 17 -6.27 5.02 8.90
CA PRO A 17 -5.69 6.37 8.96
C PRO A 17 -4.38 6.44 8.17
N PHE A 18 -3.70 5.33 8.03
CA PHE A 18 -2.42 5.33 7.26
C PHE A 18 -2.56 4.56 5.96
N ASN A 19 -2.57 5.25 4.84
CA ASN A 19 -2.69 4.57 3.53
C ASN A 19 -1.79 5.29 2.52
N LEU A 20 -1.32 4.59 1.52
CA LEU A 20 -0.44 5.26 0.52
C LEU A 20 -0.35 4.42 -0.75
N PHE A 21 0.45 4.86 -1.69
CA PHE A 21 0.60 4.10 -2.96
C PHE A 21 1.93 3.34 -2.95
N ILE A 22 2.02 2.28 -3.69
CA ILE A 22 3.30 1.51 -3.72
C ILE A 22 3.53 0.96 -5.13
N GLY A 23 4.76 0.75 -5.49
CA GLY A 23 5.03 0.22 -6.86
C GLY A 23 6.17 -0.80 -6.80
N ASN A 24 6.71 -1.17 -7.94
CA ASN A 24 7.82 -2.16 -7.96
C ASN A 24 7.27 -3.54 -7.60
N LEU A 25 6.10 -3.87 -8.06
CA LEU A 25 5.51 -5.20 -7.74
C LEU A 25 5.93 -6.23 -8.80
N ASN A 26 6.45 -7.34 -8.36
CA ASN A 26 6.89 -8.40 -9.31
C ASN A 26 5.89 -8.54 -10.45
N PRO A 27 6.23 -7.95 -11.57
CA PRO A 27 5.37 -8.00 -12.76
C PRO A 27 5.43 -9.38 -13.42
N ASN A 28 6.40 -10.19 -13.04
CA ASN A 28 6.51 -11.55 -13.64
C ASN A 28 5.66 -12.55 -12.87
N LYS A 29 5.15 -12.14 -11.74
CA LYS A 29 4.31 -13.04 -10.92
C LYS A 29 2.86 -12.53 -10.89
N SER A 30 2.10 -12.95 -9.93
CA SER A 30 0.69 -12.47 -9.86
C SER A 30 0.57 -11.30 -8.88
N VAL A 31 -0.31 -10.37 -9.17
CA VAL A 31 -0.47 -9.22 -8.26
C VAL A 31 -1.00 -9.72 -6.91
N ALA A 32 -1.90 -10.67 -6.93
CA ALA A 32 -2.43 -11.21 -5.65
C ALA A 32 -1.28 -11.77 -4.83
N GLU A 33 -0.34 -12.40 -5.46
CA GLU A 33 0.83 -12.95 -4.72
C GLU A 33 1.66 -11.80 -4.16
N LEU A 34 1.65 -10.68 -4.84
CA LEU A 34 2.43 -9.51 -4.35
C LEU A 34 1.78 -8.96 -3.08
N LYS A 35 0.48 -9.09 -2.96
CA LYS A 35 -0.21 -8.60 -1.74
C LYS A 35 0.17 -9.50 -0.56
N VAL A 36 0.03 -10.78 -0.72
CA VAL A 36 0.39 -11.72 0.39
C VAL A 36 1.88 -11.57 0.72
N ALA A 37 2.70 -11.41 -0.27
CA ALA A 37 4.16 -11.25 0.02
C ALA A 37 4.36 -9.99 0.86
N ILE A 38 3.56 -8.98 0.60
CA ILE A 38 3.68 -7.73 1.39
C ILE A 38 2.99 -7.92 2.74
N SER A 39 1.98 -8.75 2.79
CA SER A 39 1.28 -8.97 4.09
C SER A 39 2.11 -9.93 4.94
N GLU A 40 2.87 -10.78 4.30
CA GLU A 40 3.72 -11.72 5.06
C GLU A 40 5.01 -11.02 5.48
N LEU A 41 5.54 -10.20 4.63
CA LEU A 41 6.78 -9.46 4.99
C LEU A 41 6.48 -8.51 6.13
N PHE A 42 5.29 -7.97 6.16
CA PHE A 42 4.91 -7.05 7.25
C PHE A 42 4.43 -7.86 8.45
N ALA A 43 4.02 -9.09 8.21
CA ALA A 43 3.53 -9.94 9.33
C ALA A 43 4.74 -10.50 10.10
N LYS A 44 5.83 -10.72 9.42
CA LYS A 44 7.04 -11.24 10.11
C LYS A 44 7.88 -10.08 10.62
N ASN A 45 7.72 -8.92 10.02
CA ASN A 45 8.50 -7.74 10.47
C ASN A 45 7.83 -7.11 11.69
N ASP A 46 6.56 -7.36 11.86
CA ASP A 46 5.78 -6.80 13.01
C ASP A 46 5.16 -5.48 12.58
N LEU A 47 4.85 -5.38 11.33
CA LEU A 47 4.23 -4.14 10.80
C LEU A 47 2.75 -4.12 11.18
N ALA A 48 1.91 -3.72 10.27
CA ALA A 48 0.44 -3.69 10.58
C ALA A 48 -0.34 -3.40 9.30
N VAL A 49 -0.18 -4.22 8.31
CA VAL A 49 -0.92 -4.02 7.05
C VAL A 49 -2.41 -4.23 7.27
N VAL A 50 -3.15 -3.18 7.14
CA VAL A 50 -4.62 -3.28 7.35
C VAL A 50 -5.33 -3.58 6.02
N ASP A 51 -4.72 -3.23 4.92
CA ASP A 51 -5.37 -3.51 3.60
C ASP A 51 -4.33 -3.44 2.48
N VAL A 52 -4.65 -3.97 1.33
CA VAL A 52 -3.69 -3.93 0.19
C VAL A 52 -4.47 -3.92 -1.13
N ARG A 53 -3.86 -3.43 -2.19
CA ARG A 53 -4.55 -3.40 -3.50
C ARG A 53 -3.54 -3.38 -4.64
N THR A 54 -3.98 -3.63 -5.84
CA THR A 54 -3.04 -3.64 -6.98
C THR A 54 -2.88 -2.24 -7.57
N GLY A 55 -1.83 -2.02 -8.32
CA GLY A 55 -1.59 -0.67 -8.91
C GLY A 55 -1.13 -0.83 -10.36
N THR A 56 -1.78 -0.17 -11.27
CA THR A 56 -1.37 -0.28 -12.71
C THR A 56 -1.22 -1.75 -13.13
N ASN A 57 -2.22 -2.29 -13.78
CA ASN A 57 -2.14 -3.71 -14.23
C ASN A 57 -1.49 -4.59 -13.16
N ARG A 58 -0.22 -4.88 -13.30
CA ARG A 58 0.45 -5.75 -12.28
C ARG A 58 1.87 -5.24 -11.99
N LYS A 59 2.09 -3.96 -12.11
CA LYS A 59 3.46 -3.42 -11.85
C LYS A 59 3.39 -2.38 -10.72
N PHE A 60 2.31 -2.35 -10.00
CA PHE A 60 2.17 -1.35 -8.89
C PHE A 60 1.14 -1.87 -7.87
N GLY A 61 0.91 -1.14 -6.81
CA GLY A 61 -0.08 -1.61 -5.80
C GLY A 61 -0.21 -0.60 -4.67
N TYR A 62 -1.36 -0.53 -4.06
CA TYR A 62 -1.59 0.41 -2.93
C TYR A 62 -1.80 -0.38 -1.65
N VAL A 63 -1.60 0.22 -0.51
CA VAL A 63 -1.76 -0.56 0.74
C VAL A 63 -2.18 0.33 1.91
N ASP A 64 -3.01 -0.19 2.78
CA ASP A 64 -3.45 0.59 3.97
C ASP A 64 -2.69 0.08 5.20
N PHE A 65 -2.39 0.94 6.12
CA PHE A 65 -1.62 0.50 7.32
C PHE A 65 -2.48 0.55 8.58
N GLU A 66 -1.88 0.33 9.72
CA GLU A 66 -2.66 0.37 10.99
C GLU A 66 -2.21 1.51 11.88
N SER A 67 -1.17 2.18 11.52
CA SER A 67 -0.69 3.33 12.36
C SER A 67 0.48 4.06 11.74
N ALA A 68 0.88 5.12 12.39
CA ALA A 68 2.04 5.91 11.92
C ALA A 68 3.29 5.14 12.29
N GLU A 69 3.16 4.34 13.31
CA GLU A 69 4.30 3.54 13.78
C GLU A 69 4.50 2.36 12.82
N ASP A 70 3.43 1.92 12.21
CA ASP A 70 3.55 0.81 11.23
C ASP A 70 4.12 1.41 9.96
N LEU A 71 3.82 2.66 9.74
CA LEU A 71 4.33 3.34 8.54
C LEU A 71 5.83 3.58 8.68
N GLU A 72 6.27 3.93 9.86
CA GLU A 72 7.72 4.17 10.09
C GLU A 72 8.48 2.85 9.92
N LYS A 73 7.91 1.77 10.37
CA LYS A 73 8.59 0.46 10.20
C LYS A 73 8.32 -0.02 8.80
N ALA A 74 7.18 0.34 8.27
CA ALA A 74 6.85 -0.07 6.89
C ALA A 74 7.66 0.77 5.91
N LEU A 75 8.05 1.94 6.32
CA LEU A 75 8.88 2.80 5.43
C LEU A 75 10.27 2.21 5.36
N GLU A 76 10.83 1.86 6.50
CA GLU A 76 12.17 1.24 6.51
C GLU A 76 12.07 -0.17 5.95
N LEU A 77 10.87 -0.69 5.86
CA LEU A 77 10.66 -2.06 5.33
C LEU A 77 10.90 -2.09 3.82
N THR A 78 11.23 -0.95 3.24
CA THR A 78 11.46 -0.93 1.77
C THR A 78 12.83 -1.52 1.42
N GLY A 79 13.52 -2.02 2.39
CA GLY A 79 14.84 -2.64 2.13
C GLY A 79 14.65 -4.07 1.62
N LEU A 80 13.44 -4.56 1.67
CA LEU A 80 13.16 -5.95 1.21
C LEU A 80 13.04 -6.00 -0.31
N LYS A 81 12.51 -7.08 -0.81
CA LYS A 81 12.33 -7.24 -2.28
C LYS A 81 11.10 -8.07 -2.54
N VAL A 82 10.04 -7.68 -1.94
CA VAL A 82 8.71 -8.39 -2.07
C VAL A 82 8.92 -9.80 -2.63
N PHE A 83 8.16 -10.20 -3.60
CA PHE A 83 8.38 -11.56 -4.18
C PHE A 83 9.59 -11.54 -5.13
N GLY A 84 10.36 -10.47 -5.11
CA GLY A 84 11.55 -10.38 -5.99
C GLY A 84 11.71 -8.94 -6.48
N ASN A 85 11.42 -7.97 -5.64
CA ASN A 85 11.56 -6.55 -6.06
C ASN A 85 11.30 -5.64 -4.86
N GLU A 86 12.28 -4.90 -4.42
CA GLU A 86 12.09 -4.01 -3.25
C GLU A 86 10.87 -3.11 -3.47
N ILE A 87 9.73 -3.58 -3.07
CA ILE A 87 8.49 -2.77 -3.24
C ILE A 87 8.76 -1.33 -2.80
N LYS A 88 8.16 -0.39 -3.48
CA LYS A 88 8.37 1.03 -3.12
C LYS A 88 7.03 1.67 -2.75
N LEU A 89 7.06 2.70 -1.96
CA LEU A 89 5.80 3.38 -1.56
C LEU A 89 5.77 4.82 -2.08
N GLU A 90 4.66 5.49 -1.94
CA GLU A 90 4.57 6.90 -2.43
C GLU A 90 3.36 7.60 -1.81
N LYS A 91 3.59 8.46 -0.86
CA LYS A 91 2.45 9.18 -0.22
C LYS A 91 1.65 9.95 -1.29
N PRO A 92 0.46 9.47 -1.54
CA PRO A 92 -0.42 10.11 -2.54
C PRO A 92 -1.01 11.41 -1.98
N LYS A 93 -1.88 12.04 -2.73
CA LYS A 93 -2.50 13.31 -2.23
C LYS A 93 -1.44 14.19 -1.57
N GLY A 94 -0.25 14.21 -2.10
CA GLY A 94 0.82 15.06 -1.51
C GLY A 94 1.71 15.63 -2.62
N ARG A 95 2.92 15.98 -2.31
CA ARG A 95 3.83 16.55 -3.35
C ARG A 95 5.29 16.35 -2.95
N ASP A 96 6.18 16.41 -3.90
CA ASP A 96 7.63 16.23 -3.55
C ASP A 96 7.87 14.81 -3.03
N GLY A 97 7.97 13.85 -3.91
CA GLY A 97 8.21 12.45 -3.46
C GLY A 97 9.23 11.78 -4.38
N THR A 98 10.40 11.51 -3.87
CA THR A 98 11.45 10.86 -4.71
C THR A 98 12.62 10.40 -3.85
N ARG A 99 13.09 9.19 -4.05
CA ARG A 99 14.23 8.68 -3.25
C ARG A 99 14.83 7.45 -3.91
N GLY A 100 15.02 7.48 -5.20
CA GLY A 100 15.60 6.30 -5.90
C GLY A 100 17.00 6.02 -5.35
N CYS A 101 17.83 5.35 -6.10
CA CYS A 101 19.20 5.05 -5.62
C CYS A 101 20.20 6.07 -6.20
N GLY A 1 -6.36 -24.93 12.60
CA GLY A 1 -6.84 -25.35 11.25
C GLY A 1 -7.82 -24.30 10.71
N SER A 2 -7.43 -23.58 9.69
CA SER A 2 -8.33 -22.55 9.11
C SER A 2 -8.69 -22.91 7.68
N HIS A 3 -9.96 -23.09 7.40
CA HIS A 3 -10.37 -23.44 6.01
C HIS A 3 -11.49 -22.49 5.53
N MET A 4 -11.51 -21.30 6.04
CA MET A 4 -12.57 -20.32 5.62
C MET A 4 -12.23 -19.75 4.25
N LEU A 5 -11.22 -18.91 4.17
CA LEU A 5 -10.85 -18.31 2.86
C LEU A 5 -12.09 -17.77 2.14
N GLU A 6 -13.03 -17.23 2.87
CA GLU A 6 -14.26 -16.71 2.23
C GLU A 6 -14.89 -15.61 3.10
N ASP A 7 -14.13 -15.05 4.00
CA ASP A 7 -14.68 -13.97 4.87
C ASP A 7 -14.34 -12.60 4.31
N PRO A 8 -15.37 -11.85 3.98
CA PRO A 8 -15.18 -10.50 3.42
C PRO A 8 -14.70 -9.54 4.49
N VAL A 9 -13.44 -9.59 4.79
CA VAL A 9 -12.87 -8.69 5.83
C VAL A 9 -11.81 -7.77 5.21
N GLU A 10 -12.09 -7.18 4.08
CA GLU A 10 -11.09 -6.28 3.44
C GLU A 10 -11.64 -4.85 3.39
N GLY A 11 -11.18 -4.00 4.27
CA GLY A 11 -11.68 -2.60 4.28
C GLY A 11 -11.71 -2.07 2.83
N SER A 12 -10.57 -1.96 2.20
CA SER A 12 -10.53 -1.45 0.81
C SER A 12 -10.81 0.04 0.81
N GLU A 13 -9.80 0.84 0.59
CA GLU A 13 -9.97 2.31 0.58
C GLU A 13 -10.02 2.85 1.99
N SER A 14 -9.20 3.79 2.24
CA SER A 14 -9.13 4.43 3.57
C SER A 14 -9.41 3.43 4.68
N THR A 15 -10.20 3.81 5.65
CA THR A 15 -10.52 2.89 6.80
C THR A 15 -9.36 2.87 7.80
N THR A 16 -8.28 3.53 7.47
CA THR A 16 -7.12 3.56 8.41
C THR A 16 -6.48 4.95 8.41
N PRO A 17 -5.73 5.21 9.44
CA PRO A 17 -5.06 6.52 9.57
C PRO A 17 -3.84 6.61 8.65
N PHE A 18 -3.29 5.50 8.24
CA PHE A 18 -2.10 5.56 7.35
C PHE A 18 -2.34 4.79 6.04
N ASN A 19 -2.35 5.49 4.93
CA ASN A 19 -2.58 4.82 3.62
C ASN A 19 -1.63 5.43 2.59
N LEU A 20 -1.23 4.68 1.61
CA LEU A 20 -0.31 5.22 0.58
C LEU A 20 -0.27 4.32 -0.65
N PHE A 21 0.68 4.53 -1.52
CA PHE A 21 0.78 3.69 -2.74
C PHE A 21 2.18 3.06 -2.84
N ILE A 22 2.25 1.85 -3.29
CA ILE A 22 3.59 1.19 -3.41
C ILE A 22 3.83 0.81 -4.88
N GLY A 23 5.03 0.41 -5.20
CA GLY A 23 5.32 0.03 -6.61
C GLY A 23 6.31 -1.13 -6.64
N ASN A 24 6.78 -1.47 -7.81
CA ASN A 24 7.75 -2.59 -7.94
C ASN A 24 7.03 -3.94 -7.74
N LEU A 25 5.93 -4.13 -8.40
CA LEU A 25 5.19 -5.42 -8.25
C LEU A 25 5.62 -6.41 -9.34
N ASN A 26 6.09 -7.54 -8.94
CA ASN A 26 6.53 -8.56 -9.93
C ASN A 26 5.53 -8.66 -11.08
N PRO A 27 5.92 -8.15 -12.21
CA PRO A 27 5.05 -8.18 -13.41
C PRO A 27 4.97 -9.60 -13.97
N ASN A 28 5.98 -10.39 -13.75
CA ASN A 28 5.96 -11.79 -14.27
C ASN A 28 5.11 -12.66 -13.34
N LYS A 29 4.86 -12.19 -12.16
CA LYS A 29 4.04 -12.98 -11.20
C LYS A 29 2.65 -12.36 -11.08
N SER A 30 1.99 -12.58 -9.98
CA SER A 30 0.63 -11.99 -9.81
C SER A 30 0.64 -10.98 -8.67
N VAL A 31 -0.20 -9.98 -8.74
CA VAL A 31 -0.22 -8.98 -7.64
C VAL A 31 -0.79 -9.62 -6.38
N ALA A 32 -1.60 -10.63 -6.53
CA ALA A 32 -2.17 -11.32 -5.35
C ALA A 32 -1.05 -11.94 -4.53
N GLU A 33 -0.07 -12.49 -5.20
CA GLU A 33 1.08 -13.12 -4.49
C GLU A 33 1.92 -12.00 -3.83
N LEU A 34 2.20 -10.96 -4.56
CA LEU A 34 2.98 -9.85 -3.97
C LEU A 34 2.25 -9.38 -2.71
N LYS A 35 0.95 -9.37 -2.76
CA LYS A 35 0.17 -8.95 -1.57
C LYS A 35 0.56 -9.82 -0.39
N VAL A 36 0.31 -11.11 -0.48
CA VAL A 36 0.70 -12.02 0.63
C VAL A 36 2.15 -11.75 1.00
N ALA A 37 2.97 -11.44 0.03
CA ALA A 37 4.38 -11.14 0.35
C ALA A 37 4.42 -9.92 1.26
N ILE A 38 3.62 -8.94 0.97
CA ILE A 38 3.59 -7.73 1.82
C ILE A 38 2.88 -8.05 3.13
N SER A 39 1.97 -8.99 3.12
CA SER A 39 1.27 -9.35 4.38
C SER A 39 2.19 -10.23 5.23
N GLU A 40 3.04 -10.97 4.59
CA GLU A 40 3.98 -11.84 5.33
C GLU A 40 5.20 -11.04 5.75
N LEU A 41 5.69 -10.20 4.88
CA LEU A 41 6.88 -9.38 5.23
C LEU A 41 6.52 -8.46 6.40
N PHE A 42 5.30 -7.99 6.43
CA PHE A 42 4.87 -7.11 7.53
C PHE A 42 4.38 -7.98 8.69
N ALA A 43 4.01 -9.20 8.40
CA ALA A 43 3.53 -10.11 9.48
C ALA A 43 4.73 -10.64 10.27
N LYS A 44 5.84 -10.78 9.62
CA LYS A 44 7.06 -11.27 10.33
C LYS A 44 7.75 -10.09 11.00
N ASN A 45 7.46 -8.90 10.56
CA ASN A 45 8.08 -7.71 11.17
C ASN A 45 7.26 -7.25 12.38
N ASP A 46 6.02 -7.69 12.44
CA ASP A 46 5.09 -7.29 13.56
C ASP A 46 4.40 -6.00 13.17
N LEU A 47 4.22 -5.81 11.89
CA LEU A 47 3.55 -4.59 11.41
C LEU A 47 2.03 -4.72 11.64
N ALA A 48 1.25 -4.32 10.68
CA ALA A 48 -0.23 -4.41 10.83
C ALA A 48 -0.91 -3.96 9.55
N VAL A 49 -0.58 -4.59 8.46
CA VAL A 49 -1.20 -4.22 7.17
C VAL A 49 -2.71 -4.28 7.28
N VAL A 50 -3.35 -3.17 7.09
CA VAL A 50 -4.83 -3.11 7.18
C VAL A 50 -5.46 -3.36 5.82
N ASP A 51 -4.94 -2.76 4.79
CA ASP A 51 -5.54 -2.98 3.43
C ASP A 51 -4.45 -3.00 2.36
N VAL A 52 -4.66 -3.77 1.32
CA VAL A 52 -3.65 -3.85 0.23
C VAL A 52 -4.36 -3.80 -1.13
N ARG A 53 -3.66 -3.42 -2.17
CA ARG A 53 -4.31 -3.34 -3.51
C ARG A 53 -3.25 -3.24 -4.61
N THR A 54 -3.61 -3.54 -5.83
CA THR A 54 -2.64 -3.46 -6.94
C THR A 54 -2.62 -2.05 -7.53
N GLY A 55 -1.69 -1.76 -8.40
CA GLY A 55 -1.61 -0.40 -9.02
C GLY A 55 -1.41 -0.54 -10.52
N THR A 56 -2.24 0.09 -11.31
CA THR A 56 -2.09 0.00 -12.79
C THR A 56 -2.21 -1.47 -13.24
N ASN A 57 -1.35 -1.91 -14.12
CA ASN A 57 -1.43 -3.31 -14.59
C ASN A 57 -0.37 -4.17 -13.91
N ARG A 58 -0.69 -4.76 -12.79
CA ARG A 58 0.30 -5.61 -12.08
C ARG A 58 1.68 -4.94 -12.06
N LYS A 59 1.73 -3.68 -11.76
CA LYS A 59 3.05 -2.97 -11.72
C LYS A 59 3.25 -2.32 -10.34
N PHE A 60 2.19 -1.96 -9.70
CA PHE A 60 2.32 -1.32 -8.34
C PHE A 60 1.23 -1.87 -7.42
N GLY A 61 1.12 -1.35 -6.23
CA GLY A 61 0.09 -1.87 -5.29
C GLY A 61 -0.16 -0.85 -4.17
N TYR A 62 -1.39 -0.63 -3.83
CA TYR A 62 -1.70 0.33 -2.73
C TYR A 62 -1.84 -0.42 -1.42
N VAL A 63 -1.71 0.27 -0.32
CA VAL A 63 -1.82 -0.43 0.98
C VAL A 63 -2.16 0.56 2.09
N ASP A 64 -2.65 0.08 3.19
CA ASP A 64 -3.01 0.96 4.33
C ASP A 64 -2.49 0.37 5.63
N PHE A 65 -1.97 1.19 6.51
CA PHE A 65 -1.43 0.66 7.80
C PHE A 65 -2.40 0.94 8.95
N GLU A 66 -2.08 0.45 10.12
CA GLU A 66 -2.99 0.65 11.28
C GLU A 66 -2.36 1.57 12.32
N SER A 67 -1.34 2.28 11.98
CA SER A 67 -0.70 3.19 12.99
C SER A 67 0.46 3.97 12.40
N ALA A 68 1.02 4.82 13.20
CA ALA A 68 2.19 5.62 12.77
C ALA A 68 3.40 4.71 12.82
N GLU A 69 3.29 3.70 13.63
CA GLU A 69 4.40 2.74 13.77
C GLU A 69 4.39 1.77 12.59
N ASP A 70 3.24 1.55 12.01
CA ASP A 70 3.19 0.66 10.83
C ASP A 70 3.62 1.47 9.62
N LEU A 71 3.37 2.75 9.67
CA LEU A 71 3.77 3.62 8.55
C LEU A 71 5.29 3.85 8.62
N GLU A 72 5.82 3.97 9.80
CA GLU A 72 7.28 4.19 9.95
C GLU A 72 8.03 2.92 9.54
N LYS A 73 7.45 1.79 9.81
CA LYS A 73 8.10 0.52 9.41
C LYS A 73 7.78 0.30 7.94
N ALA A 74 6.68 0.84 7.50
CA ALA A 74 6.31 0.71 6.08
C ALA A 74 7.37 1.43 5.23
N LEU A 75 7.96 2.45 5.79
CA LEU A 75 9.00 3.20 5.06
C LEU A 75 10.31 2.43 5.12
N GLU A 76 10.66 1.93 6.28
CA GLU A 76 11.92 1.16 6.40
C GLU A 76 11.82 -0.14 5.61
N LEU A 77 10.63 -0.61 5.36
CA LEU A 77 10.45 -1.86 4.58
C LEU A 77 10.85 -1.66 3.12
N THR A 78 11.16 -0.45 2.76
CA THR A 78 11.55 -0.17 1.35
C THR A 78 12.88 -0.82 1.00
N GLY A 79 13.49 -1.47 1.95
CA GLY A 79 14.79 -2.16 1.67
C GLY A 79 14.54 -3.65 1.43
N LEU A 80 13.29 -4.02 1.28
CA LEU A 80 12.96 -5.45 1.05
C LEU A 80 13.05 -5.82 -0.42
N LYS A 81 12.45 -6.90 -0.80
CA LYS A 81 12.50 -7.36 -2.21
C LYS A 81 11.36 -8.30 -2.50
N VAL A 82 10.21 -7.85 -2.17
CA VAL A 82 8.98 -8.67 -2.40
C VAL A 82 9.11 -9.44 -3.73
N PHE A 83 8.80 -10.71 -3.72
CA PHE A 83 8.91 -11.51 -4.97
C PHE A 83 10.19 -11.14 -5.74
N GLY A 84 11.23 -10.82 -5.03
CA GLY A 84 12.51 -10.44 -5.71
C GLY A 84 12.42 -9.01 -6.23
N ASN A 85 11.63 -8.18 -5.59
CA ASN A 85 11.51 -6.76 -6.05
C ASN A 85 11.36 -5.86 -4.83
N GLU A 86 12.36 -5.10 -4.50
CA GLU A 86 12.25 -4.22 -3.31
C GLU A 86 11.08 -3.26 -3.48
N ILE A 87 9.94 -3.63 -2.99
CA ILE A 87 8.75 -2.76 -3.10
C ILE A 87 9.13 -1.30 -2.84
N LYS A 88 8.54 -0.39 -3.57
CA LYS A 88 8.84 1.05 -3.37
C LYS A 88 7.55 1.79 -3.02
N LEU A 89 7.55 2.49 -1.93
CA LEU A 89 6.32 3.22 -1.51
C LEU A 89 6.24 4.59 -2.19
N GLU A 90 5.17 5.28 -1.97
CA GLU A 90 5.01 6.62 -2.60
C GLU A 90 3.71 7.26 -2.09
N LYS A 91 3.82 8.30 -1.31
CA LYS A 91 2.60 8.97 -0.78
C LYS A 91 1.79 9.58 -1.94
N PRO A 92 0.65 9.00 -2.19
CA PRO A 92 -0.23 9.50 -3.28
C PRO A 92 -0.92 10.80 -2.86
N LYS A 93 -1.74 11.34 -3.72
CA LYS A 93 -2.44 12.61 -3.38
C LYS A 93 -1.50 13.58 -2.67
N GLY A 94 -0.29 13.71 -3.15
CA GLY A 94 0.67 14.64 -2.49
C GLY A 94 1.93 14.75 -3.35
N ARG A 95 3.03 15.12 -2.75
CA ARG A 95 4.30 15.25 -3.52
C ARG A 95 5.27 14.14 -3.13
N ASP A 96 6.06 14.37 -2.11
CA ASP A 96 7.03 13.32 -1.67
C ASP A 96 7.73 13.75 -0.38
N GLY A 97 6.97 13.98 0.66
CA GLY A 97 7.59 14.39 1.96
C GLY A 97 6.59 14.21 3.09
N THR A 98 7.06 14.12 4.30
CA THR A 98 6.13 13.92 5.46
C THR A 98 6.55 14.81 6.63
N ARG A 99 7.32 14.28 7.54
CA ARG A 99 7.77 15.10 8.70
C ARG A 99 8.90 16.05 8.29
N GLY A 100 9.22 16.99 9.12
CA GLY A 100 10.31 17.95 8.78
C GLY A 100 11.21 18.17 10.00
N CYS A 101 12.16 19.05 9.89
CA CYS A 101 13.07 19.31 11.05
C CYS A 101 12.32 20.08 12.14
N GLY A 1 -10.06 -12.82 -0.22
CA GLY A 1 -11.22 -12.35 -1.06
C GLY A 1 -11.92 -11.20 -0.34
N SER A 2 -12.67 -10.42 -1.06
CA SER A 2 -13.38 -9.27 -0.43
C SER A 2 -14.78 -9.12 -1.04
N HIS A 3 -15.43 -8.01 -0.79
CA HIS A 3 -16.79 -7.80 -1.36
C HIS A 3 -16.90 -6.42 -1.99
N MET A 4 -16.27 -6.24 -3.13
CA MET A 4 -16.34 -4.91 -3.80
C MET A 4 -17.03 -5.03 -5.17
N LEU A 5 -17.97 -5.93 -5.28
CA LEU A 5 -18.67 -6.10 -6.58
C LEU A 5 -20.10 -5.55 -6.49
N GLU A 6 -20.31 -4.55 -5.68
CA GLU A 6 -21.68 -3.97 -5.55
C GLU A 6 -21.60 -2.44 -5.50
N ASP A 7 -22.58 -1.81 -4.92
CA ASP A 7 -22.56 -0.32 -4.85
C ASP A 7 -21.39 0.16 -3.98
N PRO A 8 -20.62 1.07 -4.51
CA PRO A 8 -19.46 1.60 -3.78
C PRO A 8 -19.93 2.51 -2.65
N VAL A 9 -19.08 3.39 -2.23
CA VAL A 9 -19.44 4.32 -1.12
C VAL A 9 -18.65 5.62 -1.25
N GLU A 10 -19.31 6.75 -1.12
CA GLU A 10 -18.60 8.04 -1.24
C GLU A 10 -17.27 7.99 -0.48
N GLY A 11 -16.21 8.47 -1.07
CA GLY A 11 -14.89 8.44 -0.38
C GLY A 11 -14.92 9.40 0.82
N SER A 12 -15.78 9.15 1.75
CA SER A 12 -15.85 10.06 2.95
C SER A 12 -15.29 9.34 4.18
N GLU A 13 -14.96 8.09 4.06
CA GLU A 13 -14.42 7.34 5.20
C GLU A 13 -13.37 6.35 4.71
N SER A 14 -12.15 6.73 4.76
CA SER A 14 -11.05 5.84 4.30
C SER A 14 -11.06 4.54 5.11
N THR A 15 -10.24 3.59 4.72
CA THR A 15 -10.21 2.29 5.47
C THR A 15 -9.20 2.39 6.62
N THR A 16 -8.44 3.43 6.67
CA THR A 16 -7.44 3.57 7.76
C THR A 16 -6.78 4.96 7.73
N PRO A 17 -6.13 5.29 8.80
CA PRO A 17 -5.44 6.59 8.91
C PRO A 17 -4.12 6.58 8.11
N PHE A 18 -3.40 5.50 8.18
CA PHE A 18 -2.10 5.44 7.43
C PHE A 18 -2.28 4.66 6.12
N ASN A 19 -2.24 5.35 5.01
CA ASN A 19 -2.38 4.67 3.71
C ASN A 19 -1.38 5.25 2.71
N LEU A 20 -1.00 4.49 1.74
CA LEU A 20 -0.02 5.00 0.74
C LEU A 20 0.01 4.09 -0.49
N PHE A 21 0.74 4.47 -1.49
CA PHE A 21 0.81 3.65 -2.72
C PHE A 21 2.20 3.00 -2.82
N ILE A 22 2.31 1.95 -3.58
CA ILE A 22 3.62 1.26 -3.72
C ILE A 22 3.78 0.78 -5.16
N GLY A 23 4.99 0.73 -5.64
CA GLY A 23 5.19 0.28 -7.05
C GLY A 23 6.32 -0.76 -7.10
N ASN A 24 6.72 -1.15 -8.27
CA ASN A 24 7.80 -2.16 -8.42
C ASN A 24 7.29 -3.54 -8.02
N LEU A 25 6.16 -3.94 -8.55
CA LEU A 25 5.59 -5.27 -8.20
C LEU A 25 6.01 -6.31 -9.23
N ASN A 26 6.65 -7.35 -8.80
CA ASN A 26 7.08 -8.42 -9.76
C ASN A 26 5.98 -8.70 -10.78
N PRO A 27 6.17 -8.16 -11.96
CA PRO A 27 5.18 -8.36 -13.05
C PRO A 27 5.29 -9.77 -13.61
N ASN A 28 6.37 -10.45 -13.35
CA ASN A 28 6.53 -11.84 -13.87
C ASN A 28 5.70 -12.81 -13.05
N LYS A 29 5.28 -12.40 -11.88
CA LYS A 29 4.46 -13.30 -11.02
C LYS A 29 3.01 -12.83 -11.02
N SER A 30 2.28 -13.15 -10.00
CA SER A 30 0.85 -12.73 -9.95
C SER A 30 0.70 -11.50 -9.05
N VAL A 31 -0.25 -10.67 -9.33
CA VAL A 31 -0.44 -9.46 -8.48
C VAL A 31 -0.89 -9.88 -7.08
N ALA A 32 -1.84 -10.78 -6.99
CA ALA A 32 -2.30 -11.22 -5.65
C ALA A 32 -1.11 -11.79 -4.87
N GLU A 33 -0.28 -12.56 -5.52
CA GLU A 33 0.90 -13.13 -4.82
C GLU A 33 1.76 -12.00 -4.28
N LEU A 34 1.85 -10.91 -5.00
CA LEU A 34 2.65 -9.76 -4.52
C LEU A 34 2.01 -9.20 -3.26
N LYS A 35 0.71 -9.29 -3.16
CA LYS A 35 0.01 -8.78 -1.95
C LYS A 35 0.41 -9.63 -0.74
N VAL A 36 0.29 -10.92 -0.87
CA VAL A 36 0.66 -11.82 0.25
C VAL A 36 2.13 -11.62 0.63
N ALA A 37 2.98 -11.44 -0.35
CA ALA A 37 4.42 -11.22 -0.02
C ALA A 37 4.55 -9.97 0.82
N ILE A 38 3.70 -9.00 0.57
CA ILE A 38 3.75 -7.75 1.36
C ILE A 38 3.02 -7.97 2.69
N SER A 39 2.03 -8.83 2.69
CA SER A 39 1.29 -9.09 3.96
C SER A 39 2.13 -10.01 4.83
N GLU A 40 2.97 -10.81 4.22
CA GLU A 40 3.83 -11.73 4.99
C GLU A 40 5.06 -10.97 5.49
N LEU A 41 5.63 -10.17 4.63
CA LEU A 41 6.82 -9.39 5.03
C LEU A 41 6.45 -8.48 6.20
N PHE A 42 5.26 -7.96 6.20
CA PHE A 42 4.83 -7.10 7.32
C PHE A 42 4.32 -7.98 8.45
N ALA A 43 3.93 -9.19 8.12
CA ALA A 43 3.42 -10.13 9.16
C ALA A 43 4.61 -10.73 9.92
N LYS A 44 5.71 -10.90 9.24
CA LYS A 44 6.92 -11.46 9.91
C LYS A 44 7.75 -10.32 10.50
N ASN A 45 7.48 -9.11 10.08
CA ASN A 45 8.25 -7.95 10.61
C ASN A 45 7.56 -7.41 11.87
N ASP A 46 6.31 -7.77 12.05
CA ASP A 46 5.51 -7.30 13.24
C ASP A 46 4.83 -5.99 12.88
N LEU A 47 4.53 -5.84 11.63
CA LEU A 47 3.85 -4.60 11.17
C LEU A 47 2.36 -4.71 11.49
N ALA A 48 1.52 -4.31 10.59
CA ALA A 48 0.06 -4.39 10.85
C ALA A 48 -0.70 -3.83 9.64
N VAL A 49 -0.47 -4.41 8.49
CA VAL A 49 -1.15 -3.95 7.27
C VAL A 49 -2.66 -4.06 7.43
N VAL A 50 -3.33 -2.96 7.41
CA VAL A 50 -4.81 -2.96 7.56
C VAL A 50 -5.48 -3.28 6.23
N ASP A 51 -4.94 -2.82 5.13
CA ASP A 51 -5.56 -3.12 3.80
C ASP A 51 -4.50 -3.18 2.71
N VAL A 52 -4.76 -3.90 1.66
CA VAL A 52 -3.78 -4.01 0.55
C VAL A 52 -4.49 -3.81 -0.79
N ARG A 53 -3.75 -3.73 -1.86
CA ARG A 53 -4.38 -3.53 -3.19
C ARG A 53 -3.33 -3.45 -4.28
N THR A 54 -3.74 -3.47 -5.52
CA THR A 54 -2.77 -3.39 -6.64
C THR A 54 -2.73 -1.97 -7.20
N GLY A 55 -1.73 -1.66 -7.96
CA GLY A 55 -1.62 -0.29 -8.56
C GLY A 55 -1.25 -0.43 -10.04
N THR A 56 -1.88 0.33 -10.89
CA THR A 56 -1.55 0.25 -12.34
C THR A 56 -1.90 -1.14 -12.89
N ASN A 57 -1.05 -1.69 -13.71
CA ASN A 57 -1.34 -3.04 -14.28
C ASN A 57 -0.34 -4.07 -13.74
N ARG A 58 -0.74 -4.84 -12.76
CA ARG A 58 0.16 -5.87 -12.17
C ARG A 58 1.60 -5.35 -12.09
N LYS A 59 1.78 -4.06 -11.97
CA LYS A 59 3.17 -3.50 -11.87
C LYS A 59 3.28 -2.57 -10.67
N PHE A 60 2.19 -2.31 -10.00
CA PHE A 60 2.23 -1.41 -8.83
C PHE A 60 1.34 -1.98 -7.71
N GLY A 61 1.07 -1.23 -6.69
CA GLY A 61 0.20 -1.76 -5.59
C GLY A 61 -0.13 -0.66 -4.59
N TYR A 62 -0.89 -0.99 -3.57
CA TYR A 62 -1.27 0.03 -2.54
C TYR A 62 -1.58 -0.69 -1.23
N VAL A 63 -1.48 0.00 -0.13
CA VAL A 63 -1.73 -0.66 1.17
C VAL A 63 -2.07 0.37 2.26
N ASP A 64 -2.63 -0.08 3.35
CA ASP A 64 -2.99 0.83 4.45
C ASP A 64 -2.43 0.29 5.77
N PHE A 65 -1.93 1.14 6.62
CA PHE A 65 -1.37 0.65 7.92
C PHE A 65 -2.35 0.93 9.05
N GLU A 66 -2.01 0.56 10.26
CA GLU A 66 -2.93 0.79 11.40
C GLU A 66 -2.34 1.81 12.37
N SER A 67 -1.20 2.34 12.06
CA SER A 67 -0.59 3.34 12.99
C SER A 67 0.55 4.12 12.33
N ALA A 68 1.09 5.03 13.07
CA ALA A 68 2.23 5.82 12.60
C ALA A 68 3.48 4.96 12.72
N GLU A 69 3.39 4.02 13.62
CA GLU A 69 4.53 3.11 13.85
C GLU A 69 4.61 2.08 12.73
N ASP A 70 3.49 1.79 12.11
CA ASP A 70 3.50 0.82 10.98
C ASP A 70 3.83 1.59 9.72
N LEU A 71 3.50 2.85 9.70
CA LEU A 71 3.79 3.68 8.51
C LEU A 71 5.28 4.05 8.50
N GLU A 72 5.84 4.27 9.65
CA GLU A 72 7.29 4.63 9.72
C GLU A 72 8.15 3.37 9.58
N LYS A 73 7.67 2.26 10.08
CA LYS A 73 8.45 1.00 9.95
C LYS A 73 8.21 0.46 8.56
N ALA A 74 7.10 0.82 7.98
CA ALA A 74 6.80 0.35 6.60
C ALA A 74 7.60 1.20 5.62
N LEU A 75 7.91 2.42 5.99
CA LEU A 75 8.70 3.29 5.09
C LEU A 75 10.14 2.78 5.07
N GLU A 76 10.68 2.50 6.23
CA GLU A 76 12.06 1.96 6.29
C GLU A 76 12.05 0.53 5.79
N LEU A 77 10.90 -0.08 5.78
CA LEU A 77 10.79 -1.49 5.30
C LEU A 77 11.19 -1.56 3.82
N THR A 78 11.32 -0.43 3.17
CA THR A 78 11.69 -0.42 1.73
C THR A 78 12.72 -1.50 1.42
N GLY A 79 13.51 -1.83 2.38
CA GLY A 79 14.54 -2.88 2.18
C GLY A 79 13.86 -4.14 1.65
N LEU A 80 12.58 -4.25 1.86
CA LEU A 80 11.83 -5.45 1.38
C LEU A 80 12.16 -5.79 -0.08
N LYS A 81 11.54 -6.80 -0.60
CA LYS A 81 11.77 -7.23 -2.01
C LYS A 81 10.70 -8.21 -2.42
N VAL A 82 9.49 -7.82 -2.19
CA VAL A 82 8.27 -8.65 -2.51
C VAL A 82 8.67 -10.05 -2.98
N PHE A 83 8.25 -10.46 -4.13
CA PHE A 83 8.66 -11.81 -4.64
C PHE A 83 10.06 -11.72 -5.24
N GLY A 84 10.75 -10.64 -4.98
CA GLY A 84 12.13 -10.46 -5.53
C GLY A 84 12.24 -9.04 -6.12
N ASN A 85 11.59 -8.08 -5.51
CA ASN A 85 11.64 -6.68 -6.02
C ASN A 85 11.27 -5.72 -4.90
N GLU A 86 12.23 -5.06 -4.31
CA GLU A 86 11.91 -4.12 -3.20
C GLU A 86 10.79 -3.17 -3.61
N ILE A 87 9.56 -3.54 -3.35
CA ILE A 87 8.42 -2.67 -3.72
C ILE A 87 8.68 -1.24 -3.22
N LYS A 88 8.36 -0.28 -4.02
CA LYS A 88 8.58 1.13 -3.61
C LYS A 88 7.28 1.70 -3.06
N LEU A 89 7.31 2.91 -2.56
CA LEU A 89 6.08 3.51 -2.00
C LEU A 89 5.76 4.81 -2.73
N GLU A 90 4.73 5.48 -2.30
CA GLU A 90 4.34 6.76 -2.96
C GLU A 90 3.23 7.45 -2.16
N LYS A 91 3.58 8.38 -1.31
CA LYS A 91 2.54 9.08 -0.50
C LYS A 91 1.55 9.78 -1.43
N PRO A 92 0.32 9.33 -1.38
CA PRO A 92 -0.75 9.93 -2.22
C PRO A 92 -1.14 11.31 -1.69
N LYS A 93 -2.15 11.92 -2.26
CA LYS A 93 -2.58 13.26 -1.79
C LYS A 93 -1.37 14.20 -1.73
N GLY A 94 -0.88 14.65 -2.85
CA GLY A 94 0.29 15.56 -2.85
C GLY A 94 -0.10 16.88 -2.17
N ARG A 95 -0.24 16.87 -0.88
CA ARG A 95 -0.61 18.12 -0.15
C ARG A 95 0.36 18.38 1.00
N ASP A 96 1.55 18.79 0.70
CA ASP A 96 2.55 19.07 1.78
C ASP A 96 2.12 20.28 2.60
N GLY A 97 2.76 20.51 3.71
CA GLY A 97 2.38 21.69 4.56
C GLY A 97 1.47 21.22 5.69
N THR A 98 0.87 20.07 5.56
CA THR A 98 -0.02 19.57 6.63
C THR A 98 -0.92 20.70 7.17
N ARG A 99 -2.10 20.83 6.63
CA ARG A 99 -3.00 21.92 7.11
C ARG A 99 -3.68 21.50 8.42
N GLY A 100 -2.91 21.11 9.39
CA GLY A 100 -3.50 20.70 10.69
C GLY A 100 -3.59 21.91 11.62
N CYS A 101 -2.58 22.74 11.62
CA CYS A 101 -2.60 23.93 12.52
C CYS A 101 -3.54 24.99 11.94
N GLY A 1 -37.63 -17.18 8.88
CA GLY A 1 -38.12 -16.18 9.88
C GLY A 1 -37.54 -14.80 9.55
N SER A 2 -36.31 -14.76 9.10
CA SER A 2 -35.69 -13.44 8.77
C SER A 2 -34.56 -13.64 7.76
N HIS A 3 -34.90 -13.82 6.50
CA HIS A 3 -33.84 -14.02 5.47
C HIS A 3 -34.06 -13.04 4.31
N MET A 4 -34.13 -11.77 4.59
CA MET A 4 -34.34 -10.78 3.50
C MET A 4 -33.58 -9.48 3.82
N LEU A 5 -32.29 -9.56 3.96
CA LEU A 5 -31.50 -8.33 4.26
C LEU A 5 -31.76 -7.25 3.21
N GLU A 6 -32.68 -6.36 3.47
CA GLU A 6 -32.98 -5.29 2.48
C GLU A 6 -32.24 -4.00 2.85
N ASP A 7 -31.01 -3.87 2.43
CA ASP A 7 -30.23 -2.64 2.77
C ASP A 7 -29.20 -2.35 1.67
N PRO A 8 -29.68 -1.85 0.57
CA PRO A 8 -28.80 -1.52 -0.57
C PRO A 8 -27.95 -0.30 -0.25
N VAL A 9 -26.90 -0.50 0.48
CA VAL A 9 -26.01 0.63 0.84
C VAL A 9 -24.53 0.22 0.70
N GLU A 10 -23.78 0.95 -0.07
CA GLU A 10 -22.34 0.60 -0.26
C GLU A 10 -21.62 0.59 1.09
N GLY A 11 -20.34 0.81 1.10
CA GLY A 11 -19.59 0.81 2.38
C GLY A 11 -18.16 1.31 2.15
N SER A 12 -18.00 2.58 1.93
CA SER A 12 -16.63 3.13 1.69
C SER A 12 -15.86 3.22 3.02
N GLU A 13 -15.94 4.35 3.67
CA GLU A 13 -15.25 4.54 4.97
C GLU A 13 -13.89 3.84 4.96
N SER A 14 -12.88 4.59 4.72
CA SER A 14 -11.49 4.03 4.68
C SER A 14 -11.33 2.98 5.78
N THR A 15 -10.54 1.96 5.52
CA THR A 15 -10.34 0.91 6.55
C THR A 15 -9.17 1.25 7.47
N THR A 16 -8.39 2.23 7.12
CA THR A 16 -7.24 2.61 7.98
C THR A 16 -6.79 4.04 7.68
N PRO A 17 -6.21 4.65 8.69
CA PRO A 17 -5.71 6.04 8.55
C PRO A 17 -4.37 6.05 7.81
N PHE A 18 -3.59 5.01 7.94
CA PHE A 18 -2.26 4.98 7.24
C PHE A 18 -2.40 4.30 5.88
N ASN A 19 -2.37 5.06 4.81
CA ASN A 19 -2.49 4.46 3.46
C ASN A 19 -1.53 5.15 2.51
N LEU A 20 -1.09 4.47 1.49
CA LEU A 20 -0.15 5.08 0.51
C LEU A 20 -0.07 4.24 -0.75
N PHE A 21 0.46 4.79 -1.80
CA PHE A 21 0.57 4.05 -3.07
C PHE A 21 1.92 3.32 -3.11
N ILE A 22 2.04 2.33 -3.94
CA ILE A 22 3.32 1.58 -4.01
C ILE A 22 3.54 1.04 -5.43
N GLY A 23 4.76 0.96 -5.86
CA GLY A 23 5.02 0.44 -7.23
C GLY A 23 6.10 -0.63 -7.17
N ASN A 24 6.58 -1.08 -8.30
CA ASN A 24 7.63 -2.13 -8.33
C ASN A 24 7.05 -3.49 -7.95
N LEU A 25 5.83 -3.76 -8.33
CA LEU A 25 5.22 -5.08 -7.99
C LEU A 25 5.63 -6.12 -9.03
N ASN A 26 6.14 -7.24 -8.57
CA ASN A 26 6.57 -8.30 -9.52
C ASN A 26 5.58 -8.44 -10.67
N PRO A 27 5.96 -7.90 -11.80
CA PRO A 27 5.10 -7.94 -13.01
C PRO A 27 5.15 -9.33 -13.65
N ASN A 28 5.78 -10.28 -13.03
CA ASN A 28 5.84 -11.65 -13.61
C ASN A 28 4.92 -12.58 -12.83
N LYS A 29 4.49 -12.14 -11.68
CA LYS A 29 3.57 -12.99 -10.86
C LYS A 29 2.19 -12.33 -10.82
N SER A 30 1.43 -12.63 -9.81
CA SER A 30 0.07 -12.02 -9.70
C SER A 30 0.08 -10.95 -8.61
N VAL A 31 -0.72 -9.92 -8.78
CA VAL A 31 -0.74 -8.87 -7.73
C VAL A 31 -1.25 -9.47 -6.42
N ALA A 32 -1.86 -10.63 -6.50
CA ALA A 32 -2.37 -11.28 -5.26
C ALA A 32 -1.19 -11.88 -4.49
N GLU A 33 -0.24 -12.42 -5.20
CA GLU A 33 0.96 -13.00 -4.53
C GLU A 33 1.83 -11.87 -3.99
N LEU A 34 1.77 -10.72 -4.62
CA LEU A 34 2.57 -9.57 -4.14
C LEU A 34 1.98 -9.05 -2.84
N LYS A 35 0.68 -8.97 -2.77
CA LYS A 35 0.02 -8.48 -1.54
C LYS A 35 0.35 -9.41 -0.37
N VAL A 36 0.30 -10.69 -0.59
CA VAL A 36 0.62 -11.66 0.50
C VAL A 36 2.08 -11.49 0.92
N ALA A 37 2.97 -11.32 -0.02
CA ALA A 37 4.39 -11.14 0.34
C ALA A 37 4.54 -9.87 1.18
N ILE A 38 3.81 -8.85 0.84
CA ILE A 38 3.88 -7.60 1.61
C ILE A 38 3.08 -7.75 2.90
N SER A 39 2.08 -8.58 2.89
CA SER A 39 1.27 -8.79 4.12
C SER A 39 2.05 -9.70 5.08
N GLU A 40 2.84 -10.57 4.52
CA GLU A 40 3.65 -11.49 5.36
C GLU A 40 4.90 -10.78 5.85
N LEU A 41 5.56 -10.09 4.97
CA LEU A 41 6.78 -9.35 5.38
C LEU A 41 6.44 -8.39 6.51
N PHE A 42 5.30 -7.75 6.42
CA PHE A 42 4.89 -6.83 7.50
C PHE A 42 4.36 -7.64 8.66
N ALA A 43 3.87 -8.83 8.39
CA ALA A 43 3.35 -9.70 9.46
C ALA A 43 4.51 -10.37 10.18
N LYS A 44 5.55 -10.67 9.46
CA LYS A 44 6.74 -11.31 10.08
C LYS A 44 7.69 -10.24 10.61
N ASN A 45 7.48 -9.01 10.22
CA ASN A 45 8.35 -7.90 10.71
C ASN A 45 7.76 -7.28 11.97
N ASP A 46 6.50 -7.58 12.24
CA ASP A 46 5.80 -7.02 13.43
C ASP A 46 5.22 -5.66 13.05
N LEU A 47 4.91 -5.51 11.79
CA LEU A 47 4.32 -4.25 11.32
C LEU A 47 2.85 -4.18 11.72
N ALA A 48 2.02 -3.76 10.82
CA ALA A 48 0.56 -3.69 11.12
C ALA A 48 -0.20 -3.52 9.83
N VAL A 49 0.16 -4.30 8.85
CA VAL A 49 -0.51 -4.22 7.54
C VAL A 49 -2.01 -4.40 7.73
N VAL A 50 -2.74 -3.81 6.86
CA VAL A 50 -4.22 -3.89 6.95
C VAL A 50 -4.82 -4.15 5.56
N ASP A 51 -4.23 -3.60 4.53
CA ASP A 51 -4.80 -3.83 3.17
C ASP A 51 -3.70 -3.73 2.09
N VAL A 52 -4.07 -3.92 0.86
CA VAL A 52 -3.09 -3.84 -0.26
C VAL A 52 -3.79 -4.10 -1.59
N ARG A 53 -3.86 -3.10 -2.44
CA ARG A 53 -4.53 -3.28 -3.75
C ARG A 53 -3.52 -3.18 -4.89
N THR A 54 -3.93 -3.48 -6.10
CA THR A 54 -3.00 -3.40 -7.25
C THR A 54 -2.89 -1.96 -7.76
N GLY A 55 -1.87 -1.66 -8.52
CA GLY A 55 -1.70 -0.27 -9.03
C GLY A 55 -1.35 -0.32 -10.52
N THR A 56 -2.14 0.31 -11.35
CA THR A 56 -1.86 0.33 -12.81
C THR A 56 -1.35 -1.04 -13.28
N ASN A 57 -2.21 -1.86 -13.80
CA ASN A 57 -1.78 -3.20 -14.29
C ASN A 57 -1.26 -4.06 -13.13
N ARG A 58 -0.29 -4.89 -13.40
CA ARG A 58 0.27 -5.76 -12.31
C ARG A 58 1.71 -5.35 -11.98
N LYS A 59 2.03 -4.10 -12.12
CA LYS A 59 3.42 -3.65 -11.81
C LYS A 59 3.41 -2.68 -10.62
N PHE A 60 2.28 -2.10 -10.34
CA PHE A 60 2.21 -1.16 -9.18
C PHE A 60 1.26 -1.72 -8.12
N GLY A 61 0.92 -0.94 -7.12
CA GLY A 61 0.00 -1.46 -6.06
C GLY A 61 -0.06 -0.49 -4.88
N TYR A 62 -1.14 -0.52 -4.15
CA TYR A 62 -1.29 0.38 -2.97
C TYR A 62 -1.36 -0.46 -1.70
N VAL A 63 -1.15 0.16 -0.57
CA VAL A 63 -1.18 -0.63 0.69
C VAL A 63 -1.67 0.22 1.86
N ASP A 64 -2.33 -0.39 2.80
CA ASP A 64 -2.85 0.37 3.97
C ASP A 64 -2.24 -0.18 5.26
N PHE A 65 -1.94 0.68 6.19
CA PHE A 65 -1.35 0.22 7.47
C PHE A 65 -2.35 0.41 8.61
N GLU A 66 -2.00 0.03 9.80
CA GLU A 66 -2.97 0.18 10.94
C GLU A 66 -2.36 1.02 12.06
N SER A 67 -1.30 1.72 11.80
CA SER A 67 -0.69 2.54 12.89
C SER A 67 0.31 3.55 12.36
N ALA A 68 0.79 4.35 13.25
CA ALA A 68 1.82 5.36 12.92
C ALA A 68 3.16 4.69 13.06
N GLU A 69 3.21 3.69 13.88
CA GLU A 69 4.45 2.92 14.08
C GLU A 69 4.56 1.89 12.97
N ASP A 70 3.45 1.54 12.39
CA ASP A 70 3.46 0.58 11.27
C ASP A 70 3.82 1.36 10.02
N LEU A 71 3.38 2.58 9.96
CA LEU A 71 3.71 3.41 8.78
C LEU A 71 5.20 3.74 8.80
N GLU A 72 5.74 4.01 9.97
CA GLU A 72 7.19 4.32 10.07
C GLU A 72 8.00 3.05 9.78
N LYS A 73 7.48 1.91 10.13
CA LYS A 73 8.20 0.66 9.83
C LYS A 73 7.91 0.31 8.39
N ALA A 74 6.82 0.81 7.89
CA ALA A 74 6.48 0.56 6.47
C ALA A 74 7.50 1.27 5.59
N LEU A 75 8.02 2.36 6.09
CA LEU A 75 9.03 3.13 5.33
C LEU A 75 10.39 2.41 5.44
N GLU A 76 10.74 2.01 6.63
CA GLU A 76 12.03 1.30 6.81
C GLU A 76 11.97 -0.07 6.12
N LEU A 77 10.79 -0.53 5.83
CA LEU A 77 10.64 -1.85 5.15
C LEU A 77 11.19 -1.77 3.72
N THR A 78 11.55 -0.61 3.30
CA THR A 78 12.10 -0.44 1.91
C THR A 78 13.21 -1.46 1.63
N GLY A 79 13.73 -2.06 2.66
CA GLY A 79 14.80 -3.07 2.48
C GLY A 79 14.19 -4.43 2.13
N LEU A 80 12.95 -4.46 1.71
CA LEU A 80 12.29 -5.75 1.36
C LEU A 80 12.39 -5.96 -0.16
N LYS A 81 11.87 -7.06 -0.65
CA LYS A 81 11.94 -7.33 -2.12
C LYS A 81 10.93 -8.40 -2.49
N VAL A 82 9.72 -8.15 -2.10
CA VAL A 82 8.56 -9.08 -2.36
C VAL A 82 9.04 -10.41 -2.95
N PHE A 83 8.52 -10.80 -4.06
CA PHE A 83 8.97 -12.08 -4.68
C PHE A 83 10.35 -11.86 -5.31
N GLY A 84 10.84 -10.65 -5.24
CA GLY A 84 12.18 -10.34 -5.82
C GLY A 84 12.21 -8.89 -6.29
N ASN A 85 11.53 -8.00 -5.59
CA ASN A 85 11.52 -6.57 -6.01
C ASN A 85 11.15 -5.68 -4.82
N GLU A 86 12.10 -5.01 -4.24
CA GLU A 86 11.80 -4.14 -3.07
C GLU A 86 10.70 -3.15 -3.43
N ILE A 87 9.48 -3.55 -3.24
CA ILE A 87 8.33 -2.65 -3.55
C ILE A 87 8.66 -1.22 -3.12
N LYS A 88 8.14 -0.28 -3.85
CA LYS A 88 8.41 1.15 -3.50
C LYS A 88 7.08 1.84 -3.14
N LEU A 89 7.14 2.85 -2.32
CA LEU A 89 5.88 3.55 -1.93
C LEU A 89 5.90 4.99 -2.44
N GLU A 90 4.81 5.70 -2.27
CA GLU A 90 4.76 7.11 -2.75
C GLU A 90 3.56 7.83 -2.13
N LYS A 91 3.70 9.10 -1.84
CA LYS A 91 2.57 9.85 -1.23
C LYS A 91 1.52 10.18 -2.30
N PRO A 92 0.36 9.62 -2.14
CA PRO A 92 -0.75 9.86 -3.11
C PRO A 92 -1.31 11.27 -2.94
N LYS A 93 -2.38 11.58 -3.63
CA LYS A 93 -2.98 12.95 -3.49
C LYS A 93 -3.73 13.07 -2.16
N GLY A 94 -3.34 14.00 -1.35
CA GLY A 94 -4.04 14.17 -0.04
C GLY A 94 -3.22 13.50 1.07
N ARG A 95 -1.93 13.51 0.94
CA ARG A 95 -1.08 12.87 1.99
C ARG A 95 -0.14 13.90 2.62
N ASP A 96 -0.06 13.93 3.92
CA ASP A 96 0.84 14.92 4.59
C ASP A 96 1.92 14.20 5.39
N GLY A 97 2.47 14.84 6.38
CA GLY A 97 3.54 14.19 7.19
C GLY A 97 4.88 14.32 6.48
N THR A 98 5.68 15.28 6.85
CA THR A 98 7.00 15.46 6.19
C THR A 98 8.10 14.80 7.03
N ARG A 99 8.62 13.69 6.57
CA ARG A 99 9.69 13.00 7.34
C ARG A 99 10.74 12.42 6.38
N GLY A 100 11.45 11.41 6.80
CA GLY A 100 12.49 10.82 5.91
C GLY A 100 13.88 11.22 6.41
N CYS A 101 14.87 10.41 6.13
CA CYS A 101 16.25 10.75 6.59
C CYS A 101 16.56 12.21 6.29
N GLY A 1 -29.24 26.47 3.98
CA GLY A 1 -28.84 25.60 2.84
C GLY A 1 -29.97 24.63 2.52
N SER A 2 -31.16 25.14 2.29
CA SER A 2 -32.30 24.24 1.97
C SER A 2 -32.83 24.54 0.57
N HIS A 3 -31.95 24.76 -0.37
CA HIS A 3 -32.39 25.07 -1.76
C HIS A 3 -31.58 24.25 -2.77
N MET A 4 -30.41 24.71 -3.11
CA MET A 4 -29.58 23.96 -4.09
C MET A 4 -28.13 23.86 -3.57
N LEU A 5 -27.22 23.47 -4.42
CA LEU A 5 -25.80 23.35 -3.99
C LEU A 5 -25.67 22.28 -2.90
N GLU A 6 -24.67 22.41 -2.06
CA GLU A 6 -24.49 21.40 -0.97
C GLU A 6 -24.17 20.03 -1.56
N ASP A 7 -23.26 19.97 -2.49
CA ASP A 7 -22.90 18.67 -3.12
C ASP A 7 -22.22 17.76 -2.08
N PRO A 8 -22.49 16.49 -2.19
CA PRO A 8 -21.91 15.50 -1.26
C PRO A 8 -20.42 15.32 -1.55
N VAL A 9 -19.63 16.22 -1.07
CA VAL A 9 -18.16 16.13 -1.31
C VAL A 9 -17.61 14.81 -0.74
N GLU A 10 -17.52 13.80 -1.56
CA GLU A 10 -16.99 12.49 -1.07
C GLU A 10 -15.52 12.34 -1.47
N GLY A 11 -14.98 11.16 -1.31
CA GLY A 11 -13.56 10.94 -1.67
C GLY A 11 -12.78 10.51 -0.43
N SER A 12 -13.34 10.68 0.74
CA SER A 12 -12.63 10.28 1.98
C SER A 12 -13.18 8.95 2.50
N GLU A 13 -13.28 7.96 1.65
CA GLU A 13 -13.81 6.65 2.08
C GLU A 13 -12.67 5.74 2.54
N SER A 14 -11.62 6.34 3.01
CA SER A 14 -10.45 5.55 3.47
C SER A 14 -10.87 4.61 4.60
N THR A 15 -9.98 3.75 5.03
CA THR A 15 -10.33 2.80 6.14
C THR A 15 -9.39 3.00 7.33
N THR A 16 -8.23 3.52 7.07
CA THR A 16 -7.26 3.73 8.18
C THR A 16 -6.57 5.09 8.04
N PRO A 17 -6.03 5.57 9.13
CA PRO A 17 -5.35 6.88 9.13
C PRO A 17 -3.96 6.78 8.49
N PHE A 18 -3.44 5.58 8.33
CA PHE A 18 -2.09 5.44 7.71
C PHE A 18 -2.18 4.70 6.38
N ASN A 19 -1.71 5.32 5.33
CA ASN A 19 -1.75 4.67 3.99
C ASN A 19 -0.44 4.96 3.27
N LEU A 20 -0.22 4.31 2.16
CA LEU A 20 1.04 4.53 1.40
C LEU A 20 0.96 3.87 0.03
N PHE A 21 1.83 4.27 -0.86
CA PHE A 21 1.79 3.72 -2.24
C PHE A 21 2.80 2.58 -2.40
N ILE A 22 2.83 1.97 -3.56
CA ILE A 22 3.80 0.85 -3.81
C ILE A 22 4.03 0.69 -5.30
N GLY A 23 5.27 0.58 -5.71
CA GLY A 23 5.56 0.45 -7.16
C GLY A 23 6.55 -0.70 -7.39
N ASN A 24 6.70 -1.13 -8.61
CA ASN A 24 7.65 -2.24 -8.93
C ASN A 24 7.09 -3.57 -8.43
N LEU A 25 6.21 -4.17 -9.17
CA LEU A 25 5.64 -5.49 -8.75
C LEU A 25 5.94 -6.56 -9.80
N ASN A 26 6.48 -7.65 -9.36
CA ASN A 26 6.82 -8.75 -10.32
C ASN A 26 5.71 -8.91 -11.36
N PRO A 27 5.96 -8.40 -12.52
CA PRO A 27 4.97 -8.49 -13.62
C PRO A 27 4.90 -9.92 -14.17
N ASN A 28 5.95 -10.68 -13.99
CA ASN A 28 5.95 -12.08 -14.49
C ASN A 28 5.15 -12.98 -13.53
N LYS A 29 4.90 -12.51 -12.35
CA LYS A 29 4.12 -13.32 -11.37
C LYS A 29 2.73 -12.73 -11.20
N SER A 30 2.10 -12.97 -10.08
CA SER A 30 0.74 -12.43 -9.85
C SER A 30 0.79 -11.22 -8.92
N VAL A 31 -0.05 -10.25 -9.14
CA VAL A 31 -0.04 -9.07 -8.25
C VAL A 31 -0.53 -9.46 -6.86
N ALA A 32 -1.57 -10.26 -6.79
CA ALA A 32 -2.06 -10.71 -5.47
C ALA A 32 -0.93 -11.37 -4.69
N GLU A 33 -0.08 -12.09 -5.38
CA GLU A 33 1.06 -12.75 -4.70
C GLU A 33 2.00 -11.68 -4.13
N LEU A 34 2.26 -10.65 -4.89
CA LEU A 34 3.14 -9.56 -4.39
C LEU A 34 2.51 -8.97 -3.14
N LYS A 35 1.22 -8.83 -3.14
CA LYS A 35 0.52 -8.26 -1.97
C LYS A 35 0.80 -9.14 -0.74
N VAL A 36 0.52 -10.41 -0.85
CA VAL A 36 0.77 -11.34 0.29
C VAL A 36 2.23 -11.22 0.73
N ALA A 37 3.13 -11.00 -0.19
CA ALA A 37 4.55 -10.86 0.21
C ALA A 37 4.70 -9.62 1.08
N ILE A 38 3.90 -8.63 0.84
CA ILE A 38 3.96 -7.39 1.66
C ILE A 38 3.14 -7.61 2.94
N SER A 39 2.14 -8.44 2.87
CA SER A 39 1.33 -8.71 4.09
C SER A 39 2.08 -9.68 4.99
N GLU A 40 2.88 -10.53 4.40
CA GLU A 40 3.66 -11.50 5.20
C GLU A 40 4.90 -10.82 5.77
N LEU A 41 5.52 -9.99 4.99
CA LEU A 41 6.71 -9.25 5.48
C LEU A 41 6.28 -8.34 6.63
N PHE A 42 5.10 -7.80 6.54
CA PHE A 42 4.61 -6.94 7.63
C PHE A 42 4.11 -7.80 8.78
N ALA A 43 3.73 -9.02 8.48
CA ALA A 43 3.23 -9.93 9.56
C ALA A 43 4.42 -10.42 10.40
N LYS A 44 5.56 -10.57 9.78
CA LYS A 44 6.76 -11.03 10.53
C LYS A 44 7.49 -9.81 11.10
N ASN A 45 7.23 -8.66 10.57
CA ASN A 45 7.89 -7.44 11.07
C ASN A 45 7.11 -6.84 12.24
N ASP A 46 5.88 -7.29 12.42
CA ASP A 46 5.01 -6.76 13.51
C ASP A 46 4.35 -5.48 13.06
N LEU A 47 4.10 -5.40 11.78
CA LEU A 47 3.44 -4.19 11.22
C LEU A 47 1.95 -4.21 11.59
N ALA A 48 1.10 -4.02 10.63
CA ALA A 48 -0.36 -4.04 10.90
C ALA A 48 -1.11 -3.64 9.64
N VAL A 49 -0.84 -4.32 8.57
CA VAL A 49 -1.50 -4.00 7.28
C VAL A 49 -3.01 -4.10 7.42
N VAL A 50 -3.65 -2.99 7.24
CA VAL A 50 -5.14 -2.96 7.35
C VAL A 50 -5.77 -3.22 5.98
N ASP A 51 -5.19 -2.67 4.93
CA ASP A 51 -5.78 -2.90 3.58
C ASP A 51 -4.71 -2.82 2.49
N VAL A 52 -4.60 -3.83 1.68
CA VAL A 52 -3.59 -3.82 0.59
C VAL A 52 -4.29 -3.84 -0.77
N ARG A 53 -3.65 -3.32 -1.78
CA ARG A 53 -4.28 -3.31 -3.14
C ARG A 53 -3.21 -3.40 -4.22
N THR A 54 -3.61 -3.62 -5.44
CA THR A 54 -2.63 -3.74 -6.55
C THR A 54 -2.54 -2.42 -7.33
N GLY A 55 -1.47 -2.23 -8.05
CA GLY A 55 -1.31 -0.98 -8.84
C GLY A 55 -1.41 -1.29 -10.33
N THR A 56 -2.41 -0.77 -10.99
CA THR A 56 -2.57 -1.04 -12.44
C THR A 56 -2.68 -2.54 -12.69
N ASN A 57 -2.32 -2.98 -13.87
CA ASN A 57 -2.41 -4.44 -14.18
C ASN A 57 -1.52 -5.23 -13.21
N ARG A 58 -0.28 -4.86 -13.09
CA ARG A 58 0.63 -5.59 -12.17
C ARG A 58 2.02 -4.93 -12.15
N LYS A 59 2.06 -3.65 -11.92
CA LYS A 59 3.38 -2.94 -11.90
C LYS A 59 3.55 -2.18 -10.58
N PHE A 60 2.48 -1.89 -9.91
CA PHE A 60 2.59 -1.15 -8.61
C PHE A 60 1.59 -1.70 -7.61
N GLY A 61 1.18 -0.89 -6.65
CA GLY A 61 0.20 -1.38 -5.64
C GLY A 61 0.03 -0.34 -4.54
N TYR A 62 -0.87 -0.59 -3.62
CA TYR A 62 -1.09 0.37 -2.50
C TYR A 62 -1.41 -0.40 -1.22
N VAL A 63 -1.41 0.27 -0.11
CA VAL A 63 -1.69 -0.44 1.17
C VAL A 63 -2.12 0.56 2.25
N ASP A 64 -2.71 0.07 3.30
CA ASP A 64 -3.15 0.96 4.41
C ASP A 64 -2.65 0.39 5.74
N PHE A 65 -2.15 1.23 6.59
CA PHE A 65 -1.64 0.75 7.91
C PHE A 65 -2.62 1.06 9.04
N GLU A 66 -2.31 0.62 10.23
CA GLU A 66 -3.23 0.86 11.37
C GLU A 66 -2.60 1.78 12.42
N SER A 67 -1.56 2.48 12.07
CA SER A 67 -0.92 3.38 13.07
C SER A 67 0.28 4.12 12.50
N ALA A 68 0.86 4.94 13.33
CA ALA A 68 2.08 5.69 12.93
C ALA A 68 3.25 4.74 13.01
N GLU A 69 3.08 3.74 13.82
CA GLU A 69 4.15 2.73 14.00
C GLU A 69 4.13 1.76 12.83
N ASP A 70 3.01 1.62 12.20
CA ASP A 70 2.93 0.71 11.01
C ASP A 70 3.39 1.50 9.81
N LEU A 71 3.19 2.79 9.84
CA LEU A 71 3.62 3.63 8.70
C LEU A 71 5.12 3.92 8.81
N GLU A 72 5.64 3.95 10.00
CA GLU A 72 7.09 4.23 10.18
C GLU A 72 7.92 2.96 9.91
N LYS A 73 7.41 1.81 10.29
CA LYS A 73 8.15 0.57 10.03
C LYS A 73 7.94 0.21 8.57
N ALA A 74 6.82 0.60 8.05
CA ALA A 74 6.53 0.31 6.64
C ALA A 74 7.38 1.23 5.77
N LEU A 75 7.73 2.38 6.28
CA LEU A 75 8.58 3.32 5.51
C LEU A 75 9.99 2.73 5.44
N GLU A 76 10.45 2.22 6.55
CA GLU A 76 11.80 1.60 6.54
C GLU A 76 11.73 0.24 5.85
N LEU A 77 10.54 -0.24 5.63
CA LEU A 77 10.38 -1.56 4.95
C LEU A 77 10.69 -1.44 3.45
N THR A 78 11.14 -0.29 3.01
CA THR A 78 11.46 -0.13 1.56
C THR A 78 12.66 -1.02 1.18
N GLY A 79 13.25 -1.65 2.14
CA GLY A 79 14.40 -2.54 1.84
C GLY A 79 13.89 -3.96 1.58
N LEU A 80 12.71 -4.07 1.02
CA LEU A 80 12.14 -5.42 0.73
C LEU A 80 12.01 -5.63 -0.77
N LYS A 81 12.46 -6.75 -1.26
CA LYS A 81 12.36 -7.05 -2.72
C LYS A 81 11.25 -8.04 -2.97
N VAL A 82 10.09 -7.55 -2.96
CA VAL A 82 8.90 -8.43 -3.20
C VAL A 82 9.14 -9.29 -4.43
N PHE A 83 8.88 -10.56 -4.33
CA PHE A 83 9.09 -11.47 -5.50
C PHE A 83 10.38 -11.13 -6.24
N GLY A 84 11.33 -10.54 -5.56
CA GLY A 84 12.62 -10.18 -6.24
C GLY A 84 12.50 -8.81 -6.90
N ASN A 85 11.68 -7.95 -6.36
CA ASN A 85 11.53 -6.59 -6.97
C ASN A 85 11.34 -5.54 -5.86
N GLU A 86 12.41 -4.96 -5.42
CA GLU A 86 12.30 -3.92 -4.34
C GLU A 86 11.12 -2.99 -4.63
N ILE A 87 9.99 -3.29 -4.05
CA ILE A 87 8.80 -2.43 -4.28
C ILE A 87 8.98 -1.07 -3.63
N LYS A 88 8.81 -0.01 -4.39
CA LYS A 88 8.94 1.34 -3.80
C LYS A 88 7.61 1.73 -3.18
N LEU A 89 7.59 1.95 -1.90
CA LEU A 89 6.30 2.28 -1.25
C LEU A 89 6.21 3.76 -0.88
N GLU A 90 5.19 4.10 -0.13
CA GLU A 90 4.96 5.52 0.31
C GLU A 90 4.36 6.36 -0.80
N LYS A 91 4.08 7.60 -0.50
CA LYS A 91 3.51 8.54 -1.51
C LYS A 91 2.08 8.16 -1.92
N PRO A 92 1.29 7.81 -0.93
CA PRO A 92 -0.13 7.46 -1.17
C PRO A 92 -0.93 8.68 -1.60
N LYS A 93 -2.22 8.60 -1.50
CA LYS A 93 -3.07 9.75 -1.90
C LYS A 93 -4.55 9.33 -1.86
N GLY A 94 -4.91 8.35 -2.65
CA GLY A 94 -6.32 7.89 -2.67
C GLY A 94 -7.24 9.12 -2.66
N ARG A 95 -6.77 10.23 -3.17
CA ARG A 95 -7.60 11.45 -3.19
C ARG A 95 -7.28 12.30 -4.43
N ASP A 96 -8.26 12.54 -5.25
CA ASP A 96 -8.03 13.35 -6.48
C ASP A 96 -6.70 12.94 -7.13
N GLY A 97 -6.10 13.83 -7.89
CA GLY A 97 -4.82 13.49 -8.56
C GLY A 97 -3.85 14.66 -8.42
N THR A 98 -3.75 15.49 -9.43
CA THR A 98 -2.82 16.65 -9.35
C THR A 98 -1.49 16.23 -8.71
N ARG A 99 -0.85 17.12 -8.00
CA ARG A 99 0.45 16.78 -7.36
C ARG A 99 0.86 17.86 -6.37
N GLY A 100 -0.08 18.41 -5.65
CA GLY A 100 0.26 19.49 -4.67
C GLY A 100 -0.94 20.42 -4.50
N CYS A 101 -1.39 20.61 -3.29
CA CYS A 101 -2.56 21.52 -3.06
C CYS A 101 -2.12 22.74 -2.25
N GLY A 1 -12.74 11.83 -19.52
CA GLY A 1 -11.53 12.18 -18.71
C GLY A 1 -11.58 11.46 -17.36
N SER A 2 -11.66 12.19 -16.29
CA SER A 2 -11.72 11.54 -14.95
C SER A 2 -11.80 12.61 -13.85
N HIS A 3 -11.85 12.19 -12.61
CA HIS A 3 -11.93 13.19 -11.50
C HIS A 3 -11.86 12.47 -10.14
N MET A 4 -10.75 12.58 -9.46
CA MET A 4 -10.62 11.91 -8.13
C MET A 4 -11.11 10.46 -8.24
N LEU A 5 -11.48 9.88 -7.14
CA LEU A 5 -11.95 8.46 -7.16
C LEU A 5 -13.29 8.37 -7.90
N GLU A 6 -13.97 7.26 -7.78
CA GLU A 6 -15.28 7.11 -8.49
C GLU A 6 -16.43 7.54 -7.56
N ASP A 7 -16.93 6.64 -6.77
CA ASP A 7 -18.05 6.99 -5.84
C ASP A 7 -18.05 6.04 -4.64
N PRO A 8 -17.77 6.60 -3.49
CA PRO A 8 -17.74 5.80 -2.25
C PRO A 8 -19.17 5.41 -1.85
N VAL A 9 -19.35 5.12 -0.60
CA VAL A 9 -20.70 4.73 -0.11
C VAL A 9 -20.86 5.11 1.36
N GLU A 10 -21.72 6.05 1.65
CA GLU A 10 -21.92 6.47 3.07
C GLU A 10 -20.58 6.84 3.70
N GLY A 11 -20.58 7.24 4.94
CA GLY A 11 -19.30 7.61 5.62
C GLY A 11 -18.37 6.40 5.65
N SER A 12 -17.65 6.17 4.58
CA SER A 12 -16.72 4.99 4.56
C SER A 12 -15.63 5.22 3.51
N GLU A 13 -14.51 5.74 3.90
CA GLU A 13 -13.41 5.98 2.95
C GLU A 13 -12.17 5.21 3.40
N SER A 14 -11.07 5.88 3.47
CA SER A 14 -9.81 5.21 3.91
C SER A 14 -10.09 4.25 5.08
N THR A 15 -9.58 3.05 4.99
CA THR A 15 -9.83 2.07 6.09
C THR A 15 -8.86 2.33 7.25
N THR A 16 -7.87 3.14 7.04
CA THR A 16 -6.89 3.42 8.13
C THR A 16 -6.30 4.83 7.97
N PRO A 17 -5.70 5.30 9.02
CA PRO A 17 -5.08 6.64 9.01
C PRO A 17 -3.77 6.63 8.21
N PHE A 18 -3.03 5.55 8.27
CA PHE A 18 -1.75 5.50 7.52
C PHE A 18 -1.92 4.71 6.21
N ASN A 19 -2.02 5.39 5.11
CA ASN A 19 -2.18 4.70 3.80
C ASN A 19 -1.32 5.38 2.75
N LEU A 20 -0.91 4.66 1.75
CA LEU A 20 -0.05 5.26 0.68
C LEU A 20 -0.04 4.38 -0.57
N PHE A 21 0.79 4.70 -1.52
CA PHE A 21 0.87 3.89 -2.76
C PHE A 21 2.25 3.24 -2.89
N ILE A 22 2.32 2.10 -3.52
CA ILE A 22 3.64 1.43 -3.68
C ILE A 22 3.85 1.02 -5.15
N GLY A 23 5.07 0.79 -5.54
CA GLY A 23 5.34 0.40 -6.95
C GLY A 23 6.46 -0.63 -6.99
N ASN A 24 6.86 -1.03 -8.16
CA ASN A 24 7.96 -2.04 -8.30
C ASN A 24 7.46 -3.42 -7.88
N LEU A 25 6.33 -3.83 -8.39
CA LEU A 25 5.77 -5.16 -8.02
C LEU A 25 6.15 -6.20 -9.08
N ASN A 26 6.63 -7.33 -8.66
CA ASN A 26 7.02 -8.39 -9.63
C ASN A 26 5.98 -8.48 -10.75
N PRO A 27 6.33 -7.93 -11.88
CA PRO A 27 5.41 -7.94 -13.05
C PRO A 27 5.43 -9.31 -13.74
N ASN A 28 6.07 -10.29 -13.14
CA ASN A 28 6.10 -11.64 -13.76
C ASN A 28 5.28 -12.60 -12.90
N LYS A 29 5.03 -12.22 -11.67
CA LYS A 29 4.24 -13.08 -10.77
C LYS A 29 2.79 -12.62 -10.77
N SER A 30 2.07 -12.90 -9.72
CA SER A 30 0.65 -12.46 -9.66
C SER A 30 0.53 -11.20 -8.82
N VAL A 31 -0.30 -10.29 -9.20
CA VAL A 31 -0.44 -9.06 -8.39
C VAL A 31 -0.97 -9.43 -7.00
N ALA A 32 -1.94 -10.31 -6.95
CA ALA A 32 -2.49 -10.72 -5.62
C ALA A 32 -1.36 -11.30 -4.76
N GLU A 33 -0.45 -12.01 -5.38
CA GLU A 33 0.69 -12.59 -4.59
C GLU A 33 1.59 -11.46 -4.08
N LEU A 34 1.66 -10.38 -4.80
CA LEU A 34 2.51 -9.24 -4.35
C LEU A 34 1.91 -8.63 -3.08
N LYS A 35 0.61 -8.55 -3.02
CA LYS A 35 -0.04 -7.97 -1.81
C LYS A 35 0.22 -8.85 -0.60
N VAL A 36 0.04 -10.14 -0.74
CA VAL A 36 0.30 -11.06 0.40
C VAL A 36 1.78 -11.04 0.74
N ALA A 37 2.62 -10.90 -0.24
CA ALA A 37 4.08 -10.86 0.03
C ALA A 37 4.40 -9.63 0.87
N ILE A 38 3.84 -8.52 0.52
CA ILE A 38 4.09 -7.30 1.31
C ILE A 38 3.26 -7.35 2.59
N SER A 39 2.15 -8.04 2.55
CA SER A 39 1.29 -8.15 3.76
C SER A 39 1.95 -9.10 4.76
N GLU A 40 2.64 -10.09 4.27
CA GLU A 40 3.32 -11.05 5.18
C GLU A 40 4.68 -10.51 5.58
N LEU A 41 5.40 -9.98 4.64
CA LEU A 41 6.74 -9.44 4.97
C LEU A 41 6.62 -8.42 6.09
N PHE A 42 5.62 -7.61 6.04
CA PHE A 42 5.45 -6.60 7.10
C PHE A 42 4.66 -7.20 8.25
N ALA A 43 3.89 -8.21 7.97
CA ALA A 43 3.10 -8.85 9.07
C ALA A 43 4.04 -9.71 9.90
N LYS A 44 5.17 -10.03 9.37
CA LYS A 44 6.14 -10.86 10.11
C LYS A 44 7.25 -9.98 10.66
N ASN A 45 7.68 -9.02 9.90
CA ASN A 45 8.74 -8.10 10.39
C ASN A 45 8.32 -7.56 11.77
N ASP A 46 7.05 -7.20 11.88
CA ASP A 46 6.45 -6.66 13.14
C ASP A 46 5.43 -5.56 12.83
N LEU A 47 4.72 -5.67 11.73
CA LEU A 47 3.72 -4.62 11.39
C LEU A 47 2.30 -5.17 11.49
N ALA A 48 1.40 -4.60 10.73
CA ALA A 48 -0.01 -5.08 10.75
C ALA A 48 -0.73 -4.54 9.52
N VAL A 49 -0.19 -4.81 8.36
CA VAL A 49 -0.81 -4.33 7.11
C VAL A 49 -2.33 -4.46 7.18
N VAL A 50 -3.00 -3.36 7.10
CA VAL A 50 -4.49 -3.36 7.18
C VAL A 50 -5.09 -3.66 5.80
N ASP A 51 -4.57 -3.05 4.77
CA ASP A 51 -5.13 -3.31 3.41
C ASP A 51 -4.04 -3.21 2.35
N VAL A 52 -4.27 -3.78 1.19
CA VAL A 52 -3.26 -3.72 0.10
C VAL A 52 -3.96 -3.77 -1.27
N ARG A 53 -3.94 -2.68 -2.00
CA ARG A 53 -4.60 -2.68 -3.34
C ARG A 53 -3.55 -2.88 -4.45
N THR A 54 -3.98 -3.18 -5.63
CA THR A 54 -3.03 -3.39 -6.75
C THR A 54 -2.71 -2.07 -7.45
N GLY A 55 -1.66 -2.04 -8.23
CA GLY A 55 -1.29 -0.80 -8.95
C GLY A 55 -1.33 -1.06 -10.46
N THR A 56 -2.33 -0.57 -11.13
CA THR A 56 -2.42 -0.79 -12.61
C THR A 56 -2.66 -2.28 -12.89
N ASN A 57 -1.96 -2.84 -13.84
CA ASN A 57 -2.17 -4.28 -14.16
C ASN A 57 -1.43 -5.17 -13.17
N ARG A 58 -0.19 -4.89 -12.92
CA ARG A 58 0.59 -5.72 -11.94
C ARG A 58 2.01 -5.18 -11.78
N LYS A 59 2.16 -3.87 -11.77
CA LYS A 59 3.52 -3.28 -11.60
C LYS A 59 3.60 -2.53 -10.28
N PHE A 60 2.49 -2.09 -9.76
CA PHE A 60 2.53 -1.34 -8.46
C PHE A 60 1.37 -1.80 -7.58
N GLY A 61 1.19 -1.19 -6.45
CA GLY A 61 0.08 -1.59 -5.55
C GLY A 61 -0.01 -0.63 -4.37
N TYR A 62 -1.17 -0.50 -3.78
CA TYR A 62 -1.33 0.43 -2.62
C TYR A 62 -1.49 -0.37 -1.34
N VAL A 63 -1.38 0.28 -0.22
CA VAL A 63 -1.50 -0.44 1.07
C VAL A 63 -1.90 0.51 2.20
N ASP A 64 -2.51 -0.02 3.22
CA ASP A 64 -2.94 0.82 4.36
C ASP A 64 -2.36 0.25 5.66
N PHE A 65 -1.91 1.09 6.53
CA PHE A 65 -1.31 0.59 7.81
C PHE A 65 -2.31 0.80 8.97
N GLU A 66 -1.97 0.35 10.14
CA GLU A 66 -2.90 0.49 11.29
C GLU A 66 -2.34 1.43 12.36
N SER A 67 -1.34 2.19 12.04
CA SER A 67 -0.78 3.12 13.06
C SER A 67 0.44 3.88 12.53
N ALA A 68 0.95 4.73 13.37
CA ALA A 68 2.17 5.50 13.00
C ALA A 68 3.35 4.56 13.15
N GLU A 69 3.16 3.55 13.94
CA GLU A 69 4.22 2.56 14.17
C GLU A 69 4.24 1.55 13.02
N ASP A 70 3.14 1.38 12.35
CA ASP A 70 3.10 0.45 11.20
C ASP A 70 3.63 1.21 9.98
N LEU A 71 3.44 2.50 10.00
CA LEU A 71 3.93 3.33 8.86
C LEU A 71 5.43 3.57 9.01
N GLU A 72 5.90 3.67 10.22
CA GLU A 72 7.36 3.90 10.43
C GLU A 72 8.13 2.61 10.15
N LYS A 73 7.58 1.48 10.54
CA LYS A 73 8.26 0.20 10.25
C LYS A 73 7.96 -0.19 8.81
N ALA A 74 6.95 0.43 8.26
CA ALA A 74 6.60 0.14 6.85
C ALA A 74 7.55 0.89 5.93
N LEU A 75 8.06 2.00 6.39
CA LEU A 75 9.01 2.79 5.55
C LEU A 75 10.40 2.15 5.65
N GLU A 76 10.81 1.78 6.83
CA GLU A 76 12.14 1.13 6.96
C GLU A 76 12.10 -0.25 6.28
N LEU A 77 10.94 -0.84 6.24
CA LEU A 77 10.80 -2.17 5.59
C LEU A 77 11.00 -2.03 4.08
N THR A 78 11.08 -0.82 3.61
CA THR A 78 11.27 -0.59 2.15
C THR A 78 12.53 -1.29 1.63
N GLY A 79 13.32 -1.81 2.50
CA GLY A 79 14.55 -2.53 2.06
C GLY A 79 14.21 -4.00 1.75
N LEU A 80 12.99 -4.27 1.38
CA LEU A 80 12.58 -5.66 1.07
C LEU A 80 12.71 -5.94 -0.42
N LYS A 81 12.06 -6.97 -0.88
CA LYS A 81 12.11 -7.32 -2.33
C LYS A 81 10.99 -8.28 -2.67
N VAL A 82 9.84 -7.93 -2.22
CA VAL A 82 8.58 -8.74 -2.44
C VAL A 82 8.91 -10.10 -3.07
N PHE A 83 8.30 -10.45 -4.16
CA PHE A 83 8.63 -11.76 -4.80
C PHE A 83 10.01 -11.69 -5.44
N GLY A 84 10.65 -10.55 -5.37
CA GLY A 84 12.01 -10.39 -5.97
C GLY A 84 12.18 -8.95 -6.46
N ASN A 85 11.63 -8.00 -5.75
CA ASN A 85 11.75 -6.59 -6.19
C ASN A 85 11.40 -5.66 -5.02
N GLU A 86 12.38 -5.01 -4.44
CA GLU A 86 12.11 -4.12 -3.29
C GLU A 86 10.98 -3.15 -3.61
N ILE A 87 9.77 -3.56 -3.37
CA ILE A 87 8.62 -2.67 -3.66
C ILE A 87 8.89 -1.27 -3.11
N LYS A 88 8.45 -0.27 -3.80
CA LYS A 88 8.69 1.12 -3.33
C LYS A 88 7.36 1.76 -2.92
N LEU A 89 7.41 2.90 -2.29
CA LEU A 89 6.15 3.56 -1.86
C LEU A 89 5.94 4.85 -2.64
N GLU A 90 4.89 5.56 -2.33
CA GLU A 90 4.62 6.84 -3.04
C GLU A 90 3.41 7.55 -2.41
N LYS A 91 2.97 8.63 -2.99
CA LYS A 91 1.81 9.36 -2.42
C LYS A 91 0.63 9.35 -3.41
N PRO A 92 -0.35 8.55 -3.09
CA PRO A 92 -1.54 8.44 -3.96
C PRO A 92 -2.41 9.69 -3.84
N LYS A 93 -3.59 9.65 -4.39
CA LYS A 93 -4.50 10.84 -4.32
C LYS A 93 -3.91 12.00 -5.12
N GLY A 94 -4.32 12.14 -6.36
CA GLY A 94 -3.80 13.25 -7.20
C GLY A 94 -3.52 12.73 -8.62
N ARG A 95 -2.73 11.71 -8.74
CA ARG A 95 -2.42 11.15 -10.09
C ARG A 95 -3.23 9.87 -10.34
N ASP A 96 -4.15 9.90 -11.26
CA ASP A 96 -4.96 8.69 -11.54
C ASP A 96 -4.94 8.37 -13.04
N GLY A 97 -4.73 7.13 -13.39
CA GLY A 97 -4.70 6.76 -14.83
C GLY A 97 -5.45 5.44 -15.04
N THR A 98 -5.83 5.14 -16.25
CA THR A 98 -6.55 3.87 -16.52
C THR A 98 -6.05 3.23 -17.81
N ARG A 99 -5.83 1.94 -17.80
CA ARG A 99 -5.34 1.26 -19.04
C ARG A 99 -5.79 -0.20 -19.04
N GLY A 100 -7.03 -0.45 -18.74
CA GLY A 100 -7.54 -1.85 -18.73
C GLY A 100 -7.51 -2.41 -20.15
N CYS A 101 -8.62 -2.91 -20.63
CA CYS A 101 -8.67 -3.47 -22.01
C CYS A 101 -9.16 -2.41 -23.00
N GLY A 1 -9.45 7.30 -17.47
CA GLY A 1 -10.81 7.47 -16.87
C GLY A 1 -11.68 8.33 -17.80
N SER A 2 -12.91 7.95 -17.99
CA SER A 2 -13.80 8.75 -18.88
C SER A 2 -14.92 9.39 -18.06
N HIS A 3 -15.14 8.92 -16.86
CA HIS A 3 -16.21 9.50 -16.01
C HIS A 3 -15.89 9.29 -14.53
N MET A 4 -16.70 9.82 -13.66
CA MET A 4 -16.43 9.65 -12.19
C MET A 4 -17.74 9.75 -11.41
N LEU A 5 -18.80 9.18 -11.92
CA LEU A 5 -20.10 9.25 -11.20
C LEU A 5 -20.73 7.85 -11.12
N GLU A 6 -21.54 7.61 -10.13
CA GLU A 6 -22.19 6.28 -10.01
C GLU A 6 -21.11 5.18 -9.93
N ASP A 7 -19.93 5.52 -9.51
CA ASP A 7 -18.85 4.49 -9.41
C ASP A 7 -18.70 4.01 -7.97
N PRO A 8 -18.36 2.76 -7.83
CA PRO A 8 -18.18 2.15 -6.49
C PRO A 8 -16.92 2.71 -5.84
N VAL A 9 -16.39 1.97 -4.91
CA VAL A 9 -15.16 2.42 -4.21
C VAL A 9 -15.32 3.85 -3.70
N GLU A 10 -16.40 4.12 -3.01
CA GLU A 10 -16.62 5.50 -2.49
C GLU A 10 -15.54 5.86 -1.46
N GLY A 11 -14.80 6.92 -1.70
CA GLY A 11 -13.74 7.31 -0.74
C GLY A 11 -14.31 8.30 0.27
N SER A 12 -15.46 7.99 0.82
CA SER A 12 -16.07 8.92 1.82
C SER A 12 -15.27 8.89 3.12
N GLU A 13 -14.31 8.02 3.21
CA GLU A 13 -13.47 7.93 4.44
C GLU A 13 -12.59 6.69 4.35
N SER A 14 -11.35 6.90 4.49
CA SER A 14 -10.37 5.78 4.44
C SER A 14 -10.61 4.81 5.59
N THR A 15 -9.86 3.75 5.66
CA THR A 15 -10.06 2.77 6.77
C THR A 15 -8.88 2.83 7.75
N THR A 16 -7.79 3.40 7.32
CA THR A 16 -6.60 3.50 8.21
C THR A 16 -5.94 4.86 8.08
N PRO A 17 -5.20 5.21 9.09
CA PRO A 17 -4.50 6.51 9.11
C PRO A 17 -3.27 6.48 8.19
N PHE A 18 -2.67 5.32 8.02
CA PHE A 18 -1.47 5.24 7.14
C PHE A 18 -1.81 4.56 5.81
N ASN A 19 -1.98 5.33 4.77
CA ASN A 19 -2.30 4.75 3.44
C ASN A 19 -1.42 5.42 2.38
N LEU A 20 -1.11 4.72 1.32
CA LEU A 20 -0.26 5.33 0.27
C LEU A 20 -0.17 4.42 -0.95
N PHE A 21 0.63 4.79 -1.92
CA PHE A 21 0.77 3.94 -3.13
C PHE A 21 2.15 3.31 -3.18
N ILE A 22 2.29 2.20 -3.84
CA ILE A 22 3.61 1.54 -3.93
C ILE A 22 3.82 0.98 -5.35
N GLY A 23 5.04 0.85 -5.78
CA GLY A 23 5.29 0.33 -7.14
C GLY A 23 6.15 -0.94 -7.05
N ASN A 24 6.50 -1.50 -8.17
CA ASN A 24 7.34 -2.75 -8.15
C ASN A 24 6.51 -3.93 -7.66
N LEU A 25 5.58 -4.39 -8.46
CA LEU A 25 4.73 -5.54 -8.02
C LEU A 25 5.00 -6.76 -8.90
N ASN A 26 6.19 -6.86 -9.44
CA ASN A 26 6.52 -8.03 -10.31
C ASN A 26 5.48 -8.19 -11.42
N PRO A 27 5.81 -7.67 -12.57
CA PRO A 27 4.90 -7.75 -13.73
C PRO A 27 4.85 -9.17 -14.29
N ASN A 28 5.73 -10.02 -13.84
CA ASN A 28 5.75 -11.43 -14.36
C ASN A 28 4.93 -12.32 -13.43
N LYS A 29 4.60 -11.83 -12.26
CA LYS A 29 3.81 -12.64 -11.30
C LYS A 29 2.45 -11.97 -11.08
N SER A 30 1.79 -12.29 -10.00
CA SER A 30 0.45 -11.68 -9.76
C SER A 30 0.52 -10.76 -8.54
N VAL A 31 -0.25 -9.71 -8.52
CA VAL A 31 -0.22 -8.80 -7.35
C VAL A 31 -0.80 -9.53 -6.15
N ALA A 32 -1.52 -10.59 -6.38
CA ALA A 32 -2.09 -11.37 -5.25
C ALA A 32 -0.95 -12.06 -4.50
N GLU A 33 -0.01 -12.59 -5.22
CA GLU A 33 1.14 -13.27 -4.56
C GLU A 33 1.98 -12.21 -3.82
N LEU A 34 2.25 -11.11 -4.47
CA LEU A 34 3.04 -10.04 -3.81
C LEU A 34 2.23 -9.53 -2.61
N LYS A 35 0.94 -9.51 -2.72
CA LYS A 35 0.11 -9.05 -1.58
C LYS A 35 0.42 -9.92 -0.37
N VAL A 36 0.40 -11.21 -0.54
CA VAL A 36 0.72 -12.14 0.57
C VAL A 36 2.16 -11.93 0.99
N ALA A 37 3.02 -11.59 0.07
CA ALA A 37 4.44 -11.36 0.41
C ALA A 37 4.51 -10.14 1.32
N ILE A 38 3.77 -9.12 0.98
CA ILE A 38 3.76 -7.90 1.84
C ILE A 38 2.92 -8.17 3.08
N SER A 39 2.00 -9.10 3.01
CA SER A 39 1.18 -9.41 4.21
C SER A 39 2.00 -10.27 5.16
N GLU A 40 2.82 -11.13 4.63
CA GLU A 40 3.68 -11.99 5.48
C GLU A 40 4.90 -11.22 5.94
N LEU A 41 5.45 -10.41 5.08
CA LEU A 41 6.63 -9.60 5.47
C LEU A 41 6.25 -8.61 6.55
N PHE A 42 5.04 -8.14 6.51
CA PHE A 42 4.58 -7.17 7.54
C PHE A 42 4.03 -7.94 8.74
N ALA A 43 3.68 -9.18 8.53
CA ALA A 43 3.13 -9.98 9.66
C ALA A 43 4.28 -10.68 10.40
N LYS A 44 5.34 -10.95 9.70
CA LYS A 44 6.51 -11.61 10.35
C LYS A 44 7.48 -10.56 10.86
N ASN A 45 7.34 -9.35 10.38
CA ASN A 45 8.23 -8.26 10.84
C ASN A 45 7.69 -7.67 12.14
N ASP A 46 6.47 -7.18 12.09
CA ASP A 46 5.79 -6.57 13.27
C ASP A 46 4.88 -5.42 12.81
N LEU A 47 4.34 -5.52 11.63
CA LEU A 47 3.46 -4.43 11.13
C LEU A 47 2.00 -4.87 11.25
N ALA A 48 1.14 -4.29 10.46
CA ALA A 48 -0.30 -4.67 10.53
C ALA A 48 -1.01 -4.20 9.25
N VAL A 49 -0.52 -4.64 8.13
CA VAL A 49 -1.13 -4.25 6.84
C VAL A 49 -2.65 -4.39 6.92
N VAL A 50 -3.32 -3.29 6.74
CA VAL A 50 -4.82 -3.30 6.78
C VAL A 50 -5.37 -3.48 5.37
N ASP A 51 -4.69 -2.94 4.39
CA ASP A 51 -5.17 -3.09 2.99
C ASP A 51 -4.01 -3.10 2.01
N VAL A 52 -4.14 -3.81 0.91
CA VAL A 52 -3.04 -3.88 -0.09
C VAL A 52 -3.61 -4.25 -1.46
N ARG A 53 -3.75 -3.29 -2.34
CA ARG A 53 -4.31 -3.60 -3.70
C ARG A 53 -3.23 -3.39 -4.77
N THR A 54 -3.53 -3.75 -5.99
CA THR A 54 -2.53 -3.59 -7.08
C THR A 54 -2.55 -2.15 -7.60
N GLY A 55 -1.73 -1.85 -8.57
CA GLY A 55 -1.71 -0.47 -9.13
C GLY A 55 -1.54 -0.51 -10.65
N THR A 56 -2.34 0.23 -11.36
CA THR A 56 -2.23 0.24 -12.86
C THR A 56 -2.42 -1.17 -13.42
N ASN A 57 -1.37 -1.81 -13.86
CA ASN A 57 -1.52 -3.18 -14.42
C ASN A 57 -0.50 -4.13 -13.80
N ARG A 58 -0.87 -4.77 -12.72
CA ARG A 58 0.09 -5.72 -12.06
C ARG A 58 1.49 -5.13 -12.03
N LYS A 59 1.61 -3.84 -11.98
CA LYS A 59 2.96 -3.22 -11.94
C LYS A 59 3.20 -2.55 -10.59
N PHE A 60 2.18 -2.03 -9.99
CA PHE A 60 2.34 -1.37 -8.66
C PHE A 60 1.34 -1.98 -7.66
N GLY A 61 1.10 -1.33 -6.56
CA GLY A 61 0.14 -1.88 -5.58
C GLY A 61 -0.11 -0.89 -4.44
N TYR A 62 -1.35 -0.67 -4.10
CA TYR A 62 -1.66 0.28 -2.98
C TYR A 62 -1.62 -0.49 -1.67
N VAL A 63 -1.45 0.21 -0.59
CA VAL A 63 -1.38 -0.49 0.72
C VAL A 63 -1.69 0.46 1.87
N ASP A 64 -2.13 -0.08 2.96
CA ASP A 64 -2.47 0.75 4.15
C ASP A 64 -2.05 0.02 5.42
N PHE A 65 -1.60 0.73 6.41
CA PHE A 65 -1.21 0.08 7.68
C PHE A 65 -2.14 0.54 8.79
N GLU A 66 -1.92 0.16 10.01
CA GLU A 66 -2.88 0.54 11.07
C GLU A 66 -2.21 1.11 12.33
N SER A 67 -1.07 1.75 12.22
CA SER A 67 -0.44 2.30 13.46
C SER A 67 0.73 3.23 13.17
N ALA A 68 1.21 3.84 14.21
CA ALA A 68 2.38 4.73 14.09
C ALA A 68 3.60 3.85 13.97
N GLU A 69 3.49 2.68 14.53
CA GLU A 69 4.60 1.70 14.48
C GLU A 69 4.70 1.14 13.07
N ASP A 70 3.60 1.09 12.36
CA ASP A 70 3.65 0.61 10.97
C ASP A 70 4.23 1.73 10.13
N LEU A 71 3.92 2.92 10.52
CA LEU A 71 4.44 4.10 9.78
C LEU A 71 5.97 4.10 9.84
N GLU A 72 6.52 3.83 11.00
CA GLU A 72 8.01 3.79 11.12
C GLU A 72 8.54 2.61 10.30
N LYS A 73 7.80 1.53 10.27
CA LYS A 73 8.24 0.36 9.47
C LYS A 73 7.90 0.65 8.02
N ALA A 74 6.97 1.56 7.82
CA ALA A 74 6.59 1.92 6.44
C ALA A 74 7.77 2.67 5.82
N LEU A 75 8.52 3.36 6.63
CA LEU A 75 9.71 4.09 6.10
C LEU A 75 10.83 3.10 5.85
N GLU A 76 11.06 2.21 6.78
CA GLU A 76 12.13 1.18 6.58
C GLU A 76 11.67 0.16 5.53
N LEU A 77 10.43 0.25 5.12
CA LEU A 77 9.90 -0.69 4.09
C LEU A 77 10.74 -0.65 2.82
N THR A 78 11.57 0.34 2.67
CA THR A 78 12.41 0.45 1.43
C THR A 78 13.46 -0.65 1.36
N GLY A 79 13.46 -1.55 2.29
CA GLY A 79 14.45 -2.66 2.27
C GLY A 79 13.72 -4.00 2.11
N LEU A 80 12.45 -3.96 1.81
CA LEU A 80 11.66 -5.20 1.65
C LEU A 80 11.57 -5.59 0.17
N LYS A 81 12.19 -6.66 -0.21
CA LYS A 81 12.12 -7.11 -1.64
C LYS A 81 10.93 -8.01 -1.85
N VAL A 82 9.81 -7.43 -2.00
CA VAL A 82 8.57 -8.23 -2.23
C VAL A 82 8.85 -9.30 -3.28
N PHE A 83 8.57 -10.53 -2.98
CA PHE A 83 8.83 -11.62 -3.97
C PHE A 83 10.19 -11.41 -4.66
N GLY A 84 11.10 -10.73 -4.01
CA GLY A 84 12.44 -10.50 -4.65
C GLY A 84 12.46 -9.13 -5.31
N ASN A 85 11.56 -8.26 -4.96
CA ASN A 85 11.54 -6.90 -5.57
C ASN A 85 11.37 -5.84 -4.48
N GLU A 86 12.39 -5.06 -4.23
CA GLU A 86 12.29 -4.01 -3.18
C GLU A 86 11.13 -3.07 -3.50
N ILE A 87 9.94 -3.46 -3.11
CA ILE A 87 8.75 -2.60 -3.39
C ILE A 87 9.08 -1.13 -3.20
N LYS A 88 8.40 -0.28 -3.91
CA LYS A 88 8.65 1.18 -3.79
C LYS A 88 7.38 1.87 -3.33
N LEU A 89 7.49 3.02 -2.75
CA LEU A 89 6.28 3.74 -2.27
C LEU A 89 6.04 5.00 -3.09
N GLU A 90 4.99 5.71 -2.78
CA GLU A 90 4.69 6.96 -3.53
C GLU A 90 3.56 7.73 -2.83
N LYS A 91 3.41 8.99 -3.12
CA LYS A 91 2.34 9.78 -2.46
C LYS A 91 1.16 9.98 -3.43
N PRO A 92 0.15 9.18 -3.23
CA PRO A 92 -1.06 9.26 -4.08
C PRO A 92 -1.90 10.48 -3.70
N LYS A 93 -3.10 10.57 -4.22
CA LYS A 93 -3.98 11.73 -3.89
C LYS A 93 -3.16 13.02 -3.92
N GLY A 94 -2.35 13.19 -4.93
CA GLY A 94 -1.53 14.44 -5.02
C GLY A 94 -0.16 14.10 -5.61
N ARG A 95 0.36 14.93 -6.47
CA ARG A 95 1.69 14.65 -7.07
C ARG A 95 2.80 14.88 -6.04
N ASP A 96 4.03 14.71 -6.43
CA ASP A 96 5.16 14.92 -5.47
C ASP A 96 5.53 16.40 -5.41
N GLY A 97 4.61 17.24 -5.01
CA GLY A 97 4.91 18.69 -4.92
C GLY A 97 4.95 19.30 -6.33
N THR A 98 6.10 19.68 -6.79
CA THR A 98 6.20 20.27 -8.16
C THR A 98 5.03 21.25 -8.40
N ARG A 99 5.24 22.50 -8.15
CA ARG A 99 4.16 23.50 -8.38
C ARG A 99 4.60 24.55 -9.39
N GLY A 100 3.68 25.34 -9.89
CA GLY A 100 4.06 26.39 -10.88
C GLY A 100 4.85 25.75 -12.03
N CYS A 101 4.22 24.90 -12.79
CA CYS A 101 4.93 24.24 -13.92
C CYS A 101 3.94 23.88 -15.03
#